data_8VUE
#
_entry.id   8VUE
#
_cell.length_a   1.00
_cell.length_b   1.00
_cell.length_c   1.00
_cell.angle_alpha   90.00
_cell.angle_beta   90.00
_cell.angle_gamma   90.00
#
_symmetry.space_group_name_H-M   'P 1'
#
loop_
_entity.id
_entity.type
_entity.pdbx_description
1 polymer 'Hemagglutinin HA1 chain'
2 polymer 'Hemagglutinin HA2 chain'
3 polymer 'L5A7 Fab Heavy Chain'
4 polymer 'L5A7 Fab Light Chain'
5 non-polymer 2-acetamido-2-deoxy-beta-D-glucopyranose
#
loop_
_entity_poly.entity_id
_entity_poly.type
_entity_poly.pdbx_seq_one_letter_code
_entity_poly.pdbx_strand_id
1 'polypeptide(L)'
;QDQICIGYHANNSTEQVDTIMEKNVTVTHAQDILEKTHNGKLCDLDGVKPLILRDCSVAGWLLGNPMCDEFINVPEWSYI
VEKANPTNDLCYPGSFNDYEELKHLLSRINHFEKIQIIPKSSWSDHEASSGVSSACPYLGSPSFFRNVVWLIKKNSTYPT
IKKSYNNTNQEDLLVLWGIHHPNDAAEQTRLYQNPTTYISIGTSTLNQRLVPKIATRSKVNGQSGRMEFFWTILKPNDAI
NFESNGNFIAPEYAYKIVKKGDSAIMKSELEYGNCNTKCQTPMGAINSSMPFHNIHPLTIGECPKYVKSNRLVLATGLRN
SPQRES
;
A,C,E
2 'polypeptide(L)'
;RRKKRGLFGAIAGFIEGGWQGMVDGWYGYHHSNEQGSGYAADKESTQKAIDGVTNKVNSIIDKMNTQFEAVGREFNNLER
RIENLNKKMEDGFLDVWTYNAELLVLMENERTLDFHDSNVKNLYDKVRLQLRDNAKELGNGCFEFYHKCDNECMESIRNG
TYNYPQYSE
;
B,D,F
3 'polypeptide(L)'
;QVQLQQSGPGLVKPSQTLSLTCGISGDSVSSDAAAWDWIRQSPSRGLEWLGRTFYRSRWHHDYSESVKNRITINADTSKN
QFSLQLTSVTPEDTATYYCARAGVRVFGIIVNSLDYWGQGTLVTVSSASTKGPSVFPLAPSSKSTSGGTAALGCLVKDYF
PEPVTVSWNSGALTSGVHTFPAVLQSSGLYSLSSVVTVPSSSLGTQTYICNVNHKPSNTKVDKKVEPKSC
;
G,I,K
4 'polypeptide(L)'
;AIQLTQSPSSLSASVGDRVTITCRASQATSSYLAWYQQKPGKAPKLLIYAASTLQSGVPSRFSGSGSGTDFTLTITSLQP
EDFATYYCQLSKTFGPGTKVEIKRTVAAPSVFIFPPSDEQLKSGTASVVCLLNNFYPREAKVQWKVDNALQSGNSQESVT
EQDSKDSTYSLSSTLTLSKADYEKHKVYACEVTHQGLSSPVTKSFNRGEC
;
H,J,L
#
loop_
_chem_comp.id
_chem_comp.type
_chem_comp.name
_chem_comp.formula
NAG D-saccharide, beta linking 2-acetamido-2-deoxy-beta-D-glucopyranose 'C8 H15 N O6'
#
# COMPACT_ATOMS: atom_id res chain seq x y z
N GLN A 1 -18.40 35.32 -33.41
CA GLN A 1 -17.78 34.00 -33.34
C GLN A 1 -17.74 33.46 -31.92
N ASP A 2 -18.73 32.63 -31.59
CA ASP A 2 -18.86 32.09 -30.25
C ASP A 2 -17.76 31.07 -29.95
N GLN A 3 -17.37 30.99 -28.69
CA GLN A 3 -16.45 29.93 -28.29
C GLN A 3 -16.59 29.65 -26.80
N ILE A 4 -16.45 28.38 -26.45
CA ILE A 4 -16.53 27.90 -25.08
C ILE A 4 -15.19 27.31 -24.70
N CYS A 5 -14.77 27.50 -23.45
CA CYS A 5 -13.49 27.01 -22.97
C CYS A 5 -13.69 26.28 -21.65
N ILE A 6 -12.91 25.23 -21.46
CA ILE A 6 -12.97 24.40 -20.25
C ILE A 6 -11.71 24.64 -19.44
N GLY A 7 -11.87 24.86 -18.14
CA GLY A 7 -10.75 25.08 -17.26
C GLY A 7 -11.03 24.58 -15.86
N TYR A 8 -10.11 24.84 -14.93
CA TYR A 8 -10.26 24.34 -13.58
C TYR A 8 -9.90 25.43 -12.58
N HIS A 9 -10.28 25.20 -11.32
CA HIS A 9 -10.12 26.20 -10.28
C HIS A 9 -8.65 26.34 -9.90
N ALA A 10 -8.26 27.55 -9.49
CA ALA A 10 -6.92 27.83 -9.01
C ALA A 10 -6.98 29.03 -8.08
N ASN A 11 -5.87 29.33 -7.42
CA ASN A 11 -5.85 30.40 -6.43
C ASN A 11 -4.41 30.79 -6.13
N ASN A 12 -4.25 31.64 -5.12
CA ASN A 12 -2.95 32.13 -4.66
C ASN A 12 -2.45 31.35 -3.46
N SER A 13 -2.80 30.07 -3.37
CA SER A 13 -2.41 29.26 -2.23
C SER A 13 -0.98 28.74 -2.37
N THR A 14 -0.44 28.23 -1.28
CA THR A 14 0.92 27.70 -1.25
C THR A 14 1.03 26.38 -0.52
N GLU A 15 -0.06 25.87 0.04
CA GLU A 15 0.02 24.68 0.87
C GLU A 15 0.51 23.50 0.06
N GLN A 16 1.53 22.82 0.55
CA GLN A 16 2.23 21.80 -0.21
C GLN A 16 2.01 20.42 0.40
N VAL A 17 1.89 19.42 -0.49
CA VAL A 17 1.75 18.03 -0.11
C VAL A 17 2.89 17.26 -0.75
N ASP A 18 3.07 16.03 -0.29
CA ASP A 18 4.09 15.14 -0.83
C ASP A 18 3.43 13.99 -1.56
N THR A 19 4.07 13.54 -2.63
CA THR A 19 3.63 12.41 -3.44
C THR A 19 4.73 11.37 -3.43
N ILE A 20 4.38 10.14 -3.80
CA ILE A 20 5.39 9.10 -3.77
C ILE A 20 6.36 9.26 -4.93
N MET A 21 5.95 9.98 -5.98
CA MET A 21 6.83 10.27 -7.11
C MET A 21 7.35 11.69 -7.15
N GLU A 22 6.91 12.56 -6.25
CA GLU A 22 7.25 13.97 -6.33
C GLU A 22 7.15 14.59 -4.95
N LYS A 23 8.10 15.45 -4.62
CA LYS A 23 8.10 16.16 -3.36
C LYS A 23 7.62 17.59 -3.55
N ASN A 24 7.03 18.16 -2.49
CA ASN A 24 6.68 19.57 -2.42
C ASN A 24 5.82 20.02 -3.59
N VAL A 25 4.75 19.26 -3.85
CA VAL A 25 3.75 19.63 -4.85
C VAL A 25 2.83 20.67 -4.23
N THR A 26 2.67 21.80 -4.90
CA THR A 26 1.77 22.83 -4.41
C THR A 26 0.36 22.61 -4.92
N VAL A 27 -0.59 22.52 -3.98
CA VAL A 27 -1.99 22.30 -4.30
C VAL A 27 -2.80 23.53 -3.91
N THR A 28 -4.10 23.45 -4.14
CA THR A 28 -4.97 24.58 -3.81
C THR A 28 -5.34 24.58 -2.34
N HIS A 29 -6.07 23.56 -1.89
CA HIS A 29 -6.47 23.46 -0.49
C HIS A 29 -6.06 22.08 0.00
N ALA A 30 -5.46 22.04 1.18
CA ALA A 30 -5.02 20.78 1.75
C ALA A 30 -5.40 20.74 3.22
N GLN A 31 -5.53 19.54 3.76
CA GLN A 31 -5.97 19.34 5.13
C GLN A 31 -4.83 18.69 5.90
N ASP A 32 -4.32 19.39 6.89
CA ASP A 32 -3.40 18.78 7.84
C ASP A 32 -4.16 17.80 8.70
N ILE A 33 -3.53 16.69 9.07
CA ILE A 33 -4.19 15.71 9.91
C ILE A 33 -3.31 15.28 11.07
N LEU A 34 -2.18 15.95 11.28
CA LEU A 34 -1.24 15.56 12.32
C LEU A 34 -1.18 16.65 13.39
N GLU A 35 -1.28 16.24 14.65
CA GLU A 35 -1.26 17.19 15.75
C GLU A 35 0.15 17.29 16.32
N LYS A 36 0.56 18.50 16.70
CA LYS A 36 1.92 18.75 17.16
C LYS A 36 1.97 19.68 18.37
N THR A 37 0.84 20.10 18.91
CA THR A 37 0.82 21.07 20.00
C THR A 37 0.22 20.45 21.25
N HIS A 38 0.84 20.73 22.39
CA HIS A 38 0.30 20.39 23.69
C HIS A 38 0.41 21.61 24.59
N ASN A 39 -0.29 21.58 25.71
CA ASN A 39 -0.23 22.70 26.65
C ASN A 39 0.81 22.51 27.74
N GLY A 40 1.28 21.29 27.97
CA GLY A 40 2.29 21.05 28.98
C GLY A 40 1.79 20.99 30.40
N LYS A 41 0.49 20.94 30.61
CA LYS A 41 -0.09 20.91 31.95
C LYS A 41 -0.79 19.58 32.17
N LEU A 42 -0.50 18.97 33.32
CA LEU A 42 -1.18 17.74 33.73
C LEU A 42 -2.61 18.10 34.12
N CYS A 43 -3.50 18.09 33.15
CA CYS A 43 -4.87 18.55 33.33
C CYS A 43 -5.77 17.36 33.61
N ASP A 44 -6.93 17.65 34.22
CA ASP A 44 -7.84 16.61 34.64
C ASP A 44 -8.26 15.74 33.46
N LEU A 45 -8.81 14.57 33.78
CA LEU A 45 -9.28 13.62 32.78
C LEU A 45 -10.75 13.31 33.07
N ASP A 46 -11.62 13.77 32.18
CA ASP A 46 -13.06 13.53 32.30
C ASP A 46 -13.58 14.04 33.65
N GLY A 47 -12.94 15.09 34.15
CA GLY A 47 -13.36 15.73 35.37
C GLY A 47 -12.78 15.15 36.65
N VAL A 48 -12.45 13.86 36.68
CA VAL A 48 -11.95 13.22 37.89
C VAL A 48 -10.45 13.49 37.97
N LYS A 49 -10.04 14.14 39.06
CA LYS A 49 -8.66 14.58 39.21
C LYS A 49 -7.71 13.38 39.27
N PRO A 50 -6.50 13.50 38.75
CA PRO A 50 -5.52 12.43 38.91
C PRO A 50 -5.07 12.30 40.35
N LEU A 51 -4.17 11.35 40.56
CA LEU A 51 -3.44 11.24 41.81
C LEU A 51 -1.98 11.57 41.51
N ILE A 52 -1.65 12.85 41.54
CA ILE A 52 -0.31 13.31 41.24
C ILE A 52 0.52 13.09 42.50
N LEU A 53 1.22 11.96 42.55
CA LEU A 53 2.20 11.76 43.59
C LEU A 53 3.30 12.80 43.45
N ARG A 54 3.36 13.72 44.41
CA ARG A 54 4.28 14.84 44.27
C ARG A 54 5.72 14.37 44.30
N ASP A 55 6.14 13.76 45.41
CA ASP A 55 7.53 13.32 45.58
C ASP A 55 7.60 11.91 46.15
N CYS A 56 6.50 11.19 46.17
CA CYS A 56 6.46 9.83 46.68
C CYS A 56 6.48 8.83 45.53
N SER A 57 7.08 7.68 45.78
CA SER A 57 6.95 6.54 44.91
C SER A 57 5.64 5.82 45.25
N VAL A 58 5.27 4.86 44.43
CA VAL A 58 4.06 4.08 44.71
C VAL A 58 4.23 3.31 46.01
N ALA A 59 5.41 2.72 46.20
CA ALA A 59 5.67 1.95 47.41
C ALA A 59 5.58 2.84 48.65
N GLY A 60 6.12 4.05 48.59
CA GLY A 60 6.03 4.95 49.73
C GLY A 60 4.62 5.30 50.08
N TRP A 61 3.81 5.64 49.08
CA TRP A 61 2.40 5.95 49.32
C TRP A 61 1.69 4.77 49.97
N LEU A 62 1.82 3.59 49.38
CA LEU A 62 1.10 2.43 49.91
C LEU A 62 1.53 2.10 51.33
N LEU A 63 2.85 2.09 51.58
CA LEU A 63 3.32 1.78 52.92
C LEU A 63 3.11 2.92 53.90
N GLY A 64 3.06 4.17 53.43
CA GLY A 64 2.82 5.29 54.30
C GLY A 64 4.09 5.93 54.84
N ASN A 65 4.98 6.32 53.94
CA ASN A 65 6.23 6.96 54.32
C ASN A 65 5.95 8.26 55.08
N PRO A 66 6.63 8.51 56.20
CA PRO A 66 6.35 9.71 57.00
C PRO A 66 6.42 11.02 56.23
N MET A 67 7.32 11.14 55.26
CA MET A 67 7.36 12.34 54.45
C MET A 67 6.34 12.34 53.33
N CYS A 68 5.31 11.50 53.42
CA CYS A 68 4.28 11.39 52.39
C CYS A 68 2.88 11.59 52.95
N ASP A 69 2.78 12.29 54.08
CA ASP A 69 1.48 12.47 54.72
C ASP A 69 0.49 13.22 53.86
N GLU A 70 0.93 13.73 52.70
CA GLU A 70 -0.02 14.29 51.73
C GLU A 70 -1.06 13.27 51.33
N PHE A 71 -0.71 11.99 51.32
CA PHE A 71 -1.55 10.94 50.77
C PHE A 71 -2.06 9.99 51.83
N ILE A 72 -2.43 10.51 53.00
CA ILE A 72 -3.06 9.66 54.01
C ILE A 72 -4.45 9.22 53.53
N ASN A 73 -5.15 10.10 52.83
CA ASN A 73 -6.51 9.84 52.34
C ASN A 73 -6.55 10.38 50.92
N VAL A 74 -6.83 9.50 49.96
CA VAL A 74 -6.88 9.85 48.55
C VAL A 74 -8.33 9.74 48.08
N PRO A 75 -8.84 10.71 47.33
CA PRO A 75 -10.13 10.53 46.66
C PRO A 75 -9.94 9.73 45.39
N GLU A 76 -11.03 9.31 44.74
CA GLU A 76 -10.90 8.59 43.49
C GLU A 76 -10.06 9.38 42.50
N TRP A 77 -9.33 8.66 41.65
CA TRP A 77 -8.46 9.26 40.67
C TRP A 77 -8.78 8.73 39.28
N SER A 78 -8.02 9.20 38.30
CA SER A 78 -8.14 8.78 36.91
C SER A 78 -6.86 8.14 36.39
N TYR A 79 -5.71 8.63 36.86
CA TYR A 79 -4.42 8.07 36.51
C TYR A 79 -3.39 8.54 37.54
N ILE A 80 -2.48 7.65 37.87
CA ILE A 80 -1.43 7.92 38.85
C ILE A 80 -0.24 8.49 38.11
N VAL A 81 0.36 9.55 38.66
CA VAL A 81 1.51 10.20 38.07
C VAL A 81 2.61 10.25 39.12
N GLU A 82 3.78 9.74 38.78
CA GLU A 82 4.93 9.82 39.67
C GLU A 82 6.16 10.24 38.89
N LYS A 83 7.11 10.85 39.60
CA LYS A 83 8.33 11.33 38.97
C LYS A 83 9.13 10.14 38.44
N ALA A 84 10.11 10.46 37.58
CA ALA A 84 10.95 9.42 37.01
C ALA A 84 11.74 8.70 38.09
N ASN A 85 12.33 9.46 39.01
CA ASN A 85 13.16 8.90 40.08
C ASN A 85 12.76 9.59 41.38
N PRO A 86 11.76 9.06 42.08
CA PRO A 86 11.32 9.68 43.33
C PRO A 86 12.44 9.72 44.36
N THR A 87 12.34 10.67 45.29
CA THR A 87 13.31 10.76 46.38
C THR A 87 12.76 10.21 47.68
N ASN A 88 11.48 10.39 47.95
CA ASN A 88 10.80 9.74 49.06
C ASN A 88 10.42 8.33 48.59
N ASP A 89 11.10 7.35 49.14
CA ASP A 89 11.03 5.96 48.72
C ASP A 89 11.01 5.14 49.99
N LEU A 90 11.38 3.87 49.93
CA LEU A 90 11.44 3.06 51.14
C LEU A 90 12.57 3.69 51.97
N CYS A 91 12.18 4.61 52.86
CA CYS A 91 13.14 5.42 53.58
C CYS A 91 14.11 4.54 54.37
N TYR A 92 13.57 3.60 55.14
CA TYR A 92 14.38 2.50 55.62
C TYR A 92 14.66 1.58 54.43
N PRO A 93 15.91 1.26 54.15
CA PRO A 93 16.24 0.58 52.90
C PRO A 93 15.63 -0.81 52.83
N GLY A 94 15.82 -1.46 51.70
CA GLY A 94 15.33 -2.79 51.51
C GLY A 94 14.79 -2.96 50.11
N SER A 95 13.76 -3.78 49.99
CA SER A 95 13.13 -4.05 48.71
C SER A 95 11.65 -4.27 48.92
N PHE A 96 10.93 -4.38 47.80
CA PHE A 96 9.49 -4.57 47.79
C PHE A 96 9.22 -5.73 46.85
N ASN A 97 8.97 -6.91 47.42
CA ASN A 97 8.90 -8.12 46.61
C ASN A 97 7.76 -8.04 45.60
N ASP A 98 8.09 -8.29 44.34
CA ASP A 98 7.16 -8.17 43.22
C ASP A 98 6.57 -6.76 43.19
N TYR A 99 7.46 -5.78 43.28
CA TYR A 99 7.05 -4.38 43.21
C TYR A 99 6.32 -4.08 41.92
N GLU A 100 6.90 -4.48 40.79
CA GLU A 100 6.35 -4.11 39.49
C GLU A 100 5.00 -4.76 39.26
N GLU A 101 4.79 -5.97 39.79
CA GLU A 101 3.48 -6.59 39.67
C GLU A 101 2.42 -5.81 40.43
N LEU A 102 2.78 -5.26 41.59
CA LEU A 102 1.82 -4.43 42.31
C LEU A 102 1.58 -3.12 41.57
N LYS A 103 2.60 -2.60 40.89
CA LYS A 103 2.39 -1.46 40.02
C LYS A 103 1.38 -1.79 38.93
N HIS A 104 1.53 -2.97 38.32
CA HIS A 104 0.58 -3.40 37.30
C HIS A 104 -0.83 -3.48 37.87
N LEU A 105 -0.97 -4.02 39.07
CA LEU A 105 -2.31 -4.09 39.68
C LEU A 105 -2.86 -2.70 39.94
N LEU A 106 -2.03 -1.78 40.43
CA LEU A 106 -2.45 -0.39 40.58
C LEU A 106 -2.93 0.19 39.28
N SER A 107 -2.34 -0.22 38.15
CA SER A 107 -2.73 0.34 36.86
C SER A 107 -4.18 0.00 36.50
N ARG A 108 -4.86 -0.79 37.33
CA ARG A 108 -6.24 -1.18 37.05
C ARG A 108 -7.19 -0.77 38.16
N ILE A 109 -6.71 -0.07 39.18
CA ILE A 109 -7.53 0.34 40.31
C ILE A 109 -7.71 1.85 40.24
N ASN A 110 -8.82 2.34 40.80
CA ASN A 110 -9.07 3.77 40.87
C ASN A 110 -9.40 4.27 42.26
N HIS A 111 -9.72 3.39 43.21
CA HIS A 111 -10.17 3.84 44.52
C HIS A 111 -9.74 2.84 45.59
N PHE A 112 -8.95 3.32 46.54
CA PHE A 112 -8.55 2.55 47.71
C PHE A 112 -9.28 3.07 48.93
N GLU A 113 -9.73 2.14 49.79
CA GLU A 113 -10.34 2.51 51.05
C GLU A 113 -9.49 1.93 52.17
N LYS A 114 -8.72 2.78 52.85
CA LYS A 114 -7.80 2.29 53.86
C LYS A 114 -8.55 2.00 55.15
N ILE A 115 -8.54 0.73 55.57
CA ILE A 115 -9.23 0.30 56.77
C ILE A 115 -8.24 -0.38 57.72
N GLN A 116 -8.56 -0.32 59.01
CA GLN A 116 -7.67 -0.84 60.05
C GLN A 116 -8.02 -2.28 60.33
N ILE A 117 -7.30 -3.20 59.68
CA ILE A 117 -7.58 -4.62 59.92
C ILE A 117 -7.08 -5.06 61.28
N ILE A 118 -5.85 -4.70 61.66
CA ILE A 118 -5.28 -5.12 62.93
C ILE A 118 -4.80 -3.87 63.66
N PRO A 119 -5.45 -3.50 64.77
CA PRO A 119 -5.13 -2.21 65.40
C PRO A 119 -3.86 -2.28 66.21
N LYS A 120 -3.08 -1.19 66.18
CA LYS A 120 -1.91 -1.09 67.04
C LYS A 120 -2.28 -1.22 68.51
N SER A 121 -3.55 -0.97 68.84
CA SER A 121 -4.04 -1.20 70.19
C SER A 121 -4.27 -2.66 70.50
N SER A 122 -4.01 -3.56 69.55
CA SER A 122 -4.19 -4.99 69.80
C SER A 122 -2.90 -5.71 70.14
N TRP A 123 -1.77 -5.02 70.10
CA TRP A 123 -0.48 -5.62 70.45
C TRP A 123 -0.18 -5.25 71.89
N SER A 124 -0.45 -6.18 72.81
CA SER A 124 -0.22 -5.97 74.22
C SER A 124 0.93 -6.80 74.75
N ASP A 125 1.11 -8.01 74.20
CA ASP A 125 2.19 -8.89 74.59
C ASP A 125 3.47 -8.58 73.83
N HIS A 126 3.51 -7.47 73.11
CA HIS A 126 4.68 -7.05 72.35
C HIS A 126 4.75 -5.53 72.36
N GLU A 127 5.94 -5.01 72.16
CA GLU A 127 6.13 -3.57 72.17
C GLU A 127 5.77 -2.99 70.81
N ALA A 128 4.64 -2.29 70.75
CA ALA A 128 4.14 -1.76 69.49
C ALA A 128 4.11 -0.25 69.43
N SER A 129 5.02 0.45 70.10
CA SER A 129 5.10 1.90 70.03
C SER A 129 6.55 2.39 70.02
N SER A 130 7.50 1.46 70.05
CA SER A 130 8.91 1.81 70.02
C SER A 130 9.60 1.39 68.73
N GLY A 131 8.87 0.90 67.75
CA GLY A 131 9.48 0.45 66.53
C GLY A 131 9.71 1.57 65.55
N VAL A 132 10.49 2.57 65.96
CA VAL A 132 10.80 3.71 65.12
C VAL A 132 12.21 3.54 64.59
N SER A 133 12.56 4.37 63.62
CA SER A 133 13.89 4.37 63.05
C SER A 133 14.32 5.80 62.77
N SER A 134 15.62 6.02 62.83
CA SER A 134 16.22 7.31 62.52
C SER A 134 16.25 7.60 61.02
N ALA A 135 15.98 6.60 60.18
CA ALA A 135 16.10 6.77 58.75
C ALA A 135 14.86 7.37 58.12
N CYS A 136 13.73 7.41 58.84
CA CYS A 136 12.49 7.98 58.33
C CYS A 136 12.04 9.09 59.28
N PRO A 137 12.73 10.23 59.26
CA PRO A 137 12.43 11.28 60.24
C PRO A 137 11.16 12.03 59.89
N TYR A 138 10.30 12.19 60.90
CA TYR A 138 9.14 13.07 60.80
C TYR A 138 9.30 14.17 61.84
N LEU A 139 9.28 15.42 61.39
CA LEU A 139 9.56 16.57 62.23
C LEU A 139 10.92 16.41 62.90
N GLY A 140 11.87 15.84 62.15
CA GLY A 140 13.21 15.67 62.66
C GLY A 140 13.34 14.74 63.84
N SER A 141 12.36 13.86 64.06
CA SER A 141 12.40 12.89 65.14
C SER A 141 12.24 11.49 64.55
N PRO A 142 12.95 10.50 65.08
CA PRO A 142 12.82 9.13 64.56
C PRO A 142 11.37 8.67 64.54
N SER A 143 11.02 7.97 63.48
CA SER A 143 9.66 7.44 63.29
C SER A 143 9.73 6.32 62.27
N PHE A 144 8.56 5.86 61.82
CA PHE A 144 8.49 4.69 60.97
C PHE A 144 7.34 4.84 59.99
N PHE A 145 7.17 3.83 59.14
CA PHE A 145 6.05 3.80 58.21
C PHE A 145 4.73 3.95 58.95
N ARG A 146 3.74 4.54 58.29
CA ARG A 146 2.48 4.79 58.95
C ARG A 146 1.55 3.59 58.91
N ASN A 147 1.59 2.78 57.86
CA ASN A 147 0.63 1.72 57.67
C ASN A 147 1.08 0.36 58.19
N VAL A 148 2.31 0.25 58.71
CA VAL A 148 2.80 -1.01 59.26
C VAL A 148 3.52 -0.72 60.57
N VAL A 149 3.46 -1.70 61.47
CA VAL A 149 3.97 -1.57 62.83
C VAL A 149 5.19 -2.46 62.99
N TRP A 150 6.26 -1.91 63.58
CA TRP A 150 7.51 -2.63 63.77
C TRP A 150 7.49 -3.22 65.17
N LEU A 151 6.99 -4.45 65.28
CA LEU A 151 6.97 -5.12 66.57
C LEU A 151 8.37 -5.43 67.03
N ILE A 152 8.63 -5.21 68.32
CA ILE A 152 9.89 -5.56 68.94
C ILE A 152 9.59 -6.24 70.26
N LYS A 153 10.64 -6.77 70.89
CA LYS A 153 10.46 -7.51 72.13
C LYS A 153 9.98 -6.59 73.25
N LYS A 154 9.28 -7.18 74.21
CA LYS A 154 8.78 -6.47 75.37
C LYS A 154 9.12 -7.26 76.63
N ASN A 155 9.88 -6.62 77.52
CA ASN A 155 10.38 -7.26 78.75
C ASN A 155 11.25 -8.47 78.42
N SER A 156 11.97 -8.37 77.31
CA SER A 156 12.89 -9.42 76.85
C SER A 156 12.18 -10.75 76.67
N THR A 157 11.03 -10.74 75.99
CA THR A 157 10.26 -11.95 75.74
C THR A 157 9.34 -11.69 74.56
N TYR A 158 9.30 -12.64 73.64
CA TYR A 158 8.60 -12.47 72.36
C TYR A 158 7.81 -13.73 72.05
N PRO A 159 6.72 -13.99 72.77
CA PRO A 159 5.90 -15.15 72.47
C PRO A 159 5.26 -15.05 71.11
N THR A 160 5.25 -16.19 70.40
CA THR A 160 4.87 -16.25 69.00
C THR A 160 3.58 -15.49 68.73
N ILE A 161 3.55 -14.75 67.63
CA ILE A 161 2.35 -14.08 67.17
C ILE A 161 1.54 -15.07 66.34
N LYS A 162 0.34 -15.37 66.79
CA LYS A 162 -0.62 -16.14 66.01
C LYS A 162 -1.80 -15.21 65.71
N LYS A 163 -1.69 -14.44 64.64
CA LYS A 163 -2.73 -13.46 64.31
C LYS A 163 -3.44 -13.92 63.06
N SER A 164 -4.65 -13.41 62.86
CA SER A 164 -5.50 -13.84 61.77
C SER A 164 -6.55 -12.79 61.50
N TYR A 165 -7.01 -12.75 60.25
CA TYR A 165 -8.01 -11.77 59.85
C TYR A 165 -8.90 -12.38 58.79
N ASN A 166 -10.21 -12.25 58.95
CA ASN A 166 -11.18 -12.80 58.02
C ASN A 166 -11.75 -11.66 57.19
N ASN A 167 -11.48 -11.68 55.89
CA ASN A 167 -11.88 -10.58 55.01
C ASN A 167 -13.39 -10.57 54.82
N THR A 168 -14.08 -9.75 55.60
CA THR A 168 -15.54 -9.82 55.68
C THR A 168 -16.25 -8.91 54.67
N ASN A 169 -15.53 -8.02 54.00
CA ASN A 169 -16.18 -7.13 53.06
C ASN A 169 -16.65 -7.90 51.82
N GLN A 170 -17.26 -7.17 50.89
CA GLN A 170 -17.75 -7.74 49.66
C GLN A 170 -16.76 -7.62 48.51
N GLU A 171 -15.53 -7.19 48.80
CA GLU A 171 -14.51 -6.93 47.80
C GLU A 171 -13.19 -7.55 48.19
N ASP A 172 -12.14 -7.20 47.44
CA ASP A 172 -10.82 -7.70 47.76
C ASP A 172 -10.09 -6.73 48.67
N LEU A 173 -8.96 -7.17 49.21
CA LEU A 173 -8.21 -6.38 50.19
C LEU A 173 -6.72 -6.49 49.90
N LEU A 174 -6.02 -5.37 49.86
CA LEU A 174 -4.59 -5.38 49.60
C LEU A 174 -3.84 -5.32 50.93
N VAL A 175 -3.25 -6.43 51.34
CA VAL A 175 -2.59 -6.55 52.63
C VAL A 175 -1.09 -6.50 52.43
N LEU A 176 -0.42 -5.63 53.19
CA LEU A 176 1.02 -5.47 53.15
C LEU A 176 1.62 -5.93 54.47
N TRP A 177 2.75 -6.64 54.39
CA TRP A 177 3.52 -6.94 55.58
C TRP A 177 4.99 -6.92 55.21
N GLY A 178 5.84 -7.32 56.15
CA GLY A 178 7.27 -7.30 55.88
C GLY A 178 8.07 -8.18 56.80
N ILE A 179 9.37 -8.18 56.59
CA ILE A 179 10.34 -8.87 57.44
C ILE A 179 11.58 -8.00 57.56
N HIS A 180 12.16 -7.99 58.76
CA HIS A 180 13.32 -7.17 59.06
C HIS A 180 14.56 -8.06 59.13
N HIS A 181 15.59 -7.70 58.37
CA HIS A 181 16.86 -8.41 58.40
C HIS A 181 17.87 -7.56 59.14
N PRO A 182 18.29 -7.94 60.34
CA PRO A 182 19.38 -7.23 61.02
C PRO A 182 20.71 -7.45 60.31
N ASN A 183 21.77 -6.95 60.94
CA ASN A 183 23.10 -7.13 60.36
C ASN A 183 24.04 -7.96 61.23
N ASP A 184 23.60 -8.40 62.41
CA ASP A 184 24.37 -9.30 63.24
C ASP A 184 23.49 -9.84 64.35
N ALA A 185 23.82 -11.04 64.82
CA ALA A 185 22.99 -11.70 65.82
C ALA A 185 22.89 -10.89 67.10
N ALA A 186 23.85 -9.99 67.34
CA ALA A 186 23.74 -9.07 68.47
C ALA A 186 22.51 -8.18 68.33
N GLU A 187 22.30 -7.63 67.14
CA GLU A 187 21.10 -6.84 66.90
C GLU A 187 19.85 -7.70 66.96
N GLN A 188 19.98 -8.97 66.56
CA GLN A 188 18.86 -9.89 66.74
C GLN A 188 18.45 -9.96 68.20
N THR A 189 19.38 -10.33 69.08
CA THR A 189 19.06 -10.43 70.49
C THR A 189 18.57 -9.11 71.05
N ARG A 190 19.19 -7.99 70.66
CA ARG A 190 18.75 -6.69 71.14
C ARG A 190 17.33 -6.37 70.68
N LEU A 191 16.92 -6.90 69.54
CA LEU A 191 15.60 -6.62 68.99
C LEU A 191 14.63 -7.78 69.18
N TYR A 192 15.14 -9.00 69.37
CA TYR A 192 14.30 -10.20 69.44
C TYR A 192 15.06 -11.24 70.28
N GLN A 193 14.42 -11.72 71.33
CA GLN A 193 15.08 -12.72 72.18
C GLN A 193 15.29 -14.02 71.44
N ASN A 194 14.41 -14.34 70.51
CA ASN A 194 14.51 -15.60 69.79
C ASN A 194 15.61 -15.51 68.74
N PRO A 195 16.64 -16.35 68.80
CA PRO A 195 17.80 -16.16 67.93
C PRO A 195 17.63 -16.72 66.53
N THR A 196 16.65 -17.59 66.32
CA THR A 196 16.30 -18.06 64.98
C THR A 196 14.79 -17.99 64.83
N THR A 197 14.34 -17.26 63.81
CA THR A 197 12.95 -16.85 63.72
C THR A 197 12.40 -17.16 62.34
N TYR A 198 11.15 -16.76 62.12
CA TYR A 198 10.44 -17.07 60.89
C TYR A 198 9.11 -16.32 60.88
N ILE A 199 8.53 -16.19 59.70
CA ILE A 199 7.19 -15.65 59.52
C ILE A 199 6.43 -16.57 58.58
N SER A 200 5.37 -17.20 59.07
CA SER A 200 4.56 -18.08 58.26
C SER A 200 3.23 -17.42 57.95
N ILE A 201 2.97 -17.22 56.67
CA ILE A 201 1.76 -16.55 56.20
C ILE A 201 0.98 -17.52 55.34
N GLY A 202 -0.33 -17.56 55.55
CA GLY A 202 -1.17 -18.48 54.80
C GLY A 202 -2.53 -17.92 54.46
N THR A 203 -3.02 -18.25 53.27
CA THR A 203 -4.36 -17.89 52.84
C THR A 203 -4.97 -19.04 52.06
N SER A 204 -6.02 -18.78 51.30
CA SER A 204 -6.56 -19.79 50.40
C SER A 204 -5.59 -20.11 49.28
N THR A 205 -4.63 -19.24 49.00
CA THR A 205 -3.63 -19.47 47.98
C THR A 205 -2.20 -19.33 48.48
N LEU A 206 -1.92 -18.34 49.32
CA LEU A 206 -0.56 -18.08 49.76
C LEU A 206 -0.10 -19.17 50.71
N ASN A 207 1.21 -19.41 50.71
CA ASN A 207 1.87 -20.36 51.56
C ASN A 207 3.33 -19.89 51.59
N GLN A 208 3.71 -19.19 52.65
CA GLN A 208 4.96 -18.46 52.62
C GLN A 208 5.63 -18.44 53.97
N ARG A 209 6.81 -19.05 54.04
CA ARG A 209 7.57 -19.10 55.29
C ARG A 209 8.89 -18.38 55.08
N LEU A 210 8.99 -17.18 55.64
CA LEU A 210 10.18 -16.35 55.51
C LEU A 210 11.11 -16.59 56.69
N VAL A 211 12.40 -16.46 56.43
CA VAL A 211 13.44 -16.52 57.45
C VAL A 211 14.33 -15.30 57.23
N PRO A 212 14.77 -14.61 58.28
CA PRO A 212 15.66 -13.46 58.08
C PRO A 212 17.05 -13.87 57.66
N LYS A 213 17.64 -13.04 56.79
CA LYS A 213 19.02 -13.23 56.32
C LYS A 213 19.91 -12.25 57.07
N ILE A 214 20.68 -12.75 58.03
CA ILE A 214 21.61 -11.92 58.77
C ILE A 214 22.91 -11.86 57.98
N ALA A 215 23.35 -10.65 57.66
CA ALA A 215 24.56 -10.47 56.88
C ALA A 215 25.14 -9.10 57.18
N THR A 216 26.43 -8.94 56.91
CA THR A 216 27.06 -7.63 57.01
C THR A 216 26.99 -6.97 55.64
N ARG A 217 26.63 -5.69 55.62
CA ARG A 217 26.41 -5.00 54.36
C ARG A 217 26.58 -3.50 54.55
N SER A 218 26.63 -2.79 53.43
CA SER A 218 26.86 -1.35 53.45
C SER A 218 25.76 -0.63 54.22
N LYS A 219 26.07 0.58 54.65
CA LYS A 219 25.07 1.43 55.31
C LYS A 219 24.38 2.31 54.29
N VAL A 220 23.06 2.19 54.20
CA VAL A 220 22.23 3.07 53.40
C VAL A 220 21.40 3.91 54.35
N ASN A 221 21.46 5.23 54.19
CA ASN A 221 20.89 6.16 55.16
C ASN A 221 21.42 5.86 56.56
N GLY A 222 22.69 5.46 56.63
CA GLY A 222 23.31 5.11 57.89
C GLY A 222 22.74 3.88 58.56
N GLN A 223 21.82 3.18 57.92
CA GLN A 223 21.21 1.98 58.48
C GLN A 223 21.57 0.79 57.61
N SER A 224 22.16 -0.24 58.22
CA SER A 224 22.57 -1.42 57.48
C SER A 224 21.48 -2.46 57.35
N GLY A 225 20.62 -2.60 58.36
CA GLY A 225 19.55 -3.57 58.28
C GLY A 225 18.61 -3.28 57.13
N ARG A 226 17.96 -4.32 56.64
CA ARG A 226 17.12 -4.19 55.45
C ARG A 226 15.74 -4.76 55.71
N MET A 227 14.72 -4.00 55.36
CA MET A 227 13.35 -4.46 55.47
C MET A 227 12.83 -4.84 54.11
N GLU A 228 12.23 -6.02 54.02
CA GLU A 228 11.67 -6.52 52.77
C GLU A 228 10.17 -6.71 52.95
N PHE A 229 9.38 -6.01 52.16
CA PHE A 229 7.94 -6.02 52.30
C PHE A 229 7.30 -6.86 51.22
N PHE A 230 6.30 -7.63 51.62
CA PHE A 230 5.51 -8.47 50.73
C PHE A 230 4.07 -7.99 50.74
N TRP A 231 3.32 -8.43 49.74
CA TRP A 231 1.95 -7.98 49.55
C TRP A 231 1.11 -9.13 49.01
N THR A 232 -0.18 -9.08 49.31
CA THR A 232 -1.10 -10.04 48.71
C THR A 232 -2.48 -9.40 48.64
N ILE A 233 -3.40 -10.09 47.98
CA ILE A 233 -4.77 -9.61 47.84
C ILE A 233 -5.70 -10.71 48.32
N LEU A 234 -6.40 -10.42 49.41
CA LEU A 234 -7.40 -11.33 49.96
C LEU A 234 -8.68 -11.22 49.16
N LYS A 235 -9.26 -12.36 48.83
CA LYS A 235 -10.54 -12.39 48.16
C LYS A 235 -11.66 -12.18 49.18
N PRO A 236 -12.87 -11.86 48.72
CA PRO A 236 -13.99 -11.76 49.65
C PRO A 236 -14.24 -13.08 50.36
N ASN A 237 -14.70 -13.00 51.61
CA ASN A 237 -15.10 -14.13 52.43
C ASN A 237 -13.92 -15.04 52.75
N ASP A 238 -12.69 -14.61 52.55
CA ASP A 238 -11.53 -15.43 52.83
C ASP A 238 -10.79 -14.89 54.05
N ALA A 239 -9.71 -15.58 54.44
CA ALA A 239 -8.96 -15.20 55.62
C ALA A 239 -7.46 -15.32 55.37
N ILE A 240 -6.70 -14.56 56.16
CA ILE A 240 -5.24 -14.59 56.15
C ILE A 240 -4.79 -14.93 57.56
N ASN A 241 -3.70 -15.69 57.66
CA ASN A 241 -3.18 -16.15 58.95
C ASN A 241 -1.68 -15.89 59.00
N PHE A 242 -1.27 -15.01 59.92
CA PHE A 242 0.14 -14.78 60.21
C PHE A 242 0.52 -15.58 61.45
N GLU A 243 1.75 -16.06 61.46
CA GLU A 243 2.37 -16.62 62.66
C GLU A 243 3.83 -16.27 62.60
N SER A 244 4.44 -16.04 63.75
CA SER A 244 5.86 -15.70 63.76
C SER A 244 6.40 -15.79 65.18
N ASN A 245 7.72 -15.66 65.30
CA ASN A 245 8.35 -15.46 66.60
C ASN A 245 9.48 -14.44 66.53
N GLY A 246 9.48 -13.59 65.52
CA GLY A 246 10.48 -12.55 65.41
C GLY A 246 10.49 -11.94 64.03
N ASN A 247 11.07 -10.75 63.95
CA ASN A 247 11.26 -10.01 62.72
C ASN A 247 9.97 -9.76 61.96
N PHE A 248 8.88 -9.43 62.65
CA PHE A 248 7.60 -9.29 61.99
C PHE A 248 7.22 -7.82 61.90
N ILE A 249 7.24 -7.28 60.68
CA ILE A 249 6.73 -5.94 60.41
C ILE A 249 5.25 -6.09 60.13
N ALA A 250 4.45 -6.07 61.17
CA ALA A 250 3.06 -6.50 61.03
C ALA A 250 2.23 -5.42 60.35
N PRO A 251 1.15 -5.82 59.68
CA PRO A 251 0.27 -4.83 59.08
C PRO A 251 -0.56 -4.12 60.13
N GLU A 252 -0.75 -2.82 59.94
CA GLU A 252 -1.61 -2.05 60.82
C GLU A 252 -2.82 -1.55 60.04
N TYR A 253 -2.69 -1.49 58.72
CA TYR A 253 -3.76 -1.04 57.85
C TYR A 253 -3.75 -1.87 56.57
N ALA A 254 -4.86 -1.85 55.85
CA ALA A 254 -5.00 -2.51 54.57
C ALA A 254 -5.89 -1.66 53.67
N TYR A 255 -6.04 -2.09 52.42
CA TYR A 255 -6.74 -1.29 51.41
C TYR A 255 -7.83 -2.12 50.77
N LYS A 256 -9.08 -1.69 50.94
CA LYS A 256 -10.17 -2.27 50.18
C LYS A 256 -10.15 -1.73 48.76
N ILE A 257 -10.28 -2.64 47.80
CA ILE A 257 -10.31 -2.30 46.38
C ILE A 257 -11.78 -2.10 46.04
N VAL A 258 -12.23 -0.84 46.10
CA VAL A 258 -13.65 -0.54 45.98
C VAL A 258 -14.08 -0.17 44.58
N LYS A 259 -13.15 0.12 43.68
CA LYS A 259 -13.50 0.59 42.34
C LYS A 259 -12.38 0.26 41.38
N LYS A 260 -12.56 -0.80 40.59
CA LYS A 260 -11.67 -1.08 39.48
C LYS A 260 -11.88 -0.05 38.38
N GLY A 261 -11.17 -0.21 37.28
CA GLY A 261 -11.36 0.67 36.14
C GLY A 261 -10.26 0.53 35.11
N ASP A 262 -10.13 1.59 34.31
CA ASP A 262 -9.04 1.70 33.35
C ASP A 262 -8.14 2.87 33.73
N SER A 263 -6.86 2.60 33.91
CA SER A 263 -5.96 3.57 34.49
C SER A 263 -4.57 3.39 33.88
N ALA A 264 -3.56 3.98 34.52
CA ALA A 264 -2.19 3.90 34.07
C ALA A 264 -1.29 4.51 35.12
N ILE A 265 0.01 4.32 34.96
CA ILE A 265 1.02 4.97 35.77
C ILE A 265 1.92 5.75 34.83
N MET A 266 2.03 7.06 35.06
CA MET A 266 2.78 7.93 34.17
C MET A 266 4.02 8.47 34.87
N LYS A 267 5.17 8.17 34.28
CA LYS A 267 6.44 8.71 34.74
C LYS A 267 6.59 10.10 34.14
N SER A 268 6.25 11.12 34.92
CA SER A 268 6.26 12.49 34.45
C SER A 268 6.73 13.40 35.57
N GLU A 269 7.09 14.63 35.21
CA GLU A 269 7.62 15.57 36.19
C GLU A 269 6.71 16.78 36.41
N LEU A 270 5.68 16.94 35.60
CA LEU A 270 4.90 18.16 35.61
C LEU A 270 4.08 18.28 36.88
N GLU A 271 3.50 19.46 37.07
CA GLU A 271 2.64 19.77 38.21
C GLU A 271 1.19 19.87 37.71
N TYR A 272 0.27 20.08 38.65
CA TYR A 272 -1.15 19.96 38.34
C TYR A 272 -1.78 21.32 38.15
N GLY A 273 -1.97 21.72 36.89
CA GLY A 273 -2.83 22.85 36.59
C GLY A 273 -4.29 22.43 36.58
N ASN A 274 -5.17 23.37 36.93
CA ASN A 274 -6.60 23.09 37.05
C ASN A 274 -7.27 23.19 35.68
N CYS A 275 -7.23 22.07 34.95
CA CYS A 275 -7.82 22.00 33.62
C CYS A 275 -8.93 20.96 33.62
N ASN A 276 -9.41 20.65 32.41
CA ASN A 276 -10.14 19.43 32.13
C ASN A 276 -10.03 19.12 30.65
N THR A 277 -9.38 17.99 30.34
CA THR A 277 -9.22 17.56 28.95
C THR A 277 -9.65 16.11 28.85
N LYS A 278 -9.76 15.63 27.62
CA LYS A 278 -10.14 14.25 27.35
C LYS A 278 -8.98 13.39 26.85
N CYS A 279 -7.74 13.85 27.00
CA CYS A 279 -6.58 13.00 26.78
C CYS A 279 -5.40 13.60 27.51
N GLN A 280 -4.45 12.76 27.89
CA GLN A 280 -3.32 13.17 28.69
C GLN A 280 -2.09 12.36 28.34
N THR A 281 -0.99 13.07 28.13
CA THR A 281 0.32 12.52 27.82
C THR A 281 1.28 12.93 28.93
N PRO A 282 2.40 12.24 29.12
CA PRO A 282 3.31 12.60 30.22
C PRO A 282 4.01 13.92 30.00
N MET A 283 3.71 14.63 28.92
CA MET A 283 4.29 15.93 28.63
C MET A 283 3.28 16.91 28.09
N GLY A 284 2.03 16.83 28.51
CA GLY A 284 1.04 17.80 28.11
C GLY A 284 -0.27 17.12 27.78
N ALA A 285 -1.27 17.96 27.51
CA ALA A 285 -2.58 17.49 27.11
C ALA A 285 -2.84 17.86 25.66
N ILE A 286 -3.75 17.12 25.04
CA ILE A 286 -4.08 17.30 23.63
C ILE A 286 -5.56 17.61 23.51
N ASN A 287 -5.90 18.88 23.35
CA ASN A 287 -7.23 19.32 22.99
C ASN A 287 -7.22 19.47 21.47
N SER A 288 -7.37 18.36 20.76
CA SER A 288 -7.24 18.35 19.32
C SER A 288 -8.21 17.35 18.73
N SER A 289 -8.45 17.48 17.43
CA SER A 289 -9.43 16.66 16.72
C SER A 289 -8.83 15.83 15.60
N MET A 290 -7.57 16.04 15.27
CA MET A 290 -6.96 15.36 14.14
C MET A 290 -6.91 13.85 14.41
N PRO A 291 -6.74 13.02 13.39
CA PRO A 291 -6.70 11.58 13.62
C PRO A 291 -5.36 11.08 14.13
N PHE A 292 -4.28 11.80 13.86
CA PHE A 292 -2.94 11.41 14.28
C PHE A 292 -2.31 12.48 15.15
N HIS A 293 -1.15 12.15 15.72
CA HIS A 293 -0.36 13.12 16.46
C HIS A 293 1.04 12.54 16.67
N ASN A 294 1.96 13.41 17.13
CA ASN A 294 3.34 12.99 17.35
C ASN A 294 3.93 13.58 18.63
N ILE A 295 3.16 13.59 19.71
CA ILE A 295 3.65 14.14 20.96
C ILE A 295 4.47 13.11 21.71
N HIS A 296 3.84 11.99 22.10
CA HIS A 296 4.47 11.02 22.96
C HIS A 296 3.71 9.71 22.87
N PRO A 297 4.40 8.56 22.89
CA PRO A 297 3.70 7.27 22.73
C PRO A 297 2.64 7.00 23.80
N LEU A 298 3.00 7.09 25.07
CA LEU A 298 2.09 6.72 26.15
C LEU A 298 1.08 7.80 26.44
N THR A 299 -0.20 7.54 26.17
CA THR A 299 -1.27 8.48 26.47
C THR A 299 -2.35 7.81 27.30
N ILE A 300 -3.41 8.56 27.56
CA ILE A 300 -4.65 7.99 28.07
C ILE A 300 -5.79 8.95 27.75
N GLY A 301 -6.89 8.40 27.25
CA GLY A 301 -8.05 9.17 26.83
C GLY A 301 -8.53 8.71 25.47
N GLU A 302 -9.45 9.51 24.90
CA GLU A 302 -9.99 9.22 23.58
C GLU A 302 -9.19 9.99 22.54
N CYS A 303 -7.87 9.81 22.54
CA CYS A 303 -7.07 10.72 21.73
C CYS A 303 -6.36 9.99 20.59
N PRO A 304 -5.79 10.72 19.64
CA PRO A 304 -5.37 10.09 18.37
C PRO A 304 -4.24 9.09 18.56
N LYS A 305 -3.90 8.45 17.44
CA LYS A 305 -2.88 7.42 17.38
C LYS A 305 -1.52 8.08 17.22
N TYR A 306 -0.53 7.57 17.93
CA TYR A 306 0.82 8.12 17.84
C TYR A 306 1.46 7.77 16.50
N VAL A 307 2.25 8.71 15.99
CA VAL A 307 2.94 8.56 14.71
C VAL A 307 4.29 9.24 14.84
N LYS A 308 5.31 8.64 14.25
CA LYS A 308 6.67 9.18 14.34
C LYS A 308 7.00 10.11 13.20
N SER A 309 6.02 10.78 12.62
CA SER A 309 6.23 11.64 11.47
C SER A 309 6.14 13.11 11.89
N ASN A 310 6.79 13.96 11.09
CA ASN A 310 6.80 15.39 11.35
C ASN A 310 5.78 16.14 10.50
N ARG A 311 5.18 15.49 9.51
CA ARG A 311 4.17 16.11 8.68
C ARG A 311 3.27 15.07 8.03
N LEU A 312 1.96 15.23 8.17
CA LEU A 312 0.99 14.39 7.47
C LEU A 312 -0.08 15.32 6.89
N VAL A 313 0.14 15.80 5.68
CA VAL A 313 -0.80 16.67 5.00
C VAL A 313 -1.47 15.84 3.92
N LEU A 314 -2.78 16.01 3.76
CA LEU A 314 -3.55 15.31 2.75
C LEU A 314 -4.04 16.32 1.72
N ALA A 315 -3.95 15.96 0.45
CA ALA A 315 -4.34 16.89 -0.60
C ALA A 315 -5.82 16.76 -0.92
N THR A 316 -6.57 17.81 -0.65
CA THR A 316 -7.98 17.86 -1.01
C THR A 316 -8.24 18.57 -2.31
N GLY A 317 -7.57 19.69 -2.55
CA GLY A 317 -7.71 20.43 -3.78
C GLY A 317 -7.02 19.75 -4.94
N LEU A 318 -6.63 20.55 -5.92
CA LEU A 318 -5.96 20.07 -7.12
C LEU A 318 -4.73 20.90 -7.36
N ARG A 319 -3.84 20.40 -8.23
CA ARG A 319 -2.54 21.03 -8.43
C ARG A 319 -2.72 22.50 -8.81
N ASN A 320 -1.97 23.37 -8.15
CA ASN A 320 -2.16 24.81 -8.29
C ASN A 320 -1.58 25.33 -9.60
N SER A 321 -2.03 26.52 -9.99
CA SER A 321 -1.54 27.18 -11.20
C SER A 321 -1.86 28.67 -11.17
N GLY B 6 -0.71 16.64 -15.56
CA GLY B 6 -0.78 15.49 -14.70
C GLY B 6 -0.66 14.17 -15.45
N LEU B 7 -1.13 13.10 -14.83
CA LEU B 7 -1.03 11.77 -15.44
C LEU B 7 -1.90 11.65 -16.68
N PHE B 8 -2.93 12.49 -16.80
CA PHE B 8 -3.81 12.47 -17.95
C PHE B 8 -3.56 13.63 -18.89
N GLY B 9 -2.79 14.64 -18.48
CA GLY B 9 -2.34 15.67 -19.37
C GLY B 9 -3.19 16.91 -19.45
N ALA B 10 -4.22 17.03 -18.61
CA ALA B 10 -5.08 18.22 -18.66
C ALA B 10 -4.46 19.36 -17.85
N ILE B 11 -4.31 19.17 -16.55
CA ILE B 11 -3.80 20.24 -15.68
C ILE B 11 -2.33 20.46 -15.98
N ALA B 12 -1.96 21.73 -16.14
CA ALA B 12 -0.59 22.12 -16.50
C ALA B 12 -0.12 21.39 -17.74
N GLY B 13 -1.08 20.99 -18.57
CA GLY B 13 -0.81 20.29 -19.80
C GLY B 13 -1.44 20.97 -20.99
N PHE B 14 -2.32 20.27 -21.71
CA PHE B 14 -2.93 20.86 -22.89
C PHE B 14 -3.89 21.99 -22.53
N ILE B 15 -4.26 22.09 -21.25
CA ILE B 15 -4.82 23.32 -20.71
C ILE B 15 -3.72 23.98 -19.88
N GLU B 16 -3.48 25.26 -20.14
CA GLU B 16 -2.27 25.89 -19.60
C GLU B 16 -2.31 26.02 -18.09
N GLY B 17 -3.31 26.71 -17.55
CA GLY B 17 -3.41 26.93 -16.13
C GLY B 17 -4.85 27.16 -15.70
N GLY B 18 -5.02 27.28 -14.39
CA GLY B 18 -6.33 27.40 -13.82
C GLY B 18 -6.84 28.82 -13.75
N TRP B 19 -8.15 28.95 -13.72
CA TRP B 19 -8.82 30.24 -13.72
C TRP B 19 -8.99 30.73 -12.30
N GLN B 20 -8.48 31.92 -12.01
CA GLN B 20 -8.73 32.55 -10.73
C GLN B 20 -10.19 32.91 -10.58
N GLY B 21 -10.91 33.03 -11.69
CA GLY B 21 -12.26 33.56 -11.64
C GLY B 21 -13.33 32.53 -11.34
N MET B 22 -12.94 31.28 -11.15
CA MET B 22 -13.88 30.26 -10.75
C MET B 22 -13.73 30.02 -9.26
N VAL B 23 -14.82 30.11 -8.51
CA VAL B 23 -14.73 30.03 -7.07
C VAL B 23 -15.69 28.98 -6.51
N ASP B 24 -16.63 28.54 -7.33
CA ASP B 24 -17.67 27.63 -6.89
C ASP B 24 -17.59 26.27 -7.55
N GLY B 25 -16.42 25.85 -7.98
CA GLY B 25 -16.26 24.52 -8.52
C GLY B 25 -14.82 24.31 -8.92
N TRP B 26 -14.39 23.05 -8.88
CA TRP B 26 -13.04 22.75 -9.30
C TRP B 26 -12.90 22.70 -10.80
N TYR B 27 -13.99 22.52 -11.53
CA TYR B 27 -13.97 22.47 -12.98
C TYR B 27 -15.09 23.35 -13.49
N GLY B 28 -15.02 23.72 -14.76
CA GLY B 28 -16.07 24.55 -15.30
C GLY B 28 -15.80 25.00 -16.71
N TYR B 29 -16.72 25.84 -17.17
CA TYR B 29 -16.78 26.34 -18.53
C TYR B 29 -16.60 27.85 -18.49
N HIS B 30 -16.16 28.43 -19.60
CA HIS B 30 -16.12 29.88 -19.75
C HIS B 30 -16.60 30.23 -21.15
N HIS B 31 -17.88 30.55 -21.26
CA HIS B 31 -18.50 30.75 -22.57
C HIS B 31 -18.45 32.22 -22.94
N SER B 32 -18.27 32.49 -24.23
CA SER B 32 -18.19 33.85 -24.73
C SER B 32 -18.95 33.93 -26.04
N ASN B 33 -20.11 34.57 -26.02
CA ASN B 33 -20.89 34.80 -27.23
C ASN B 33 -21.35 36.25 -27.23
N GLU B 34 -22.25 36.59 -28.14
CA GLU B 34 -22.75 37.96 -28.21
C GLU B 34 -23.43 38.38 -26.92
N GLN B 35 -23.98 37.41 -26.18
CA GLN B 35 -24.60 37.71 -24.90
C GLN B 35 -23.60 37.83 -23.77
N GLY B 36 -22.31 37.99 -24.07
CA GLY B 36 -21.31 38.26 -23.07
C GLY B 36 -20.45 37.05 -22.82
N SER B 37 -19.58 37.17 -21.83
CA SER B 37 -18.76 36.07 -21.36
C SER B 37 -19.17 35.73 -19.94
N GLY B 38 -18.89 34.51 -19.53
CA GLY B 38 -19.27 34.08 -18.20
C GLY B 38 -18.71 32.72 -17.87
N TYR B 39 -18.30 32.59 -16.62
CA TYR B 39 -17.85 31.33 -16.06
C TYR B 39 -19.05 30.56 -15.52
N ALA B 40 -18.98 29.24 -15.59
CA ALA B 40 -19.97 28.39 -14.96
C ALA B 40 -19.26 27.16 -14.40
N ALA B 41 -19.76 26.66 -13.29
CA ALA B 41 -19.18 25.48 -12.66
C ALA B 41 -19.96 24.26 -13.10
N ASP B 42 -19.24 23.23 -13.56
CA ASP B 42 -19.87 21.95 -13.82
C ASP B 42 -20.04 21.28 -12.46
N LYS B 43 -21.22 21.46 -11.86
CA LYS B 43 -21.41 21.03 -10.48
C LYS B 43 -21.28 19.52 -10.34
N GLU B 44 -21.87 18.75 -11.26
CA GLU B 44 -21.92 17.30 -11.10
C GLU B 44 -20.52 16.70 -10.96
N SER B 45 -19.59 17.11 -11.82
CA SER B 45 -18.24 16.57 -11.75
C SER B 45 -17.55 17.01 -10.47
N THR B 46 -17.81 18.24 -10.04
CA THR B 46 -17.26 18.72 -8.78
C THR B 46 -17.80 17.92 -7.62
N GLN B 47 -19.04 17.46 -7.71
CA GLN B 47 -19.61 16.66 -6.64
C GLN B 47 -19.02 15.28 -6.63
N LYS B 48 -18.78 14.71 -7.81
CA LYS B 48 -18.04 13.46 -7.87
C LYS B 48 -16.69 13.60 -7.18
N ALA B 49 -15.98 14.70 -7.45
CA ALA B 49 -14.67 14.89 -6.83
C ALA B 49 -14.78 15.13 -5.34
N ILE B 50 -15.80 15.86 -4.90
CA ILE B 50 -15.96 16.14 -3.47
C ILE B 50 -16.28 14.86 -2.72
N ASP B 51 -17.16 14.03 -3.29
CA ASP B 51 -17.42 12.73 -2.70
C ASP B 51 -16.15 11.89 -2.65
N GLY B 52 -15.36 11.90 -3.72
CA GLY B 52 -14.11 11.18 -3.72
C GLY B 52 -13.24 11.58 -2.54
N VAL B 53 -13.06 12.89 -2.35
CA VAL B 53 -12.14 13.35 -1.32
C VAL B 53 -12.72 13.10 0.07
N THR B 54 -14.03 13.30 0.24
CA THR B 54 -14.64 13.06 1.55
C THR B 54 -14.54 11.60 1.94
N ASN B 55 -14.85 10.69 1.00
CA ASN B 55 -14.71 9.27 1.29
C ASN B 55 -13.25 8.91 1.54
N LYS B 56 -12.31 9.60 0.90
CA LYS B 56 -10.91 9.32 1.15
C LYS B 56 -10.51 9.72 2.57
N VAL B 57 -10.97 10.89 3.01
CA VAL B 57 -10.65 11.35 4.36
C VAL B 57 -11.29 10.42 5.39
N ASN B 58 -12.55 10.06 5.18
CA ASN B 58 -13.20 9.13 6.09
C ASN B 58 -12.49 7.79 6.11
N SER B 59 -12.01 7.31 4.97
CA SER B 59 -11.26 6.06 4.92
C SER B 59 -9.99 6.18 5.74
N ILE B 60 -9.28 7.28 5.58
CA ILE B 60 -8.03 7.46 6.32
C ILE B 60 -8.29 7.47 7.81
N ILE B 61 -9.37 8.11 8.23
CA ILE B 61 -9.67 8.22 9.66
C ILE B 61 -10.09 6.86 10.22
N ASP B 62 -10.91 6.11 9.47
CA ASP B 62 -11.53 4.92 10.05
C ASP B 62 -10.76 3.64 9.77
N LYS B 63 -9.82 3.65 8.82
CA LYS B 63 -9.03 2.46 8.52
C LYS B 63 -7.92 2.25 9.53
N MET B 64 -7.48 3.30 10.21
CA MET B 64 -6.48 3.23 11.25
C MET B 64 -7.08 3.66 12.58
N ASN B 65 -8.27 3.17 12.89
CA ASN B 65 -8.93 3.45 14.16
C ASN B 65 -8.66 2.37 15.20
N THR B 66 -7.92 1.32 14.84
CA THR B 66 -7.33 0.41 15.82
C THR B 66 -5.85 0.28 15.46
N GLN B 67 -5.05 1.25 15.90
CA GLN B 67 -3.65 1.24 15.49
C GLN B 67 -2.75 0.42 16.41
N PHE B 68 -2.40 1.01 17.55
CA PHE B 68 -1.67 0.35 18.62
C PHE B 68 -1.54 1.35 19.76
N GLU B 69 -1.75 0.92 20.99
CA GLU B 69 -1.59 1.80 22.13
C GLU B 69 -0.51 1.25 23.04
N ALA B 70 0.60 1.96 23.13
CA ALA B 70 1.72 1.50 23.92
C ALA B 70 1.52 1.83 25.38
N VAL B 71 1.05 0.86 26.16
CA VAL B 71 0.90 1.02 27.59
C VAL B 71 2.22 0.68 28.26
N GLY B 72 2.52 1.40 29.34
CA GLY B 72 3.81 1.31 29.99
C GLY B 72 3.84 0.17 30.99
N ARG B 73 4.90 -0.63 30.91
CA ARG B 73 5.14 -1.71 31.85
C ARG B 73 6.50 -1.51 32.50
N GLU B 74 6.53 -1.57 33.83
CA GLU B 74 7.73 -1.33 34.60
C GLU B 74 8.38 -2.66 34.94
N PHE B 75 9.71 -2.68 34.93
CA PHE B 75 10.48 -3.88 35.18
C PHE B 75 11.61 -3.56 36.14
N ASN B 76 12.13 -4.59 36.79
CA ASN B 76 13.20 -4.41 37.75
C ASN B 76 14.56 -4.48 37.05
N ASN B 77 15.63 -4.55 37.84
CA ASN B 77 16.98 -4.50 37.28
C ASN B 77 17.44 -5.84 36.76
N LEU B 78 16.80 -6.93 37.16
CA LEU B 78 17.19 -8.26 36.70
C LEU B 78 16.20 -8.83 35.68
N GLU B 79 15.38 -7.96 35.11
CA GLU B 79 14.50 -8.32 34.01
C GLU B 79 14.84 -7.47 32.79
N ARG B 80 16.13 -7.28 32.55
CA ARG B 80 16.58 -6.52 31.40
C ARG B 80 16.15 -7.17 30.10
N ARG B 81 16.14 -8.51 30.04
CA ARG B 81 15.79 -9.18 28.81
C ARG B 81 14.33 -8.95 28.45
N ILE B 82 13.43 -9.18 29.40
CA ILE B 82 12.01 -9.00 29.11
C ILE B 82 11.69 -7.53 28.92
N GLU B 83 12.37 -6.65 29.64
CA GLU B 83 12.17 -5.23 29.44
C GLU B 83 12.57 -4.81 28.03
N ASN B 84 13.71 -5.32 27.55
CA ASN B 84 14.15 -4.99 26.20
C ASN B 84 13.22 -5.58 25.16
N LEU B 85 12.70 -6.77 25.44
CA LEU B 85 11.67 -7.36 24.58
C LEU B 85 10.49 -6.41 24.44
N ASN B 86 9.93 -5.98 25.57
CA ASN B 86 8.82 -5.04 25.56
C ASN B 86 9.18 -3.76 24.82
N LYS B 87 10.35 -3.22 25.11
CA LYS B 87 10.76 -1.94 24.54
C LYS B 87 10.81 -2.00 23.03
N LYS B 88 11.52 -2.99 22.49
CA LYS B 88 11.67 -3.06 21.05
C LYS B 88 10.40 -3.56 20.37
N MET B 89 9.55 -4.27 21.10
CA MET B 89 8.25 -4.61 20.55
C MET B 89 7.40 -3.37 20.32
N GLU B 90 7.25 -2.54 21.35
CA GLU B 90 6.48 -1.31 21.19
C GLU B 90 7.12 -0.41 20.14
N ASP B 91 8.46 -0.31 20.14
CA ASP B 91 9.14 0.49 19.15
C ASP B 91 8.82 0.01 17.74
N GLY B 92 8.87 -1.29 17.51
CA GLY B 92 8.62 -1.83 16.20
C GLY B 92 7.18 -1.62 15.74
N PHE B 93 6.23 -1.79 16.66
CA PHE B 93 4.84 -1.55 16.30
C PHE B 93 4.63 -0.10 15.94
N LEU B 94 5.21 0.83 16.70
CA LEU B 94 5.01 2.24 16.38
C LEU B 94 5.69 2.59 15.05
N ASP B 95 6.83 1.98 14.78
CA ASP B 95 7.49 2.22 13.49
C ASP B 95 6.63 1.71 12.34
N VAL B 96 6.07 0.51 12.46
CA VAL B 96 5.30 -0.05 11.34
C VAL B 96 4.02 0.76 11.14
N TRP B 97 3.44 1.28 12.21
CA TRP B 97 2.20 2.04 12.02
C TRP B 97 2.50 3.43 11.46
N THR B 98 3.62 4.02 11.85
CA THR B 98 4.06 5.25 11.17
C THR B 98 4.26 5.01 9.69
N TYR B 99 4.89 3.88 9.35
CA TYR B 99 5.06 3.55 7.94
C TYR B 99 3.72 3.48 7.23
N ASN B 100 2.75 2.80 7.82
CA ASN B 100 1.44 2.66 7.19
C ASN B 100 0.78 4.01 6.98
N ALA B 101 0.82 4.86 8.00
CA ALA B 101 0.19 6.19 7.88
C ALA B 101 0.84 6.99 6.77
N GLU B 102 2.17 6.97 6.69
CA GLU B 102 2.88 7.76 5.68
C GLU B 102 2.59 7.24 4.28
N LEU B 103 2.58 5.91 4.11
CA LEU B 103 2.26 5.36 2.79
C LEU B 103 0.84 5.71 2.38
N LEU B 104 -0.11 5.60 3.29
CA LEU B 104 -1.47 5.97 2.94
C LEU B 104 -1.53 7.42 2.49
N VAL B 105 -0.86 8.30 3.23
CA VAL B 105 -0.94 9.72 2.89
C VAL B 105 -0.35 9.98 1.52
N LEU B 106 0.83 9.41 1.25
CA LEU B 106 1.49 9.64 -0.03
C LEU B 106 0.66 9.09 -1.19
N MET B 107 0.25 7.82 -1.10
CA MET B 107 -0.48 7.22 -2.19
C MET B 107 -1.80 7.92 -2.44
N GLU B 108 -2.44 8.41 -1.37
CA GLU B 108 -3.68 9.12 -1.58
C GLU B 108 -3.46 10.47 -2.23
N ASN B 109 -2.41 11.20 -1.86
CA ASN B 109 -2.10 12.43 -2.58
C ASN B 109 -1.92 12.17 -4.06
N GLU B 110 -1.17 11.12 -4.40
CA GLU B 110 -0.99 10.76 -5.79
C GLU B 110 -2.32 10.51 -6.49
N ARG B 111 -3.13 9.61 -5.92
CA ARG B 111 -4.38 9.23 -6.56
C ARG B 111 -5.32 10.42 -6.68
N THR B 112 -5.30 11.33 -5.71
CA THR B 112 -6.22 12.46 -5.73
C THR B 112 -5.83 13.47 -6.80
N LEU B 113 -4.55 13.81 -6.89
CA LEU B 113 -4.12 14.70 -7.96
C LEU B 113 -4.45 14.11 -9.32
N ASP B 114 -4.20 12.81 -9.49
CA ASP B 114 -4.52 12.19 -10.77
C ASP B 114 -6.03 12.09 -11.00
N PHE B 115 -6.82 11.98 -9.94
CA PHE B 115 -8.27 11.99 -10.09
C PHE B 115 -8.76 13.32 -10.61
N HIS B 116 -8.22 14.41 -10.08
CA HIS B 116 -8.60 15.72 -10.58
C HIS B 116 -8.20 15.88 -12.04
N ASP B 117 -7.00 15.42 -12.40
CA ASP B 117 -6.58 15.51 -13.80
C ASP B 117 -7.54 14.72 -14.70
N SER B 118 -7.90 13.52 -14.26
CA SER B 118 -8.86 12.70 -14.98
C SER B 118 -10.18 13.44 -15.19
N ASN B 119 -10.63 14.14 -14.15
CA ASN B 119 -11.92 14.82 -14.26
C ASN B 119 -11.86 15.95 -15.28
N VAL B 120 -10.76 16.70 -15.30
CA VAL B 120 -10.64 17.78 -16.29
C VAL B 120 -10.62 17.21 -17.70
N LYS B 121 -9.81 16.16 -17.91
CA LYS B 121 -9.75 15.57 -19.24
C LYS B 121 -11.09 15.00 -19.67
N ASN B 122 -11.81 14.39 -18.72
CA ASN B 122 -13.10 13.81 -19.05
C ASN B 122 -14.12 14.88 -19.39
N LEU B 123 -14.04 16.05 -18.75
CA LEU B 123 -14.96 17.12 -19.09
C LEU B 123 -14.66 17.67 -20.48
N TYR B 124 -13.38 17.88 -20.79
CA TYR B 124 -13.01 18.30 -22.14
C TYR B 124 -13.52 17.29 -23.16
N ASP B 125 -13.39 16.00 -22.87
CA ASP B 125 -13.86 14.98 -23.79
C ASP B 125 -15.37 14.98 -23.90
N LYS B 126 -16.08 15.25 -22.80
CA LYS B 126 -17.53 15.32 -22.85
C LYS B 126 -17.99 16.43 -23.78
N VAL B 127 -17.35 17.59 -23.68
CA VAL B 127 -17.71 18.69 -24.58
C VAL B 127 -17.39 18.33 -26.02
N ARG B 128 -16.20 17.73 -26.25
CA ARG B 128 -15.80 17.43 -27.62
C ARG B 128 -16.71 16.39 -28.27
N LEU B 129 -17.14 15.40 -27.49
CA LEU B 129 -17.92 14.31 -28.06
C LEU B 129 -19.32 14.77 -28.46
N GLN B 130 -19.84 15.82 -27.83
CA GLN B 130 -21.05 16.45 -28.36
C GLN B 130 -20.74 17.34 -29.55
N LEU B 131 -19.78 18.25 -29.41
CA LEU B 131 -19.53 19.27 -30.42
C LEU B 131 -18.88 18.73 -31.69
N ARG B 132 -18.93 17.42 -31.92
CA ARG B 132 -18.02 16.69 -32.79
C ARG B 132 -17.54 17.45 -34.02
N ASP B 133 -18.45 17.93 -34.85
CA ASP B 133 -18.03 18.55 -36.09
C ASP B 133 -18.55 19.98 -36.24
N ASN B 134 -19.49 20.39 -35.41
CA ASN B 134 -19.96 21.76 -35.46
C ASN B 134 -18.92 22.75 -34.95
N ALA B 135 -17.85 22.28 -34.32
CA ALA B 135 -16.86 23.16 -33.72
C ALA B 135 -15.48 22.69 -34.09
N LYS B 136 -14.48 23.49 -33.73
CA LYS B 136 -13.09 23.12 -33.95
C LYS B 136 -12.25 23.39 -32.71
N GLU B 137 -11.33 22.48 -32.42
CA GLU B 137 -10.46 22.57 -31.26
C GLU B 137 -9.41 23.65 -31.53
N LEU B 138 -9.28 24.62 -30.62
CA LEU B 138 -8.20 25.58 -30.74
C LEU B 138 -6.95 25.14 -29.99
N GLY B 139 -6.94 23.92 -29.46
CA GLY B 139 -5.72 23.31 -28.96
C GLY B 139 -5.39 23.57 -27.51
N ASN B 140 -6.09 24.47 -26.83
CA ASN B 140 -5.75 24.80 -25.45
C ASN B 140 -6.94 24.65 -24.51
N GLY B 141 -7.98 23.94 -24.94
CA GLY B 141 -9.17 23.79 -24.13
C GLY B 141 -10.38 24.53 -24.63
N CYS B 142 -10.26 25.29 -25.71
CA CYS B 142 -11.36 26.07 -26.25
C CYS B 142 -11.93 25.39 -27.49
N PHE B 143 -13.18 25.69 -27.80
CA PHE B 143 -13.86 25.17 -28.97
C PHE B 143 -14.52 26.32 -29.72
N GLU B 144 -14.16 26.49 -30.98
CA GLU B 144 -14.74 27.53 -31.83
C GLU B 144 -16.00 27.00 -32.48
N PHE B 145 -17.12 27.68 -32.25
CA PHE B 145 -18.39 27.29 -32.84
C PHE B 145 -18.48 27.78 -34.27
N TYR B 146 -18.77 26.86 -35.19
CA TYR B 146 -18.95 27.20 -36.58
C TYR B 146 -20.32 27.78 -36.89
N HIS B 147 -21.24 27.76 -35.94
CA HIS B 147 -22.54 28.38 -36.08
C HIS B 147 -22.72 29.42 -34.99
N LYS B 148 -23.85 30.13 -35.05
CA LYS B 148 -24.21 31.06 -34.00
C LYS B 148 -25.08 30.35 -32.97
N CYS B 149 -24.69 30.39 -31.71
CA CYS B 149 -25.46 29.72 -30.66
C CYS B 149 -25.40 30.53 -29.37
N ASP B 150 -26.58 30.82 -28.83
CA ASP B 150 -26.76 31.71 -27.69
C ASP B 150 -26.62 30.93 -26.38
N ASN B 151 -27.05 31.60 -25.29
CA ASN B 151 -26.79 31.10 -23.94
C ASN B 151 -27.48 29.77 -23.68
N GLU B 152 -28.60 29.50 -24.36
CA GLU B 152 -29.26 28.22 -24.13
C GLU B 152 -28.54 27.10 -24.85
N CYS B 153 -27.90 27.39 -25.99
CA CYS B 153 -26.91 26.48 -26.54
C CYS B 153 -25.88 26.07 -25.50
N MET B 154 -25.29 27.06 -24.83
CA MET B 154 -24.28 26.76 -23.82
C MET B 154 -24.87 25.96 -22.68
N GLU B 155 -26.12 26.25 -22.30
CA GLU B 155 -26.73 25.50 -21.21
C GLU B 155 -26.97 24.05 -21.61
N SER B 156 -27.39 23.83 -22.86
CA SER B 156 -27.58 22.48 -23.35
C SER B 156 -26.26 21.74 -23.43
N ILE B 157 -25.18 22.45 -23.74
CA ILE B 157 -23.86 21.83 -23.69
C ILE B 157 -23.49 21.46 -22.26
N ARG B 158 -23.74 22.36 -21.31
CA ARG B 158 -23.42 22.09 -19.92
C ARG B 158 -24.15 20.86 -19.41
N ASN B 159 -25.48 20.87 -19.46
CA ASN B 159 -26.23 19.74 -18.91
C ASN B 159 -26.22 18.52 -19.82
N GLY B 160 -25.61 18.62 -20.99
CA GLY B 160 -25.32 17.45 -21.79
C GLY B 160 -26.32 17.06 -22.86
N THR B 161 -27.08 18.00 -23.39
CA THR B 161 -28.11 17.69 -24.38
C THR B 161 -27.92 18.42 -25.70
N TYR B 162 -26.68 18.70 -26.11
CA TYR B 162 -26.44 19.43 -27.35
C TYR B 162 -27.07 18.71 -28.53
N ASN B 163 -27.85 19.44 -29.33
CA ASN B 163 -28.59 18.87 -30.45
C ASN B 163 -27.75 19.07 -31.70
N TYR B 164 -27.30 17.95 -32.29
CA TYR B 164 -26.35 18.05 -33.39
C TYR B 164 -26.91 18.69 -34.66
N PRO B 165 -28.18 18.54 -35.03
CA PRO B 165 -28.67 19.24 -36.22
C PRO B 165 -28.71 20.76 -36.08
N GLN B 166 -27.54 21.38 -36.28
CA GLN B 166 -27.44 22.82 -36.53
C GLN B 166 -26.50 22.98 -37.73
N TYR B 167 -26.98 23.66 -38.77
CA TYR B 167 -26.19 23.77 -40.01
C TYR B 167 -24.97 24.66 -39.81
N SER B 168 -23.82 24.18 -40.27
CA SER B 168 -22.53 24.70 -39.82
C SER B 168 -21.56 24.99 -40.94
N GLU B 169 -21.96 25.79 -41.92
CA GLU B 169 -20.99 26.28 -42.90
C GLU B 169 -21.34 27.67 -43.39
N GLN C 1 -26.54 2.42 -44.76
CA GLN C 1 -25.57 3.15 -43.95
C GLN C 1 -25.04 2.29 -42.80
N ASP C 2 -23.87 1.70 -43.01
CA ASP C 2 -23.27 0.80 -42.05
C ASP C 2 -22.76 1.57 -40.83
N GLN C 3 -22.80 0.92 -39.67
CA GLN C 3 -22.18 1.52 -38.50
C GLN C 3 -21.81 0.44 -37.49
N ILE C 4 -20.68 0.66 -36.81
CA ILE C 4 -20.16 -0.24 -35.80
C ILE C 4 -20.13 0.49 -34.48
N CYS C 5 -20.43 -0.22 -33.40
CA CYS C 5 -20.48 0.37 -32.07
C CYS C 5 -19.68 -0.49 -31.09
N ILE C 6 -19.00 0.17 -30.16
CA ILE C 6 -18.19 -0.50 -29.15
C ILE C 6 -18.87 -0.37 -27.81
N GLY C 7 -18.96 -1.48 -27.08
CA GLY C 7 -19.58 -1.49 -25.77
C GLY C 7 -18.96 -2.52 -24.87
N TYR C 8 -19.52 -2.72 -23.68
CA TYR C 8 -18.96 -3.64 -22.72
C TYR C 8 -20.06 -4.48 -22.09
N HIS C 9 -19.65 -5.55 -21.42
CA HIS C 9 -20.59 -6.50 -20.85
C HIS C 9 -21.29 -5.91 -19.63
N ALA C 10 -22.53 -6.34 -19.41
CA ALA C 10 -23.30 -5.93 -18.25
C ALA C 10 -24.34 -7.00 -17.97
N ASN C 11 -25.04 -6.88 -16.85
CA ASN C 11 -25.99 -7.91 -16.43
C ASN C 11 -26.90 -7.36 -15.34
N ASN C 12 -27.72 -8.25 -14.78
CA ASN C 12 -28.66 -7.92 -13.72
C ASN C 12 -28.09 -8.24 -12.34
N SER C 13 -26.78 -8.14 -12.18
CA SER C 13 -26.15 -8.49 -10.92
C SER C 13 -26.25 -7.35 -9.91
N THR C 14 -25.95 -7.65 -8.65
CA THR C 14 -26.01 -6.67 -7.58
C THR C 14 -24.81 -6.74 -6.65
N GLU C 15 -23.89 -7.66 -6.87
CA GLU C 15 -22.79 -7.87 -5.93
C GLU C 15 -21.95 -6.61 -5.84
N GLN C 16 -21.71 -6.14 -4.62
CA GLN C 16 -21.08 -4.85 -4.40
C GLN C 16 -19.69 -5.01 -3.78
N VAL C 17 -18.77 -4.15 -4.21
CA VAL C 17 -17.43 -4.08 -3.67
C VAL C 17 -17.21 -2.68 -3.13
N ASP C 18 -16.12 -2.53 -2.37
CA ASP C 18 -15.73 -1.25 -1.82
C ASP C 18 -14.44 -0.79 -2.46
N THR C 19 -14.33 0.52 -2.65
CA THR C 19 -13.16 1.17 -3.20
C THR C 19 -12.63 2.16 -2.17
N ILE C 20 -11.38 2.58 -2.33
CA ILE C 20 -10.83 3.50 -1.36
C ILE C 20 -11.41 4.89 -1.55
N MET C 21 -11.95 5.19 -2.73
CA MET C 21 -12.59 6.46 -2.99
C MET C 21 -14.11 6.38 -3.04
N GLU C 22 -14.70 5.20 -2.95
CA GLU C 22 -16.13 5.04 -3.14
C GLU C 22 -16.62 3.79 -2.44
N LYS C 23 -17.77 3.90 -1.78
CA LYS C 23 -18.36 2.75 -1.11
C LYS C 23 -19.50 2.18 -1.95
N ASN C 24 -19.73 0.88 -1.77
CA ASN C 24 -20.89 0.18 -2.32
C ASN C 24 -21.00 0.36 -3.84
N VAL C 25 -19.90 0.11 -4.53
CA VAL C 25 -19.87 0.10 -5.99
C VAL C 25 -20.43 -1.22 -6.47
N THR C 26 -21.44 -1.18 -7.34
CA THR C 26 -22.01 -2.39 -7.89
C THR C 26 -21.25 -2.84 -9.13
N VAL C 27 -20.76 -4.07 -9.10
CA VAL C 27 -20.01 -4.64 -10.21
C VAL C 27 -20.81 -5.79 -10.81
N THR C 28 -20.23 -6.41 -11.83
CA THR C 28 -20.90 -7.53 -12.49
C THR C 28 -20.69 -8.83 -11.72
N HIS C 29 -19.45 -9.30 -11.65
CA HIS C 29 -19.14 -10.52 -10.93
C HIS C 29 -18.03 -10.22 -9.95
N ALA C 30 -18.19 -10.69 -8.72
CA ALA C 30 -17.18 -10.45 -7.70
C ALA C 30 -16.95 -11.74 -6.94
N GLN C 31 -15.78 -11.86 -6.34
CA GLN C 31 -15.35 -13.06 -5.64
C GLN C 31 -15.19 -12.72 -4.17
N ASP C 32 -15.99 -13.34 -3.33
CA ASP C 32 -15.76 -13.27 -1.90
C ASP C 32 -14.52 -14.08 -1.56
N ILE C 33 -13.75 -13.62 -0.59
CA ILE C 33 -12.55 -14.35 -0.19
C ILE C 33 -12.47 -14.52 1.32
N LEU C 34 -13.52 -14.16 2.05
CA LEU C 34 -13.49 -14.22 3.51
C LEU C 34 -14.48 -15.28 3.98
N GLU C 35 -14.01 -16.14 4.89
CA GLU C 35 -14.86 -17.21 5.41
C GLU C 35 -15.48 -16.78 6.73
N LYS C 36 -16.74 -17.17 6.94
CA LYS C 36 -17.49 -16.74 8.12
C LYS C 36 -18.32 -17.86 8.75
N THR C 37 -18.24 -19.08 8.24
CA THR C 37 -19.07 -20.16 8.71
C THR C 37 -18.21 -21.26 9.32
N HIS C 38 -18.68 -21.79 10.45
CA HIS C 38 -18.09 -22.97 11.07
C HIS C 38 -19.23 -23.91 11.44
N ASN C 39 -18.87 -25.15 11.75
CA ASN C 39 -19.89 -26.13 12.13
C ASN C 39 -20.09 -26.23 13.64
N GLY C 40 -19.14 -25.74 14.44
CA GLY C 40 -19.29 -25.77 15.88
C GLY C 40 -18.99 -27.09 16.53
N LYS C 41 -18.41 -28.03 15.81
CA LYS C 41 -18.10 -29.35 16.35
C LYS C 41 -16.60 -29.55 16.38
N LEU C 42 -16.10 -30.02 17.52
CA LEU C 42 -14.69 -30.37 17.66
C LEU C 42 -14.44 -31.64 16.88
N CYS C 43 -14.11 -31.49 15.61
CA CYS C 43 -13.98 -32.60 14.70
C CYS C 43 -12.52 -33.02 14.58
N ASP C 44 -12.31 -34.25 14.14
CA ASP C 44 -10.97 -34.82 14.09
C ASP C 44 -10.05 -33.97 13.22
N LEU C 45 -8.75 -34.20 13.38
CA LEU C 45 -7.73 -33.47 12.63
C LEU C 45 -6.86 -34.48 11.92
N ASP C 46 -6.95 -34.53 10.59
CA ASP C 46 -6.17 -35.44 9.77
C ASP C 46 -6.38 -36.89 10.21
N GLY C 47 -7.57 -37.17 10.70
CA GLY C 47 -7.94 -38.51 11.10
C GLY C 47 -7.59 -38.90 12.52
N VAL C 48 -6.54 -38.33 13.10
CA VAL C 48 -6.11 -38.70 14.44
C VAL C 48 -6.95 -37.92 15.44
N LYS C 49 -7.65 -38.65 16.30
CA LYS C 49 -8.61 -38.05 17.22
C LYS C 49 -7.88 -37.14 18.21
N PRO C 50 -8.50 -36.04 18.65
CA PRO C 50 -7.89 -35.23 19.70
C PRO C 50 -7.90 -35.96 21.03
N LEU C 51 -7.39 -35.27 22.04
CA LEU C 51 -7.53 -35.68 23.42
C LEU C 51 -8.42 -34.67 24.11
N ILE C 52 -9.72 -34.87 24.02
CA ILE C 52 -10.69 -33.96 24.60
C ILE C 52 -10.77 -34.29 26.08
N LEU C 53 -10.02 -33.56 26.89
CA LEU C 53 -10.18 -33.64 28.33
C LEU C 53 -11.58 -33.18 28.69
N ARG C 54 -12.40 -34.10 29.14
CA ARG C 54 -13.81 -33.77 29.38
C ARG C 54 -13.95 -32.76 30.50
N ASP C 55 -13.51 -33.12 31.70
CA ASP C 55 -13.65 -32.26 32.87
C ASP C 55 -12.36 -32.20 33.69
N CYS C 56 -11.26 -32.68 33.14
CA CYS C 56 -9.98 -32.66 33.84
C CYS C 56 -9.12 -31.52 33.32
N SER C 57 -8.30 -30.99 34.20
CA SER C 57 -7.22 -30.09 33.82
C SER C 57 -6.04 -30.94 33.36
N VAL C 58 -5.04 -30.28 32.79
CA VAL C 58 -3.84 -31.00 32.38
C VAL C 58 -3.15 -31.61 33.60
N ALA C 59 -3.07 -30.85 34.67
CA ALA C 59 -2.43 -31.34 35.88
C ALA C 59 -3.15 -32.56 36.43
N GLY C 60 -4.48 -32.53 36.45
CA GLY C 60 -5.22 -33.68 36.93
C GLY C 60 -4.96 -34.93 36.12
N TRP C 61 -5.00 -34.80 34.79
CA TRP C 61 -4.72 -35.94 33.93
C TRP C 61 -3.32 -36.50 34.21
N LEU C 62 -2.31 -35.63 34.21
CA LEU C 62 -0.94 -36.12 34.39
C LEU C 62 -0.76 -36.78 35.75
N LEU C 63 -1.26 -36.16 36.80
CA LEU C 63 -1.12 -36.74 38.14
C LEU C 63 -2.05 -37.92 38.36
N GLY C 64 -3.19 -37.97 37.67
CA GLY C 64 -4.09 -39.09 37.82
C GLY C 64 -5.16 -38.89 38.87
N ASN C 65 -5.90 -37.81 38.75
CA ASN C 65 -6.97 -37.50 39.69
C ASN C 65 -8.02 -38.61 39.68
N PRO C 66 -8.49 -39.07 40.84
CA PRO C 66 -9.44 -40.20 40.88
C PRO C 66 -10.69 -39.98 40.06
N MET C 67 -11.19 -38.75 39.97
CA MET C 67 -12.35 -38.49 39.11
C MET C 67 -11.98 -38.32 37.65
N CYS C 68 -10.80 -38.78 37.24
CA CYS C 68 -10.34 -38.63 35.87
C CYS C 68 -9.94 -39.97 35.25
N ASP C 69 -10.50 -41.06 35.77
CA ASP C 69 -10.11 -42.39 35.29
C ASP C 69 -10.45 -42.59 33.81
N GLU C 70 -11.12 -41.63 33.19
CA GLU C 70 -11.30 -41.69 31.74
C GLU C 70 -9.97 -41.73 31.02
N PHE C 71 -8.94 -41.13 31.60
CA PHE C 71 -7.66 -40.94 30.92
C PHE C 71 -6.54 -41.74 31.57
N ILE C 72 -6.83 -42.97 31.99
CA ILE C 72 -5.76 -43.84 32.47
C ILE C 72 -4.83 -44.22 31.31
N ASN C 73 -5.38 -44.41 30.13
CA ASN C 73 -4.62 -44.81 28.94
C ASN C 73 -5.15 -43.97 27.79
N VAL C 74 -4.27 -43.19 27.18
CA VAL C 74 -4.62 -42.30 26.08
C VAL C 74 -3.97 -42.81 24.80
N PRO C 75 -4.69 -42.89 23.70
CA PRO C 75 -4.02 -43.14 22.41
C PRO C 75 -3.42 -41.87 21.88
N GLU C 76 -2.63 -41.95 20.80
CA GLU C 76 -2.06 -40.75 20.22
C GLU C 76 -3.16 -39.74 19.90
N TRP C 77 -2.81 -38.46 20.01
CA TRP C 77 -3.76 -37.38 19.76
C TRP C 77 -3.20 -36.41 18.72
N SER C 78 -3.98 -35.37 18.45
CA SER C 78 -3.59 -34.31 17.52
C SER C 78 -3.54 -32.95 18.21
N TYR C 79 -4.42 -32.73 19.17
CA TYR C 79 -4.43 -31.51 19.96
C TYR C 79 -5.23 -31.75 21.22
N ILE C 80 -4.77 -31.16 22.31
CA ILE C 80 -5.39 -31.30 23.62
C ILE C 80 -6.42 -30.20 23.77
N VAL C 81 -7.60 -30.55 24.26
CA VAL C 81 -8.69 -29.60 24.48
C VAL C 81 -9.12 -29.69 25.93
N GLU C 82 -9.14 -28.57 26.62
CA GLU C 82 -9.63 -28.52 27.99
C GLU C 82 -10.54 -27.32 28.17
N LYS C 83 -11.45 -27.44 29.13
CA LYS C 83 -12.39 -26.36 29.40
C LYS C 83 -11.65 -25.12 29.89
N ALA C 84 -12.36 -24.00 29.88
CA ALA C 84 -11.76 -22.75 30.33
C ALA C 84 -11.38 -22.83 31.80
N ASN C 85 -12.27 -23.36 32.63
CA ASN C 85 -12.05 -23.45 34.07
C ASN C 85 -12.47 -24.84 34.52
N PRO C 86 -11.56 -25.82 34.46
CA PRO C 86 -11.92 -27.18 34.86
C PRO C 86 -12.35 -27.24 36.31
N THR C 87 -13.14 -28.28 36.63
CA THR C 87 -13.58 -28.48 38.01
C THR C 87 -12.80 -29.60 38.69
N ASN C 88 -12.45 -30.65 37.94
CA ASN C 88 -11.54 -31.67 38.43
C ASN C 88 -10.12 -31.16 38.22
N ASP C 89 -9.47 -30.84 39.33
CA ASP C 89 -8.17 -30.16 39.35
C ASP C 89 -7.37 -30.85 40.43
N LEU C 90 -6.35 -30.20 40.97
CA LEU C 90 -5.59 -30.79 42.06
C LEU C 90 -6.57 -30.89 43.22
N CYS C 91 -7.24 -32.05 43.33
CA CYS C 91 -8.33 -32.21 44.27
C CYS C 91 -7.88 -31.93 45.69
N TYR C 92 -6.78 -32.53 46.10
CA TYR C 92 -6.07 -32.06 47.27
C TYR C 92 -5.40 -30.75 46.89
N PRO C 93 -5.60 -29.67 47.64
CA PRO C 93 -5.16 -28.35 47.17
C PRO C 93 -3.64 -28.27 47.09
N GLY C 94 -3.17 -27.14 46.61
CA GLY C 94 -1.75 -26.90 46.50
C GLY C 94 -1.44 -26.17 45.22
N SER C 95 -0.28 -26.48 44.65
CA SER C 95 0.16 -25.86 43.42
C SER C 95 0.97 -26.86 42.62
N PHE C 96 1.30 -26.46 41.40
CA PHE C 96 2.06 -27.29 40.46
C PHE C 96 3.19 -26.43 39.94
N ASN C 97 4.39 -26.65 40.47
CA ASN C 97 5.50 -25.74 40.19
C ASN C 97 5.84 -25.74 38.71
N ASP C 98 5.89 -24.53 38.14
CA ASP C 98 6.10 -24.34 36.70
C ASP C 98 5.04 -25.10 35.91
N TYR C 99 3.80 -24.91 36.31
CA TYR C 99 2.67 -25.53 35.62
C TYR C 99 2.64 -25.14 34.14
N GLU C 100 2.73 -23.84 33.88
CA GLU C 100 2.56 -23.36 32.51
C GLU C 100 3.69 -23.82 31.61
N GLU C 101 4.90 -23.98 32.15
CA GLU C 101 5.98 -24.51 31.34
C GLU C 101 5.72 -25.96 30.95
N LEU C 102 5.11 -26.74 31.84
CA LEU C 102 4.76 -28.10 31.47
C LEU C 102 3.63 -28.11 30.45
N LYS C 103 2.72 -27.14 30.54
CA LYS C 103 1.73 -26.99 29.49
C LYS C 103 2.40 -26.71 28.15
N HIS C 104 3.39 -25.84 28.14
CA HIS C 104 4.12 -25.55 26.91
C HIS C 104 4.78 -26.81 26.36
N LEU C 105 5.37 -27.61 27.25
CA LEU C 105 5.99 -28.85 26.78
C LEU C 105 4.96 -29.80 26.21
N LEU C 106 3.80 -29.92 26.88
CA LEU C 106 2.70 -30.70 26.33
C LEU C 106 2.30 -30.23 24.94
N SER C 107 2.40 -28.92 24.68
CA SER C 107 1.99 -28.40 23.37
C SER C 107 2.86 -28.92 22.25
N ARG C 108 3.89 -29.72 22.55
CA ARG C 108 4.79 -30.26 21.53
C ARG C 108 4.84 -31.78 21.55
N ILE C 109 4.04 -32.43 22.39
CA ILE C 109 4.03 -33.88 22.50
C ILE C 109 2.72 -34.39 21.93
N ASN C 110 2.74 -35.63 21.44
CA ASN C 110 1.53 -36.26 20.93
C ASN C 110 1.25 -37.63 21.53
N HIS C 111 2.22 -38.25 22.20
CA HIS C 111 2.05 -39.61 22.67
C HIS C 111 2.82 -39.83 23.96
N PHE C 112 2.10 -40.16 25.03
CA PHE C 112 2.70 -40.54 26.31
C PHE C 112 2.56 -42.03 26.52
N GLU C 113 3.62 -42.65 27.04
CA GLU C 113 3.58 -44.06 27.41
C GLU C 113 3.82 -44.18 28.91
N LYS C 114 2.76 -44.43 29.67
CA LYS C 114 2.87 -44.47 31.11
C LYS C 114 3.50 -45.78 31.56
N ILE C 115 4.66 -45.69 32.21
CA ILE C 115 5.39 -46.86 32.67
C ILE C 115 5.66 -46.73 34.17
N GLN C 116 5.77 -47.87 34.83
CA GLN C 116 5.92 -47.93 36.28
C GLN C 116 7.41 -47.92 36.62
N ILE C 117 7.95 -46.73 36.91
CA ILE C 117 9.35 -46.66 37.25
C ILE C 117 9.61 -47.20 38.65
N ILE C 118 8.81 -46.82 39.64
CA ILE C 118 9.01 -47.27 41.01
C ILE C 118 7.71 -47.87 41.51
N PRO C 119 7.67 -49.18 41.74
CA PRO C 119 6.39 -49.83 42.03
C PRO C 119 5.98 -49.61 43.48
N LYS C 120 4.66 -49.43 43.69
CA LYS C 120 4.14 -49.36 45.04
C LYS C 120 4.46 -50.62 45.84
N SER C 121 4.76 -51.72 45.15
CA SER C 121 5.20 -52.93 45.79
C SER C 121 6.66 -52.86 46.24
N SER C 122 7.34 -51.74 46.01
CA SER C 122 8.73 -51.62 46.43
C SER C 122 8.89 -50.84 47.73
N TRP C 123 7.80 -50.31 48.29
CA TRP C 123 7.86 -49.60 49.55
C TRP C 123 7.45 -50.57 50.65
N SER C 124 8.45 -51.12 51.34
CA SER C 124 8.21 -52.07 52.42
C SER C 124 8.54 -51.48 53.78
N ASP C 125 9.55 -50.62 53.84
CA ASP C 125 9.95 -49.97 55.08
C ASP C 125 9.13 -48.71 55.34
N HIS C 126 8.06 -48.50 54.58
CA HIS C 126 7.19 -47.34 54.73
C HIS C 126 5.77 -47.77 54.39
N GLU C 127 4.80 -47.05 54.91
CA GLU C 127 3.40 -47.36 54.67
C GLU C 127 2.97 -46.77 53.34
N ALA C 128 2.77 -47.64 52.35
CA ALA C 128 2.44 -47.19 51.01
C ALA C 128 1.06 -47.62 50.54
N SER C 129 0.09 -47.75 51.44
CA SER C 129 -1.27 -48.08 51.06
C SER C 129 -2.29 -47.33 51.91
N SER C 130 -1.83 -46.47 52.81
CA SER C 130 -2.71 -45.69 53.65
C SER C 130 -2.65 -44.20 53.35
N GLY C 131 -1.95 -43.80 52.30
CA GLY C 131 -1.82 -42.40 51.99
C GLY C 131 -2.98 -41.88 51.18
N VAL C 132 -4.19 -41.99 51.73
CA VAL C 132 -5.39 -41.53 51.06
C VAL C 132 -5.82 -40.22 51.69
N SER C 133 -6.75 -39.55 51.04
CA SER C 133 -7.31 -38.32 51.55
C SER C 133 -8.80 -38.27 51.27
N SER C 134 -9.52 -37.58 52.14
CA SER C 134 -10.95 -37.37 51.98
C SER C 134 -11.29 -36.35 50.90
N ALA C 135 -10.29 -35.61 50.41
CA ALA C 135 -10.55 -34.54 49.45
C ALA C 135 -10.63 -35.03 48.03
N CYS C 136 -10.20 -36.26 47.75
CA CYS C 136 -10.24 -36.84 46.41
C CYS C 136 -11.05 -38.13 46.46
N PRO C 137 -12.36 -38.04 46.62
CA PRO C 137 -13.17 -39.24 46.80
C PRO C 137 -13.36 -40.00 45.50
N TYR C 138 -13.13 -41.31 45.57
CA TYR C 138 -13.47 -42.23 44.50
C TYR C 138 -14.50 -43.21 45.01
N LEU C 139 -15.65 -43.27 44.36
CA LEU C 139 -16.79 -44.05 44.83
C LEU C 139 -17.17 -43.66 46.25
N GLY C 140 -17.05 -42.35 46.53
CA GLY C 140 -17.41 -41.84 47.83
C GLY C 140 -16.56 -42.33 48.98
N SER C 141 -15.35 -42.83 48.69
CA SER C 141 -14.44 -43.30 49.72
C SER C 141 -13.11 -42.56 49.58
N PRO C 142 -12.47 -42.22 50.68
CA PRO C 142 -11.19 -41.50 50.61
C PRO C 142 -10.19 -42.24 49.74
N SER C 143 -9.44 -41.47 48.95
CA SER C 143 -8.43 -42.03 48.05
C SER C 143 -7.47 -40.91 47.68
N PHE C 144 -6.60 -41.16 46.71
CA PHE C 144 -5.53 -40.23 46.38
C PHE C 144 -5.25 -40.30 44.89
N PHE C 145 -4.28 -39.49 44.46
CA PHE C 145 -3.86 -39.49 43.07
C PHE C 145 -3.43 -40.89 42.65
N ARG C 146 -3.61 -41.20 41.37
CA ARG C 146 -3.31 -42.54 40.90
C ARG C 146 -1.84 -42.72 40.57
N ASN C 147 -1.16 -41.69 40.09
CA ASN C 147 0.20 -41.83 39.58
C ASN C 147 1.28 -41.52 40.61
N VAL C 148 0.92 -41.11 41.82
CA VAL C 148 1.89 -40.82 42.87
C VAL C 148 1.39 -41.42 44.18
N VAL C 149 2.35 -41.81 45.03
CA VAL C 149 2.07 -42.53 46.26
C VAL C 149 2.41 -41.62 47.43
N TRP C 150 1.51 -41.54 48.41
CA TRP C 150 1.68 -40.70 49.58
C TRP C 150 2.28 -41.54 50.69
N LEU C 151 3.61 -41.57 50.75
CA LEU C 151 4.28 -42.31 51.79
C LEU C 151 4.03 -41.68 53.15
N ILE C 152 3.77 -42.53 54.14
CA ILE C 152 3.61 -42.09 55.53
C ILE C 152 4.42 -43.03 56.41
N LYS C 153 4.50 -42.68 57.69
CA LYS C 153 5.29 -43.47 58.62
C LYS C 153 4.69 -44.86 58.82
N LYS C 154 5.54 -45.80 59.16
CA LYS C 154 5.14 -47.18 59.43
C LYS C 154 5.77 -47.64 60.73
N ASN C 155 4.93 -48.00 61.70
CA ASN C 155 5.36 -48.39 63.04
C ASN C 155 6.11 -47.26 63.72
N SER C 156 5.69 -46.03 63.43
CA SER C 156 6.26 -44.82 64.01
C SER C 156 7.76 -44.72 63.76
N THR C 157 8.18 -44.95 62.52
CA THR C 157 9.59 -44.88 62.14
C THR C 157 9.67 -44.68 60.64
N TYR C 158 10.52 -43.75 60.22
CA TYR C 158 10.60 -43.30 58.84
C TYR C 158 12.06 -43.19 58.41
N PRO C 159 12.74 -44.31 58.24
CA PRO C 159 14.14 -44.26 57.79
C PRO C 159 14.24 -43.69 56.39
N THR C 160 15.27 -42.84 56.20
CA THR C 160 15.41 -42.04 55.00
C THR C 160 15.22 -42.88 53.74
N ILE C 161 14.51 -42.32 52.77
CA ILE C 161 14.36 -42.94 51.46
C ILE C 161 15.54 -42.53 50.60
N LYS C 162 16.33 -43.51 50.17
CA LYS C 162 17.38 -43.31 49.19
C LYS C 162 17.00 -44.10 47.95
N LYS C 163 16.20 -43.48 47.08
CA LYS C 163 15.70 -44.17 45.90
C LYS C 163 16.37 -43.59 44.67
N SER C 164 16.36 -44.34 43.59
CA SER C 164 17.06 -43.94 42.38
C SER C 164 16.50 -44.71 41.20
N TYR C 165 16.59 -44.11 40.02
CA TYR C 165 16.08 -44.73 38.80
C TYR C 165 16.95 -44.31 37.64
N ASN C 166 17.36 -45.28 36.84
CA ASN C 166 18.22 -45.05 35.68
C ASN C 166 17.36 -45.15 34.43
N ASN C 167 17.22 -44.03 33.71
CA ASN C 167 16.34 -43.97 32.55
C ASN C 167 16.92 -44.77 31.40
N THR C 168 16.48 -46.01 31.25
CA THR C 168 17.12 -46.95 30.33
C THR C 168 16.54 -46.93 28.93
N ASN C 169 15.42 -46.26 28.71
CA ASN C 169 14.82 -46.25 27.39
C ASN C 169 15.66 -45.42 26.43
N GLN C 170 15.19 -45.34 25.18
CA GLN C 170 15.87 -44.57 24.14
C GLN C 170 15.32 -43.16 24.01
N GLU C 171 14.45 -42.74 24.91
CA GLU C 171 13.75 -41.47 24.84
C GLU C 171 13.83 -40.74 26.18
N ASP C 172 13.06 -39.65 26.28
CA ASP C 172 13.00 -38.91 27.53
C ASP C 172 11.86 -39.41 28.39
N LEU C 173 11.83 -38.97 29.65
CA LEU C 173 10.85 -39.45 30.61
C LEU C 173 10.35 -38.28 31.44
N LEU C 174 9.04 -38.16 31.60
CA LEU C 174 8.47 -37.09 32.39
C LEU C 174 8.16 -37.61 33.79
N VAL C 175 8.96 -37.20 34.77
CA VAL C 175 8.86 -37.69 36.14
C VAL C 175 8.21 -36.63 37.01
N LEU C 176 7.18 -37.03 37.74
CA LEU C 176 6.45 -36.16 38.64
C LEU C 176 6.69 -36.60 40.09
N TRP C 177 6.88 -35.63 40.98
CA TRP C 177 6.90 -35.94 42.40
C TRP C 177 6.29 -34.76 43.14
N GLY C 178 6.34 -34.79 44.47
CA GLY C 178 5.76 -33.71 45.23
C GLY C 178 6.28 -33.63 46.65
N ILE C 179 5.74 -32.67 47.38
CA ILE C 179 6.03 -32.47 48.80
C ILE C 179 4.74 -32.06 49.50
N HIS C 180 4.55 -32.56 50.71
CA HIS C 180 3.34 -32.31 51.49
C HIS C 180 3.67 -31.33 52.60
N HIS C 181 2.91 -30.25 52.70
CA HIS C 181 3.05 -29.27 53.76
C HIS C 181 1.90 -29.44 54.73
N PRO C 182 2.13 -29.93 55.93
CA PRO C 182 1.06 -29.97 56.94
C PRO C 182 0.71 -28.57 57.41
N ASN C 183 -0.13 -28.51 58.43
CA ASN C 183 -0.53 -27.22 58.98
C ASN C 183 -0.11 -27.02 60.44
N ASP C 184 0.52 -28.02 61.06
CA ASP C 184 1.06 -27.86 62.40
C ASP C 184 1.95 -29.06 62.70
N ALA C 185 2.94 -28.83 63.57
CA ALA C 185 3.91 -29.88 63.87
C ALA C 185 3.25 -31.12 64.47
N ALA C 186 2.05 -30.95 65.04
CA ALA C 186 1.30 -32.12 65.50
C ALA C 186 0.97 -33.05 64.34
N GLU C 187 0.50 -32.47 63.22
CA GLU C 187 0.24 -33.28 62.04
C GLU C 187 1.54 -33.83 61.47
N GLN C 188 2.63 -33.10 61.62
CA GLN C 188 3.93 -33.65 61.23
C GLN C 188 4.22 -34.93 61.97
N THR C 189 4.21 -34.88 63.31
CA THR C 189 4.49 -36.08 64.09
C THR C 189 3.50 -37.19 63.79
N ARG C 190 2.21 -36.84 63.64
CA ARG C 190 1.21 -37.86 63.33
C ARG C 190 1.47 -38.51 61.98
N LEU C 191 2.08 -37.77 61.05
CA LEU C 191 2.31 -38.29 59.71
C LEU C 191 3.78 -38.67 59.48
N TYR C 192 4.70 -38.12 60.28
CA TYR C 192 6.13 -38.33 60.08
C TYR C 192 6.81 -38.17 61.44
N GLN C 193 7.56 -39.18 61.86
CA GLN C 193 8.23 -39.09 63.15
C GLN C 193 9.32 -38.03 63.13
N ASN C 194 9.92 -37.81 61.98
CA ASN C 194 11.01 -36.84 61.89
C ASN C 194 10.45 -35.42 61.88
N PRO C 195 10.82 -34.58 62.84
CA PRO C 195 10.14 -33.29 62.99
C PRO C 195 10.67 -32.20 62.07
N THR C 196 11.84 -32.41 61.47
CA THR C 196 12.37 -31.50 60.46
C THR C 196 12.89 -32.36 59.31
N THR C 197 12.37 -32.12 58.11
CA THR C 197 12.54 -33.03 57.00
C THR C 197 13.00 -32.27 55.76
N TYR C 198 13.11 -33.01 54.66
CA TYR C 198 13.63 -32.47 53.41
C TYR C 198 13.48 -33.50 52.32
N ILE C 199 13.54 -33.04 51.06
CA ILE C 199 13.58 -33.91 49.89
C ILE C 199 14.68 -33.42 48.98
N SER C 200 15.70 -34.24 48.76
CA SER C 200 16.81 -33.90 47.89
C SER C 200 16.71 -34.69 46.60
N ILE C 201 16.59 -33.99 45.50
CA ILE C 201 16.43 -34.59 44.18
C ILE C 201 17.61 -34.17 43.32
N GLY C 202 18.17 -35.12 42.58
CA GLY C 202 19.30 -34.81 41.74
C GLY C 202 19.34 -35.58 40.44
N THR C 203 19.78 -34.92 39.38
CA THR C 203 19.97 -35.55 38.08
C THR C 203 21.23 -35.01 37.45
N SER C 204 21.38 -35.19 36.14
CA SER C 204 22.49 -34.57 35.43
C SER C 204 22.35 -33.05 35.39
N THR C 205 21.16 -32.53 35.62
CA THR C 205 20.94 -31.09 35.66
C THR C 205 20.25 -30.62 36.93
N LEU C 206 19.27 -31.34 37.44
CA LEU C 206 18.51 -30.90 38.60
C LEU C 206 19.36 -30.98 39.85
N ASN C 207 19.06 -30.10 40.80
CA ASN C 207 19.70 -30.02 42.09
C ASN C 207 18.69 -29.27 42.96
N GLN C 208 17.94 -30.02 43.76
CA GLN C 208 16.77 -29.44 44.38
C GLN C 208 16.54 -30.01 45.77
N ARG C 209 16.63 -29.16 46.78
CA ARG C 209 16.42 -29.57 48.16
C ARG C 209 15.23 -28.82 48.72
N LEU C 210 14.11 -29.51 48.85
CA LEU C 210 12.87 -28.94 49.35
C LEU C 210 12.77 -29.15 50.85
N VAL C 211 12.13 -28.20 51.52
CA VAL C 211 11.80 -28.29 52.94
C VAL C 211 10.32 -27.92 53.07
N PRO C 212 9.55 -28.62 53.90
CA PRO C 212 8.14 -28.27 54.06
C PRO C 212 7.94 -26.98 54.83
N LYS C 213 6.92 -26.23 54.42
CA LYS C 213 6.53 -24.99 55.06
C LYS C 213 5.31 -25.27 55.92
N ILE C 214 5.49 -25.34 57.22
CA ILE C 214 4.39 -25.55 58.15
C ILE C 214 3.79 -24.19 58.47
N ALA C 215 2.50 -24.04 58.23
CA ALA C 215 1.82 -22.78 58.47
C ALA C 215 0.34 -23.06 58.70
N THR C 216 -0.33 -22.11 59.34
CA THR C 216 -1.77 -22.18 59.48
C THR C 216 -2.41 -21.43 58.33
N ARG C 217 -3.45 -22.01 57.73
CA ARG C 217 -4.04 -21.45 56.54
C ARG C 217 -5.46 -21.93 56.38
N SER C 218 -6.18 -21.30 55.46
CA SER C 218 -7.58 -21.60 55.26
C SER C 218 -7.78 -23.05 54.84
N LYS C 219 -9.00 -23.54 55.02
CA LYS C 219 -9.35 -24.89 54.59
C LYS C 219 -9.92 -24.84 53.17
N VAL C 220 -9.29 -25.56 52.26
CA VAL C 220 -9.81 -25.74 50.91
C VAL C 220 -10.20 -27.20 50.78
N ASN C 221 -11.44 -27.45 50.36
CA ASN C 221 -12.03 -28.79 50.40
C ASN C 221 -11.92 -29.39 51.80
N GLY C 222 -12.05 -28.53 52.81
CA GLY C 222 -11.93 -28.95 54.18
C GLY C 222 -10.55 -29.43 54.59
N GLN C 223 -9.56 -29.32 53.72
CA GLN C 223 -8.21 -29.75 54.00
C GLN C 223 -7.29 -28.53 53.97
N SER C 224 -6.56 -28.31 55.06
CA SER C 224 -5.67 -27.16 55.14
C SER C 224 -4.29 -27.44 54.58
N GLY C 225 -3.78 -28.65 54.73
CA GLY C 225 -2.46 -28.97 54.21
C GLY C 225 -2.40 -28.81 52.70
N ARG C 226 -1.21 -28.53 52.21
CA ARG C 226 -1.04 -28.23 50.79
C ARG C 226 0.04 -29.11 50.19
N MET C 227 -0.26 -29.71 49.04
CA MET C 227 0.71 -30.52 48.32
C MET C 227 1.22 -29.71 47.13
N GLU C 228 2.53 -29.68 46.97
CA GLU C 228 3.16 -28.97 45.87
C GLU C 228 3.95 -29.97 45.04
N PHE C 229 3.58 -30.09 43.77
CA PHE C 229 4.17 -31.09 42.89
C PHE C 229 5.16 -30.46 41.94
N PHE C 230 6.28 -31.13 41.74
CA PHE C 230 7.33 -30.72 40.82
C PHE C 230 7.45 -31.77 39.72
N TRP C 231 8.12 -31.37 38.65
CA TRP C 231 8.25 -32.23 37.48
C TRP C 231 9.61 -32.00 36.84
N THR C 232 10.10 -33.04 36.16
CA THR C 232 11.31 -32.88 35.37
C THR C 232 11.27 -33.88 34.23
N ILE C 233 12.24 -33.77 33.33
CA ILE C 233 12.35 -34.65 32.18
C ILE C 233 13.74 -35.25 32.17
N LEU C 234 13.80 -36.56 32.38
CA LEU C 234 15.05 -37.30 32.33
C LEU C 234 15.43 -37.56 30.87
N LYS C 235 16.70 -37.33 30.56
CA LYS C 235 17.21 -37.62 29.23
C LYS C 235 17.50 -39.12 29.11
N PRO C 236 17.67 -39.63 27.90
CA PRO C 236 18.06 -41.04 27.75
C PRO C 236 19.39 -41.32 28.42
N ASN C 237 19.55 -42.52 28.95
CA ASN C 237 20.77 -43.03 29.55
C ASN C 237 21.16 -42.26 30.80
N ASP C 238 20.26 -41.47 31.38
CA ASP C 238 20.56 -40.72 32.58
C ASP C 238 19.82 -41.29 33.78
N ALA C 239 20.04 -40.72 34.95
CA ALA C 239 19.44 -41.22 36.17
C ALA C 239 18.94 -40.08 37.06
N ILE C 240 17.97 -40.40 37.90
CA ILE C 240 17.42 -39.49 38.89
C ILE C 240 17.60 -40.12 40.27
N ASN C 241 17.87 -39.30 41.26
CA ASN C 241 18.13 -39.77 42.61
C ASN C 241 17.31 -38.96 43.61
N PHE C 242 16.37 -39.62 44.27
CA PHE C 242 15.61 -39.05 45.37
C PHE C 242 16.24 -39.47 46.68
N GLU C 243 16.20 -38.57 47.66
CA GLU C 243 16.51 -38.89 49.04
C GLU C 243 15.59 -38.04 49.90
N SER C 244 15.18 -38.56 51.05
CA SER C 244 14.31 -37.80 51.92
C SER C 244 14.24 -38.46 53.29
N ASN C 245 13.59 -37.77 54.23
CA ASN C 245 13.21 -38.38 55.50
C ASN C 245 11.83 -37.95 55.94
N GLY C 246 11.01 -37.47 55.02
CA GLY C 246 9.66 -37.08 55.34
C GLY C 246 9.04 -36.25 54.25
N ASN C 247 7.71 -36.19 54.27
CA ASN C 247 6.90 -35.39 53.36
C ASN C 247 7.17 -35.72 51.90
N PHE C 248 7.32 -36.99 51.55
CA PHE C 248 7.68 -37.36 50.19
C PHE C 248 6.47 -37.96 49.48
N ILE C 249 5.93 -37.23 48.50
CA ILE C 249 4.89 -37.74 47.64
C ILE C 249 5.61 -38.42 46.47
N ALA C 250 5.96 -39.67 46.64
CA ALA C 250 6.88 -40.30 45.72
C ALA C 250 6.21 -40.65 44.41
N PRO C 251 6.97 -40.71 43.31
CA PRO C 251 6.39 -41.12 42.04
C PRO C 251 6.12 -42.60 42.02
N GLU C 252 4.99 -42.98 41.41
CA GLU C 252 4.67 -44.38 41.24
C GLU C 252 4.66 -44.71 39.75
N TYR C 253 4.50 -43.69 38.91
CA TYR C 253 4.47 -43.85 37.46
C TYR C 253 5.19 -42.68 36.82
N ALA C 254 5.59 -42.85 35.56
CA ALA C 254 6.20 -41.80 34.76
C ALA C 254 5.74 -41.95 33.32
N TYR C 255 6.13 -41.02 32.48
CA TYR C 255 5.64 -40.95 31.10
C TYR C 255 6.82 -40.91 30.14
N LYS C 256 6.92 -41.94 29.29
CA LYS C 256 7.86 -41.90 28.18
C LYS C 256 7.31 -41.01 27.09
N ILE C 257 8.15 -40.12 26.58
CA ILE C 257 7.79 -39.21 25.49
C ILE C 257 8.19 -39.94 24.21
N VAL C 258 7.21 -40.63 23.61
CA VAL C 258 7.49 -41.53 22.50
C VAL C 258 7.28 -40.87 21.14
N LYS C 259 6.59 -39.73 21.07
CA LYS C 259 6.26 -39.12 19.80
C LYS C 259 6.09 -37.63 19.98
N LYS C 260 7.09 -36.84 19.60
CA LYS C 260 6.95 -35.40 19.51
C LYS C 260 6.05 -35.05 18.33
N GLY C 261 5.86 -33.76 18.10
CA GLY C 261 5.10 -33.32 16.96
C GLY C 261 4.75 -31.86 17.03
N ASP C 262 3.69 -31.50 16.29
CA ASP C 262 3.12 -30.17 16.34
C ASP C 262 1.70 -30.24 16.89
N SER C 263 1.45 -29.49 17.96
CA SER C 263 0.22 -29.64 18.73
C SER C 263 -0.18 -28.28 19.28
N ALA C 264 -1.10 -28.30 20.25
CA ALA C 264 -1.59 -27.09 20.88
C ALA C 264 -2.47 -27.50 22.06
N ILE C 265 -2.82 -26.51 22.87
CA ILE C 265 -3.78 -26.67 23.94
C ILE C 265 -4.90 -25.67 23.70
N MET C 266 -6.13 -26.15 23.59
CA MET C 266 -7.26 -25.31 23.25
C MET C 266 -8.22 -25.21 24.42
N LYS C 267 -8.44 -23.98 24.88
CA LYS C 267 -9.41 -23.68 25.91
C LYS C 267 -10.78 -23.58 25.24
N SER C 268 -11.54 -24.65 25.27
CA SER C 268 -12.82 -24.72 24.59
C SER C 268 -13.79 -25.51 25.45
N GLU C 269 -15.07 -25.39 25.11
CA GLU C 269 -16.11 -26.06 25.88
C GLU C 269 -16.85 -27.13 25.12
N LEU C 270 -16.62 -27.24 23.81
CA LEU C 270 -17.43 -28.09 22.97
C LEU C 270 -17.17 -29.57 23.25
N GLU C 271 -18.00 -30.42 22.68
CA GLU C 271 -17.90 -31.86 22.79
C GLU C 271 -17.44 -32.43 21.45
N TYR C 272 -17.23 -33.74 21.41
CA TYR C 272 -16.56 -34.37 20.29
C TYR C 272 -17.57 -35.03 19.35
N GLY C 273 -17.91 -34.35 18.26
CA GLY C 273 -18.62 -35.00 17.16
C GLY C 273 -17.65 -35.77 16.28
N ASN C 274 -18.15 -36.85 15.67
CA ASN C 274 -17.32 -37.74 14.88
C ASN C 274 -17.18 -37.19 13.45
N CYS C 275 -16.21 -36.30 13.27
CA CYS C 275 -15.96 -35.68 11.98
C CYS C 275 -14.57 -36.06 11.49
N ASN C 276 -14.15 -35.38 10.42
CA ASN C 276 -12.74 -35.27 10.06
C ASN C 276 -12.55 -34.03 9.20
N THR C 277 -11.80 -33.07 9.72
CA THR C 277 -11.52 -31.83 9.00
C THR C 277 -10.02 -31.59 9.02
N LYS C 278 -9.58 -30.62 8.23
CA LYS C 278 -8.17 -30.25 8.15
C LYS C 278 -7.87 -28.91 8.82
N CYS C 279 -8.78 -28.39 9.63
CA CYS C 279 -8.47 -27.26 10.51
C CYS C 279 -9.46 -27.24 11.64
N GLN C 280 -9.05 -26.67 12.76
CA GLN C 280 -9.85 -26.68 13.97
C GLN C 280 -9.61 -25.42 14.78
N THR C 281 -10.71 -24.80 15.19
CA THR C 281 -10.73 -23.60 16.01
C THR C 281 -11.45 -23.93 17.31
N PRO C 282 -11.25 -23.16 18.39
CA PRO C 282 -11.90 -23.51 19.65
C PRO C 282 -13.40 -23.32 19.63
N MET C 283 -13.97 -22.92 18.50
CA MET C 283 -15.39 -22.74 18.36
C MET C 283 -15.93 -23.27 17.04
N GLY C 284 -15.34 -24.33 16.50
CA GLY C 284 -15.84 -24.94 15.29
C GLY C 284 -14.72 -25.31 14.36
N ALA C 285 -15.10 -25.98 13.28
CA ALA C 285 -14.16 -26.36 12.24
C ALA C 285 -14.45 -25.58 10.97
N ILE C 286 -13.43 -25.47 10.12
CA ILE C 286 -13.52 -24.71 8.89
C ILE C 286 -13.22 -25.63 7.72
N ASN C 287 -14.26 -26.09 7.05
CA ASN C 287 -14.15 -26.80 5.78
C ASN C 287 -14.35 -25.74 4.71
N SER C 288 -13.30 -24.98 4.42
CA SER C 288 -13.39 -23.85 3.51
C SER C 288 -12.11 -23.73 2.71
N SER C 289 -12.18 -22.97 1.62
CA SER C 289 -11.08 -22.82 0.69
C SER C 289 -10.59 -21.39 0.55
N MET C 290 -11.31 -20.42 1.12
CA MET C 290 -10.97 -19.03 0.95
C MET C 290 -9.59 -18.74 1.56
N PRO C 291 -8.94 -17.64 1.18
CA PRO C 291 -7.63 -17.35 1.75
C PRO C 291 -7.68 -16.74 3.14
N PHE C 292 -8.79 -16.10 3.50
CA PHE C 292 -8.93 -15.46 4.80
C PHE C 292 -10.14 -16.02 5.53
N HIS C 293 -10.28 -15.61 6.80
CA HIS C 293 -11.45 -15.94 7.59
C HIS C 293 -11.46 -15.07 8.84
N ASN C 294 -12.61 -15.08 9.54
CA ASN C 294 -12.76 -14.26 10.74
C ASN C 294 -13.49 -15.00 11.86
N ILE C 295 -13.16 -16.27 12.07
CA ILE C 295 -13.81 -17.04 13.12
C ILE C 295 -13.15 -16.77 14.47
N HIS C 296 -11.87 -17.11 14.60
CA HIS C 296 -11.18 -17.05 15.88
C HIS C 296 -9.69 -17.07 15.65
N PRO C 297 -8.92 -16.30 16.43
CA PRO C 297 -7.47 -16.24 16.19
C PRO C 297 -6.75 -17.58 16.28
N LEU C 298 -6.93 -18.31 17.38
CA LEU C 298 -6.18 -19.54 17.60
C LEU C 298 -6.77 -20.71 16.82
N THR C 299 -6.03 -21.23 15.83
CA THR C 299 -6.45 -22.39 15.07
C THR C 299 -5.37 -23.46 15.09
N ILE C 300 -5.63 -24.53 14.37
CA ILE C 300 -4.60 -25.50 14.02
C ILE C 300 -5.03 -26.26 12.77
N GLY C 301 -4.11 -26.41 11.83
CA GLY C 301 -4.37 -27.05 10.55
C GLY C 301 -3.81 -26.22 9.41
N GLU C 302 -4.20 -26.63 8.20
CA GLU C 302 -3.77 -25.92 6.99
C GLU C 302 -4.84 -24.90 6.61
N CYS C 303 -5.20 -24.03 7.55
CA CYS C 303 -6.38 -23.22 7.31
C CYS C 303 -6.03 -21.73 7.20
N PRO C 304 -6.97 -20.89 6.73
CA PRO C 304 -6.61 -19.54 6.32
C PRO C 304 -6.13 -18.67 7.47
N LYS C 305 -5.73 -17.46 7.10
CA LYS C 305 -5.19 -16.48 8.03
C LYS C 305 -6.33 -15.70 8.65
N TYR C 306 -6.23 -15.46 9.96
CA TYR C 306 -7.28 -14.73 10.65
C TYR C 306 -7.26 -13.25 10.27
N VAL C 307 -8.46 -12.67 10.20
CA VAL C 307 -8.64 -11.27 9.82
C VAL C 307 -9.80 -10.73 10.65
N LYS C 308 -9.68 -9.49 11.09
CA LYS C 308 -10.71 -8.88 11.93
C LYS C 308 -11.75 -8.12 11.12
N SER C 309 -11.99 -8.52 9.88
CA SER C 309 -12.91 -7.81 9.01
C SER C 309 -14.20 -8.60 8.84
N ASN C 310 -15.27 -7.88 8.53
CA ASN C 310 -16.57 -8.49 8.31
C ASN C 310 -16.89 -8.72 6.85
N ARG C 311 -16.09 -8.18 5.94
CA ARG C 311 -16.29 -8.39 4.51
C ARG C 311 -15.00 -8.16 3.74
N LEU C 312 -14.63 -9.13 2.90
CA LEU C 312 -13.50 -8.98 1.99
C LEU C 312 -13.95 -9.49 0.63
N VAL C 313 -14.52 -8.62 -0.19
CA VAL C 313 -14.97 -8.96 -1.52
C VAL C 313 -13.98 -8.36 -2.50
N LEU C 314 -13.63 -9.09 -3.53
CA LEU C 314 -12.72 -8.63 -4.57
C LEU C 314 -13.49 -8.49 -5.88
N ALA C 315 -13.24 -7.41 -6.60
CA ALA C 315 -13.98 -7.16 -7.83
C ALA C 315 -13.28 -7.81 -9.01
N THR C 316 -13.94 -8.78 -9.61
CA THR C 316 -13.44 -9.42 -10.82
C THR C 316 -14.04 -8.83 -12.09
N GLY C 317 -15.34 -8.59 -12.10
CA GLY C 317 -16.01 -8.00 -13.23
C GLY C 317 -15.70 -6.53 -13.37
N LEU C 318 -16.62 -5.82 -14.00
CA LEU C 318 -16.49 -4.39 -14.24
C LEU C 318 -17.76 -3.70 -13.79
N ARG C 319 -17.69 -2.37 -13.65
CA ARG C 319 -18.78 -1.62 -13.08
C ARG C 319 -20.08 -1.87 -13.86
N ASN C 320 -21.14 -2.15 -13.13
CA ASN C 320 -22.40 -2.61 -13.72
C ASN C 320 -23.16 -1.45 -14.37
N SER C 321 -24.09 -1.80 -15.27
CA SER C 321 -24.92 -0.82 -15.94
C SER C 321 -26.17 -1.49 -16.52
N GLY D 6 -15.56 5.98 -15.58
CA GLY D 6 -14.43 5.65 -14.71
C GLY D 6 -13.30 6.66 -14.80
N LEU D 7 -12.10 6.23 -14.39
CA LEU D 7 -10.96 7.14 -14.38
C LEU D 7 -10.54 7.53 -15.79
N PHE D 8 -10.90 6.72 -16.80
CA PHE D 8 -10.57 7.02 -18.17
C PHE D 8 -11.75 7.50 -18.97
N GLY D 9 -12.96 7.38 -18.44
CA GLY D 9 -14.13 8.00 -19.03
C GLY D 9 -14.92 7.15 -19.99
N ALA D 10 -14.59 5.87 -20.13
CA ALA D 10 -15.34 5.02 -21.06
C ALA D 10 -16.60 4.48 -20.40
N ILE D 11 -16.45 3.69 -19.35
CA ILE D 11 -17.60 3.07 -18.71
C ILE D 11 -18.42 4.12 -17.98
N ALA D 12 -19.73 4.08 -18.19
CA ALA D 12 -20.64 5.07 -17.61
C ALA D 12 -20.20 6.50 -17.97
N GLY D 13 -19.48 6.62 -19.07
CA GLY D 13 -18.98 7.88 -19.55
C GLY D 13 -19.39 8.15 -20.98
N PHE D 14 -18.42 8.32 -21.87
CA PHE D 14 -18.76 8.63 -23.26
C PHE D 14 -19.40 7.44 -23.94
N ILE D 15 -19.29 6.25 -23.36
CA ILE D 15 -20.19 5.15 -23.69
C ILE D 15 -21.19 5.02 -22.55
N GLU D 16 -22.47 4.99 -22.91
CA GLU D 16 -23.52 5.16 -21.91
C GLU D 16 -23.57 4.00 -20.91
N GLY D 17 -23.78 2.78 -21.41
CA GLY D 17 -23.90 1.62 -20.56
C GLY D 17 -23.51 0.35 -21.29
N GLY D 18 -23.52 -0.73 -20.54
CA GLY D 18 -23.08 -2.01 -21.05
C GLY D 18 -24.17 -2.79 -21.73
N TRP D 19 -23.76 -3.68 -22.63
CA TRP D 19 -24.67 -4.48 -23.43
C TRP D 19 -25.00 -5.76 -22.69
N GLN D 20 -26.29 -6.00 -22.47
CA GLN D 20 -26.72 -7.27 -21.92
C GLN D 20 -26.47 -8.40 -22.90
N GLY D 21 -26.31 -8.08 -24.19
CA GLY D 21 -26.26 -9.12 -25.20
C GLY D 21 -24.88 -9.69 -25.43
N MET D 22 -23.89 -9.20 -24.71
CA MET D 22 -22.55 -9.78 -24.78
C MET D 22 -22.35 -10.69 -23.58
N VAL D 23 -21.97 -11.94 -23.83
CA VAL D 23 -21.89 -12.91 -22.74
C VAL D 23 -20.52 -13.58 -22.73
N ASP D 24 -19.78 -13.45 -23.82
CA ASP D 24 -18.50 -14.15 -23.96
C ASP D 24 -17.31 -13.22 -23.99
N GLY D 25 -17.42 -12.04 -23.40
CA GLY D 25 -16.28 -11.15 -23.29
C GLY D 25 -16.68 -9.90 -22.55
N TRP D 26 -15.70 -9.29 -21.89
CA TRP D 26 -15.98 -8.06 -21.19
C TRP D 26 -16.04 -6.86 -22.11
N TYR D 27 -15.46 -6.97 -23.31
CA TYR D 27 -15.48 -5.90 -24.27
C TYR D 27 -15.84 -6.48 -25.62
N GLY D 28 -16.26 -5.63 -26.55
CA GLY D 28 -16.60 -6.14 -27.85
C GLY D 28 -17.17 -5.09 -28.77
N TYR D 29 -17.58 -5.58 -29.93
CA TYR D 29 -18.07 -4.78 -31.04
C TYR D 29 -19.52 -5.15 -31.30
N HIS D 30 -20.26 -4.25 -31.92
CA HIS D 30 -21.61 -4.54 -32.40
C HIS D 30 -21.78 -3.94 -33.77
N HIS D 31 -21.56 -4.74 -34.80
CA HIS D 31 -21.55 -4.25 -36.17
C HIS D 31 -22.92 -4.39 -36.79
N SER D 32 -23.27 -3.43 -37.63
CA SER D 32 -24.57 -3.41 -38.29
C SER D 32 -24.38 -2.96 -39.73
N ASN D 33 -24.51 -3.90 -40.67
CA ASN D 33 -24.45 -3.58 -42.08
C ASN D 33 -25.59 -4.30 -42.78
N GLU D 34 -25.57 -4.30 -44.11
CA GLU D 34 -26.62 -4.97 -44.86
C GLU D 34 -26.69 -6.45 -44.54
N GLN D 35 -25.56 -7.04 -44.14
CA GLN D 35 -25.54 -8.44 -43.76
C GLN D 35 -26.02 -8.68 -42.34
N GLY D 36 -26.68 -7.70 -41.73
CA GLY D 36 -27.30 -7.88 -40.44
C GLY D 36 -26.53 -7.16 -39.36
N SER D 37 -26.97 -7.37 -38.11
CA SER D 37 -26.26 -6.87 -36.95
C SER D 37 -25.75 -8.06 -36.16
N GLY D 38 -24.73 -7.80 -35.35
CA GLY D 38 -24.13 -8.87 -34.58
C GLY D 38 -23.11 -8.36 -33.61
N TYR D 39 -23.11 -8.98 -32.44
CA TYR D 39 -22.12 -8.73 -31.40
C TYR D 39 -20.93 -9.64 -31.63
N ALA D 40 -19.75 -9.15 -31.27
CA ALA D 40 -18.54 -9.96 -31.27
C ALA D 40 -17.69 -9.56 -30.08
N ALA D 41 -17.00 -10.52 -29.52
CA ALA D 41 -16.12 -10.26 -28.38
C ALA D 41 -14.70 -10.06 -28.86
N ASP D 42 -14.06 -8.98 -28.42
CA ASP D 42 -12.64 -8.81 -28.67
C ASP D 42 -11.92 -9.68 -27.68
N LYS D 43 -11.60 -10.91 -28.10
CA LYS D 43 -11.08 -11.89 -27.16
C LYS D 43 -9.74 -11.45 -26.58
N GLU D 44 -8.83 -10.93 -27.40
CA GLU D 44 -7.48 -10.65 -26.93
C GLU D 44 -7.48 -9.69 -25.73
N SER D 45 -8.27 -8.62 -25.82
CA SER D 45 -8.31 -7.68 -24.70
C SER D 45 -8.95 -8.30 -23.48
N THR D 46 -9.96 -9.15 -23.69
CA THR D 46 -10.58 -9.85 -22.57
C THR D 46 -9.59 -10.79 -21.91
N GLN D 47 -8.68 -11.36 -22.70
CA GLN D 47 -7.68 -12.25 -22.13
C GLN D 47 -6.64 -11.47 -21.34
N LYS D 48 -6.26 -10.30 -21.86
CA LYS D 48 -5.42 -9.43 -21.06
C LYS D 48 -6.06 -9.13 -19.72
N ALA D 49 -7.37 -8.82 -19.72
CA ALA D 49 -8.05 -8.51 -18.47
C ALA D 49 -8.17 -9.73 -17.57
N ILE D 50 -8.43 -10.90 -18.15
CA ILE D 50 -8.56 -12.11 -17.34
C ILE D 50 -7.24 -12.48 -16.71
N ASP D 51 -6.15 -12.37 -17.46
CA ASP D 51 -4.83 -12.56 -16.87
C ASP D 51 -4.57 -11.56 -15.76
N GLY D 52 -4.93 -10.29 -15.97
CA GLY D 52 -4.78 -9.31 -14.93
C GLY D 52 -5.45 -9.73 -13.65
N VAL D 53 -6.71 -10.14 -13.75
CA VAL D 53 -7.47 -10.47 -12.55
C VAL D 53 -6.96 -11.75 -11.91
N THR D 54 -6.62 -12.75 -12.72
CA THR D 54 -6.10 -14.00 -12.18
C THR D 54 -4.79 -13.78 -11.44
N ASN D 55 -3.87 -13.03 -12.04
CA ASN D 55 -2.63 -12.73 -11.36
C ASN D 55 -2.87 -11.90 -10.12
N LYS D 56 -3.90 -11.06 -10.12
CA LYS D 56 -4.20 -10.28 -8.92
C LYS D 56 -4.68 -11.18 -7.79
N VAL D 57 -5.55 -12.13 -8.10
CA VAL D 57 -6.05 -13.05 -7.08
C VAL D 57 -4.92 -13.91 -6.55
N ASN D 58 -4.08 -14.44 -7.45
CA ASN D 58 -2.93 -15.22 -7.02
C ASN D 58 -2.00 -14.39 -6.15
N SER D 59 -1.78 -13.13 -6.50
CA SER D 59 -0.95 -12.26 -5.69
C SER D 59 -1.54 -12.09 -4.31
N ILE D 60 -2.85 -11.86 -4.23
CA ILE D 60 -3.48 -11.67 -2.93
C ILE D 60 -3.34 -12.91 -2.07
N ILE D 61 -3.49 -14.09 -2.69
CA ILE D 61 -3.40 -15.33 -1.93
C ILE D 61 -1.98 -15.59 -1.46
N ASP D 62 -0.98 -15.34 -2.32
CA ASP D 62 0.37 -15.79 -2.02
C ASP D 62 1.23 -14.72 -1.35
N LYS D 63 0.82 -13.46 -1.37
CA LYS D 63 1.57 -12.40 -0.73
C LYS D 63 1.34 -12.36 0.78
N MET D 64 0.22 -12.90 1.25
CA MET D 64 -0.06 -13.01 2.66
C MET D 64 -0.17 -14.47 3.07
N ASN D 65 0.76 -15.29 2.60
CA ASN D 65 0.80 -16.70 2.96
C ASN D 65 1.72 -16.96 4.14
N THR D 66 2.37 -15.93 4.69
CA THR D 66 3.00 -16.00 6.01
C THR D 66 2.51 -14.78 6.79
N GLN D 67 1.32 -14.88 7.37
CA GLN D 67 0.76 -13.72 8.02
C GLN D 67 1.17 -13.58 9.48
N PHE D 68 0.53 -14.37 10.33
CA PHE D 68 0.87 -14.49 11.74
C PHE D 68 -0.05 -15.53 12.35
N GLU D 69 0.47 -16.42 13.18
CA GLU D 69 -0.37 -17.41 13.83
C GLU D 69 -0.27 -17.24 15.33
N ALA D 70 -1.37 -16.82 15.95
CA ALA D 70 -1.36 -16.55 17.38
C ALA D 70 -1.54 -17.84 18.15
N VAL D 71 -0.43 -18.40 18.64
CA VAL D 71 -0.47 -19.58 19.48
C VAL D 71 -0.68 -19.14 20.92
N GLY D 72 -1.41 -19.95 21.68
CA GLY D 72 -1.83 -19.59 23.02
C GLY D 72 -0.76 -19.96 24.03
N ARG D 73 -0.45 -19.01 24.90
CA ARG D 73 0.46 -19.21 26.01
C ARG D 73 -0.25 -18.90 27.31
N GLU D 74 -0.16 -19.82 28.26
CA GLU D 74 -0.83 -19.69 29.54
C GLU D 74 0.13 -19.15 30.58
N PHE D 75 -0.39 -18.31 31.46
CA PHE D 75 0.42 -17.66 32.48
C PHE D 75 -0.30 -17.74 33.81
N ASN D 76 0.45 -17.57 34.89
CA ASN D 76 -0.11 -17.65 36.22
C ASN D 76 -0.62 -16.28 36.66
N ASN D 77 -0.95 -16.17 37.95
CA ASN D 77 -1.56 -14.94 38.45
C ASN D 77 -0.54 -13.87 38.77
N LEU D 78 0.74 -14.23 38.91
CA LEU D 78 1.79 -13.27 39.22
C LEU D 78 2.66 -12.98 38.00
N GLU D 79 2.18 -13.33 36.82
CA GLU D 79 2.82 -12.98 35.57
C GLU D 79 1.88 -12.14 34.73
N ARG D 80 1.17 -11.21 35.39
CA ARG D 80 0.25 -10.33 34.69
C ARG D 80 0.98 -9.46 33.68
N ARG D 81 2.20 -9.03 33.99
CA ARG D 81 2.93 -8.15 33.08
C ARG D 81 3.29 -8.87 31.79
N ILE D 82 3.89 -10.05 31.91
CA ILE D 82 4.29 -10.77 30.70
C ILE D 82 3.06 -11.28 29.96
N GLU D 83 2.01 -11.64 30.68
CA GLU D 83 0.78 -12.04 30.01
C GLU D 83 0.19 -10.90 29.21
N ASN D 84 0.19 -9.69 29.77
CA ASN D 84 -0.34 -8.54 29.05
C ASN D 84 0.54 -8.19 27.87
N LEU D 85 1.85 -8.35 28.03
CA LEU D 85 2.76 -8.19 26.91
C LEU D 85 2.38 -9.11 25.76
N ASN D 86 2.25 -10.41 26.05
CA ASN D 86 1.83 -11.37 25.04
C ASN D 86 0.49 -10.99 24.43
N LYS D 87 -0.47 -10.64 25.28
CA LYS D 87 -1.82 -10.36 24.80
C LYS D 87 -1.84 -9.21 23.81
N LYS D 88 -1.23 -8.09 24.18
CA LYS D 88 -1.29 -6.93 23.31
C LYS D 88 -0.34 -7.08 22.13
N MET D 89 0.68 -7.93 22.25
CA MET D 89 1.51 -8.23 21.08
C MET D 89 0.70 -8.96 20.02
N GLU D 90 0.03 -10.05 20.41
CA GLU D 90 -0.80 -10.77 19.46
C GLU D 90 -1.91 -9.89 18.92
N ASP D 91 -2.53 -9.10 19.79
CA ASP D 91 -3.58 -8.19 19.34
C ASP D 91 -3.06 -7.22 18.29
N GLY D 92 -1.89 -6.63 18.51
CA GLY D 92 -1.34 -5.69 17.58
C GLY D 92 -0.97 -6.31 16.25
N PHE D 93 -0.40 -7.52 16.30
CA PHE D 93 -0.08 -8.19 15.05
C PHE D 93 -1.34 -8.50 14.25
N LEU D 94 -2.39 -8.97 14.92
CA LEU D 94 -3.61 -9.27 14.19
C LEU D 94 -4.24 -8.01 13.63
N ASP D 95 -4.16 -6.90 14.38
CA ASP D 95 -4.67 -5.64 13.87
C ASP D 95 -3.91 -5.18 12.63
N VAL D 96 -2.58 -5.27 12.66
CA VAL D 96 -1.81 -4.77 11.53
C VAL D 96 -2.02 -5.66 10.31
N TRP D 97 -2.24 -6.95 10.51
CA TRP D 97 -2.44 -7.80 9.35
C TRP D 97 -3.85 -7.64 8.78
N THR D 98 -4.84 -7.39 9.64
CA THR D 98 -6.16 -7.01 9.14
C THR D 98 -6.06 -5.74 8.32
N TYR D 99 -5.30 -4.76 8.81
CA TYR D 99 -5.11 -3.53 8.05
C TYR D 99 -4.53 -3.83 6.67
N ASN D 100 -3.49 -4.67 6.62
CA ASN D 100 -2.86 -4.97 5.34
C ASN D 100 -3.83 -5.64 4.39
N ALA D 101 -4.61 -6.61 4.88
CA ALA D 101 -5.57 -7.30 4.01
C ALA D 101 -6.61 -6.33 3.47
N GLU D 102 -7.11 -5.45 4.32
CA GLU D 102 -8.16 -4.52 3.88
C GLU D 102 -7.61 -3.53 2.86
N LEU D 103 -6.40 -3.01 3.10
CA LEU D 103 -5.82 -2.09 2.13
C LEU D 103 -5.57 -2.78 0.79
N LEU D 104 -5.06 -4.00 0.82
CA LEU D 104 -4.86 -4.69 -0.45
C LEU D 104 -6.18 -4.85 -1.18
N VAL D 105 -7.24 -5.23 -0.46
CA VAL D 105 -8.51 -5.47 -1.13
C VAL D 105 -9.03 -4.17 -1.74
N LEU D 106 -8.99 -3.08 -0.99
CA LEU D 106 -9.50 -1.80 -1.50
C LEU D 106 -8.71 -1.32 -2.70
N MET D 107 -7.39 -1.26 -2.57
CA MET D 107 -6.57 -0.73 -3.65
C MET D 107 -6.70 -1.60 -4.90
N GLU D 108 -6.85 -2.91 -4.72
CA GLU D 108 -7.01 -3.74 -5.91
C GLU D 108 -8.36 -3.55 -6.57
N ASN D 109 -9.43 -3.37 -5.80
CA ASN D 109 -10.71 -3.03 -6.41
C ASN D 109 -10.59 -1.77 -7.25
N GLU D 110 -9.94 -0.75 -6.69
CA GLU D 110 -9.73 0.49 -7.44
C GLU D 110 -9.00 0.23 -8.74
N ARG D 111 -7.82 -0.40 -8.65
CA ARG D 111 -6.99 -0.61 -9.83
C ARG D 111 -7.71 -1.47 -10.86
N THR D 112 -8.52 -2.43 -10.42
CA THR D 112 -9.18 -3.32 -11.36
C THR D 112 -10.30 -2.62 -12.12
N LEU D 113 -11.13 -1.84 -11.41
CA LEU D 113 -12.15 -1.08 -12.10
C LEU D 113 -11.52 -0.11 -13.09
N ASP D 114 -10.44 0.56 -12.69
CA ASP D 114 -9.78 1.47 -13.62
C ASP D 114 -9.10 0.72 -14.77
N PHE D 115 -8.63 -0.50 -14.54
CA PHE D 115 -8.07 -1.31 -15.63
C PHE D 115 -9.11 -1.63 -16.67
N HIS D 116 -10.31 -2.00 -16.24
CA HIS D 116 -11.37 -2.27 -17.19
C HIS D 116 -11.73 -1.01 -17.98
N ASP D 117 -11.80 0.14 -17.29
CA ASP D 117 -12.09 1.38 -17.99
C ASP D 117 -11.02 1.67 -19.04
N SER D 118 -9.76 1.48 -18.66
CA SER D 118 -8.65 1.66 -19.59
C SER D 118 -8.80 0.77 -20.80
N ASN D 119 -9.21 -0.48 -20.59
CA ASN D 119 -9.34 -1.40 -21.71
C ASN D 119 -10.42 -0.96 -22.69
N VAL D 120 -11.56 -0.49 -22.17
CA VAL D 120 -12.62 -0.03 -23.05
C VAL D 120 -12.16 1.18 -23.86
N LYS D 121 -11.52 2.15 -23.18
CA LYS D 121 -11.06 3.33 -23.89
C LYS D 121 -10.01 2.97 -24.93
N ASN D 122 -9.13 2.03 -24.60
CA ASN D 122 -8.09 1.63 -25.54
C ASN D 122 -8.68 0.92 -26.75
N LEU D 123 -9.75 0.16 -26.57
CA LEU D 123 -10.38 -0.48 -27.71
C LEU D 123 -11.04 0.55 -28.62
N TYR D 124 -11.76 1.49 -28.02
CA TYR D 124 -12.33 2.57 -28.82
C TYR D 124 -11.24 3.30 -29.60
N ASP D 125 -10.11 3.56 -28.96
CA ASP D 125 -9.02 4.24 -29.63
C ASP D 125 -8.41 3.38 -30.73
N LYS D 126 -8.34 2.06 -30.52
CA LYS D 126 -7.82 1.17 -31.55
C LYS D 126 -8.68 1.24 -32.79
N VAL D 127 -10.00 1.21 -32.61
CA VAL D 127 -10.89 1.31 -33.76
C VAL D 127 -10.73 2.67 -34.44
N ARG D 128 -10.67 3.74 -33.66
CA ARG D 128 -10.61 5.07 -34.24
C ARG D 128 -9.31 5.28 -35.01
N LEU D 129 -8.20 4.76 -34.49
CA LEU D 129 -6.91 4.99 -35.12
C LEU D 129 -6.78 4.28 -36.46
N GLN D 130 -7.53 3.20 -36.67
CA GLN D 130 -7.62 2.64 -38.01
C GLN D 130 -8.60 3.43 -38.87
N LEU D 131 -9.81 3.65 -38.37
CA LEU D 131 -10.88 4.23 -39.18
C LEU D 131 -10.69 5.71 -39.48
N ARG D 132 -9.49 6.24 -39.30
CA ARG D 132 -9.21 7.65 -39.10
C ARG D 132 -10.13 8.62 -39.83
N ASP D 133 -10.23 8.50 -41.14
CA ASP D 133 -11.01 9.48 -41.88
C ASP D 133 -12.11 8.85 -42.72
N ASN D 134 -12.08 7.53 -42.88
CA ASN D 134 -13.15 6.87 -43.61
C ASN D 134 -14.45 6.84 -42.83
N ALA D 135 -14.43 7.20 -41.55
CA ALA D 135 -15.62 7.11 -40.71
C ALA D 135 -15.76 8.39 -39.90
N LYS D 136 -16.88 8.50 -39.21
CA LYS D 136 -17.11 9.64 -38.32
C LYS D 136 -17.65 9.18 -36.98
N GLU D 137 -17.18 9.83 -35.91
CA GLU D 137 -17.58 9.50 -34.54
C GLU D 137 -18.99 10.02 -34.32
N LEU D 138 -19.90 9.15 -33.86
CA LEU D 138 -21.21 9.63 -33.48
C LEU D 138 -21.29 9.98 -32.01
N GLY D 139 -20.16 9.97 -31.30
CA GLY D 139 -20.08 10.56 -29.98
C GLY D 139 -20.39 9.63 -28.82
N ASN D 140 -20.92 8.44 -29.07
CA ASN D 140 -21.31 7.55 -27.98
C ASN D 140 -20.67 6.17 -28.09
N GLY D 141 -19.62 6.05 -28.89
CA GLY D 141 -18.97 4.77 -29.09
C GLY D 141 -19.18 4.16 -30.46
N CYS D 142 -19.97 4.79 -31.32
CA CYS D 142 -20.24 4.26 -32.64
C CYS D 142 -19.44 5.00 -33.69
N PHE D 143 -19.23 4.36 -34.83
CA PHE D 143 -18.51 4.95 -35.95
C PHE D 143 -19.33 4.73 -37.23
N GLU D 144 -19.66 5.82 -37.90
CA GLU D 144 -20.41 5.77 -39.15
C GLU D 144 -19.44 5.60 -40.31
N PHE D 145 -19.60 4.53 -41.08
CA PHE D 145 -18.76 4.30 -42.24
C PHE D 145 -19.22 5.12 -43.42
N TYR D 146 -18.29 5.88 -44.00
CA TYR D 146 -18.58 6.68 -45.17
C TYR D 146 -18.58 5.88 -46.46
N HIS D 147 -18.15 4.63 -46.42
CA HIS D 147 -18.20 3.72 -47.56
C HIS D 147 -19.04 2.51 -47.22
N LYS D 148 -19.24 1.65 -48.20
CA LYS D 148 -19.90 0.38 -47.97
C LYS D 148 -18.87 -0.69 -47.66
N CYS D 149 -19.03 -1.37 -46.52
CA CYS D 149 -18.07 -2.41 -46.15
C CYS D 149 -18.79 -3.56 -45.44
N ASP D 150 -18.56 -4.77 -45.94
CA ASP D 150 -19.27 -5.96 -45.51
C ASP D 150 -18.58 -6.61 -44.31
N ASN D 151 -18.98 -7.85 -44.02
CA ASN D 151 -18.58 -8.51 -42.78
C ASN D 151 -17.08 -8.74 -42.71
N GLU D 152 -16.40 -8.86 -43.84
CA GLU D 152 -14.96 -9.05 -43.79
C GLU D 152 -14.23 -7.75 -43.51
N CYS D 153 -14.81 -6.62 -43.94
CA CYS D 153 -14.38 -5.33 -43.41
C CYS D 153 -14.40 -5.32 -41.89
N MET D 154 -15.51 -5.73 -41.29
CA MET D 154 -15.61 -5.74 -39.84
C MET D 154 -14.60 -6.70 -39.24
N GLU D 155 -14.35 -7.83 -39.88
CA GLU D 155 -13.38 -8.78 -39.34
C GLU D 155 -11.98 -8.21 -39.40
N SER D 156 -11.65 -7.50 -40.48
CA SER D 156 -10.34 -6.86 -40.58
C SER D 156 -10.21 -5.76 -39.54
N ILE D 157 -11.31 -5.08 -39.22
CA ILE D 157 -11.26 -4.11 -38.14
C ILE D 157 -11.03 -4.80 -36.81
N ARG D 158 -11.72 -5.90 -36.55
CA ARG D 158 -11.56 -6.63 -35.31
C ARG D 158 -10.12 -7.09 -35.12
N ASN D 159 -9.59 -7.89 -36.04
CA ASN D 159 -8.24 -8.41 -35.86
C ASN D 159 -7.17 -7.38 -36.16
N GLY D 160 -7.53 -6.18 -36.59
CA GLY D 160 -6.60 -5.07 -36.62
C GLY D 160 -5.88 -4.81 -37.93
N THR D 161 -6.46 -5.18 -39.06
CA THR D 161 -5.80 -5.01 -40.34
C THR D 161 -6.58 -4.15 -41.33
N TYR D 162 -7.35 -3.18 -40.85
CA TYR D 162 -8.15 -2.34 -41.74
C TYR D 162 -7.28 -1.67 -42.79
N ASN D 163 -7.66 -1.79 -44.05
CA ASN D 163 -6.88 -1.26 -45.17
C ASN D 163 -7.43 0.11 -45.52
N TYR D 164 -6.62 1.15 -45.33
CA TYR D 164 -7.12 2.50 -45.48
C TYR D 164 -7.53 2.88 -46.90
N PRO D 165 -6.89 2.40 -47.97
CA PRO D 165 -7.38 2.75 -49.31
C PRO D 165 -8.74 2.17 -49.65
N GLN D 166 -9.79 2.86 -49.16
CA GLN D 166 -11.15 2.66 -49.67
C GLN D 166 -11.72 4.06 -49.91
N TYR D 167 -12.19 4.33 -51.13
CA TYR D 167 -12.63 5.67 -51.47
C TYR D 167 -13.94 6.02 -50.76
N SER D 168 -13.98 7.22 -50.17
CA SER D 168 -14.95 7.53 -49.13
C SER D 168 -15.65 8.87 -49.34
N GLU D 169 -16.26 9.09 -50.50
CA GLU D 169 -17.13 10.25 -50.65
C GLU D 169 -18.28 9.98 -51.61
N GLN E 1 6.55 15.40 -49.16
CA GLN E 1 5.53 15.19 -48.15
C GLN E 1 6.14 14.93 -46.78
N ASP E 2 6.21 15.99 -45.97
CA ASP E 2 6.84 15.93 -44.66
C ASP E 2 5.97 15.12 -43.69
N GLN E 3 6.62 14.46 -42.75
CA GLN E 3 5.88 13.81 -41.69
C GLN E 3 6.76 13.63 -40.45
N ILE E 4 6.13 13.78 -39.28
CA ILE E 4 6.80 13.63 -37.99
C ILE E 4 6.16 12.46 -37.27
N CYS E 5 6.96 11.69 -36.54
CA CYS E 5 6.50 10.53 -35.82
C CYS E 5 7.01 10.57 -34.38
N ILE E 6 6.18 10.11 -33.45
CA ILE E 6 6.49 10.09 -32.04
C ILE E 6 6.70 8.65 -31.61
N GLY E 7 7.78 8.40 -30.88
CA GLY E 7 8.09 7.06 -30.40
C GLY E 7 8.82 7.10 -29.08
N TYR E 8 9.27 5.94 -28.59
CA TYR E 8 9.93 5.87 -27.30
C TYR E 8 11.15 4.97 -27.40
N HIS E 9 12.00 5.06 -26.37
CA HIS E 9 13.27 4.37 -26.37
C HIS E 9 13.05 2.87 -26.17
N ALA E 10 13.95 2.07 -26.75
CA ALA E 10 13.93 0.62 -26.58
C ALA E 10 15.34 0.09 -26.80
N ASN E 11 15.54 -1.19 -26.53
CA ASN E 11 16.88 -1.77 -26.62
C ASN E 11 16.78 -3.29 -26.65
N ASN E 12 17.94 -3.95 -26.57
CA ASN E 12 18.06 -5.38 -26.58
C ASN E 12 18.18 -5.94 -25.16
N SER E 13 17.57 -5.28 -24.18
CA SER E 13 17.68 -5.70 -22.80
C SER E 13 16.72 -6.84 -22.49
N THR E 14 16.92 -7.48 -21.34
CA THR E 14 16.09 -8.59 -20.90
C THR E 14 15.71 -8.51 -19.43
N GLU E 15 16.18 -7.49 -18.71
CA GLU E 15 15.97 -7.45 -17.27
C GLU E 15 14.48 -7.36 -16.97
N GLN E 16 13.99 -8.24 -16.11
CA GLN E 16 12.58 -8.40 -15.87
C GLN E 16 12.20 -7.95 -14.46
N VAL E 17 11.02 -7.33 -14.37
CA VAL E 17 10.45 -6.91 -13.09
C VAL E 17 9.09 -7.58 -12.94
N ASP E 18 8.56 -7.51 -11.74
CA ASP E 18 7.25 -8.06 -11.44
C ASP E 18 6.29 -6.93 -11.12
N THR E 19 5.04 -7.11 -11.52
CA THR E 19 3.95 -6.18 -11.27
C THR E 19 2.87 -6.90 -10.48
N ILE E 20 1.99 -6.13 -9.86
CA ILE E 20 0.96 -6.79 -9.05
C ILE E 20 -0.10 -7.41 -9.95
N MET E 21 -0.19 -6.97 -11.20
CA MET E 21 -1.11 -7.57 -12.16
C MET E 21 -0.44 -8.45 -13.20
N GLU E 22 0.88 -8.52 -13.22
CA GLU E 22 1.58 -9.21 -14.29
C GLU E 22 2.95 -9.66 -13.79
N LYS E 23 3.34 -10.87 -14.16
CA LYS E 23 4.65 -11.39 -13.80
C LYS E 23 5.60 -11.31 -14.98
N ASN E 24 6.89 -11.20 -14.68
CA ASN E 24 7.97 -11.29 -15.66
C ASN E 24 7.79 -10.32 -16.82
N VAL E 25 7.56 -9.06 -16.48
CA VAL E 25 7.49 -7.98 -17.46
C VAL E 25 8.92 -7.58 -17.81
N THR E 26 9.24 -7.59 -19.10
CA THR E 26 10.57 -7.17 -19.55
C THR E 26 10.62 -5.67 -19.76
N VAL E 27 11.56 -5.02 -19.08
CA VAL E 27 11.74 -3.57 -19.18
C VAL E 27 13.09 -3.29 -19.83
N THR E 28 13.39 -2.00 -19.98
CA THR E 28 14.65 -1.61 -20.58
C THR E 28 15.79 -1.65 -19.58
N HIS E 29 15.73 -0.79 -18.55
CA HIS E 29 16.75 -0.76 -17.53
C HIS E 29 16.08 -0.87 -16.17
N ALA E 30 16.61 -1.72 -15.31
CA ALA E 30 16.03 -1.92 -14.00
C ALA E 30 17.15 -1.94 -12.97
N GLN E 31 16.81 -1.61 -11.74
CA GLN E 31 17.77 -1.50 -10.65
C GLN E 31 17.45 -2.57 -9.62
N ASP E 32 18.37 -3.49 -9.42
CA ASP E 32 18.27 -4.43 -8.31
C ASP E 32 18.53 -3.66 -7.02
N ILE E 33 17.84 -4.03 -5.95
CA ILE E 33 18.04 -3.35 -4.67
C ILE E 33 18.22 -4.35 -3.53
N LEU E 34 18.34 -5.64 -3.85
CA LEU E 34 18.44 -6.66 -2.82
C LEU E 34 19.83 -7.29 -2.87
N GLU E 35 20.46 -7.41 -1.71
CA GLU E 35 21.80 -7.99 -1.63
C GLU E 35 21.71 -9.46 -1.26
N LYS E 36 22.56 -10.28 -1.88
CA LYS E 36 22.52 -11.73 -1.69
C LYS E 36 23.89 -12.36 -1.52
N THR E 37 24.97 -11.58 -1.49
CA THR E 37 26.31 -12.12 -1.44
C THR E 37 27.00 -11.70 -0.16
N HIS E 38 27.71 -12.65 0.45
CA HIS E 38 28.58 -12.38 1.58
C HIS E 38 29.91 -13.08 1.33
N ASN E 39 30.92 -12.72 2.11
CA ASN E 39 32.23 -13.33 1.94
C ASN E 39 32.46 -14.52 2.86
N GLY E 40 31.67 -14.66 3.91
CA GLY E 40 31.81 -15.79 4.80
C GLY E 40 32.92 -15.67 5.82
N LYS E 41 33.53 -14.51 5.96
CA LYS E 41 34.63 -14.32 6.89
C LYS E 41 34.22 -13.35 8.00
N LEU E 42 34.50 -13.73 9.23
CA LEU E 42 34.27 -12.87 10.37
C LEU E 42 35.30 -11.75 10.35
N CYS E 43 34.97 -10.68 9.66
CA CYS E 43 35.91 -9.60 9.42
C CYS E 43 35.70 -8.49 10.44
N ASP E 44 36.74 -7.67 10.62
CA ASP E 44 36.71 -6.63 11.63
C ASP E 44 35.54 -5.69 11.44
N LEU E 45 35.23 -4.94 12.48
CA LEU E 45 34.13 -3.98 12.48
C LEU E 45 34.69 -2.62 12.84
N ASP E 46 34.71 -1.69 11.88
CA ASP E 46 35.21 -0.35 12.10
C ASP E 46 36.62 -0.35 12.64
N GLY E 47 37.39 -1.37 12.24
CA GLY E 47 38.77 -1.48 12.62
C GLY E 47 39.05 -2.18 13.93
N VAL E 48 38.13 -2.13 14.89
CA VAL E 48 38.36 -2.73 16.20
C VAL E 48 38.01 -4.21 16.10
N LYS E 49 38.99 -5.05 16.40
CA LYS E 49 38.85 -6.48 16.23
C LYS E 49 37.77 -7.03 17.17
N PRO E 50 37.02 -8.05 16.75
CA PRO E 50 36.08 -8.69 17.68
C PRO E 50 36.80 -9.44 18.78
N LEU E 51 36.01 -10.06 19.63
CA LEU E 51 36.49 -11.03 20.60
C LEU E 51 35.94 -12.39 20.19
N ILE E 52 36.64 -13.06 19.30
CA ILE E 52 36.21 -14.36 18.80
C ILE E 52 36.61 -15.39 19.84
N LEU E 53 35.66 -15.72 20.72
CA LEU E 53 35.86 -16.84 21.62
C LEU E 53 36.01 -18.12 20.79
N ARG E 54 37.21 -18.68 20.79
CA ARG E 54 37.47 -19.82 19.92
C ARG E 54 36.65 -21.03 20.31
N ASP E 55 36.84 -21.53 21.53
CA ASP E 55 36.16 -22.71 22.00
C ASP E 55 35.62 -22.54 23.42
N CYS E 56 35.60 -21.31 23.93
CA CYS E 56 35.10 -21.04 25.26
C CYS E 56 33.69 -20.46 25.19
N SER E 57 32.91 -20.76 26.21
CA SER E 57 31.65 -20.08 26.44
C SER E 57 31.93 -18.76 27.16
N VAL E 58 30.91 -17.93 27.27
CA VAL E 58 31.08 -16.66 27.99
C VAL E 58 31.41 -16.94 29.45
N ALA E 59 30.72 -17.92 30.04
CA ALA E 59 30.95 -18.25 31.44
C ALA E 59 32.38 -18.73 31.65
N GLY E 60 32.88 -19.56 30.75
CA GLY E 60 34.26 -20.04 30.89
C GLY E 60 35.26 -18.91 30.83
N TRP E 61 35.11 -18.00 29.87
CA TRP E 61 36.01 -16.86 29.78
C TRP E 61 35.98 -16.04 31.05
N LEU E 62 34.78 -15.67 31.51
CA LEU E 62 34.68 -14.81 32.68
C LEU E 62 35.27 -15.49 33.93
N LEU E 63 34.93 -16.76 34.15
CA LEU E 63 35.46 -17.46 35.30
C LEU E 63 36.93 -17.85 35.14
N GLY E 64 37.40 -18.03 33.91
CA GLY E 64 38.80 -18.36 33.70
C GLY E 64 39.08 -19.84 33.64
N ASN E 65 38.38 -20.55 32.77
CA ASN E 65 38.57 -21.97 32.61
C ASN E 65 40.00 -22.28 32.18
N PRO E 66 40.65 -23.28 32.79
CA PRO E 66 42.05 -23.56 32.47
C PRO E 66 42.33 -23.80 30.99
N MET E 67 41.40 -24.41 30.26
CA MET E 67 41.59 -24.58 28.83
C MET E 67 41.22 -23.34 28.04
N CYS E 68 41.15 -22.18 28.67
CA CYS E 68 40.78 -20.93 28.00
C CYS E 68 41.82 -19.85 28.21
N ASP E 69 43.08 -20.24 28.49
CA ASP E 69 44.12 -19.26 28.76
C ASP E 69 44.38 -18.33 27.59
N GLU E 70 43.75 -18.58 26.44
CA GLU E 70 43.81 -17.62 25.33
C GLU E 70 43.31 -16.26 25.76
N PHE E 71 42.36 -16.22 26.70
CA PHE E 71 41.64 -15.00 27.05
C PHE E 71 41.96 -14.53 28.46
N ILE E 72 43.22 -14.65 28.88
CA ILE E 72 43.60 -14.07 30.16
C ILE E 72 43.53 -12.56 30.11
N ASN E 73 43.88 -11.97 28.96
CA ASN E 73 43.91 -10.53 28.78
C ASN E 73 43.31 -10.26 27.41
N VAL E 74 42.22 -9.51 27.38
CA VAL E 74 41.50 -9.19 26.14
C VAL E 74 41.67 -7.71 25.86
N PRO E 75 41.97 -7.32 24.63
CA PRO E 75 41.89 -5.91 24.26
C PRO E 75 40.46 -5.52 23.97
N GLU E 76 40.18 -4.24 23.79
CA GLU E 76 38.82 -3.81 23.46
C GLU E 76 38.33 -4.56 22.22
N TRP E 77 37.02 -4.81 22.17
CA TRP E 77 36.41 -5.55 21.09
C TRP E 77 35.25 -4.72 20.50
N SER E 78 34.60 -5.32 19.51
CA SER E 78 33.44 -4.72 18.85
C SER E 78 32.20 -5.59 19.00
N TYR E 79 32.38 -6.91 19.00
CA TYR E 79 31.30 -7.86 19.21
C TYR E 79 31.90 -9.20 19.59
N ILE E 80 31.21 -9.87 20.51
CA ILE E 80 31.63 -11.17 21.01
C ILE E 80 31.04 -12.24 20.12
N VAL E 81 31.85 -13.23 19.75
CA VAL E 81 31.41 -14.34 18.91
C VAL E 81 31.73 -15.63 19.63
N GLU E 82 30.73 -16.49 19.80
CA GLU E 82 30.94 -17.79 20.39
C GLU E 82 30.22 -18.85 19.58
N LYS E 83 30.72 -20.08 19.66
CA LYS E 83 30.12 -21.18 18.92
C LYS E 83 28.70 -21.44 19.42
N ALA E 84 27.96 -22.22 18.64
CA ALA E 84 26.59 -22.55 19.02
C ALA E 84 26.57 -23.35 20.30
N ASN E 85 27.43 -24.35 20.41
CA ASN E 85 27.50 -25.23 21.57
C ASN E 85 28.96 -25.40 21.97
N PRO E 86 29.48 -24.51 22.80
CA PRO E 86 30.89 -24.61 23.19
C PRO E 86 31.17 -25.92 23.91
N THR E 87 32.45 -26.32 23.87
CA THR E 87 32.87 -27.54 24.58
C THR E 87 33.60 -27.21 25.87
N ASN E 88 34.40 -26.15 25.87
CA ASN E 88 34.99 -25.63 27.10
C ASN E 88 33.95 -24.76 27.78
N ASP E 89 33.43 -25.24 28.89
CA ASP E 89 32.30 -24.67 29.60
C ASP E 89 32.65 -24.75 31.08
N LEU E 90 31.67 -24.71 31.96
CA LEU E 90 31.95 -24.87 33.38
C LEU E 90 32.47 -26.28 33.54
N CYS E 91 33.80 -26.41 33.47
CA CYS E 91 34.43 -27.74 33.41
C CYS E 91 34.05 -28.57 34.61
N TYR E 92 34.18 -28.01 35.81
CA TYR E 92 33.49 -28.56 36.96
C TYR E 92 32.02 -28.26 36.82
N PRO E 93 31.14 -29.25 36.90
CA PRO E 93 29.74 -29.03 36.52
C PRO E 93 29.05 -28.06 37.48
N GLY E 94 27.81 -27.76 37.16
CA GLY E 94 27.03 -26.87 37.99
C GLY E 94 26.18 -25.97 37.12
N SER E 95 25.99 -24.75 37.61
CA SER E 95 25.18 -23.77 36.89
C SER E 95 25.75 -22.39 37.16
N PHE E 96 25.21 -21.40 36.44
CA PHE E 96 25.64 -20.02 36.53
C PHE E 96 24.37 -19.19 36.71
N ASN E 97 24.11 -18.76 37.95
CA ASN E 97 22.83 -18.16 38.26
C ASN E 97 22.63 -16.86 37.48
N ASP E 98 21.48 -16.78 36.81
CA ASP E 98 21.17 -15.67 35.92
C ASP E 98 22.26 -15.51 34.86
N TYR E 99 22.61 -16.63 34.23
CA TYR E 99 23.59 -16.64 33.17
C TYR E 99 23.18 -15.71 32.03
N GLU E 100 21.95 -15.84 31.56
CA GLU E 100 21.52 -15.10 30.39
C GLU E 100 21.46 -13.61 30.65
N GLU E 101 21.15 -13.21 31.89
CA GLU E 101 21.18 -11.78 32.20
C GLU E 101 22.59 -11.23 32.15
N LEU E 102 23.58 -12.02 32.55
CA LEU E 102 24.95 -11.56 32.42
C LEU E 102 25.37 -11.52 30.96
N LYS E 103 24.85 -12.44 30.15
CA LYS E 103 25.06 -12.33 28.71
C LYS E 103 24.50 -11.02 28.17
N HIS E 104 23.29 -10.67 28.61
CA HIS E 104 22.69 -9.41 28.18
C HIS E 104 23.56 -8.23 28.59
N LEU E 105 24.10 -8.26 29.81
CA LEU E 105 24.97 -7.16 30.25
C LEU E 105 26.23 -7.12 29.40
N LEU E 106 26.83 -8.27 29.11
CA LEU E 106 27.96 -8.31 28.19
C LEU E 106 27.63 -7.70 26.84
N SER E 107 26.39 -7.84 26.39
CA SER E 107 26.02 -7.30 25.08
C SER E 107 26.11 -5.78 25.04
N ARG E 108 26.44 -5.13 26.16
CA ARG E 108 26.54 -3.68 26.21
C ARG E 108 27.91 -3.20 26.65
N ILE E 109 28.86 -4.11 26.87
CA ILE E 109 30.20 -3.77 27.32
C ILE E 109 31.16 -4.00 26.17
N ASN E 110 32.27 -3.26 26.17
CA ASN E 110 33.32 -3.46 25.18
C ASN E 110 34.70 -3.65 25.77
N HIS E 111 34.91 -3.36 27.05
CA HIS E 111 36.25 -3.40 27.62
C HIS E 111 36.19 -3.80 29.09
N PHE E 112 36.82 -4.91 29.42
CA PHE E 112 36.97 -5.37 30.79
C PHE E 112 38.40 -5.15 31.25
N GLU E 113 38.57 -4.70 32.49
CA GLU E 113 39.89 -4.57 33.08
C GLU E 113 39.96 -5.48 34.31
N LYS E 114 40.65 -6.60 34.18
CA LYS E 114 40.69 -7.58 35.25
C LYS E 114 41.66 -7.13 36.33
N ILE E 115 41.14 -6.90 37.53
CA ILE E 115 41.94 -6.44 38.66
C ILE E 115 41.78 -7.40 39.83
N GLN E 116 42.80 -7.47 40.68
CA GLN E 116 42.85 -8.41 41.79
C GLN E 116 42.25 -7.74 43.02
N ILE E 117 40.97 -7.97 43.26
CA ILE E 117 40.34 -7.38 44.44
C ILE E 117 40.79 -8.07 45.72
N ILE E 118 40.80 -9.40 45.75
CA ILE E 118 41.18 -10.14 46.94
C ILE E 118 42.28 -11.13 46.57
N PRO E 119 43.50 -10.93 47.05
CA PRO E 119 44.62 -11.74 46.55
C PRO E 119 44.64 -13.11 47.20
N LYS E 120 45.00 -14.12 46.41
CA LYS E 120 45.19 -15.46 46.96
C LYS E 120 46.26 -15.45 48.07
N SER E 121 47.13 -14.45 48.07
CA SER E 121 48.08 -14.28 49.15
C SER E 121 47.46 -13.73 50.43
N SER E 122 46.14 -13.48 50.43
CA SER E 122 45.49 -12.96 51.62
C SER E 122 44.77 -14.03 52.41
N TRP E 123 44.74 -15.27 51.92
CA TRP E 123 44.11 -16.37 52.64
C TRP E 123 45.20 -17.13 53.38
N SER E 124 45.34 -16.85 54.67
CA SER E 124 46.34 -17.49 55.51
C SER E 124 45.72 -18.45 56.50
N ASP E 125 44.53 -18.13 57.00
CA ASP E 125 43.82 -18.98 57.94
C ASP E 125 43.00 -20.06 57.23
N HIS E 126 43.22 -20.23 55.93
CA HIS E 126 42.51 -21.23 55.14
C HIS E 126 43.45 -21.72 54.06
N GLU E 127 43.19 -22.92 53.57
CA GLU E 127 44.03 -23.51 52.53
C GLU E 127 43.61 -22.99 51.16
N ALA E 128 44.44 -22.13 50.58
CA ALA E 128 44.11 -21.49 49.32
C ALA E 128 45.04 -21.88 48.17
N SER E 129 45.58 -23.09 48.17
CA SER E 129 46.42 -23.56 47.08
C SER E 129 46.17 -25.03 46.77
N SER E 130 45.22 -25.65 47.47
CA SER E 130 44.90 -27.04 47.25
C SER E 130 43.49 -27.24 46.68
N GLY E 131 42.81 -26.16 46.34
CA GLY E 131 41.45 -26.27 45.83
C GLY E 131 41.41 -26.56 44.35
N VAL E 132 42.02 -27.67 43.94
CA VAL E 132 42.05 -28.06 42.54
C VAL E 132 41.04 -29.18 42.34
N SER E 133 40.78 -29.48 41.08
CA SER E 133 39.89 -30.57 40.72
C SER E 133 40.44 -31.30 39.51
N SER E 134 40.12 -32.58 39.43
CA SER E 134 40.49 -33.42 38.30
C SER E 134 39.65 -33.14 37.06
N ALA E 135 38.55 -32.39 37.20
CA ALA E 135 37.65 -32.18 36.09
C ALA E 135 38.07 -31.03 35.18
N CYS E 136 39.02 -30.20 35.61
CA CYS E 136 39.51 -29.08 34.82
C CYS E 136 41.02 -29.23 34.65
N PRO E 137 41.46 -30.19 33.84
CA PRO E 137 42.89 -30.46 33.75
C PRO E 137 43.62 -29.40 32.93
N TYR E 138 44.73 -28.91 33.49
CA TYR E 138 45.66 -28.07 32.75
C TYR E 138 46.99 -28.80 32.67
N LEU E 139 47.48 -29.01 31.45
CA LEU E 139 48.67 -29.82 31.22
C LEU E 139 48.51 -31.21 31.83
N GLY E 140 47.28 -31.73 31.75
CA GLY E 140 47.00 -33.06 32.27
C GLY E 140 47.16 -33.21 33.77
N SER E 141 47.13 -32.11 34.51
CA SER E 141 47.23 -32.16 35.97
C SER E 141 46.02 -31.45 36.56
N PRO E 142 45.49 -31.97 37.66
CA PRO E 142 44.32 -31.32 38.30
C PRO E 142 44.57 -29.85 38.58
N SER E 143 43.54 -29.04 38.34
CA SER E 143 43.61 -27.61 38.55
C SER E 143 42.18 -27.08 38.65
N PHE E 144 42.04 -25.76 38.64
CA PHE E 144 40.74 -25.13 38.90
C PHE E 144 40.63 -23.86 38.09
N PHE E 145 39.48 -23.19 38.23
CA PHE E 145 39.26 -21.92 37.56
C PHE E 145 40.36 -20.93 37.93
N ARG E 146 40.67 -20.02 37.02
CA ARG E 146 41.76 -19.09 37.26
C ARG E 146 41.33 -17.88 38.08
N ASN E 147 40.09 -17.43 37.93
CA ASN E 147 39.66 -16.18 38.54
C ASN E 147 38.99 -16.34 39.90
N VAL E 148 38.79 -17.57 40.38
CA VAL E 148 38.19 -17.83 41.68
C VAL E 148 38.97 -18.90 42.40
N VAL E 149 38.99 -18.80 43.72
CA VAL E 149 39.81 -19.66 44.57
C VAL E 149 38.88 -20.58 45.38
N TRP E 150 39.22 -21.87 45.41
CA TRP E 150 38.42 -22.87 46.10
C TRP E 150 39.00 -23.05 47.49
N LEU E 151 38.49 -22.26 48.43
CA LEU E 151 38.94 -22.38 49.81
C LEU E 151 38.52 -23.72 50.40
N ILE E 152 39.43 -24.34 51.13
CA ILE E 152 39.15 -25.59 51.85
C ILE E 152 39.73 -25.44 53.26
N LYS E 153 39.43 -26.43 54.09
CA LYS E 153 39.86 -26.37 55.48
C LYS E 153 41.38 -26.49 55.58
N LYS E 154 41.93 -25.92 56.65
CA LYS E 154 43.35 -25.95 56.92
C LYS E 154 43.57 -26.37 58.37
N ASN E 155 44.28 -27.49 58.54
CA ASN E 155 44.52 -28.09 59.87
C ASN E 155 43.20 -28.46 60.54
N SER E 156 42.24 -28.86 59.72
CA SER E 156 40.92 -29.30 60.18
C SER E 156 40.22 -28.21 61.01
N THR E 157 40.21 -26.98 60.50
CA THR E 157 39.58 -25.86 61.19
C THR E 157 39.31 -24.78 60.16
N TYR E 158 38.09 -24.22 60.20
CA TYR E 158 37.60 -23.31 59.18
C TYR E 158 36.90 -22.13 59.85
N PRO E 159 37.65 -21.25 60.50
CA PRO E 159 37.03 -20.07 61.12
C PRO E 159 36.41 -19.16 60.08
N THR E 160 35.22 -18.65 60.42
CA THR E 160 34.38 -17.92 59.47
C THR E 160 35.17 -16.87 58.71
N ILE E 161 34.91 -16.77 57.41
CA ILE E 161 35.48 -15.73 56.58
C ILE E 161 34.61 -14.50 56.68
N LYS E 162 35.18 -13.40 57.18
CA LYS E 162 34.54 -12.10 57.17
C LYS E 162 35.37 -11.21 56.27
N LYS E 163 35.09 -11.24 54.97
CA LYS E 163 35.87 -10.49 54.00
C LYS E 163 35.02 -9.37 53.45
N SER E 164 35.68 -8.35 52.90
CA SER E 164 34.98 -7.16 52.45
C SER E 164 35.87 -6.42 51.46
N TYR E 165 35.23 -5.68 50.56
CA TYR E 165 35.96 -4.93 49.55
C TYR E 165 35.19 -3.66 49.24
N ASN E 166 35.89 -2.53 49.20
CA ASN E 166 35.29 -1.24 48.93
C ASN E 166 35.67 -0.83 47.53
N ASN E 167 34.67 -0.73 46.64
CA ASN E 167 34.92 -0.45 45.24
C ASN E 167 35.37 0.99 45.05
N THR E 168 36.69 1.20 44.98
CA THR E 168 37.26 2.54 45.03
C THR E 168 37.41 3.19 43.68
N ASN E 169 37.24 2.46 42.58
CA ASN E 169 37.42 3.04 41.27
C ASN E 169 36.29 4.02 40.96
N GLN E 170 36.34 4.61 39.77
CA GLN E 170 35.33 5.55 39.31
C GLN E 170 34.25 4.90 38.47
N GLU E 171 34.25 3.57 38.39
CA GLU E 171 33.36 2.81 37.53
C GLU E 171 32.72 1.66 38.29
N ASP E 172 32.03 0.80 37.56
CA ASP E 172 31.41 -0.37 38.18
C ASP E 172 32.37 -1.56 38.14
N LEU E 173 32.02 -2.62 38.85
CA LEU E 173 32.89 -3.78 38.98
C LEU E 173 32.05 -5.05 38.90
N LEU E 174 32.48 -6.00 38.09
CA LEU E 174 31.75 -7.26 37.96
C LEU E 174 32.39 -8.31 38.85
N VAL E 175 31.73 -8.65 39.95
CA VAL E 175 32.29 -9.55 40.95
C VAL E 175 31.60 -10.90 40.83
N LEU E 176 32.41 -11.96 40.74
CA LEU E 176 31.94 -13.33 40.63
C LEU E 176 32.30 -14.09 41.90
N TRP E 177 31.37 -14.91 42.38
CA TRP E 177 31.70 -15.85 43.45
C TRP E 177 30.89 -17.11 43.23
N GLY E 178 30.95 -18.03 44.19
CA GLY E 178 30.23 -19.28 44.03
C GLY E 178 30.00 -20.00 45.33
N ILE E 179 29.35 -21.16 45.21
CA ILE E 179 29.12 -22.07 46.32
C ILE E 179 29.28 -23.50 45.82
N HIS E 180 29.87 -24.35 46.65
CA HIS E 180 30.14 -25.74 46.30
C HIS E 180 29.15 -26.63 47.03
N HIS E 181 28.47 -27.50 46.28
CA HIS E 181 27.55 -28.47 46.85
C HIS E 181 28.21 -29.84 46.76
N PRO E 182 28.62 -30.43 47.89
CA PRO E 182 29.10 -31.81 47.87
C PRO E 182 27.98 -32.79 47.58
N ASN E 183 28.31 -34.07 47.70
CA ASN E 183 27.31 -35.10 47.45
C ASN E 183 27.01 -35.96 48.68
N ASP E 184 27.70 -35.73 49.79
CA ASP E 184 27.39 -36.41 51.05
C ASP E 184 28.15 -35.72 52.18
N ALA E 185 27.58 -35.82 53.39
CA ALA E 185 28.16 -35.12 54.53
C ALA E 185 29.57 -35.59 54.82
N ALA E 186 29.93 -36.79 54.35
CA ALA E 186 31.31 -37.25 54.47
C ALA E 186 32.25 -36.33 53.70
N GLU E 187 31.87 -35.97 52.46
CA GLU E 187 32.68 -35.03 51.69
C GLU E 187 32.64 -33.65 52.32
N GLN E 188 31.53 -33.30 52.98
CA GLN E 188 31.50 -32.06 53.73
C GLN E 188 32.60 -32.03 54.78
N THR E 189 32.60 -33.02 55.67
CA THR E 189 33.61 -33.07 56.72
C THR E 189 35.02 -33.13 56.13
N ARG E 190 35.21 -33.91 55.07
CA ARG E 190 36.53 -34.00 54.46
C ARG E 190 36.96 -32.66 53.87
N LEU E 191 36.02 -31.84 53.45
CA LEU E 191 36.34 -30.55 52.83
C LEU E 191 36.10 -29.38 53.76
N TYR E 192 35.26 -29.55 54.80
CA TYR E 192 34.87 -28.46 55.69
C TYR E 192 34.50 -29.09 57.03
N GLN E 193 35.15 -28.63 58.10
CA GLN E 193 34.85 -29.17 59.42
C GLN E 193 33.44 -28.80 59.85
N ASN E 194 32.95 -27.66 59.41
CA ASN E 194 31.63 -27.21 59.83
C ASN E 194 30.56 -27.97 59.07
N PRO E 195 29.67 -28.70 59.76
CA PRO E 195 28.76 -29.61 59.05
C PRO E 195 27.52 -28.93 58.49
N THR E 196 27.22 -27.72 58.93
CA THR E 196 26.15 -26.92 58.35
C THR E 196 26.68 -25.51 58.15
N THR E 197 26.61 -25.02 56.91
CA THR E 197 27.34 -23.83 56.50
C THR E 197 26.42 -22.88 55.77
N TYR E 198 27.01 -21.79 55.28
CA TYR E 198 26.26 -20.73 54.63
C TYR E 198 27.22 -19.71 54.05
N ILE E 199 26.72 -18.91 53.12
CA ILE E 199 27.47 -17.77 52.57
C ILE E 199 26.54 -16.57 52.56
N SER E 200 26.89 -15.55 53.32
CA SER E 200 26.10 -14.33 53.39
C SER E 200 26.81 -13.21 52.65
N ILE E 201 26.16 -12.69 51.61
CA ILE E 201 26.73 -11.65 50.77
C ILE E 201 25.84 -10.43 50.86
N GLY E 202 26.46 -9.26 51.00
CA GLY E 202 25.71 -8.04 51.11
C GLY E 202 26.34 -6.84 50.43
N THR E 203 25.52 -5.99 49.83
CA THR E 203 25.97 -4.75 49.23
C THR E 203 24.94 -3.66 49.52
N SER E 204 25.01 -2.56 48.78
CA SER E 204 23.96 -1.55 48.87
C SER E 204 22.62 -2.07 48.35
N THR E 205 22.63 -3.12 47.56
CA THR E 205 21.40 -3.72 47.05
C THR E 205 21.29 -5.20 47.33
N LEU E 206 22.37 -5.97 47.20
CA LEU E 206 22.32 -7.40 47.36
C LEU E 206 22.09 -7.77 48.82
N ASN E 207 21.44 -8.90 49.03
CA ASN E 207 21.15 -9.48 50.34
C ASN E 207 20.92 -10.96 50.04
N GLN E 208 21.93 -11.78 50.28
CA GLN E 208 21.88 -13.13 49.77
C GLN E 208 22.55 -14.12 50.71
N ARG E 209 21.77 -15.05 51.24
CA ARG E 209 22.28 -16.06 52.15
C ARG E 209 22.09 -17.42 51.53
N LEU E 210 23.18 -18.00 51.05
CA LEU E 210 23.17 -19.30 50.40
C LEU E 210 23.46 -20.39 51.40
N VAL E 211 22.86 -21.56 51.18
CA VAL E 211 23.13 -22.77 51.95
C VAL E 211 23.40 -23.88 50.95
N PRO E 212 24.37 -24.76 51.18
CA PRO E 212 24.63 -25.85 50.24
C PRO E 212 23.55 -26.91 50.29
N LYS E 213 23.26 -27.46 49.11
CA LYS E 213 22.29 -28.55 48.96
C LYS E 213 23.08 -29.85 48.79
N ILE E 214 23.12 -30.66 49.83
CA ILE E 214 23.78 -31.95 49.79
C ILE E 214 22.78 -32.97 49.23
N ALA E 215 23.16 -33.63 48.14
CA ALA E 215 22.29 -34.61 47.51
C ALA E 215 23.13 -35.60 46.75
N THR E 216 22.55 -36.77 46.48
CA THR E 216 23.20 -37.74 45.62
C THR E 216 22.72 -37.52 44.20
N ARG E 217 23.65 -37.55 43.24
CA ARG E 217 23.32 -37.21 41.86
C ARG E 217 24.32 -37.84 40.92
N SER E 218 24.00 -37.80 39.64
CA SER E 218 24.83 -38.44 38.62
C SER E 218 26.22 -37.82 38.60
N LYS E 219 27.17 -38.55 38.02
CA LYS E 219 28.51 -38.05 37.84
C LYS E 219 28.65 -37.39 36.48
N VAL E 220 29.02 -36.12 36.47
CA VAL E 220 29.35 -35.40 35.25
C VAL E 220 30.84 -35.13 35.28
N ASN E 221 31.54 -35.51 34.22
CA ASN E 221 32.99 -35.50 34.19
C ASN E 221 33.55 -36.26 35.39
N GLY E 222 32.86 -37.35 35.77
CA GLY E 222 33.26 -38.13 36.90
C GLY E 222 33.15 -37.45 38.24
N GLN E 223 32.63 -36.22 38.29
CA GLN E 223 32.49 -35.47 39.52
C GLN E 223 31.01 -35.23 39.79
N SER E 224 30.55 -35.65 40.96
CA SER E 224 29.15 -35.50 41.32
C SER E 224 28.83 -34.15 41.95
N GLY E 225 29.75 -33.59 42.72
CA GLY E 225 29.50 -32.30 43.34
C GLY E 225 29.27 -31.22 42.31
N ARG E 226 28.52 -30.20 42.71
CA ARG E 226 28.12 -29.16 41.76
C ARG E 226 28.47 -27.79 42.32
N MET E 227 29.10 -26.97 41.49
CA MET E 227 29.42 -25.60 41.86
C MET E 227 28.44 -24.65 41.18
N GLU E 228 27.88 -23.74 41.95
CA GLU E 228 26.93 -22.77 41.44
C GLU E 228 27.51 -21.37 41.67
N PHE E 229 27.72 -20.64 40.58
CA PHE E 229 28.36 -19.34 40.64
C PHE E 229 27.35 -18.22 40.48
N PHE E 230 27.52 -17.19 41.30
CA PHE E 230 26.69 -15.99 41.26
C PHE E 230 27.56 -14.81 40.88
N TRP E 231 26.89 -13.72 40.49
CA TRP E 231 27.57 -12.54 39.99
C TRP E 231 26.80 -11.30 40.44
N THR E 232 27.52 -10.20 40.57
CA THR E 232 26.87 -8.92 40.81
C THR E 232 27.76 -7.82 40.26
N ILE E 233 27.23 -6.61 40.27
CA ILE E 233 27.96 -5.43 39.79
C ILE E 233 27.96 -4.39 40.90
N LEU E 234 29.14 -4.11 41.42
CA LEU E 234 29.31 -3.07 42.42
C LEU E 234 29.34 -1.71 41.76
N LYS E 235 28.61 -0.76 42.34
CA LYS E 235 28.63 0.61 41.85
C LYS E 235 29.88 1.31 42.37
N PRO E 236 30.24 2.46 41.78
CA PRO E 236 31.37 3.23 42.33
C PRO E 236 31.11 3.65 43.76
N ASN E 237 32.17 3.72 44.55
CA ASN E 237 32.17 4.19 45.93
C ASN E 237 31.37 3.29 46.85
N ASP E 238 31.02 2.08 46.43
CA ASP E 238 30.26 1.17 47.25
C ASP E 238 31.13 0.02 47.71
N ALA E 239 30.56 -0.88 48.51
CA ALA E 239 31.30 -1.99 49.09
C ALA E 239 30.49 -3.27 49.04
N ILE E 240 31.21 -4.39 49.06
CA ILE E 240 30.64 -5.73 49.12
C ILE E 240 31.19 -6.43 50.35
N ASN E 241 30.36 -7.23 51.01
CA ASN E 241 30.74 -7.92 52.23
C ASN E 241 30.36 -9.39 52.13
N PHE E 242 31.37 -10.26 52.13
CA PHE E 242 31.19 -11.69 52.21
C PHE E 242 31.37 -12.14 53.65
N GLU E 243 30.60 -13.14 54.05
CA GLU E 243 30.83 -13.86 55.30
C GLU E 243 30.45 -15.30 55.05
N SER E 244 31.13 -16.23 55.69
CA SER E 244 30.81 -17.63 55.49
C SER E 244 31.50 -18.47 56.55
N ASN E 245 31.17 -19.75 56.58
CA ASN E 245 31.92 -20.74 57.36
C ASN E 245 32.10 -22.04 56.60
N GLY E 246 31.94 -22.03 55.29
CA GLY E 246 32.14 -23.21 54.49
C GLY E 246 31.59 -23.05 53.10
N ASN E 247 32.06 -23.91 52.20
CA ASN E 247 31.62 -23.97 50.82
C ASN E 247 31.75 -22.65 50.08
N PHE E 248 32.84 -21.91 50.28
CA PHE E 248 32.99 -20.60 49.69
C PHE E 248 33.99 -20.66 48.55
N ILE E 249 33.51 -20.50 47.32
CA ILE E 249 34.36 -20.35 46.15
C ILE E 249 34.64 -18.86 46.02
N ALA E 250 35.66 -18.39 46.70
CA ALA E 250 35.83 -16.96 46.88
C ALA E 250 36.37 -16.32 45.61
N PRO E 251 36.08 -15.03 45.39
CA PRO E 251 36.63 -14.35 44.23
C PRO E 251 38.10 -14.06 44.43
N GLU E 252 38.87 -14.20 43.35
CA GLU E 252 40.28 -13.85 43.38
C GLU E 252 40.53 -12.68 42.44
N TYR E 253 39.63 -12.48 41.49
CA TYR E 253 39.73 -11.40 40.53
C TYR E 253 38.34 -10.83 40.26
N ALA E 254 38.29 -9.62 39.71
CA ALA E 254 37.06 -8.98 39.30
C ALA E 254 37.33 -8.16 38.04
N TYR E 255 36.28 -7.59 37.48
CA TYR E 255 36.37 -6.91 36.18
C TYR E 255 35.83 -5.49 36.31
N LYS E 256 36.69 -4.51 36.08
CA LYS E 256 36.24 -3.13 35.94
C LYS E 256 35.59 -2.95 34.58
N ILE E 257 34.43 -2.32 34.57
CA ILE E 257 33.70 -2.02 33.34
C ILE E 257 34.15 -0.63 32.91
N VAL E 258 35.16 -0.58 32.04
CA VAL E 258 35.82 0.67 31.69
C VAL E 258 35.26 1.33 30.45
N LYS E 259 34.48 0.61 29.64
CA LYS E 259 34.01 1.16 28.37
C LYS E 259 32.72 0.46 27.97
N LYS E 260 31.58 1.13 28.19
CA LYS E 260 30.31 0.68 27.65
C LYS E 260 30.31 0.87 26.14
N GLY E 261 29.19 0.53 25.52
CA GLY E 261 29.05 0.76 24.10
C GLY E 261 27.85 0.05 23.52
N ASP E 262 27.92 -0.16 22.21
CA ASP E 262 26.93 -0.95 21.49
C ASP E 262 27.58 -2.21 20.93
N SER E 263 27.03 -3.37 21.29
CA SER E 263 27.68 -4.63 21.01
C SER E 263 26.63 -5.70 20.77
N ALA E 264 27.05 -6.96 20.81
CA ALA E 264 26.16 -8.09 20.59
C ALA E 264 26.93 -9.36 20.90
N ILE E 265 26.18 -10.47 20.97
CA ILE E 265 26.76 -11.80 21.09
C ILE E 265 26.27 -12.60 19.91
N MET E 266 27.21 -13.14 19.13
CA MET E 266 26.88 -13.85 17.90
C MET E 266 27.20 -15.33 18.02
N LYS E 267 26.18 -16.16 17.87
CA LYS E 267 26.35 -17.61 17.83
C LYS E 267 26.76 -17.98 16.42
N SER E 268 28.06 -18.15 16.21
CA SER E 268 28.60 -18.43 14.89
C SER E 268 29.74 -19.42 15.03
N GLU E 269 30.14 -20.01 13.90
CA GLU E 269 31.18 -21.01 13.90
C GLU E 269 32.44 -20.58 13.15
N LEU E 270 32.40 -19.45 12.46
CA LEU E 270 33.47 -19.10 11.55
C LEU E 270 34.72 -18.69 12.32
N GLU E 271 35.81 -18.54 11.58
CA GLU E 271 37.10 -18.13 12.12
C GLU E 271 37.39 -16.70 11.66
N TYR E 272 38.50 -16.15 12.12
CA TYR E 272 38.76 -14.73 11.97
C TYR E 272 39.74 -14.48 10.83
N GLY E 273 39.21 -14.09 9.67
CA GLY E 273 40.05 -13.54 8.61
C GLY E 273 40.33 -12.07 8.86
N ASN E 274 41.50 -11.62 8.40
CA ASN E 274 41.95 -10.25 8.65
C ASN E 274 41.34 -9.29 7.61
N CYS E 275 40.14 -8.83 7.91
CA CYS E 275 39.41 -7.92 7.03
C CYS E 275 39.19 -6.60 7.74
N ASN E 276 38.35 -5.77 7.12
CA ASN E 276 37.68 -4.66 7.79
C ASN E 276 36.44 -4.29 7.00
N THR E 277 35.27 -4.49 7.61
CA THR E 277 34.00 -4.17 6.98
C THR E 277 33.19 -3.33 7.94
N LYS E 278 32.09 -2.77 7.43
CA LYS E 278 31.19 -1.96 8.24
C LYS E 278 29.87 -2.65 8.55
N CYS E 279 29.78 -3.96 8.36
CA CYS E 279 28.65 -4.74 8.86
C CYS E 279 29.07 -6.20 8.96
N GLN E 280 28.43 -6.92 9.86
CA GLN E 280 28.80 -8.29 10.16
C GLN E 280 27.58 -9.11 10.53
N THR E 281 27.47 -10.27 9.90
CA THR E 281 26.41 -11.24 10.12
C THR E 281 27.05 -12.53 10.62
N PRO E 282 26.31 -13.42 11.29
CA PRO E 282 26.93 -14.64 11.80
C PRO E 282 27.36 -15.61 10.72
N MET E 283 27.17 -15.26 9.45
CA MET E 283 27.57 -16.09 8.34
C MET E 283 28.23 -15.29 7.22
N GLY E 284 28.94 -14.22 7.54
CA GLY E 284 29.64 -13.47 6.52
C GLY E 284 29.51 -12.00 6.75
N ALA E 285 30.24 -11.24 5.93
CA ALA E 285 30.16 -9.79 5.95
C ALA E 285 29.51 -9.29 4.68
N ILE E 286 28.99 -8.06 4.75
CA ILE E 286 28.27 -7.45 3.65
C ILE E 286 28.95 -6.14 3.30
N ASN E 287 29.77 -6.16 2.26
CA ASN E 287 30.32 -4.95 1.65
C ASN E 287 29.38 -4.62 0.49
N SER E 288 28.26 -3.98 0.81
CA SER E 288 27.23 -3.73 -0.18
C SER E 288 26.57 -2.38 0.11
N SER E 289 25.86 -1.87 -0.89
CA SER E 289 25.25 -0.55 -0.82
C SER E 289 23.74 -0.57 -0.97
N MET E 290 23.16 -1.71 -1.32
CA MET E 290 21.74 -1.80 -1.57
C MET E 290 20.95 -1.48 -0.31
N PRO E 291 19.68 -1.13 -0.41
CA PRO E 291 18.90 -0.83 0.79
C PRO E 291 18.42 -2.05 1.55
N PHE E 292 18.28 -3.18 0.87
CA PHE E 292 17.80 -4.41 1.49
C PHE E 292 18.83 -5.52 1.32
N HIS E 293 18.56 -6.65 1.99
CA HIS E 293 19.37 -7.85 1.84
C HIS E 293 18.61 -9.03 2.43
N ASN E 294 19.11 -10.24 2.15
CA ASN E 294 18.47 -11.46 2.65
C ASN E 294 19.49 -12.49 3.12
N ILE E 295 20.51 -12.06 3.83
CA ILE E 295 21.52 -13.01 4.32
C ILE E 295 21.06 -13.66 5.61
N HIS E 296 20.87 -12.86 6.66
CA HIS E 296 20.59 -13.39 7.98
C HIS E 296 19.99 -12.29 8.85
N PRO E 297 19.02 -12.61 9.70
CA PRO E 297 18.37 -11.55 10.50
C PRO E 297 19.32 -10.78 11.40
N LEU E 298 20.10 -11.47 12.23
CA LEU E 298 20.94 -10.80 13.21
C LEU E 298 22.21 -10.23 12.60
N THR E 299 22.35 -8.92 12.56
CA THR E 299 23.56 -8.27 12.06
C THR E 299 24.11 -7.31 13.09
N ILE E 300 25.17 -6.61 12.70
CA ILE E 300 25.64 -5.44 13.43
C ILE E 300 26.45 -4.56 12.48
N GLY E 301 26.19 -3.27 12.49
CA GLY E 301 26.83 -2.31 11.62
C GLY E 301 25.82 -1.37 10.99
N GLU E 302 26.28 -0.62 10.00
CA GLU E 302 25.42 0.31 9.28
C GLU E 302 24.90 -0.38 8.02
N CYS E 303 24.27 -1.54 8.20
CA CYS E 303 24.00 -2.33 7.01
C CYS E 303 22.50 -2.49 6.77
N PRO E 304 22.07 -2.97 5.60
CA PRO E 304 20.68 -2.86 5.19
C PRO E 304 19.74 -3.66 6.07
N LYS E 305 18.45 -3.51 5.78
CA LYS E 305 17.37 -4.14 6.52
C LYS E 305 17.14 -5.54 5.96
N TYR E 306 16.93 -6.49 6.85
CA TYR E 306 16.70 -7.87 6.43
C TYR E 306 15.33 -8.02 5.78
N VAL E 307 15.27 -8.88 4.77
CA VAL E 307 14.05 -9.13 4.01
C VAL E 307 14.05 -10.61 3.65
N LYS E 308 12.88 -11.24 3.71
CA LYS E 308 12.76 -12.66 3.42
C LYS E 308 12.45 -12.95 1.96
N SER E 309 12.85 -12.07 1.05
CA SER E 309 12.55 -12.22 -0.36
C SER E 309 13.77 -12.66 -1.13
N ASN E 310 13.54 -13.30 -2.27
CA ASN E 310 14.61 -13.77 -3.13
C ASN E 310 14.89 -12.84 -4.29
N ARG E 311 14.04 -11.83 -4.51
CA ARG E 311 14.25 -10.86 -5.58
C ARG E 311 13.51 -9.57 -5.29
N LEU E 312 14.21 -8.44 -5.36
CA LEU E 312 13.58 -7.13 -5.26
C LEU E 312 14.18 -6.26 -6.35
N VAL E 313 13.58 -6.28 -7.53
CA VAL E 313 14.02 -5.48 -8.66
C VAL E 313 13.03 -4.35 -8.82
N LEU E 314 13.53 -3.16 -9.10
CA LEU E 314 12.70 -1.98 -9.31
C LEU E 314 12.83 -1.54 -10.76
N ALA E 315 11.71 -1.19 -11.38
CA ALA E 315 11.73 -0.83 -12.79
C ALA E 315 12.00 0.66 -12.96
N THR E 316 13.14 0.98 -13.55
CA THR E 316 13.47 2.36 -13.88
C THR E 316 13.14 2.73 -15.31
N GLY E 317 13.43 1.86 -16.26
CA GLY E 317 13.11 2.09 -17.64
C GLY E 317 11.63 1.95 -17.92
N LEU E 318 11.33 1.62 -19.17
CA LEU E 318 9.95 1.45 -19.62
C LEU E 318 9.84 0.13 -20.36
N ARG E 319 8.61 -0.32 -20.57
CA ARG E 319 8.37 -1.64 -21.13
C ARG E 319 9.09 -1.80 -22.47
N ASN E 320 9.80 -2.90 -22.62
CA ASN E 320 10.69 -3.10 -23.75
C ASN E 320 9.91 -3.45 -25.01
N SER E 321 10.57 -3.27 -26.16
CA SER E 321 9.99 -3.59 -27.46
C SER E 321 11.06 -3.74 -28.53
N GLY F 6 0.19 -0.22 -22.79
CA GLY F 6 0.07 -0.04 -21.36
C GLY F 6 -1.31 0.44 -20.92
N LEU F 7 -1.37 1.03 -19.72
CA LEU F 7 -2.65 1.49 -19.20
C LEU F 7 -3.21 2.64 -20.00
N PHE F 8 -2.36 3.37 -20.73
CA PHE F 8 -2.80 4.49 -21.53
C PHE F 8 -2.82 4.16 -23.02
N GLY F 9 -2.21 3.05 -23.43
CA GLY F 9 -2.33 2.55 -24.78
C GLY F 9 -1.27 2.99 -25.75
N ALA F 10 -0.23 3.68 -25.29
CA ALA F 10 0.82 4.12 -26.22
C ALA F 10 1.83 3.01 -26.46
N ILE F 11 2.53 2.58 -25.41
CA ILE F 11 3.58 1.58 -25.57
C ILE F 11 2.94 0.23 -25.88
N ALA F 12 3.49 -0.44 -26.90
CA ALA F 12 2.95 -1.73 -27.37
C ALA F 12 1.46 -1.60 -27.70
N GLY F 13 1.03 -0.39 -28.01
CA GLY F 13 -0.34 -0.11 -28.35
C GLY F 13 -0.46 0.59 -29.69
N PHE F 14 -1.04 1.79 -29.70
CA PHE F 14 -1.22 2.48 -30.98
C PHE F 14 0.10 2.92 -31.57
N ILE F 15 1.17 2.91 -30.78
CA ILE F 15 2.53 2.91 -31.31
C ILE F 15 3.07 1.49 -31.17
N GLU F 16 3.59 0.94 -32.25
CA GLU F 16 3.88 -0.48 -32.31
C GLU F 16 4.99 -0.89 -31.35
N GLY F 17 6.18 -0.31 -31.51
CA GLY F 17 7.32 -0.66 -30.69
C GLY F 17 8.31 0.48 -30.61
N GLY F 18 9.33 0.26 -29.80
CA GLY F 18 10.32 1.28 -29.53
C GLY F 18 11.45 1.30 -30.53
N TRP F 19 12.07 2.47 -30.65
CA TRP F 19 13.14 2.70 -31.60
C TRP F 19 14.48 2.34 -30.97
N GLN F 20 15.20 1.43 -31.62
CA GLN F 20 16.56 1.14 -31.19
C GLN F 20 17.47 2.33 -31.40
N GLY F 21 17.07 3.26 -32.28
CA GLY F 21 17.98 4.32 -32.68
C GLY F 21 17.96 5.53 -31.77
N MET F 22 17.15 5.49 -30.72
CA MET F 22 17.14 6.56 -29.74
C MET F 22 17.94 6.09 -28.53
N VAL F 23 18.93 6.88 -28.12
CA VAL F 23 19.82 6.44 -27.06
C VAL F 23 19.90 7.48 -25.95
N ASP F 24 19.46 8.70 -26.25
CA ASP F 24 19.60 9.81 -25.32
C ASP F 24 18.28 10.31 -24.79
N GLY F 25 17.26 9.47 -24.75
CA GLY F 25 16.00 9.87 -24.14
C GLY F 25 15.02 8.71 -24.22
N TRP F 26 14.10 8.68 -23.27
CA TRP F 26 13.09 7.64 -23.29
C TRP F 26 11.99 7.92 -24.30
N TYR F 27 11.83 9.17 -24.71
CA TYR F 27 10.81 9.53 -25.68
C TYR F 27 11.46 10.44 -26.71
N GLY F 28 10.81 10.59 -27.84
CA GLY F 28 11.38 11.46 -28.85
C GLY F 28 10.61 11.45 -30.15
N TYR F 29 11.18 12.16 -31.11
CA TYR F 29 10.60 12.42 -32.41
C TYR F 29 11.52 11.80 -33.46
N HIS F 30 10.96 11.51 -34.64
CA HIS F 30 11.73 11.08 -35.78
C HIS F 30 11.21 11.78 -37.02
N HIS F 31 11.84 12.89 -37.38
CA HIS F 31 11.34 13.74 -38.44
C HIS F 31 11.99 13.36 -39.76
N SER F 32 11.22 13.46 -40.83
CA SER F 32 11.68 13.11 -42.16
C SER F 32 11.16 14.13 -43.16
N ASN F 33 12.03 14.99 -43.65
CA ASN F 33 11.67 15.95 -44.68
C ASN F 33 12.77 15.94 -45.74
N GLU F 34 12.72 16.91 -46.65
CA GLU F 34 13.72 16.98 -47.71
C GLU F 34 15.12 17.14 -47.13
N GLN F 35 15.24 17.74 -45.94
CA GLN F 35 16.53 17.89 -45.30
C GLN F 35 16.97 16.64 -44.57
N GLY F 36 16.36 15.49 -44.84
CA GLY F 36 16.80 14.22 -44.31
C GLY F 36 15.87 13.73 -43.23
N SER F 37 16.27 12.63 -42.60
CA SER F 37 15.57 12.09 -41.45
C SER F 37 16.48 12.19 -40.24
N GLY F 38 15.88 12.18 -39.07
CA GLY F 38 16.65 12.32 -37.85
C GLY F 38 15.80 12.12 -36.63
N TYR F 39 16.40 11.46 -35.65
CA TYR F 39 15.82 11.28 -34.34
C TYR F 39 16.18 12.46 -33.45
N ALA F 40 15.27 12.80 -32.54
CA ALA F 40 15.54 13.81 -31.53
C ALA F 40 14.88 13.37 -30.24
N ALA F 41 15.51 13.69 -29.12
CA ALA F 41 14.96 13.35 -27.82
C ALA F 41 14.21 14.54 -27.26
N ASP F 42 12.98 14.30 -26.81
CA ASP F 42 12.24 15.33 -26.09
C ASP F 42 12.81 15.34 -24.68
N LYS F 43 13.79 16.20 -24.43
CA LYS F 43 14.51 16.14 -23.17
C LYS F 43 13.61 16.44 -21.99
N GLU F 44 12.75 17.44 -22.09
CA GLU F 44 11.97 17.88 -20.93
C GLU F 44 11.13 16.74 -20.36
N SER F 45 10.45 15.99 -21.22
CA SER F 45 9.63 14.90 -20.72
C SER F 45 10.48 13.79 -20.13
N THR F 46 11.65 13.56 -20.73
CA THR F 46 12.58 12.57 -20.18
C THR F 46 13.08 13.00 -18.82
N GLN F 47 13.22 14.31 -18.60
CA GLN F 47 13.67 14.79 -17.30
C GLN F 47 12.56 14.65 -16.27
N LYS F 48 11.33 14.92 -16.68
CA LYS F 48 10.20 14.63 -15.79
C LYS F 48 10.23 13.16 -15.37
N ALA F 49 10.46 12.26 -16.32
CA ALA F 49 10.47 10.83 -15.99
C ALA F 49 11.67 10.46 -15.12
N ILE F 50 12.83 11.06 -15.38
CA ILE F 50 14.03 10.76 -14.61
C ILE F 50 13.86 11.24 -13.18
N ASP F 51 13.30 12.44 -13.01
CA ASP F 51 12.98 12.92 -11.66
C ASP F 51 12.00 11.99 -10.98
N GLY F 52 10.98 11.54 -11.70
CA GLY F 52 10.03 10.60 -11.13
C GLY F 52 10.73 9.38 -10.57
N VAL F 53 11.59 8.78 -11.38
CA VAL F 53 12.22 7.52 -10.97
C VAL F 53 13.22 7.77 -9.84
N THR F 54 13.98 8.86 -9.92
CA THR F 54 14.95 9.16 -8.87
C THR F 54 14.26 9.39 -7.53
N ASN F 55 13.19 10.18 -7.53
CA ASN F 55 12.44 10.40 -6.31
C ASN F 55 11.81 9.12 -5.82
N LYS F 56 11.43 8.22 -6.73
CA LYS F 56 10.87 6.94 -6.31
C LYS F 56 11.91 6.09 -5.60
N VAL F 57 13.13 6.04 -6.15
CA VAL F 57 14.20 5.26 -5.53
C VAL F 57 14.57 5.85 -4.18
N ASN F 58 14.70 7.17 -4.11
CA ASN F 58 14.97 7.82 -2.84
C ASN F 58 13.88 7.55 -1.82
N SER F 59 12.61 7.56 -2.25
CA SER F 59 11.52 7.26 -1.36
C SER F 59 11.63 5.84 -0.84
N ILE F 60 11.94 4.89 -1.71
CA ILE F 60 12.04 3.51 -1.29
C ILE F 60 13.16 3.34 -0.27
N ILE F 61 14.28 4.04 -0.48
CA ILE F 61 15.41 3.92 0.42
C ILE F 61 15.11 4.55 1.77
N ASP F 62 14.46 5.73 1.77
CA ASP F 62 14.35 6.50 3.00
C ASP F 62 13.05 6.24 3.76
N LYS F 63 12.06 5.63 3.14
CA LYS F 63 10.80 5.33 3.80
C LYS F 63 10.90 4.11 4.70
N MET F 64 11.85 3.22 4.42
CA MET F 64 12.10 2.05 5.24
C MET F 64 13.50 2.12 5.83
N ASN F 65 13.87 3.28 6.35
CA ASN F 65 15.16 3.46 7.01
C ASN F 65 15.08 3.27 8.51
N THR F 66 13.90 2.99 9.04
CA THR F 66 13.74 2.46 10.41
C THR F 66 12.84 1.24 10.30
N GLN F 67 13.43 0.10 9.93
CA GLN F 67 12.59 -1.07 9.70
C GLN F 67 12.35 -1.89 10.97
N PHE F 68 13.35 -2.67 11.34
CA PHE F 68 13.36 -3.44 12.59
C PHE F 68 14.70 -4.15 12.66
N GLU F 69 15.34 -4.15 13.82
CA GLU F 69 16.60 -4.86 13.97
C GLU F 69 16.44 -5.93 15.05
N ALA F 70 16.51 -7.19 14.62
CA ALA F 70 16.30 -8.28 15.56
C ALA F 70 17.59 -8.58 16.32
N VAL F 71 17.67 -8.06 17.54
CA VAL F 71 18.81 -8.35 18.41
C VAL F 71 18.52 -9.64 19.16
N GLY F 72 19.58 -10.40 19.41
CA GLY F 72 19.44 -11.74 19.97
C GLY F 72 19.39 -11.69 21.48
N ARG F 73 18.43 -12.39 22.04
CA ARG F 73 18.28 -12.55 23.48
C ARG F 73 18.31 -14.02 23.83
N GLU F 74 19.15 -14.37 24.80
CA GLU F 74 19.34 -15.75 25.19
C GLU F 74 18.50 -16.04 26.42
N PHE F 75 17.95 -17.25 26.48
CA PHE F 75 17.06 -17.67 27.55
C PHE F 75 17.46 -19.06 28.02
N ASN F 76 17.05 -19.40 29.23
CA ASN F 76 17.38 -20.69 29.80
C ASN F 76 16.33 -21.73 29.41
N ASN F 77 16.40 -22.90 30.05
CA ASN F 77 15.52 -23.99 29.68
C ASN F 77 14.15 -23.89 30.30
N LEU F 78 13.98 -23.08 31.34
CA LEU F 78 12.69 -22.92 32.01
C LEU F 78 12.04 -21.58 31.67
N GLU F 79 12.53 -20.94 30.61
CA GLU F 79 11.91 -19.73 30.07
C GLU F 79 11.48 -19.98 28.64
N ARG F 80 10.94 -21.16 28.38
CA ARG F 80 10.45 -21.50 27.05
C ARG F 80 9.34 -20.57 26.60
N ARG F 81 8.47 -20.15 27.53
CA ARG F 81 7.36 -19.30 27.15
C ARG F 81 7.84 -17.94 26.68
N ILE F 82 8.68 -17.28 27.46
CA ILE F 82 9.16 -15.96 27.09
C ILE F 82 10.09 -16.05 25.89
N GLU F 83 10.85 -17.13 25.77
CA GLU F 83 11.69 -17.31 24.59
C GLU F 83 10.84 -17.45 23.34
N ASN F 84 9.75 -18.21 23.42
CA ASN F 84 8.88 -18.36 22.26
C ASN F 84 8.18 -17.06 21.94
N LEU F 85 7.82 -16.29 22.97
CA LEU F 85 7.28 -14.96 22.75
C LEU F 85 8.24 -14.11 21.93
N ASN F 86 9.49 -14.01 22.39
CA ASN F 86 10.52 -13.28 21.66
C ASN F 86 10.67 -13.80 20.24
N LYS F 87 10.75 -15.12 20.08
CA LYS F 87 11.01 -15.72 18.79
C LYS F 87 9.93 -15.34 17.79
N LYS F 88 8.67 -15.56 18.16
CA LYS F 88 7.60 -15.31 17.21
C LYS F 88 7.33 -13.83 17.05
N MET F 89 7.71 -13.02 18.05
CA MET F 89 7.64 -11.57 17.86
C MET F 89 8.59 -11.11 16.77
N GLU F 90 9.87 -11.48 16.89
CA GLU F 90 10.83 -11.11 15.86
C GLU F 90 10.44 -11.68 14.50
N ASP F 91 9.97 -12.94 14.49
CA ASP F 91 9.54 -13.55 13.25
C ASP F 91 8.42 -12.75 12.61
N GLY F 92 7.42 -12.34 13.39
CA GLY F 92 6.30 -11.60 12.86
C GLY F 92 6.69 -10.23 12.35
N PHE F 93 7.59 -9.54 13.06
CA PHE F 93 8.04 -8.24 12.59
C PHE F 93 8.80 -8.38 11.28
N LEU F 94 9.65 -9.39 11.16
CA LEU F 94 10.40 -9.56 9.92
C LEU F 94 9.46 -9.93 8.77
N ASP F 95 8.45 -10.73 9.06
CA ASP F 95 7.46 -11.06 8.02
C ASP F 95 6.71 -9.82 7.56
N VAL F 96 6.26 -8.98 8.49
CA VAL F 96 5.47 -7.82 8.10
C VAL F 96 6.33 -6.83 7.33
N TRP F 97 7.62 -6.73 7.67
CA TRP F 97 8.45 -5.78 6.94
C TRP F 97 8.83 -6.31 5.57
N THR F 98 9.01 -7.62 5.44
CA THR F 98 9.17 -8.21 4.11
C THR F 98 7.94 -7.93 3.26
N TYR F 99 6.75 -8.09 3.86
CA TYR F 99 5.52 -7.77 3.14
C TYR F 99 5.53 -6.34 2.64
N ASN F 100 5.89 -5.40 3.52
CA ASN F 100 5.89 -4.00 3.13
C ASN F 100 6.85 -3.73 1.99
N ALA F 101 8.06 -4.30 2.07
CA ALA F 101 9.05 -4.07 1.01
C ALA F 101 8.55 -4.62 -0.31
N GLU F 102 7.97 -5.82 -0.30
CA GLU F 102 7.51 -6.43 -1.54
C GLU F 102 6.35 -5.64 -2.15
N LEU F 103 5.41 -5.20 -1.32
CA LEU F 103 4.31 -4.40 -1.84
C LEU F 103 4.79 -3.09 -2.43
N LEU F 104 5.73 -2.42 -1.75
CA LEU F 104 6.25 -1.20 -2.31
C LEU F 104 6.89 -1.46 -3.66
N VAL F 105 7.67 -2.53 -3.76
CA VAL F 105 8.37 -2.79 -5.02
C VAL F 105 7.37 -3.04 -6.15
N LEU F 106 6.37 -3.88 -5.87
CA LEU F 106 5.38 -4.22 -6.90
C LEU F 106 4.59 -3.00 -7.34
N MET F 107 4.02 -2.27 -6.38
CA MET F 107 3.18 -1.14 -6.73
C MET F 107 3.99 -0.06 -7.45
N GLU F 108 5.27 0.10 -7.09
CA GLU F 108 6.06 1.08 -7.79
C GLU F 108 6.39 0.65 -9.20
N ASN F 109 6.66 -0.63 -9.44
CA ASN F 109 6.83 -1.10 -10.80
C ASN F 109 5.60 -0.79 -11.63
N GLU F 110 4.43 -1.08 -11.08
CA GLU F 110 3.19 -0.77 -11.79
C GLU F 110 3.10 0.71 -12.13
N ARG F 111 3.23 1.57 -11.13
CA ARG F 111 3.05 2.99 -11.34
C ARG F 111 4.09 3.53 -12.31
N THR F 112 5.30 2.99 -12.29
CA THR F 112 6.36 3.50 -13.17
C THR F 112 6.13 3.13 -14.62
N LEU F 113 5.76 1.88 -14.88
CA LEU F 113 5.44 1.49 -16.24
C LEU F 113 4.28 2.32 -16.78
N ASP F 114 3.25 2.52 -15.94
CA ASP F 114 2.13 3.35 -16.39
C ASP F 114 2.51 4.81 -16.54
N PHE F 115 3.46 5.31 -15.75
CA PHE F 115 3.94 6.67 -15.91
C PHE F 115 4.62 6.85 -17.25
N HIS F 116 5.44 5.90 -17.65
CA HIS F 116 6.08 5.99 -18.96
C HIS F 116 5.04 5.96 -20.07
N ASP F 117 4.03 5.09 -19.94
CA ASP F 117 2.97 5.05 -20.95
C ASP F 117 2.26 6.39 -21.04
N SER F 118 1.96 6.97 -19.88
CA SER F 118 1.33 8.28 -19.84
C SER F 118 2.17 9.32 -20.55
N ASN F 119 3.49 9.27 -20.36
CA ASN F 119 4.35 10.27 -20.97
C ASN F 119 4.34 10.15 -22.49
N VAL F 120 4.37 8.92 -23.01
CA VAL F 120 4.33 8.75 -24.46
C VAL F 120 3.02 9.26 -25.03
N LYS F 121 1.90 8.89 -24.39
CA LYS F 121 0.62 9.36 -24.89
C LYS F 121 0.51 10.87 -24.82
N ASN F 122 1.03 11.46 -23.75
CA ASN F 122 0.97 12.91 -23.60
C ASN F 122 1.81 13.61 -24.65
N LEU F 123 2.94 13.03 -25.04
CA LEU F 123 3.74 13.65 -26.09
C LEU F 123 3.03 13.57 -27.43
N TYR F 124 2.45 12.40 -27.74
CA TYR F 124 1.66 12.31 -28.96
C TYR F 124 0.54 13.34 -28.98
N ASP F 125 -0.12 13.51 -27.83
CA ASP F 125 -1.19 14.50 -27.76
C ASP F 125 -0.67 15.92 -27.88
N LYS F 126 0.52 16.20 -27.34
CA LYS F 126 1.10 17.53 -27.48
C LYS F 126 1.34 17.85 -28.95
N VAL F 127 1.90 16.90 -29.69
CA VAL F 127 2.12 17.13 -31.12
C VAL F 127 0.79 17.32 -31.83
N ARG F 128 -0.20 16.48 -31.53
CA ARG F 128 -1.47 16.55 -32.24
C ARG F 128 -2.19 17.86 -31.98
N LEU F 129 -2.12 18.35 -30.73
CA LEU F 129 -2.88 19.54 -30.37
C LEU F 129 -2.31 20.79 -31.03
N GLN F 130 -1.03 20.80 -31.39
CA GLN F 130 -0.52 21.85 -32.23
C GLN F 130 -0.88 21.62 -33.69
N LEU F 131 -0.60 20.43 -34.22
CA LEU F 131 -0.73 20.17 -35.64
C LEU F 131 -2.18 20.06 -36.11
N ARG F 132 -3.13 20.55 -35.33
CA ARG F 132 -4.54 20.17 -35.38
C ARG F 132 -5.08 19.82 -36.75
N ASP F 133 -4.97 20.73 -37.70
CA ASP F 133 -5.59 20.48 -39.00
C ASP F 133 -4.59 20.58 -40.14
N ASN F 134 -3.40 21.10 -39.90
CA ASN F 134 -2.39 21.13 -40.94
C ASN F 134 -1.84 19.76 -41.26
N ALA F 135 -2.14 18.75 -40.45
CA ALA F 135 -1.57 17.42 -40.63
C ALA F 135 -2.67 16.38 -40.50
N LYS F 136 -2.31 15.14 -40.79
CA LYS F 136 -3.24 14.03 -40.63
C LYS F 136 -2.57 12.86 -39.93
N GLU F 137 -3.31 12.20 -39.05
CA GLU F 137 -2.81 11.06 -38.28
C GLU F 137 -2.73 9.86 -39.20
N LEU F 138 -1.56 9.22 -39.25
CA LEU F 138 -1.48 7.96 -40.00
C LEU F 138 -1.74 6.75 -39.12
N GLY F 139 -2.14 6.96 -37.87
CA GLY F 139 -2.67 5.90 -37.04
C GLY F 139 -1.67 5.14 -36.21
N ASN F 140 -0.36 5.33 -36.42
CA ASN F 140 0.63 4.57 -35.68
C ASN F 140 1.64 5.46 -34.98
N GLY F 141 1.32 6.73 -34.80
CA GLY F 141 2.24 7.66 -34.17
C GLY F 141 2.84 8.68 -35.10
N CYS F 142 2.54 8.62 -36.39
CA CYS F 142 3.11 9.55 -37.35
C CYS F 142 2.07 10.60 -37.74
N PHE F 143 2.55 11.74 -38.22
CA PHE F 143 1.69 12.81 -38.69
C PHE F 143 2.17 13.27 -40.05
N GLU F 144 1.29 13.23 -41.04
CA GLU F 144 1.59 13.67 -42.40
C GLU F 144 1.33 15.17 -42.51
N PHE F 145 2.36 15.92 -42.88
CA PHE F 145 2.21 17.36 -43.05
C PHE F 145 1.59 17.67 -44.41
N TYR F 146 0.51 18.46 -44.38
CA TYR F 146 -0.14 18.88 -45.62
C TYR F 146 0.55 20.05 -46.29
N HIS F 147 1.54 20.64 -45.64
CA HIS F 147 2.35 21.70 -46.24
C HIS F 147 3.81 21.27 -46.24
N LYS F 148 4.65 22.11 -46.83
CA LYS F 148 6.08 21.89 -46.79
C LYS F 148 6.67 22.63 -45.60
N CYS F 149 7.40 21.92 -44.73
CA CYS F 149 7.99 22.56 -43.55
C CYS F 149 9.34 21.93 -43.25
N ASP F 150 10.35 22.79 -43.12
CA ASP F 150 11.73 22.38 -42.99
C ASP F 150 12.09 22.15 -41.51
N ASN F 151 13.40 22.05 -41.26
CA ASN F 151 13.90 21.62 -39.96
C ASN F 151 13.52 22.57 -38.83
N GLU F 152 13.32 23.86 -39.15
CA GLU F 152 12.94 24.78 -38.10
C GLU F 152 11.46 24.66 -37.76
N CYS F 153 10.64 24.27 -38.73
CA CYS F 153 9.30 23.79 -38.41
C CYS F 153 9.35 22.69 -37.38
N MET F 154 10.18 21.67 -37.60
CA MET F 154 10.26 20.57 -36.64
C MET F 154 10.78 21.05 -35.30
N GLU F 155 11.70 22.00 -35.30
CA GLU F 155 12.20 22.50 -34.02
C GLU F 155 11.12 23.27 -33.26
N SER F 156 10.32 24.04 -33.98
CA SER F 156 9.20 24.75 -33.35
C SER F 156 8.18 23.77 -32.83
N ILE F 157 7.99 22.65 -33.52
CA ILE F 157 7.11 21.62 -32.99
C ILE F 157 7.69 21.01 -31.72
N ARG F 158 8.99 20.72 -31.72
CA ARG F 158 9.63 20.14 -30.55
C ARG F 158 9.50 21.05 -29.33
N ASN F 159 9.99 22.28 -29.42
CA ASN F 159 9.95 23.16 -28.26
C ASN F 159 8.57 23.76 -28.01
N GLY F 160 7.60 23.48 -28.87
CA GLY F 160 6.21 23.76 -28.57
C GLY F 160 5.66 25.07 -29.06
N THR F 161 6.18 25.63 -30.14
CA THR F 161 5.73 26.93 -30.63
C THR F 161 5.22 26.88 -32.06
N TYR F 162 4.64 25.77 -32.51
CA TYR F 162 4.16 25.65 -33.88
C TYR F 162 3.17 26.76 -34.21
N ASN F 163 3.39 27.46 -35.31
CA ASN F 163 2.57 28.60 -35.70
C ASN F 163 1.52 28.11 -36.68
N TYR F 164 0.25 28.17 -36.27
CA TYR F 164 -0.81 27.57 -37.06
C TYR F 164 -1.03 28.21 -38.43
N PRO F 165 -0.87 29.53 -38.62
CA PRO F 165 -1.04 30.08 -39.96
C PRO F 165 0.00 29.63 -40.97
N GLN F 166 -0.20 28.42 -41.50
CA GLN F 166 0.50 27.98 -42.71
C GLN F 166 -0.58 27.38 -43.63
N TYR F 167 -0.66 27.88 -44.87
CA TYR F 167 -1.74 27.45 -45.76
C TYR F 167 -1.52 26.01 -46.22
N SER F 168 -2.59 25.21 -46.15
CA SER F 168 -2.47 23.76 -46.16
C SER F 168 -3.43 23.07 -47.12
N GLU F 169 -3.43 23.46 -48.39
CA GLU F 169 -4.15 22.68 -49.39
C GLU F 169 -3.49 22.72 -50.75
N GLN G 1 -28.05 -34.61 -12.76
CA GLN G 1 -27.73 -33.24 -13.14
C GLN G 1 -28.59 -32.79 -14.33
N VAL G 2 -27.94 -32.14 -15.29
CA VAL G 2 -28.65 -31.59 -16.44
C VAL G 2 -28.80 -32.68 -17.50
N GLN G 3 -29.87 -32.59 -18.28
CA GLN G 3 -30.11 -33.50 -19.39
C GLN G 3 -30.78 -32.73 -20.53
N LEU G 4 -30.31 -32.98 -21.75
CA LEU G 4 -30.89 -32.39 -22.96
C LEU G 4 -31.34 -33.54 -23.86
N GLN G 5 -32.63 -33.58 -24.17
CA GLN G 5 -33.23 -34.66 -24.93
C GLN G 5 -33.78 -34.11 -26.24
N GLN G 6 -33.27 -34.61 -27.36
CA GLN G 6 -33.61 -34.05 -28.65
C GLN G 6 -34.78 -34.76 -29.30
N SER G 7 -35.46 -34.07 -30.21
CA SER G 7 -36.49 -34.68 -31.02
C SER G 7 -36.63 -33.89 -32.30
N GLY G 8 -37.30 -34.49 -33.28
CA GLY G 8 -37.44 -33.89 -34.59
C GLY G 8 -37.28 -34.92 -35.68
N PRO G 9 -38.02 -34.74 -36.77
CA PRO G 9 -37.98 -35.75 -37.84
C PRO G 9 -36.64 -35.79 -38.54
N GLY G 10 -36.14 -37.00 -38.74
CA GLY G 10 -34.83 -37.21 -39.33
C GLY G 10 -34.78 -37.02 -40.82
N LEU G 11 -35.94 -36.98 -41.46
CA LEU G 11 -36.03 -36.76 -42.90
C LEU G 11 -36.81 -35.48 -43.17
N VAL G 12 -36.24 -34.62 -44.02
CA VAL G 12 -36.84 -33.33 -44.33
C VAL G 12 -36.65 -33.09 -45.82
N LYS G 13 -37.72 -32.70 -46.50
CA LYS G 13 -37.68 -32.55 -47.94
C LYS G 13 -36.80 -31.36 -48.33
N PRO G 14 -36.12 -31.44 -49.48
CA PRO G 14 -35.25 -30.33 -49.88
C PRO G 14 -36.03 -29.03 -50.00
N SER G 15 -35.36 -27.93 -49.69
CA SER G 15 -35.87 -26.56 -49.70
C SER G 15 -37.00 -26.36 -48.69
N GLN G 16 -37.34 -27.36 -47.87
CA GLN G 16 -38.47 -27.27 -46.97
C GLN G 16 -37.99 -26.70 -45.64
N THR G 17 -38.77 -26.91 -44.58
CA THR G 17 -38.44 -26.39 -43.26
C THR G 17 -37.97 -27.51 -42.34
N LEU G 18 -36.73 -27.41 -41.86
CA LEU G 18 -36.22 -28.31 -40.84
C LEU G 18 -36.54 -27.74 -39.46
N SER G 19 -36.93 -28.61 -38.53
CA SER G 19 -37.35 -28.19 -37.20
C SER G 19 -36.97 -29.25 -36.18
N LEU G 20 -36.03 -28.92 -35.30
CA LEU G 20 -35.68 -29.78 -34.18
C LEU G 20 -36.06 -29.10 -32.89
N THR G 21 -36.22 -29.88 -31.83
CA THR G 21 -36.61 -29.36 -30.54
C THR G 21 -35.88 -30.10 -29.42
N CYS G 22 -35.14 -29.34 -28.62
CA CYS G 22 -34.32 -29.87 -27.54
C CYS G 22 -35.03 -29.53 -26.23
N GLY G 23 -35.52 -30.57 -25.55
CA GLY G 23 -36.15 -30.40 -24.26
C GLY G 23 -35.12 -30.51 -23.15
N ILE G 24 -35.26 -29.65 -22.16
CA ILE G 24 -34.28 -29.49 -21.10
C ILE G 24 -34.85 -30.08 -19.82
N SER G 25 -33.98 -30.67 -19.00
CA SER G 25 -34.33 -31.10 -17.66
C SER G 25 -33.14 -30.83 -16.76
N GLY G 26 -33.40 -30.35 -15.56
CA GLY G 26 -32.34 -30.11 -14.60
C GLY G 26 -31.95 -28.67 -14.43
N ASP G 27 -32.35 -27.79 -15.36
CA ASP G 27 -32.08 -26.37 -15.23
C ASP G 27 -33.26 -25.61 -15.81
N SER G 28 -33.04 -24.34 -16.10
CA SER G 28 -34.08 -23.51 -16.69
C SER G 28 -33.55 -22.88 -17.98
N VAL G 29 -34.33 -23.01 -19.06
CA VAL G 29 -33.94 -22.38 -20.30
C VAL G 29 -33.84 -20.87 -20.13
N SER G 30 -34.48 -20.33 -19.10
CA SER G 30 -34.33 -18.93 -18.74
C SER G 30 -33.19 -18.69 -17.77
N SER G 31 -32.18 -19.55 -17.75
CA SER G 31 -31.06 -19.38 -16.85
C SER G 31 -30.24 -18.16 -17.24
N ASP G 32 -29.77 -17.42 -16.23
CA ASP G 32 -28.92 -16.27 -16.47
C ASP G 32 -27.45 -16.62 -16.54
N ALA G 33 -27.09 -17.87 -16.31
CA ALA G 33 -25.71 -18.30 -16.25
C ALA G 33 -25.33 -19.27 -17.35
N ALA G 34 -26.10 -19.34 -18.42
CA ALA G 34 -25.81 -20.25 -19.51
C ALA G 34 -26.38 -19.72 -20.82
N ALA G 35 -25.98 -20.35 -21.90
CA ALA G 35 -26.53 -20.09 -23.21
C ALA G 35 -26.80 -21.42 -23.88
N TRP G 36 -27.68 -21.43 -24.87
CA TRP G 36 -28.10 -22.68 -25.48
C TRP G 36 -27.74 -22.66 -26.96
N ASP G 37 -26.80 -23.51 -27.34
CA ASP G 37 -26.26 -23.52 -28.68
C ASP G 37 -26.78 -24.70 -29.48
N TRP G 38 -26.74 -24.57 -30.79
CA TRP G 38 -27.00 -25.65 -31.72
C TRP G 38 -25.79 -25.81 -32.62
N ILE G 39 -25.28 -27.05 -32.66
CA ILE G 39 -24.06 -27.44 -33.35
C ILE G 39 -24.43 -28.48 -34.40
N ARG G 40 -23.65 -28.58 -35.47
CA ARG G 40 -23.82 -29.66 -36.42
C ARG G 40 -22.46 -30.25 -36.78
N GLN G 41 -22.42 -31.57 -36.88
CA GLN G 41 -21.21 -32.29 -37.25
C GLN G 41 -21.47 -33.16 -38.47
N SER G 42 -20.58 -33.08 -39.43
CA SER G 42 -20.64 -33.90 -40.64
C SER G 42 -19.24 -34.39 -40.97
N PRO G 43 -19.11 -35.59 -41.52
CA PRO G 43 -17.77 -36.07 -41.90
C PRO G 43 -17.05 -35.16 -42.86
N SER G 44 -17.76 -34.28 -43.56
CA SER G 44 -17.12 -33.39 -44.52
C SER G 44 -16.65 -32.10 -43.85
N ARG G 45 -17.48 -31.53 -42.99
CA ARG G 45 -17.22 -30.22 -42.41
C ARG G 45 -16.76 -30.27 -40.96
N GLY G 46 -16.86 -31.43 -40.31
CA GLY G 46 -16.53 -31.46 -38.89
C GLY G 46 -17.62 -30.79 -38.08
N LEU G 47 -17.25 -30.34 -36.88
CA LEU G 47 -18.20 -29.67 -36.01
C LEU G 47 -18.28 -28.19 -36.37
N GLU G 48 -19.50 -27.71 -36.55
CA GLU G 48 -19.74 -26.31 -36.91
C GLU G 48 -20.77 -25.74 -35.94
N TRP G 49 -20.50 -24.55 -35.44
CA TRP G 49 -21.45 -23.89 -34.56
C TRP G 49 -22.53 -23.24 -35.39
N LEU G 50 -23.78 -23.63 -35.15
CA LEU G 50 -24.89 -23.08 -35.90
C LEU G 50 -25.51 -21.85 -35.25
N GLY G 51 -26.01 -21.98 -34.04
CA GLY G 51 -26.72 -20.86 -33.46
C GLY G 51 -26.69 -20.88 -31.95
N ARG G 52 -27.27 -19.84 -31.36
CA ARG G 52 -27.31 -19.74 -29.91
C ARG G 52 -28.47 -18.85 -29.50
N THR G 53 -29.05 -19.14 -28.35
CA THR G 53 -29.98 -18.25 -27.70
C THR G 53 -29.59 -18.09 -26.23
N PHE G 54 -30.14 -17.05 -25.61
CA PHE G 54 -30.02 -16.89 -24.16
C PHE G 54 -30.95 -15.78 -23.70
N TYR G 55 -30.98 -15.55 -22.40
CA TYR G 55 -31.90 -14.60 -21.80
C TYR G 55 -31.21 -13.79 -20.72
N ARG G 56 -31.04 -12.50 -20.94
CA ARG G 56 -30.57 -11.61 -19.89
C ARG G 56 -31.64 -10.59 -19.54
N SER G 57 -32.11 -9.82 -20.52
CA SER G 57 -33.24 -8.92 -20.32
C SER G 57 -34.31 -9.11 -21.38
N ARG G 58 -33.92 -9.34 -22.63
CA ARG G 58 -34.83 -9.83 -23.66
C ARG G 58 -34.34 -11.21 -24.07
N TRP G 59 -34.92 -11.75 -25.13
CA TRP G 59 -34.42 -13.00 -25.68
C TRP G 59 -33.41 -12.69 -26.77
N HIS G 60 -32.18 -13.20 -26.59
CA HIS G 60 -31.08 -12.87 -27.48
C HIS G 60 -30.76 -14.06 -28.37
N HIS G 61 -30.65 -13.78 -29.67
CA HIS G 61 -30.33 -14.79 -30.66
C HIS G 61 -29.02 -14.42 -31.34
N ASP G 62 -28.06 -15.35 -31.30
CA ASP G 62 -26.76 -15.16 -31.90
C ASP G 62 -26.54 -16.24 -32.93
N TYR G 63 -26.66 -15.89 -34.21
CA TYR G 63 -26.57 -16.86 -35.29
C TYR G 63 -25.19 -16.78 -35.93
N SER G 64 -24.88 -17.80 -36.73
CA SER G 64 -23.59 -17.89 -37.38
C SER G 64 -23.58 -17.11 -38.69
N GLU G 65 -22.50 -17.30 -39.45
CA GLU G 65 -22.42 -16.68 -40.76
C GLU G 65 -22.83 -17.66 -41.85
N SER G 66 -22.50 -18.94 -41.70
CA SER G 66 -22.92 -19.92 -42.69
C SER G 66 -24.41 -20.14 -42.70
N VAL G 67 -25.14 -19.58 -41.74
CA VAL G 67 -26.59 -19.69 -41.70
C VAL G 67 -27.22 -18.32 -41.51
N LYS G 68 -26.61 -17.29 -42.07
CA LYS G 68 -27.23 -15.96 -42.11
C LYS G 68 -28.63 -16.04 -42.68
N ASN G 69 -29.60 -15.50 -41.93
CA ASN G 69 -30.98 -15.36 -42.38
C ASN G 69 -31.64 -16.72 -42.65
N ARG G 70 -30.90 -17.80 -42.48
CA ARG G 70 -31.38 -19.14 -42.78
C ARG G 70 -31.79 -19.92 -41.55
N ILE G 71 -31.59 -19.37 -40.35
CA ILE G 71 -31.79 -20.08 -39.10
C ILE G 71 -32.59 -19.22 -38.15
N THR G 72 -33.36 -19.86 -37.27
CA THR G 72 -34.03 -19.18 -36.17
C THR G 72 -34.12 -20.13 -34.99
N ILE G 73 -33.78 -19.62 -33.81
CA ILE G 73 -33.78 -20.42 -32.59
C ILE G 73 -34.73 -19.76 -31.61
N ASN G 74 -35.57 -20.57 -30.97
CA ASN G 74 -36.59 -20.06 -30.07
C ASN G 74 -36.47 -20.74 -28.72
N ALA G 75 -36.87 -20.03 -27.68
CA ALA G 75 -36.93 -20.60 -26.33
C ALA G 75 -38.34 -20.50 -25.79
N ASP G 76 -38.89 -21.64 -25.39
CA ASP G 76 -40.24 -21.72 -24.83
C ASP G 76 -40.11 -22.14 -23.37
N THR G 77 -40.33 -21.18 -22.48
CA THR G 77 -40.35 -21.45 -21.05
C THR G 77 -41.58 -22.22 -20.61
N SER G 78 -42.63 -22.23 -21.42
CA SER G 78 -43.83 -22.98 -21.07
C SER G 78 -43.59 -24.48 -21.07
N LYS G 79 -42.65 -24.95 -21.90
CA LYS G 79 -42.24 -26.35 -21.89
C LYS G 79 -40.79 -26.54 -21.47
N ASN G 80 -40.08 -25.46 -21.17
CA ASN G 80 -38.64 -25.50 -20.90
C ASN G 80 -37.91 -26.23 -22.01
N GLN G 81 -37.99 -25.65 -23.21
CA GLN G 81 -37.35 -26.25 -24.37
C GLN G 81 -36.81 -25.14 -25.25
N PHE G 82 -35.92 -25.50 -26.16
CA PHE G 82 -35.53 -24.55 -27.19
C PHE G 82 -35.39 -25.28 -28.52
N SER G 83 -35.68 -24.53 -29.59
CA SER G 83 -36.03 -25.09 -30.87
C SER G 83 -35.17 -24.49 -31.97
N LEU G 84 -34.73 -25.35 -32.88
CA LEU G 84 -33.96 -24.98 -34.06
C LEU G 84 -34.88 -25.06 -35.27
N GLN G 85 -34.83 -24.02 -36.11
CA GLN G 85 -35.74 -23.90 -37.24
C GLN G 85 -34.96 -23.36 -38.42
N LEU G 86 -34.67 -24.25 -39.38
CA LEU G 86 -33.73 -23.96 -40.47
C LEU G 86 -34.49 -24.03 -41.79
N THR G 87 -34.50 -22.92 -42.51
CA THR G 87 -35.30 -22.81 -43.74
C THR G 87 -34.46 -23.12 -44.96
N SER G 88 -35.14 -23.51 -46.04
CA SER G 88 -34.52 -23.75 -47.34
C SER G 88 -33.37 -24.73 -47.24
N VAL G 89 -33.68 -25.92 -46.72
CA VAL G 89 -32.65 -26.93 -46.54
C VAL G 89 -32.21 -27.47 -47.88
N THR G 90 -30.91 -27.68 -48.03
CA THR G 90 -30.30 -28.21 -49.24
C THR G 90 -29.52 -29.45 -48.88
N PRO G 91 -28.98 -30.17 -49.87
CA PRO G 91 -28.17 -31.37 -49.57
C PRO G 91 -26.98 -31.12 -48.64
N GLU G 92 -26.51 -29.90 -48.47
CA GLU G 92 -25.32 -29.66 -47.67
C GLU G 92 -25.57 -29.73 -46.17
N ASP G 93 -26.82 -29.93 -45.74
CA ASP G 93 -27.14 -29.93 -44.32
C ASP G 93 -27.17 -31.31 -43.70
N THR G 94 -27.01 -32.38 -44.49
CA THR G 94 -27.01 -33.73 -43.94
C THR G 94 -25.93 -33.86 -42.89
N ALA G 95 -26.33 -34.05 -41.64
CA ALA G 95 -25.37 -34.07 -40.54
C ALA G 95 -26.06 -34.52 -39.26
N THR G 96 -25.26 -34.64 -38.20
CA THR G 96 -25.77 -34.92 -36.87
C THR G 96 -25.84 -33.60 -36.09
N TYR G 97 -27.04 -33.25 -35.63
CA TYR G 97 -27.26 -31.98 -34.96
C TYR G 97 -27.30 -32.20 -33.45
N TYR G 98 -26.56 -31.37 -32.72
CA TYR G 98 -26.49 -31.46 -31.26
C TYR G 98 -26.98 -30.16 -30.64
N CYS G 99 -27.82 -30.28 -29.62
CA CYS G 99 -28.15 -29.13 -28.79
C CYS G 99 -27.29 -29.15 -27.54
N ALA G 100 -26.65 -28.01 -27.25
CA ALA G 100 -25.65 -27.97 -26.20
C ALA G 100 -25.95 -26.82 -25.26
N ARG G 101 -25.41 -26.93 -24.05
CA ARG G 101 -25.53 -25.89 -23.04
C ARG G 101 -24.16 -25.27 -22.80
N ALA G 102 -23.95 -24.09 -23.36
CA ALA G 102 -22.70 -23.38 -23.22
C ALA G 102 -22.65 -22.67 -21.88
N GLY G 103 -21.92 -23.25 -20.93
CA GLY G 103 -22.10 -22.75 -19.57
C GLY G 103 -21.11 -23.19 -18.56
N VAL G 104 -19.86 -22.93 -18.89
CA VAL G 104 -18.70 -23.08 -17.98
C VAL G 104 -18.09 -21.72 -18.16
N ARG G 105 -18.00 -20.96 -17.10
CA ARG G 105 -17.54 -19.59 -17.30
C ARG G 105 -16.16 -19.34 -16.71
N VAL G 106 -15.54 -18.24 -17.00
CA VAL G 106 -14.23 -18.01 -16.35
C VAL G 106 -14.13 -16.55 -15.98
N PHE G 107 -14.52 -16.25 -14.75
CA PHE G 107 -14.65 -14.96 -14.05
C PHE G 107 -16.01 -14.42 -14.39
N GLY G 108 -16.98 -15.30 -14.56
CA GLY G 108 -18.32 -14.81 -14.87
C GLY G 108 -18.59 -14.77 -16.33
N ILE G 109 -17.61 -14.55 -17.20
CA ILE G 109 -18.00 -14.52 -18.61
C ILE G 109 -18.06 -15.92 -19.12
N ILE G 110 -18.99 -16.21 -20.03
CA ILE G 110 -19.16 -17.52 -20.66
C ILE G 110 -18.10 -17.46 -21.71
N VAL G 111 -17.05 -18.27 -21.62
CA VAL G 111 -16.41 -18.87 -22.80
C VAL G 111 -17.46 -19.74 -23.45
N ASN G 112 -17.49 -19.90 -24.77
CA ASN G 112 -18.51 -20.79 -25.33
C ASN G 112 -18.16 -22.27 -25.23
N SER G 113 -17.28 -22.76 -24.36
CA SER G 113 -17.00 -24.18 -24.47
C SER G 113 -18.23 -24.94 -24.02
N LEU G 114 -18.88 -25.68 -24.93
CA LEU G 114 -20.11 -26.43 -24.61
C LEU G 114 -19.87 -27.30 -23.40
N ASP G 115 -20.83 -27.38 -22.51
CA ASP G 115 -20.77 -28.07 -21.23
C ASP G 115 -21.57 -29.38 -21.19
N TYR G 116 -22.78 -29.37 -21.74
CA TYR G 116 -23.63 -30.54 -21.80
C TYR G 116 -24.19 -30.64 -23.22
N TRP G 117 -24.49 -31.84 -23.66
CA TRP G 117 -24.91 -32.08 -25.03
C TRP G 117 -26.15 -32.96 -25.07
N GLY G 118 -26.91 -32.83 -26.14
CA GLY G 118 -27.97 -33.77 -26.40
C GLY G 118 -27.45 -34.96 -27.17
N GLN G 119 -28.19 -36.07 -27.10
CA GLN G 119 -27.73 -37.30 -27.73
C GLN G 119 -27.67 -37.21 -29.25
N GLY G 120 -27.97 -36.05 -29.82
CA GLY G 120 -27.77 -35.84 -31.24
C GLY G 120 -28.87 -36.43 -32.09
N THR G 121 -29.23 -35.73 -33.17
CA THR G 121 -30.24 -36.18 -34.10
C THR G 121 -29.62 -36.19 -35.49
N LEU G 122 -29.51 -37.36 -36.09
CA LEU G 122 -29.06 -37.45 -37.47
C LEU G 122 -30.17 -36.93 -38.37
N VAL G 123 -29.81 -36.13 -39.36
CA VAL G 123 -30.76 -35.49 -40.26
C VAL G 123 -30.19 -35.56 -41.66
N THR G 124 -30.96 -36.13 -42.58
CA THR G 124 -30.60 -36.17 -43.98
C THR G 124 -31.70 -35.52 -44.80
N VAL G 125 -31.32 -34.92 -45.91
CA VAL G 125 -32.26 -34.33 -46.85
C VAL G 125 -32.07 -35.05 -48.17
N SER G 126 -33.18 -35.38 -48.84
CA SER G 126 -33.12 -36.17 -50.05
C SER G 126 -34.46 -36.09 -50.77
N SER G 127 -34.45 -36.54 -52.03
CA SER G 127 -35.69 -36.70 -52.78
C SER G 127 -36.30 -38.08 -52.62
N ALA G 128 -35.67 -38.96 -51.85
CA ALA G 128 -36.17 -40.31 -51.68
C ALA G 128 -37.29 -40.34 -50.64
N SER G 129 -38.05 -41.43 -50.68
CA SER G 129 -39.13 -41.62 -49.71
C SER G 129 -38.74 -42.67 -48.67
N THR G 130 -39.49 -42.69 -47.57
CA THR G 130 -39.22 -43.63 -46.50
C THR G 130 -39.52 -45.06 -46.94
N LYS G 131 -38.70 -45.99 -46.43
CA LYS G 131 -38.85 -47.41 -46.74
C LYS G 131 -38.56 -48.23 -45.49
N GLY G 132 -39.49 -49.12 -45.15
CA GLY G 132 -39.34 -49.98 -44.00
C GLY G 132 -38.30 -51.06 -44.22
N PRO G 133 -37.56 -51.39 -43.17
CA PRO G 133 -36.48 -52.39 -43.30
C PRO G 133 -37.02 -53.81 -43.27
N SER G 134 -36.33 -54.67 -44.00
CA SER G 134 -36.58 -56.11 -43.94
C SER G 134 -35.47 -56.77 -43.15
N VAL G 135 -35.84 -57.62 -42.21
CA VAL G 135 -34.90 -58.24 -41.28
C VAL G 135 -34.84 -59.72 -41.58
N PHE G 136 -33.61 -60.23 -41.75
CA PHE G 136 -33.40 -61.59 -42.19
C PHE G 136 -32.47 -62.31 -41.23
N PRO G 137 -32.75 -63.58 -40.90
CA PRO G 137 -31.95 -64.27 -39.89
C PRO G 137 -30.61 -64.71 -40.44
N LEU G 138 -29.64 -64.82 -39.54
CA LEU G 138 -28.30 -65.32 -39.84
C LEU G 138 -28.02 -66.41 -38.80
N ALA G 139 -28.33 -67.64 -39.17
CA ALA G 139 -28.34 -68.78 -38.26
C ALA G 139 -26.91 -69.28 -38.00
N PRO G 140 -26.64 -69.80 -36.81
CA PRO G 140 -25.31 -70.33 -36.53
C PRO G 140 -25.05 -71.63 -37.30
N SER G 141 -23.77 -71.87 -37.60
CA SER G 141 -23.39 -73.06 -38.36
C SER G 141 -23.55 -74.31 -37.51
N SER G 142 -23.71 -75.45 -38.17
CA SER G 142 -23.85 -76.73 -37.49
C SER G 142 -22.48 -77.26 -37.06
N THR G 149 -18.23 -69.40 -29.18
CA THR G 149 -17.72 -70.40 -30.12
C THR G 149 -18.55 -70.40 -31.40
N ALA G 150 -19.83 -70.04 -31.28
CA ALA G 150 -20.72 -69.94 -32.41
C ALA G 150 -21.14 -68.49 -32.60
N ALA G 151 -21.53 -68.15 -33.83
CA ALA G 151 -21.93 -66.79 -34.17
C ALA G 151 -23.28 -66.81 -34.89
N LEU G 152 -24.06 -65.75 -34.66
CA LEU G 152 -25.36 -65.61 -35.32
C LEU G 152 -25.68 -64.13 -35.40
N GLY G 153 -26.74 -63.80 -36.12
CA GLY G 153 -27.06 -62.39 -36.24
C GLY G 153 -28.24 -62.10 -37.14
N CYS G 154 -28.28 -60.85 -37.60
CA CYS G 154 -29.41 -60.28 -38.30
C CYS G 154 -28.89 -59.43 -39.45
N LEU G 155 -29.57 -59.53 -40.61
CA LEU G 155 -29.27 -58.67 -41.74
C LEU G 155 -30.47 -57.76 -41.96
N VAL G 156 -30.29 -56.47 -41.76
CA VAL G 156 -31.34 -55.48 -41.99
C VAL G 156 -31.04 -54.86 -43.36
N LYS G 157 -32.04 -54.92 -44.23
CA LYS G 157 -31.88 -54.54 -45.64
C LYS G 157 -32.96 -53.56 -46.03
N ASP G 158 -32.63 -52.68 -46.99
CA ASP G 158 -33.64 -51.95 -47.73
C ASP G 158 -34.48 -51.06 -46.81
N TYR G 159 -33.83 -50.08 -46.20
CA TYR G 159 -34.53 -49.07 -45.41
C TYR G 159 -33.94 -47.69 -45.69
N PHE G 160 -34.67 -46.67 -45.26
CA PHE G 160 -34.29 -45.29 -45.54
C PHE G 160 -35.14 -44.37 -44.68
N PRO G 161 -34.55 -43.38 -44.01
CA PRO G 161 -33.11 -43.14 -43.92
C PRO G 161 -32.47 -43.69 -42.64
N GLU G 162 -31.22 -43.29 -42.38
CA GLU G 162 -30.59 -43.58 -41.11
C GLU G 162 -31.29 -42.81 -40.00
N PRO G 163 -31.18 -43.26 -38.75
CA PRO G 163 -30.54 -44.47 -38.24
C PRO G 163 -31.53 -45.59 -37.96
N VAL G 164 -31.04 -46.72 -37.47
CA VAL G 164 -31.87 -47.83 -37.06
C VAL G 164 -31.34 -48.38 -35.74
N THR G 165 -32.24 -48.73 -34.84
CA THR G 165 -31.85 -49.26 -33.54
C THR G 165 -32.09 -50.76 -33.51
N VAL G 166 -31.09 -51.50 -33.00
CA VAL G 166 -31.14 -52.95 -32.96
C VAL G 166 -30.73 -53.42 -31.57
N SER G 167 -31.40 -54.46 -31.08
CA SER G 167 -31.14 -55.05 -29.78
C SER G 167 -31.39 -56.55 -29.82
N TRP G 168 -31.04 -57.21 -28.72
CA TRP G 168 -31.17 -58.66 -28.58
C TRP G 168 -31.87 -58.96 -27.27
N ASN G 169 -32.99 -59.70 -27.35
CA ASN G 169 -33.78 -60.08 -26.19
C ASN G 169 -34.18 -58.85 -25.37
N SER G 170 -34.72 -57.86 -26.05
CA SER G 170 -35.16 -56.59 -25.45
C SER G 170 -34.05 -55.91 -24.67
N GLY G 171 -32.80 -56.08 -25.09
CA GLY G 171 -31.67 -55.48 -24.42
C GLY G 171 -31.00 -56.35 -23.37
N ALA G 172 -31.48 -57.57 -23.18
CA ALA G 172 -30.89 -58.44 -22.15
C ALA G 172 -29.48 -58.87 -22.53
N LEU G 173 -29.19 -59.02 -23.82
CA LEU G 173 -27.90 -59.48 -24.30
C LEU G 173 -27.08 -58.25 -24.70
N THR G 174 -25.93 -58.07 -24.06
CA THR G 174 -25.07 -56.93 -24.33
C THR G 174 -23.67 -57.37 -24.74
N SER G 175 -23.18 -58.45 -24.12
CA SER G 175 -21.81 -58.88 -24.37
C SER G 175 -21.69 -59.49 -25.76
N GLY G 176 -20.56 -59.21 -26.43
CA GLY G 176 -20.27 -59.79 -27.71
C GLY G 176 -21.08 -59.29 -28.88
N VAL G 177 -21.92 -58.28 -28.67
CA VAL G 177 -22.73 -57.75 -29.76
C VAL G 177 -21.91 -56.77 -30.57
N HIS G 178 -22.09 -56.81 -31.88
CA HIS G 178 -21.40 -55.90 -32.81
C HIS G 178 -22.45 -55.39 -33.78
N THR G 179 -22.67 -54.08 -33.75
CA THR G 179 -23.64 -53.41 -34.60
C THR G 179 -22.89 -52.58 -35.64
N PHE G 180 -23.16 -52.87 -36.90
CA PHE G 180 -22.28 -52.46 -37.99
C PHE G 180 -22.74 -51.14 -38.61
N PRO G 181 -21.80 -50.26 -38.95
CA PRO G 181 -22.17 -49.04 -39.67
C PRO G 181 -22.75 -49.39 -41.02
N ALA G 182 -23.91 -48.81 -41.31
CA ALA G 182 -24.63 -49.17 -42.53
C ALA G 182 -23.85 -48.73 -43.77
N VAL G 183 -24.25 -49.28 -44.91
CA VAL G 183 -23.65 -48.95 -46.20
C VAL G 183 -24.78 -48.60 -47.16
N LEU G 184 -24.55 -47.56 -47.96
CA LEU G 184 -25.51 -47.12 -48.96
C LEU G 184 -25.41 -48.04 -50.17
N GLN G 185 -26.51 -48.68 -50.52
CA GLN G 185 -26.55 -49.57 -51.66
C GLN G 185 -26.74 -48.75 -52.94
N SER G 186 -26.32 -49.35 -54.07
CA SER G 186 -26.44 -48.68 -55.35
C SER G 186 -27.88 -48.31 -55.68
N SER G 187 -28.86 -49.04 -55.14
CA SER G 187 -30.26 -48.70 -55.35
C SER G 187 -30.70 -47.49 -54.54
N GLY G 188 -29.80 -46.86 -53.78
CA GLY G 188 -30.16 -45.77 -52.92
C GLY G 188 -30.77 -46.17 -51.60
N LEU G 189 -30.52 -47.40 -51.15
CA LEU G 189 -31.11 -47.94 -49.94
C LEU G 189 -30.03 -48.32 -48.94
N TYR G 190 -30.41 -48.36 -47.66
CA TYR G 190 -29.47 -48.63 -46.60
C TYR G 190 -29.58 -50.07 -46.11
N SER G 191 -28.49 -50.56 -45.52
CA SER G 191 -28.41 -51.95 -45.10
C SER G 191 -27.24 -52.12 -44.15
N LEU G 192 -27.43 -52.97 -43.14
CA LEU G 192 -26.34 -53.33 -42.23
C LEU G 192 -26.64 -54.68 -41.62
N SER G 193 -25.77 -55.09 -40.70
CA SER G 193 -25.92 -56.37 -40.00
C SER G 193 -25.54 -56.20 -38.53
N SER G 194 -26.11 -57.06 -37.70
CA SER G 194 -25.82 -57.11 -36.28
C SER G 194 -25.47 -58.54 -35.90
N VAL G 195 -24.28 -58.73 -35.32
CA VAL G 195 -23.80 -60.08 -35.04
C VAL G 195 -23.56 -60.21 -33.54
N VAL G 196 -23.66 -61.45 -33.05
CA VAL G 196 -23.31 -61.78 -31.68
C VAL G 196 -22.77 -63.21 -31.64
N THR G 197 -21.78 -63.42 -30.78
CA THR G 197 -21.19 -64.74 -30.58
C THR G 197 -21.56 -65.26 -29.20
N VAL G 198 -21.84 -66.55 -29.13
CA VAL G 198 -22.25 -67.23 -27.90
C VAL G 198 -21.61 -68.60 -27.84
N PRO G 199 -21.50 -69.17 -26.64
CA PRO G 199 -21.07 -70.56 -26.53
C PRO G 199 -22.02 -71.48 -27.30
N SER G 200 -21.45 -72.42 -28.05
CA SER G 200 -22.27 -73.30 -28.88
C SER G 200 -23.17 -74.19 -28.03
N SER G 201 -22.76 -74.44 -26.78
CA SER G 201 -23.57 -75.26 -25.87
C SER G 201 -24.97 -74.71 -25.69
N SER G 202 -25.14 -73.39 -25.75
CA SER G 202 -26.47 -72.79 -25.61
C SER G 202 -27.18 -72.65 -26.95
N LEU G 203 -26.75 -73.37 -27.98
CA LEU G 203 -27.36 -73.22 -29.30
C LEU G 203 -28.80 -73.72 -29.32
N GLY G 204 -29.14 -74.67 -28.48
CA GLY G 204 -30.46 -75.25 -28.49
C GLY G 204 -31.39 -74.78 -27.39
N THR G 205 -30.82 -74.31 -26.28
CA THR G 205 -31.60 -73.95 -25.11
C THR G 205 -31.87 -72.46 -24.97
N GLN G 206 -31.05 -71.61 -25.58
CA GLN G 206 -31.21 -70.17 -25.45
C GLN G 206 -31.86 -69.61 -26.71
N THR G 207 -32.99 -68.93 -26.54
CA THR G 207 -33.67 -68.31 -27.66
C THR G 207 -33.18 -66.88 -27.86
N TYR G 208 -32.83 -66.55 -29.10
CA TYR G 208 -32.23 -65.27 -29.43
C TYR G 208 -33.19 -64.49 -30.32
N ILE G 209 -33.74 -63.40 -29.78
CA ILE G 209 -34.73 -62.59 -30.47
C ILE G 209 -34.08 -61.27 -30.88
N CYS G 210 -34.16 -60.96 -32.17
CA CYS G 210 -33.60 -59.76 -32.76
C CYS G 210 -34.67 -58.68 -32.82
N ASN G 211 -34.40 -57.53 -32.22
CA ASN G 211 -35.40 -56.47 -32.08
C ASN G 211 -34.90 -55.24 -32.83
N VAL G 212 -35.62 -54.86 -33.88
CA VAL G 212 -35.24 -53.74 -34.73
C VAL G 212 -36.33 -52.68 -34.68
N ASN G 213 -35.90 -51.41 -34.69
CA ASN G 213 -36.80 -50.27 -34.66
C ASN G 213 -36.27 -49.23 -35.64
N HIS G 214 -37.14 -48.78 -36.54
CA HIS G 214 -36.87 -47.76 -37.55
C HIS G 214 -38.01 -46.75 -37.42
N LYS G 215 -37.77 -45.69 -36.65
CA LYS G 215 -38.85 -44.79 -36.26
C LYS G 215 -39.36 -43.90 -37.39
N PRO G 216 -38.55 -43.44 -38.36
CA PRO G 216 -39.16 -42.73 -39.51
C PRO G 216 -40.19 -43.58 -40.23
N SER G 217 -40.01 -44.89 -40.29
CA SER G 217 -41.01 -45.79 -40.84
C SER G 217 -41.91 -46.38 -39.77
N ASN G 218 -41.64 -46.08 -38.50
CA ASN G 218 -42.43 -46.58 -37.37
C ASN G 218 -42.53 -48.10 -37.40
N THR G 219 -41.42 -48.74 -37.77
CA THR G 219 -41.39 -50.19 -37.90
C THR G 219 -40.65 -50.80 -36.71
N LYS G 220 -41.26 -51.78 -36.07
CA LYS G 220 -40.70 -52.48 -34.92
C LYS G 220 -40.90 -53.98 -35.11
N VAL G 221 -39.81 -54.72 -35.27
CA VAL G 221 -39.88 -56.12 -35.67
C VAL G 221 -39.02 -56.96 -34.72
N ASP G 222 -39.54 -58.13 -34.36
CA ASP G 222 -38.83 -59.10 -33.52
C ASP G 222 -38.75 -60.43 -34.26
N LYS G 223 -37.53 -60.91 -34.50
CA LYS G 223 -37.28 -62.11 -35.29
C LYS G 223 -36.46 -63.10 -34.48
N LYS G 224 -37.00 -64.30 -34.27
CA LYS G 224 -36.26 -65.37 -33.65
C LYS G 224 -35.38 -66.07 -34.69
N VAL G 225 -34.09 -66.20 -34.39
CA VAL G 225 -33.13 -66.86 -35.27
C VAL G 225 -32.74 -68.20 -34.68
N GLU G 226 -33.03 -69.28 -35.40
CA GLU G 226 -32.66 -70.63 -34.99
C GLU G 226 -31.78 -71.20 -36.08
N PRO G 227 -30.97 -72.21 -35.77
CA PRO G 227 -30.20 -72.90 -36.82
C PRO G 227 -31.12 -73.55 -37.85
N LYS G 228 -30.62 -73.67 -39.07
CA LYS G 228 -31.40 -74.23 -40.16
C LYS G 228 -31.49 -75.75 -40.01
N SER G 229 -32.72 -76.26 -39.95
CA SER G 229 -32.93 -77.68 -39.73
C SER G 229 -32.72 -78.51 -40.99
N CYS G 230 -33.54 -78.28 -42.01
CA CYS G 230 -33.49 -79.07 -43.23
C CYS G 230 -33.88 -78.24 -44.45
N ALA H 1 -14.36 -17.94 -38.51
CA ALA H 1 -13.35 -16.90 -38.55
C ALA H 1 -11.97 -17.47 -38.23
N ILE H 2 -11.66 -17.57 -36.94
CA ILE H 2 -10.36 -18.06 -36.52
C ILE H 2 -10.15 -19.49 -37.03
N GLN H 3 -8.92 -19.78 -37.45
CA GLN H 3 -8.58 -21.07 -38.02
C GLN H 3 -7.65 -21.82 -37.08
N LEU H 4 -8.03 -23.07 -36.77
CA LEU H 4 -7.26 -23.93 -35.89
C LEU H 4 -6.62 -25.05 -36.68
N THR H 5 -5.37 -25.39 -36.35
CA THR H 5 -4.79 -26.60 -36.87
C THR H 5 -4.51 -27.55 -35.72
N GLN H 6 -4.50 -28.84 -36.02
CA GLN H 6 -4.42 -29.87 -35.00
C GLN H 6 -3.48 -30.97 -35.47
N SER H 7 -2.54 -31.35 -34.60
CA SER H 7 -1.49 -32.27 -35.01
C SER H 7 -1.16 -33.26 -33.91
N PRO H 8 -0.96 -34.54 -34.26
CA PRO H 8 -1.08 -35.05 -35.63
C PRO H 8 -2.53 -35.21 -36.05
N SER H 9 -2.75 -35.50 -37.33
CA SER H 9 -4.11 -35.75 -37.81
C SER H 9 -4.57 -37.14 -37.41
N SER H 10 -3.66 -37.97 -36.91
CA SER H 10 -3.97 -39.32 -36.46
C SER H 10 -2.73 -39.89 -35.78
N LEU H 11 -2.94 -40.90 -34.95
CA LEU H 11 -1.83 -41.51 -34.23
C LEU H 11 -2.22 -42.91 -33.81
N SER H 12 -1.27 -43.60 -33.19
CA SER H 12 -1.48 -44.95 -32.67
C SER H 12 -0.46 -45.23 -31.59
N ALA H 13 -0.94 -45.62 -30.40
CA ALA H 13 -0.07 -45.99 -29.30
C ALA H 13 -0.71 -47.16 -28.54
N SER H 14 0.09 -47.76 -27.67
CA SER H 14 -0.41 -48.87 -26.87
C SER H 14 -0.91 -48.37 -25.53
N VAL H 15 -1.53 -49.28 -24.78
CA VAL H 15 -1.99 -48.93 -23.44
C VAL H 15 -0.80 -48.57 -22.58
N GLY H 16 -1.00 -47.65 -21.64
CA GLY H 16 0.05 -47.18 -20.77
C GLY H 16 0.93 -46.09 -21.37
N ASP H 17 1.14 -46.09 -22.67
CA ASP H 17 2.03 -45.10 -23.28
C ASP H 17 1.43 -43.70 -23.19
N ARG H 18 2.29 -42.72 -22.97
CA ARG H 18 1.90 -41.32 -22.85
C ARG H 18 1.80 -40.70 -24.24
N VAL H 19 0.66 -40.10 -24.54
CA VAL H 19 0.40 -39.47 -25.84
C VAL H 19 0.20 -37.99 -25.62
N THR H 20 0.48 -37.19 -26.65
CA THR H 20 0.25 -35.76 -26.61
C THR H 20 -0.30 -35.28 -27.94
N ILE H 21 -1.24 -34.35 -27.88
CA ILE H 21 -1.86 -33.74 -29.05
C ILE H 21 -1.57 -32.25 -28.99
N THR H 22 -1.49 -31.60 -30.14
CA THR H 22 -1.24 -30.17 -30.18
C THR H 22 -2.33 -29.46 -31.00
N CYS H 23 -2.86 -28.39 -30.42
CA CYS H 23 -3.82 -27.51 -31.08
C CYS H 23 -3.16 -26.16 -31.23
N ARG H 24 -2.92 -25.75 -32.47
CA ARG H 24 -2.29 -24.47 -32.75
C ARG H 24 -3.36 -23.50 -33.23
N ALA H 25 -3.54 -22.44 -32.47
CA ALA H 25 -4.49 -21.38 -32.75
C ALA H 25 -3.74 -20.15 -33.25
N SER H 26 -4.36 -19.44 -34.20
CA SER H 26 -3.70 -18.28 -34.77
C SER H 26 -3.62 -17.11 -33.80
N GLN H 27 -4.49 -17.25 -32.79
CA GLN H 27 -4.74 -16.29 -31.70
C GLN H 27 -4.20 -16.88 -30.42
N ALA H 28 -3.94 -16.05 -29.41
CA ALA H 28 -3.32 -16.55 -28.18
C ALA H 28 -4.28 -16.70 -27.01
N THR H 29 -5.56 -16.47 -27.22
CA THR H 29 -6.51 -16.51 -26.08
C THR H 29 -6.44 -17.85 -25.34
N SER H 30 -5.60 -17.89 -24.29
CA SER H 30 -5.21 -19.00 -23.39
C SER H 30 -6.41 -19.78 -22.93
N SER H 31 -7.21 -19.15 -22.11
CA SER H 31 -8.56 -19.69 -21.86
C SER H 31 -9.38 -19.13 -23.00
N TYR H 32 -10.46 -19.84 -23.26
CA TYR H 32 -11.44 -19.86 -24.34
C TYR H 32 -11.24 -21.18 -25.04
N LEU H 33 -10.08 -21.82 -24.91
CA LEU H 33 -9.72 -23.10 -25.57
C LEU H 33 -10.28 -24.26 -24.80
N ALA H 34 -10.72 -25.31 -25.45
CA ALA H 34 -11.32 -26.41 -24.71
C ALA H 34 -11.24 -27.67 -25.54
N TRP H 35 -10.89 -28.78 -24.91
CA TRP H 35 -10.69 -30.10 -25.49
C TRP H 35 -11.87 -30.99 -25.13
N TYR H 36 -12.48 -31.56 -26.17
CA TYR H 36 -13.58 -32.51 -26.07
C TYR H 36 -13.13 -33.86 -26.57
N GLN H 37 -13.76 -34.90 -26.04
CA GLN H 37 -13.59 -36.27 -26.51
C GLN H 37 -14.87 -36.70 -27.21
N GLN H 38 -14.75 -37.47 -28.30
CA GLN H 38 -15.90 -37.98 -29.01
C GLN H 38 -15.67 -39.45 -29.31
N LYS H 39 -16.46 -40.30 -28.70
CA LYS H 39 -16.51 -41.68 -29.10
C LYS H 39 -17.45 -41.85 -30.28
N PRO H 40 -17.32 -42.91 -31.06
CA PRO H 40 -18.17 -43.05 -32.25
C PRO H 40 -19.64 -43.15 -31.89
N GLY H 41 -20.43 -42.25 -32.46
CA GLY H 41 -21.87 -42.29 -32.29
C GLY H 41 -22.41 -41.49 -31.12
N LYS H 42 -21.54 -40.94 -30.27
CA LYS H 42 -21.98 -40.15 -29.13
C LYS H 42 -21.51 -38.71 -29.30
N ALA H 43 -22.23 -37.81 -28.65
CA ALA H 43 -21.84 -36.41 -28.67
C ALA H 43 -20.49 -36.22 -28.01
N PRO H 44 -19.82 -35.12 -28.30
CA PRO H 44 -18.59 -34.81 -27.56
C PRO H 44 -18.83 -34.77 -26.06
N LYS H 45 -17.73 -34.75 -25.31
CA LYS H 45 -17.78 -34.71 -23.86
C LYS H 45 -16.64 -33.84 -23.36
N LEU H 46 -16.97 -32.67 -22.82
CA LEU H 46 -15.95 -31.70 -22.45
C LEU H 46 -14.98 -32.31 -21.46
N LEU H 47 -13.71 -32.38 -21.85
CA LEU H 47 -12.64 -32.81 -20.97
C LEU H 47 -11.94 -31.65 -20.30
N ILE H 48 -11.43 -30.70 -21.07
CA ILE H 48 -10.64 -29.60 -20.51
C ILE H 48 -11.18 -28.28 -21.02
N TYR H 49 -11.27 -27.29 -20.14
CA TYR H 49 -11.63 -25.95 -20.54
C TYR H 49 -10.68 -24.96 -19.88
N ALA H 50 -10.49 -23.81 -20.52
CA ALA H 50 -9.46 -22.84 -20.15
C ALA H 50 -8.08 -23.44 -20.33
N ALA H 51 -8.02 -24.57 -21.03
CA ALA H 51 -6.79 -25.16 -21.54
C ALA H 51 -5.92 -25.75 -20.44
N SER H 52 -6.26 -25.52 -19.17
CA SER H 52 -5.54 -26.15 -18.08
C SER H 52 -6.43 -26.55 -16.91
N THR H 53 -7.74 -26.37 -17.02
CA THR H 53 -8.66 -26.70 -15.93
C THR H 53 -9.48 -27.91 -16.34
N LEU H 54 -9.77 -28.77 -15.37
CA LEU H 54 -10.42 -30.03 -15.69
C LEU H 54 -11.89 -30.00 -15.29
N GLN H 55 -12.74 -30.53 -16.15
CA GLN H 55 -14.17 -30.60 -15.84
C GLN H 55 -14.42 -31.70 -14.81
N SER H 56 -15.41 -31.47 -13.95
CA SER H 56 -15.69 -32.40 -12.88
C SER H 56 -16.18 -33.73 -13.43
N GLY H 57 -15.55 -34.82 -12.99
CA GLY H 57 -15.91 -36.15 -13.41
C GLY H 57 -14.95 -36.79 -14.40
N VAL H 58 -13.91 -36.08 -14.82
CA VAL H 58 -12.98 -36.64 -15.79
C VAL H 58 -11.80 -37.24 -15.03
N PRO H 59 -11.36 -38.46 -15.39
CA PRO H 59 -10.15 -39.02 -14.77
C PRO H 59 -8.97 -38.09 -14.93
N SER H 60 -8.07 -38.13 -13.96
CA SER H 60 -6.95 -37.19 -13.91
C SER H 60 -5.90 -37.47 -14.96
N ARG H 61 -6.07 -38.50 -15.79
CA ARG H 61 -5.01 -38.85 -16.74
C ARG H 61 -4.91 -37.88 -17.90
N PHE H 62 -5.84 -36.94 -18.05
CA PHE H 62 -5.74 -35.90 -19.06
C PHE H 62 -5.18 -34.63 -18.43
N SER H 63 -4.42 -33.86 -19.20
CA SER H 63 -3.87 -32.63 -18.68
C SER H 63 -3.57 -31.68 -19.84
N GLY H 64 -4.10 -30.47 -19.72
CA GLY H 64 -3.91 -29.46 -20.75
C GLY H 64 -2.84 -28.47 -20.33
N SER H 65 -2.04 -28.03 -21.29
CA SER H 65 -0.99 -27.07 -21.03
C SER H 65 -0.81 -26.21 -22.28
N GLY H 66 0.10 -25.25 -22.18
CA GLY H 66 0.53 -24.48 -23.34
C GLY H 66 0.04 -23.04 -23.26
N SER H 67 0.54 -22.26 -24.22
CA SER H 67 0.19 -20.85 -24.29
C SER H 67 0.65 -20.30 -25.64
N GLY H 68 0.58 -18.98 -25.75
CA GLY H 68 0.88 -18.32 -27.01
C GLY H 68 -0.05 -18.77 -28.10
N THR H 69 0.47 -19.55 -29.03
CA THR H 69 -0.34 -20.12 -30.08
C THR H 69 -0.45 -21.63 -29.98
N ASP H 70 0.30 -22.26 -29.09
CA ASP H 70 0.43 -23.71 -29.04
C ASP H 70 -0.15 -24.21 -27.73
N PHE H 71 -1.20 -25.03 -27.81
CA PHE H 71 -1.74 -25.70 -26.65
C PHE H 71 -1.57 -27.20 -26.83
N THR H 72 -1.45 -27.92 -25.72
CA THR H 72 -1.18 -29.34 -25.76
C THR H 72 -2.13 -30.07 -24.83
N LEU H 73 -2.51 -31.27 -25.21
CA LEU H 73 -3.32 -32.18 -24.40
C LEU H 73 -2.55 -33.47 -24.21
N THR H 74 -2.23 -33.80 -22.95
CA THR H 74 -1.38 -34.94 -22.64
C THR H 74 -2.17 -35.98 -21.88
N ILE H 75 -2.07 -37.23 -22.34
CA ILE H 75 -2.63 -38.39 -21.67
C ILE H 75 -1.45 -39.22 -21.17
N THR H 76 -1.46 -39.56 -19.89
CA THR H 76 -0.28 -40.20 -19.31
C THR H 76 -0.27 -41.71 -19.54
N SER H 77 -1.41 -42.38 -19.44
CA SER H 77 -1.47 -43.83 -19.61
C SER H 77 -2.81 -44.15 -20.28
N LEU H 78 -2.74 -44.54 -21.54
CA LEU H 78 -3.94 -44.77 -22.34
C LEU H 78 -4.82 -45.84 -21.70
N GLN H 79 -6.05 -45.90 -22.16
CA GLN H 79 -7.02 -46.88 -21.75
C GLN H 79 -7.79 -47.41 -22.95
N PRO H 80 -8.31 -48.64 -22.87
CA PRO H 80 -9.15 -49.13 -23.96
C PRO H 80 -10.37 -48.27 -24.20
N GLU H 81 -10.75 -47.43 -23.24
CA GLU H 81 -11.88 -46.53 -23.41
C GLU H 81 -11.48 -45.16 -23.93
N ASP H 82 -10.19 -44.84 -23.97
CA ASP H 82 -9.73 -43.55 -24.44
C ASP H 82 -9.61 -43.47 -25.96
N PHE H 83 -9.64 -44.59 -26.65
CA PHE H 83 -9.82 -44.60 -28.11
C PHE H 83 -10.92 -43.64 -28.51
N ALA H 84 -10.58 -42.61 -29.28
CA ALA H 84 -11.63 -41.63 -29.58
C ALA H 84 -11.11 -40.55 -30.52
N THR H 85 -12.02 -39.71 -30.99
CA THR H 85 -11.66 -38.54 -31.77
C THR H 85 -11.66 -37.33 -30.86
N TYR H 86 -10.50 -36.71 -30.71
CA TYR H 86 -10.31 -35.59 -29.80
C TYR H 86 -10.38 -34.28 -30.57
N TYR H 87 -11.16 -33.34 -30.06
CA TYR H 87 -11.41 -32.06 -30.71
C TYR H 87 -10.92 -30.92 -29.84
N CYS H 88 -10.37 -29.88 -30.45
CA CYS H 88 -10.10 -28.66 -29.73
C CYS H 88 -10.93 -27.52 -30.32
N GLN H 89 -11.46 -26.68 -29.43
CA GLN H 89 -12.34 -25.61 -29.83
C GLN H 89 -11.77 -24.29 -29.34
N LEU H 90 -11.92 -23.24 -30.15
CA LEU H 90 -11.52 -21.92 -29.72
C LEU H 90 -12.74 -21.00 -29.75
N SER H 91 -13.53 -21.11 -28.71
CA SER H 91 -14.59 -20.18 -28.30
C SER H 91 -15.82 -20.26 -29.21
N LYS H 92 -15.71 -20.64 -30.48
CA LYS H 92 -16.87 -21.01 -31.27
C LYS H 92 -16.54 -21.97 -32.41
N THR H 93 -15.28 -22.33 -32.56
CA THR H 93 -14.82 -23.06 -33.73
C THR H 93 -14.01 -24.27 -33.32
N PHE H 94 -14.35 -25.42 -33.87
CA PHE H 94 -13.70 -26.67 -33.52
C PHE H 94 -12.59 -26.99 -34.50
N GLY H 95 -11.49 -27.50 -33.97
CA GLY H 95 -10.42 -28.03 -34.79
C GLY H 95 -10.85 -29.33 -35.44
N PRO H 96 -10.18 -29.70 -36.54
CA PRO H 96 -10.65 -30.86 -37.32
C PRO H 96 -10.69 -32.16 -36.54
N GLY H 97 -9.93 -32.29 -35.47
CA GLY H 97 -9.98 -33.46 -34.61
C GLY H 97 -8.97 -34.52 -35.01
N THR H 98 -8.37 -35.14 -34.01
CA THR H 98 -7.40 -36.21 -34.21
C THR H 98 -8.02 -37.53 -33.77
N LYS H 99 -7.52 -38.64 -34.30
CA LYS H 99 -8.07 -39.95 -33.98
C LYS H 99 -7.07 -40.75 -33.17
N VAL H 100 -7.33 -40.90 -31.87
CA VAL H 100 -6.48 -41.69 -30.99
C VAL H 100 -6.90 -43.15 -31.13
N GLU H 101 -5.98 -43.93 -31.70
CA GLU H 101 -6.13 -45.33 -32.06
C GLU H 101 -5.37 -46.19 -31.07
N ILE H 102 -5.94 -47.32 -30.69
CA ILE H 102 -5.29 -48.21 -29.73
C ILE H 102 -4.43 -49.21 -30.48
N LYS H 103 -3.13 -49.21 -30.17
CA LYS H 103 -2.21 -50.20 -30.71
C LYS H 103 -2.05 -51.33 -29.70
N ARG H 104 -2.24 -52.56 -30.15
CA ARG H 104 -2.13 -53.71 -29.27
C ARG H 104 -1.41 -54.82 -30.02
N THR H 105 -1.42 -56.03 -29.45
CA THR H 105 -0.89 -57.19 -30.14
C THR H 105 -1.88 -57.67 -31.19
N VAL H 106 -1.35 -58.39 -32.19
CA VAL H 106 -2.18 -58.86 -33.28
C VAL H 106 -3.13 -59.95 -32.77
N ALA H 107 -4.30 -60.05 -33.38
CA ALA H 107 -5.32 -61.01 -32.97
C ALA H 107 -5.90 -61.69 -34.20
N ALA H 108 -6.04 -63.02 -34.11
CA ALA H 108 -6.63 -63.77 -35.20
C ALA H 108 -8.16 -63.72 -35.13
N PRO H 109 -8.81 -63.37 -36.23
CA PRO H 109 -10.28 -63.25 -36.19
C PRO H 109 -10.97 -64.61 -36.23
N SER H 110 -12.24 -64.59 -35.85
CA SER H 110 -13.15 -65.69 -36.10
C SER H 110 -13.94 -65.40 -37.35
N VAL H 111 -13.91 -66.31 -38.32
CA VAL H 111 -14.55 -66.10 -39.61
C VAL H 111 -15.81 -66.95 -39.69
N PHE H 112 -16.91 -66.31 -40.05
CA PHE H 112 -18.17 -67.00 -40.29
C PHE H 112 -18.74 -66.55 -41.62
N ILE H 113 -19.54 -67.40 -42.25
CA ILE H 113 -20.19 -67.09 -43.51
C ILE H 113 -21.64 -67.53 -43.43
N PHE H 114 -22.54 -66.63 -43.84
CA PHE H 114 -23.96 -66.85 -43.73
C PHE H 114 -24.59 -66.72 -45.12
N PRO H 115 -25.27 -67.75 -45.60
CA PRO H 115 -25.77 -67.74 -46.98
C PRO H 115 -27.08 -66.97 -47.08
N PRO H 116 -27.56 -66.71 -48.30
CA PRO H 116 -28.86 -66.04 -48.43
C PRO H 116 -29.99 -66.90 -47.91
N SER H 117 -30.94 -66.24 -47.24
CA SER H 117 -32.09 -66.95 -46.71
C SER H 117 -33.15 -67.14 -47.79
N ASP H 118 -33.96 -68.18 -47.63
CA ASP H 118 -35.00 -68.47 -48.62
C ASP H 118 -35.97 -67.32 -48.76
N GLU H 119 -36.19 -66.56 -47.68
CA GLU H 119 -37.03 -65.37 -47.78
C GLU H 119 -36.47 -64.39 -48.81
N GLN H 120 -35.14 -64.29 -48.88
CA GLN H 120 -34.52 -63.46 -49.91
C GLN H 120 -34.58 -64.15 -51.27
N LEU H 121 -34.59 -65.49 -51.27
CA LEU H 121 -34.74 -66.21 -52.52
C LEU H 121 -36.08 -65.91 -53.18
N LYS H 122 -37.13 -65.73 -52.38
CA LYS H 122 -38.40 -65.23 -52.89
C LYS H 122 -38.23 -63.87 -53.56
N SER H 123 -37.42 -62.99 -52.94
CA SER H 123 -37.29 -61.61 -53.42
C SER H 123 -36.63 -61.51 -54.78
N GLY H 124 -35.90 -62.54 -55.22
CA GLY H 124 -35.21 -62.49 -56.50
C GLY H 124 -33.74 -62.14 -56.41
N THR H 125 -33.23 -61.83 -55.22
CA THR H 125 -31.83 -61.50 -55.00
C THR H 125 -31.25 -62.46 -53.97
N ALA H 126 -29.93 -62.62 -53.99
CA ALA H 126 -29.24 -63.50 -53.07
C ALA H 126 -28.06 -62.76 -52.47
N SER H 127 -28.03 -62.67 -51.14
CA SER H 127 -26.98 -61.96 -50.41
C SER H 127 -26.31 -62.90 -49.43
N VAL H 128 -25.00 -63.10 -49.61
CA VAL H 128 -24.18 -63.88 -48.68
C VAL H 128 -23.30 -62.90 -47.93
N VAL H 129 -23.02 -63.20 -46.66
CA VAL H 129 -22.22 -62.30 -45.82
C VAL H 129 -21.08 -63.08 -45.18
N CYS H 130 -19.91 -62.44 -45.12
CA CYS H 130 -18.76 -62.96 -44.40
C CYS H 130 -18.46 -62.03 -43.23
N LEU H 131 -18.57 -62.57 -42.02
CA LEU H 131 -18.38 -61.81 -40.79
C LEU H 131 -17.05 -62.20 -40.14
N LEU H 132 -16.27 -61.18 -39.79
CA LEU H 132 -14.92 -61.35 -39.24
C LEU H 132 -14.92 -60.71 -37.86
N ASN H 133 -14.71 -61.52 -36.82
CA ASN H 133 -14.97 -61.11 -35.45
C ASN H 133 -13.69 -61.06 -34.64
N ASN H 134 -13.52 -59.98 -33.87
CA ASN H 134 -12.49 -59.85 -32.84
C ASN H 134 -11.08 -60.02 -33.43
N PHE H 135 -10.71 -59.07 -34.29
CA PHE H 135 -9.39 -59.08 -34.90
C PHE H 135 -8.77 -57.69 -34.86
N TYR H 136 -7.46 -57.66 -35.15
CA TYR H 136 -6.65 -56.46 -35.13
C TYR H 136 -5.36 -56.81 -35.84
N PRO H 137 -4.78 -55.92 -36.65
CA PRO H 137 -5.21 -54.54 -36.92
C PRO H 137 -6.30 -54.44 -37.98
N ARG H 138 -6.56 -53.20 -38.42
CA ARG H 138 -7.53 -52.98 -39.48
C ARG H 138 -7.21 -53.80 -40.72
N GLU H 139 -5.94 -54.02 -41.00
CA GLU H 139 -5.53 -54.73 -42.21
C GLU H 139 -6.14 -56.13 -42.24
N ALA H 140 -6.93 -56.38 -43.28
CA ALA H 140 -7.53 -57.68 -43.53
C ALA H 140 -8.00 -57.70 -44.98
N LYS H 141 -7.79 -58.82 -45.66
CA LYS H 141 -8.11 -58.94 -47.08
C LYS H 141 -8.99 -60.17 -47.29
N VAL H 142 -10.08 -59.98 -48.02
CA VAL H 142 -11.12 -61.00 -48.18
C VAL H 142 -11.29 -61.33 -49.66
N GLN H 143 -11.41 -62.62 -49.95
CA GLN H 143 -11.69 -63.12 -51.29
C GLN H 143 -13.03 -63.83 -51.28
N TRP H 144 -13.85 -63.56 -52.29
CA TRP H 144 -15.08 -64.29 -52.55
C TRP H 144 -14.85 -65.28 -53.67
N LYS H 145 -15.22 -66.54 -53.44
CA LYS H 145 -14.88 -67.62 -54.36
C LYS H 145 -16.12 -68.46 -54.64
N VAL H 146 -16.61 -68.41 -55.88
CA VAL H 146 -17.73 -69.26 -56.29
C VAL H 146 -17.25 -70.17 -57.41
N ASP H 147 -17.34 -71.49 -57.18
CA ASP H 147 -16.90 -72.50 -58.12
C ASP H 147 -15.46 -72.25 -58.57
N ASN H 148 -14.62 -71.87 -57.61
CA ASN H 148 -13.20 -71.57 -57.79
C ASN H 148 -12.96 -70.45 -58.79
N ALA H 149 -13.94 -69.56 -58.98
CA ALA H 149 -13.77 -68.38 -59.82
C ALA H 149 -13.74 -67.13 -58.94
N LEU H 150 -12.83 -66.21 -59.24
CA LEU H 150 -12.67 -65.02 -58.41
C LEU H 150 -13.72 -63.99 -58.77
N GLN H 151 -14.19 -63.24 -57.78
CA GLN H 151 -15.19 -62.20 -57.97
C GLN H 151 -14.57 -60.82 -57.76
N SER H 152 -15.20 -59.82 -58.35
CA SER H 152 -14.78 -58.43 -58.20
C SER H 152 -15.92 -57.51 -58.55
N GLY H 153 -15.95 -56.33 -57.93
CA GLY H 153 -16.92 -55.30 -58.25
C GLY H 153 -18.35 -55.62 -57.87
N ASN H 154 -18.60 -56.75 -57.22
CA ASN H 154 -19.96 -57.18 -56.90
C ASN H 154 -20.15 -57.36 -55.39
N SER H 155 -19.20 -56.88 -54.60
CA SER H 155 -19.25 -57.00 -53.14
C SER H 155 -18.89 -55.68 -52.51
N GLN H 156 -19.28 -55.52 -51.25
CA GLN H 156 -18.85 -54.36 -50.47
C GLN H 156 -18.85 -54.69 -48.99
N GLU H 157 -17.96 -54.04 -48.24
CA GLU H 157 -17.69 -54.41 -46.87
C GLU H 157 -17.65 -53.19 -45.96
N SER H 158 -17.89 -53.43 -44.66
CA SER H 158 -17.94 -52.40 -43.64
C SER H 158 -17.40 -52.93 -42.33
N VAL H 159 -16.50 -52.17 -41.73
CA VAL H 159 -15.77 -52.56 -40.53
C VAL H 159 -16.29 -51.72 -39.37
N THR H 160 -16.29 -52.30 -38.18
CA THR H 160 -16.69 -51.53 -37.01
C THR H 160 -15.52 -50.74 -36.44
N GLU H 161 -15.85 -49.86 -35.50
CA GLU H 161 -14.85 -49.11 -34.75
C GLU H 161 -14.08 -50.03 -33.81
N GLN H 162 -12.87 -49.61 -33.46
CA GLN H 162 -12.02 -50.40 -32.58
C GLN H 162 -12.65 -50.55 -31.21
N ASP H 163 -12.84 -51.81 -30.80
CA ASP H 163 -13.63 -52.12 -29.62
C ASP H 163 -13.09 -51.41 -28.38
N SER H 164 -13.99 -51.14 -27.43
CA SER H 164 -13.68 -50.35 -26.25
C SER H 164 -13.13 -51.16 -25.09
N LYS H 165 -13.14 -52.49 -25.19
CA LYS H 165 -12.67 -53.34 -24.10
C LYS H 165 -11.34 -54.01 -24.42
N ASP H 166 -11.28 -54.74 -25.52
CA ASP H 166 -10.08 -55.45 -25.94
C ASP H 166 -9.44 -54.85 -27.17
N SER H 167 -10.01 -53.79 -27.74
CA SER H 167 -9.43 -53.07 -28.86
C SER H 167 -9.18 -53.98 -30.05
N THR H 168 -10.24 -54.59 -30.56
CA THR H 168 -10.19 -55.32 -31.81
C THR H 168 -11.23 -54.76 -32.78
N TYR H 169 -11.11 -55.19 -34.02
CA TYR H 169 -12.03 -54.78 -35.07
C TYR H 169 -12.99 -55.92 -35.37
N SER H 170 -13.92 -55.64 -36.27
CA SER H 170 -14.85 -56.63 -36.81
C SER H 170 -15.41 -56.09 -38.12
N LEU H 171 -15.85 -57.01 -38.97
CA LEU H 171 -16.11 -56.68 -40.37
C LEU H 171 -17.29 -57.51 -40.88
N SER H 172 -18.03 -56.94 -41.82
CA SER H 172 -18.97 -57.68 -42.65
C SER H 172 -18.70 -57.38 -44.11
N SER H 173 -18.68 -58.43 -44.93
CA SER H 173 -18.56 -58.28 -46.38
C SER H 173 -19.78 -58.91 -47.03
N THR H 174 -20.48 -58.14 -47.85
CA THR H 174 -21.73 -58.54 -48.46
C THR H 174 -21.53 -58.75 -49.95
N LEU H 175 -21.85 -59.96 -50.41
CA LEU H 175 -21.88 -60.31 -51.82
C LEU H 175 -23.33 -60.49 -52.24
N THR H 176 -23.82 -59.59 -53.10
CA THR H 176 -25.22 -59.56 -53.51
C THR H 176 -25.30 -59.78 -55.02
N LEU H 177 -26.09 -60.76 -55.43
CA LEU H 177 -26.19 -61.14 -56.83
C LEU H 177 -27.61 -61.56 -57.17
N SER H 178 -27.88 -61.74 -58.45
CA SER H 178 -29.20 -62.20 -58.88
C SER H 178 -29.39 -63.66 -58.52
N LYS H 179 -30.63 -64.02 -58.20
CA LYS H 179 -30.91 -65.35 -57.65
C LYS H 179 -30.68 -66.44 -58.70
N ALA H 180 -30.94 -66.14 -59.97
CA ALA H 180 -30.66 -67.11 -61.03
C ALA H 180 -29.17 -67.32 -61.19
N ASP H 181 -28.40 -66.23 -61.16
CA ASP H 181 -26.95 -66.31 -61.20
C ASP H 181 -26.43 -67.10 -60.00
N TYR H 182 -27.10 -66.97 -58.86
CA TYR H 182 -26.76 -67.76 -57.68
C TYR H 182 -27.04 -69.24 -57.92
N GLU H 183 -28.22 -69.56 -58.46
CA GLU H 183 -28.57 -70.93 -58.78
C GLU H 183 -27.67 -71.56 -59.82
N LYS H 184 -27.01 -70.76 -60.65
CA LYS H 184 -26.06 -71.29 -61.63
C LYS H 184 -24.76 -71.75 -60.97
N HIS H 185 -24.57 -71.45 -59.69
CA HIS H 185 -23.32 -71.78 -59.00
C HIS H 185 -23.60 -72.73 -57.85
N LYS H 186 -22.56 -73.46 -57.46
CA LYS H 186 -22.66 -74.47 -56.41
C LYS H 186 -21.84 -74.12 -55.18
N VAL H 187 -20.56 -73.82 -55.35
CA VAL H 187 -19.61 -73.61 -54.25
C VAL H 187 -19.58 -72.12 -53.94
N TYR H 188 -19.65 -71.76 -52.65
CA TYR H 188 -19.40 -70.38 -52.22
C TYR H 188 -18.48 -70.40 -51.01
N ALA H 189 -17.44 -69.58 -51.06
CA ALA H 189 -16.36 -69.61 -50.09
C ALA H 189 -15.88 -68.19 -49.80
N CYS H 190 -15.54 -67.95 -48.53
CA CYS H 190 -14.90 -66.72 -48.10
C CYS H 190 -13.49 -67.06 -47.62
N GLU H 191 -12.52 -66.32 -48.12
CA GLU H 191 -11.10 -66.60 -47.90
C GLU H 191 -10.48 -65.36 -47.27
N VAL H 192 -9.91 -65.50 -46.07
CA VAL H 192 -9.39 -64.37 -45.32
C VAL H 192 -7.87 -64.50 -45.22
N THR H 193 -7.17 -63.42 -45.54
CA THR H 193 -5.74 -63.30 -45.30
C THR H 193 -5.48 -62.09 -44.40
N HIS H 194 -4.61 -62.30 -43.42
CA HIS H 194 -4.41 -61.35 -42.33
C HIS H 194 -3.10 -61.70 -41.62
N GLN H 195 -2.42 -60.67 -41.10
CA GLN H 195 -1.24 -60.91 -40.28
C GLN H 195 -1.57 -61.77 -39.07
N GLY H 196 -2.81 -61.72 -38.60
CA GLY H 196 -3.24 -62.57 -37.51
C GLY H 196 -3.30 -64.05 -37.83
N LEU H 197 -3.12 -64.42 -39.10
CA LEU H 197 -3.14 -65.82 -39.51
C LEU H 197 -1.80 -66.17 -40.15
N SER H 198 -1.30 -67.37 -39.83
CA SER H 198 -0.09 -67.87 -40.47
C SER H 198 -0.36 -68.37 -41.88
N SER H 199 -1.61 -68.67 -42.21
CA SER H 199 -1.99 -69.16 -43.52
C SER H 199 -3.36 -68.60 -43.85
N PRO H 200 -3.65 -68.38 -45.13
CA PRO H 200 -4.99 -67.91 -45.50
C PRO H 200 -6.05 -68.95 -45.15
N VAL H 201 -7.13 -68.48 -44.53
CA VAL H 201 -8.18 -69.37 -44.01
C VAL H 201 -9.38 -69.31 -44.93
N THR H 202 -9.79 -70.45 -45.44
CA THR H 202 -10.96 -70.55 -46.31
C THR H 202 -12.08 -71.28 -45.59
N LYS H 203 -13.26 -70.69 -45.58
CA LYS H 203 -14.46 -71.39 -45.16
C LYS H 203 -15.47 -71.39 -46.30
N SER H 204 -16.04 -72.56 -46.57
CA SER H 204 -16.79 -72.77 -47.79
C SER H 204 -17.99 -73.65 -47.51
N PHE H 205 -19.04 -73.46 -48.30
CA PHE H 205 -20.22 -74.30 -48.27
C PHE H 205 -20.80 -74.39 -49.67
N ASN H 206 -21.70 -75.34 -49.87
CA ASN H 206 -22.27 -75.62 -51.18
C ASN H 206 -23.74 -75.22 -51.16
N ARG H 207 -24.26 -74.83 -52.31
CA ARG H 207 -25.65 -74.41 -52.41
C ARG H 207 -26.59 -75.60 -52.23
N GLY H 208 -27.31 -75.64 -51.10
CA GLY H 208 -28.43 -76.52 -50.94
C GLY H 208 -28.36 -77.49 -49.76
N GLU H 209 -27.18 -77.88 -49.31
CA GLU H 209 -27.12 -78.84 -48.20
C GLU H 209 -27.28 -78.14 -46.87
N GLN I 1 42.74 1.82 -18.50
CA GLN I 1 41.33 1.90 -18.89
C GLN I 1 41.19 2.09 -20.40
N VAL I 2 40.31 3.00 -20.78
CA VAL I 2 40.03 3.24 -22.20
C VAL I 2 41.04 4.22 -22.75
N GLN I 3 41.34 4.10 -24.04
CA GLN I 3 42.22 5.03 -24.74
C GLN I 3 41.73 5.20 -26.17
N LEU I 4 41.72 6.45 -26.63
CA LEU I 4 41.35 6.80 -27.99
C LEU I 4 42.53 7.51 -28.65
N GLN I 5 43.06 6.94 -29.72
CA GLN I 5 44.26 7.44 -30.37
C GLN I 5 43.90 7.87 -31.80
N GLN I 6 44.12 9.15 -32.09
CA GLN I 6 43.68 9.73 -33.35
C GLN I 6 44.76 9.67 -34.42
N SER I 7 44.34 9.71 -35.67
CA SER I 7 45.26 9.83 -36.78
C SER I 7 44.53 10.44 -37.96
N GLY I 8 45.30 10.91 -38.93
CA GLY I 8 44.74 11.59 -40.08
C GLY I 8 45.59 12.79 -40.46
N PRO I 9 45.66 13.07 -41.76
CA PRO I 9 46.53 14.16 -42.22
C PRO I 9 46.02 15.52 -41.77
N GLY I 10 46.95 16.32 -41.26
CA GLY I 10 46.61 17.62 -40.71
C GLY I 10 46.36 18.69 -41.76
N LEU I 11 46.73 18.42 -43.00
CA LEU I 11 46.50 19.34 -44.11
C LEU I 11 45.62 18.69 -45.15
N VAL I 12 44.57 19.40 -45.55
CA VAL I 12 43.59 18.87 -46.50
C VAL I 12 43.23 20.00 -47.45
N LYS I 13 43.25 19.71 -48.75
CA LYS I 13 43.03 20.74 -49.75
C LYS I 13 41.59 21.23 -49.71
N PRO I 14 41.35 22.51 -50.02
CA PRO I 14 39.98 23.03 -49.99
C PRO I 14 39.08 22.24 -50.93
N SER I 15 37.82 22.11 -50.54
CA SER I 15 36.75 21.40 -51.24
C SER I 15 37.04 19.91 -51.36
N GLN I 16 38.11 19.39 -50.78
CA GLN I 16 38.51 18.01 -50.96
C GLN I 16 37.86 17.17 -49.85
N THR I 17 38.40 15.99 -49.60
CA THR I 17 37.85 15.07 -48.60
C THR I 17 38.75 15.03 -47.37
N LEU I 18 38.19 15.42 -46.22
CA LEU I 18 38.86 15.26 -44.95
C LEU I 18 38.52 13.90 -44.36
N SER I 19 39.51 13.24 -43.77
CA SER I 19 39.34 11.88 -43.25
C SER I 19 40.22 11.69 -42.02
N LEU I 20 39.60 11.55 -40.86
CA LEU I 20 40.30 11.20 -39.63
C LEU I 20 39.86 9.82 -39.16
N THR I 21 40.70 9.19 -38.35
CA THR I 21 40.42 7.85 -37.87
C THR I 21 40.87 7.71 -36.42
N CYS I 22 39.92 7.37 -35.56
CA CYS I 22 40.13 7.25 -34.12
C CYS I 22 40.16 5.77 -33.79
N GLY I 23 41.33 5.27 -33.40
CA GLY I 23 41.47 3.89 -32.99
C GLY I 23 41.23 3.75 -31.50
N ILE I 24 40.52 2.70 -31.12
CA ILE I 24 40.04 2.49 -29.77
C ILE I 24 40.86 1.38 -29.13
N SER I 25 41.11 1.51 -27.83
CA SER I 25 41.69 0.43 -27.04
C SER I 25 41.03 0.45 -25.67
N GLY I 26 40.74 -0.73 -25.15
CA GLY I 26 40.15 -0.84 -23.83
C GLY I 26 38.67 -1.13 -23.81
N ASP I 27 37.98 -0.97 -24.93
CA ASP I 27 36.57 -1.30 -25.02
C ASP I 27 36.30 -1.85 -26.42
N SER I 28 35.03 -1.87 -26.79
CA SER I 28 34.62 -2.32 -28.11
C SER I 28 33.81 -1.24 -28.79
N VAL I 29 34.17 -0.91 -30.03
CA VAL I 29 33.38 0.05 -30.79
C VAL I 29 31.97 -0.44 -30.97
N SER I 30 31.75 -1.74 -30.84
CA SER I 30 30.42 -2.32 -30.85
C SER I 30 29.79 -2.39 -29.46
N SER I 31 30.21 -1.52 -28.53
CA SER I 31 29.65 -1.54 -27.19
C SER I 31 28.20 -1.10 -27.21
N ASP I 32 27.38 -1.75 -26.38
CA ASP I 32 25.98 -1.38 -26.26
C ASP I 32 25.74 -0.31 -25.21
N ALA I 33 26.78 0.11 -24.50
CA ALA I 33 26.63 1.05 -23.41
C ALA I 33 27.35 2.36 -23.66
N ALA I 34 27.66 2.69 -24.90
CA ALA I 34 28.34 3.93 -25.22
C ALA I 34 28.01 4.36 -26.64
N ALA I 35 28.41 5.59 -26.95
CA ALA I 35 28.31 6.11 -28.30
C ALA I 35 29.62 6.81 -28.61
N TRP I 36 29.93 6.99 -29.89
CA TRP I 36 31.21 7.54 -30.27
C TRP I 36 30.99 8.83 -31.04
N ASP I 37 31.41 9.95 -30.46
CA ASP I 37 31.14 11.26 -31.01
C ASP I 37 32.40 11.85 -31.61
N TRP I 38 32.20 12.79 -32.52
CA TRP I 38 33.27 13.62 -33.07
C TRP I 38 32.92 15.07 -32.81
N ILE I 39 33.86 15.78 -32.18
CA ILE I 39 33.73 17.16 -31.72
C ILE I 39 34.78 17.98 -32.44
N ARG I 40 34.53 19.27 -32.62
CA ARG I 40 35.56 20.18 -33.11
C ARG I 40 35.56 21.45 -32.29
N GLN I 41 36.76 21.94 -32.01
CA GLN I 41 36.94 23.18 -31.24
C GLN I 41 37.79 24.15 -32.04
N SER I 42 37.34 25.39 -32.11
CA SER I 42 38.07 26.46 -32.77
C SER I 42 37.96 27.71 -31.92
N PRO I 43 39.01 28.55 -31.92
CA PRO I 43 38.93 29.79 -31.14
C PRO I 43 37.76 30.67 -31.54
N SER I 44 37.20 30.47 -32.72
CA SER I 44 36.09 31.32 -33.16
C SER I 44 34.74 30.75 -32.72
N ARG I 45 34.57 29.44 -32.83
CA ARG I 45 33.29 28.81 -32.58
C ARG I 45 33.23 28.04 -31.26
N GLY I 46 34.35 27.86 -30.59
CA GLY I 46 34.32 27.05 -29.38
C GLY I 46 34.15 25.57 -29.73
N LEU I 47 33.65 24.81 -28.78
CA LEU I 47 33.42 23.39 -29.00
C LEU I 47 32.08 23.16 -29.67
N GLU I 48 32.09 22.40 -30.75
CA GLU I 48 30.88 22.09 -31.51
C GLU I 48 30.79 20.59 -31.69
N TRP I 49 29.61 20.04 -31.46
CA TRP I 49 29.40 18.63 -31.67
C TRP I 49 29.18 18.37 -33.14
N LEU I 50 30.02 17.52 -33.73
CA LEU I 50 29.91 17.22 -35.14
C LEU I 50 29.05 16.00 -35.43
N GLY I 51 29.40 14.85 -34.90
CA GLY I 51 28.66 13.66 -35.28
C GLY I 51 28.73 12.59 -34.21
N ARG I 52 28.03 11.50 -34.46
CA ARG I 52 28.01 10.39 -33.52
C ARG I 52 27.64 9.11 -34.24
N THR I 53 28.19 8.00 -33.78
CA THR I 53 27.75 6.67 -34.20
C THR I 53 27.51 5.81 -32.97
N PHE I 54 26.79 4.71 -33.17
CA PHE I 54 26.66 3.69 -32.14
C PHE I 54 26.01 2.46 -32.74
N TYR I 55 25.87 1.42 -31.92
CA TYR I 55 25.36 0.13 -32.37
C TYR I 55 24.40 -0.44 -31.36
N ARG I 56 23.13 -0.56 -31.74
CA ARG I 56 22.18 -1.28 -30.91
C ARG I 56 21.66 -2.52 -31.65
N SER I 57 21.09 -2.32 -32.84
CA SER I 57 20.70 -3.42 -33.69
C SER I 57 21.24 -3.27 -35.12
N ARG I 58 21.26 -2.05 -35.65
CA ARG I 58 22.00 -1.72 -36.85
C ARG I 58 23.07 -0.72 -36.45
N TRP I 59 23.76 -0.16 -37.44
CA TRP I 59 24.68 0.93 -37.16
C TRP I 59 23.97 2.25 -37.28
N HIS I 60 23.98 3.04 -36.21
CA HIS I 60 23.22 4.26 -36.15
C HIS I 60 24.15 5.45 -36.24
N HIS I 61 23.80 6.39 -37.12
CA HIS I 61 24.56 7.61 -37.33
C HIS I 61 23.70 8.81 -37.01
N ASP I 62 24.18 9.65 -36.09
CA ASP I 62 23.48 10.84 -35.66
C ASP I 62 24.37 12.04 -35.95
N TYR I 63 24.02 12.80 -37.00
CA TYR I 63 24.83 13.91 -37.42
C TYR I 63 24.22 15.21 -36.95
N SER I 64 25.00 16.28 -37.04
CA SER I 64 24.56 17.59 -36.58
C SER I 64 23.79 18.32 -37.66
N GLU I 65 23.52 19.60 -37.40
CA GLU I 65 22.86 20.42 -38.40
C GLU I 65 23.87 21.23 -39.19
N SER I 66 24.93 21.69 -38.54
CA SER I 66 25.95 22.45 -39.25
C SER I 66 26.74 21.58 -40.23
N VAL I 67 26.53 20.28 -40.20
CA VAL I 67 27.19 19.38 -41.14
C VAL I 67 26.17 18.43 -41.78
N LYS I 68 24.96 18.93 -42.00
CA LYS I 68 23.97 18.18 -42.78
C LYS I 68 24.56 17.75 -44.13
N ASN I 69 24.47 16.45 -44.40
CA ASN I 69 24.85 15.87 -45.68
C ASN I 69 26.33 16.06 -45.98
N ARG I 70 27.07 16.70 -45.08
CA ARG I 70 28.47 17.01 -45.29
C ARG I 70 29.40 16.09 -44.52
N ILE I 71 28.86 15.18 -43.71
CA ILE I 71 29.65 14.37 -42.79
C ILE I 71 29.20 12.92 -42.92
N THR I 72 30.13 11.99 -42.67
CA THR I 72 29.80 10.58 -42.55
C THR I 72 30.76 9.94 -41.55
N ILE I 73 30.21 9.15 -40.64
CA ILE I 73 30.99 8.50 -39.59
C ILE I 73 30.79 7.00 -39.74
N ASN I 74 31.89 6.25 -39.67
CA ASN I 74 31.85 4.81 -39.88
C ASN I 74 32.48 4.10 -38.70
N ALA I 75 32.03 2.89 -38.43
CA ALA I 75 32.63 2.05 -37.40
C ALA I 75 33.11 0.74 -38.02
N ASP I 76 34.39 0.45 -37.83
CA ASP I 76 34.99 -0.77 -38.34
C ASP I 76 35.40 -1.64 -37.15
N THR I 77 34.64 -2.70 -36.93
CA THR I 77 34.95 -3.68 -35.89
C THR I 77 36.16 -4.53 -36.23
N SER I 78 36.53 -4.60 -37.52
CA SER I 78 37.70 -5.37 -37.90
C SER I 78 38.99 -4.80 -37.35
N LYS I 79 39.03 -3.48 -37.16
CA LYS I 79 40.16 -2.82 -36.53
C LYS I 79 39.80 -2.16 -35.21
N ASN I 80 38.55 -2.25 -34.79
CA ASN I 80 38.03 -1.54 -33.61
C ASN I 80 38.38 -0.06 -33.70
N GLN I 81 37.83 0.59 -34.72
CA GLN I 81 38.10 2.01 -34.92
C GLN I 81 36.82 2.65 -35.44
N PHE I 82 36.78 3.98 -35.36
CA PHE I 82 35.71 4.69 -36.04
C PHE I 82 36.27 5.95 -36.68
N SER I 83 35.65 6.33 -37.80
CA SER I 83 36.25 7.21 -38.78
C SER I 83 35.31 8.37 -39.09
N LEU I 84 35.91 9.55 -39.20
CA LEU I 84 35.21 10.77 -39.59
C LEU I 84 35.59 11.11 -41.03
N GLN I 85 34.58 11.45 -41.84
CA GLN I 85 34.75 11.66 -43.26
C GLN I 85 33.92 12.86 -43.67
N LEU I 86 34.57 13.99 -43.91
CA LEU I 86 33.92 15.28 -44.09
C LEU I 86 34.21 15.78 -45.49
N THR I 87 33.17 15.98 -46.28
CA THR I 87 33.31 16.33 -47.69
C THR I 87 33.24 17.85 -47.87
N SER I 88 33.80 18.30 -48.99
CA SER I 88 33.73 19.70 -49.40
C SER I 88 34.21 20.63 -48.30
N VAL I 89 35.43 20.41 -47.85
CA VAL I 89 35.98 21.22 -46.77
C VAL I 89 36.26 22.63 -47.25
N THR I 90 35.95 23.60 -46.41
CA THR I 90 36.15 25.02 -46.69
C THR I 90 37.02 25.61 -45.61
N PRO I 91 37.44 26.87 -45.74
CA PRO I 91 38.24 27.50 -44.68
C PRO I 91 37.60 27.50 -43.30
N GLU I 92 36.29 27.33 -43.17
CA GLU I 92 35.65 27.41 -41.86
C GLU I 92 35.88 26.18 -40.99
N ASP I 93 36.55 25.15 -41.49
CA ASP I 93 36.74 23.92 -40.74
C ASP I 93 38.05 23.85 -39.98
N THR I 94 38.94 24.83 -40.15
CA THR I 94 40.21 24.83 -39.43
C THR I 94 39.97 24.78 -37.94
N ALA I 95 40.35 23.68 -37.30
CA ALA I 95 40.04 23.49 -35.89
C ALA I 95 40.77 22.26 -35.38
N THR I 96 40.62 22.03 -34.07
CA THR I 96 41.13 20.82 -33.43
C THR I 96 39.97 19.83 -33.29
N TYR I 97 40.13 18.65 -33.86
CA TYR I 97 39.08 17.65 -33.87
C TYR I 97 39.36 16.60 -32.81
N TYR I 98 38.35 16.28 -32.01
CA TYR I 98 38.45 15.30 -30.94
C TYR I 98 37.46 14.16 -31.17
N CYS I 99 37.94 12.93 -31.01
CA CYS I 99 37.05 11.79 -30.96
C CYS I 99 36.78 11.42 -29.51
N ALA I 100 35.50 11.28 -29.17
CA ALA I 100 35.13 11.13 -27.77
C ALA I 100 34.21 9.93 -27.61
N ARG I 101 34.16 9.41 -26.39
CA ARG I 101 33.29 8.31 -26.04
C ARG I 101 32.20 8.80 -25.10
N ALA I 102 31.01 9.00 -25.64
CA ALA I 102 29.88 9.46 -24.86
C ALA I 102 29.26 8.31 -24.09
N GLY I 103 29.56 8.26 -22.80
CA GLY I 103 29.22 7.01 -22.10
C GLY I 103 29.29 7.02 -20.64
N VAL I 104 28.56 7.97 -20.07
CA VAL I 104 28.30 8.07 -18.62
C VAL I 104 26.80 8.19 -18.66
N ARG I 105 26.11 7.25 -18.06
CA ARG I 105 24.66 7.28 -18.24
C ARG I 105 23.93 7.64 -16.95
N VAL I 106 22.66 7.92 -17.00
CA VAL I 106 21.98 8.19 -15.72
C VAL I 106 20.60 7.57 -15.76
N PHE I 107 20.52 6.34 -15.26
CA PHE I 107 19.42 5.36 -15.20
C PHE I 107 19.42 4.62 -16.49
N GLY I 108 20.60 4.40 -17.06
CA GLY I 108 20.65 3.64 -18.30
C GLY I 108 20.66 4.52 -19.50
N ILE I 109 20.04 5.69 -19.48
CA ILE I 109 20.10 6.47 -20.73
C ILE I 109 21.40 7.21 -20.76
N ILE I 110 21.98 7.37 -21.95
CA ILE I 110 23.23 8.11 -22.18
C ILE I 110 22.72 9.51 -22.18
N VAL I 111 23.07 10.33 -21.20
CA VAL I 111 23.33 11.77 -21.43
C VAL I 111 24.51 11.84 -22.37
N ASN I 112 24.60 12.83 -23.24
CA ASN I 112 25.80 12.85 -24.11
C ASN I 112 27.04 13.43 -23.42
N SER I 113 27.19 13.49 -22.12
CA SER I 113 28.39 14.16 -21.62
C SER I 113 29.58 13.29 -21.98
N LEU I 114 30.48 13.76 -22.85
CA LEU I 114 31.65 12.98 -23.29
C LEU I 114 32.40 12.51 -22.08
N ASP I 115 32.89 11.28 -22.09
CA ASP I 115 33.56 10.59 -20.99
C ASP I 115 35.06 10.44 -21.19
N TYR I 116 35.51 10.09 -22.39
CA TYR I 116 36.91 9.95 -22.73
C TYR I 116 37.15 10.65 -24.05
N TRP I 117 38.37 11.14 -24.26
CA TRP I 117 38.68 11.94 -25.43
C TRP I 117 39.96 11.45 -26.08
N GLY I 118 40.09 11.71 -27.36
CA GLY I 118 41.36 11.52 -28.03
C GLY I 118 42.22 12.75 -27.90
N GLN I 119 43.52 12.56 -28.08
CA GLN I 119 44.46 13.67 -27.89
C GLN I 119 44.29 14.77 -28.91
N GLY I 120 43.32 14.66 -29.81
CA GLY I 120 42.99 15.76 -30.70
C GLY I 120 43.92 15.87 -31.88
N THR I 121 43.36 16.20 -33.04
CA THR I 121 44.13 16.40 -34.26
C THR I 121 43.84 17.80 -34.79
N LEU I 122 44.86 18.64 -34.83
CA LEU I 122 44.70 19.95 -35.45
C LEU I 122 44.60 19.75 -36.95
N VAL I 123 43.68 20.46 -37.59
CA VAL I 123 43.43 20.34 -39.02
C VAL I 123 43.21 21.73 -39.58
N THR I 124 44.00 22.09 -40.58
CA THR I 124 43.84 23.34 -41.28
C THR I 124 43.63 23.05 -42.77
N VAL I 125 42.88 23.93 -43.43
CA VAL I 125 42.65 23.85 -44.86
C VAL I 125 43.20 25.14 -45.46
N SER I 126 43.90 25.02 -46.59
CA SER I 126 44.55 26.17 -47.18
C SER I 126 44.95 25.84 -48.61
N SER I 127 45.32 26.88 -49.35
CA SER I 127 45.90 26.71 -50.67
C SER I 127 47.42 26.61 -50.63
N ALA I 128 48.02 26.71 -49.46
CA ALA I 128 49.46 26.66 -49.34
C ALA I 128 49.97 25.23 -49.37
N SER I 129 51.26 25.09 -49.65
CA SER I 129 51.89 23.77 -49.67
C SER I 129 52.77 23.57 -48.43
N THR I 130 53.11 22.31 -48.18
CA THR I 130 53.92 21.98 -47.02
C THR I 130 55.34 22.52 -47.16
N LYS I 131 55.90 22.93 -46.03
CA LYS I 131 57.26 23.48 -45.98
C LYS I 131 57.95 22.99 -44.72
N GLY I 132 59.14 22.42 -44.90
CA GLY I 132 59.93 21.93 -43.78
C GLY I 132 60.51 23.06 -42.96
N PRO I 133 60.59 22.86 -41.65
CA PRO I 133 61.08 23.90 -40.76
C PRO I 133 62.61 23.96 -40.75
N SER I 134 63.11 25.18 -40.56
CA SER I 134 64.53 25.39 -40.33
C SER I 134 64.75 25.70 -38.86
N VAL I 135 65.71 25.03 -38.25
CA VAL I 135 65.96 25.13 -36.83
C VAL I 135 67.29 25.82 -36.61
N PHE I 136 67.28 26.86 -35.76
CA PHE I 136 68.44 27.70 -35.57
C PHE I 136 68.79 27.80 -34.10
N PRO I 137 70.08 27.75 -33.75
CA PRO I 137 70.46 27.71 -32.34
C PRO I 137 70.32 29.09 -31.68
N LEU I 138 70.10 29.07 -30.38
CA LEU I 138 70.04 30.27 -29.55
C LEU I 138 70.98 30.00 -28.38
N ALA I 139 72.23 30.44 -28.52
CA ALA I 139 73.31 30.10 -27.61
C ALA I 139 73.23 30.95 -26.35
N PRO I 140 73.66 30.41 -25.21
CA PRO I 140 73.65 31.20 -23.97
C PRO I 140 74.71 32.28 -23.99
N SER I 141 74.44 33.38 -23.28
CA SER I 141 75.35 34.50 -23.24
C SER I 141 76.61 34.16 -22.44
N SER I 142 77.69 34.87 -22.72
CA SER I 142 78.95 34.67 -22.02
C SER I 142 78.94 35.35 -20.67
N THR I 149 70.40 30.00 -14.34
CA THR I 149 71.07 31.29 -14.38
C THR I 149 71.34 31.70 -15.83
N ALA I 150 71.50 30.71 -16.70
CA ALA I 150 71.72 30.95 -18.12
C ALA I 150 70.51 30.40 -18.90
N ALA I 151 70.31 30.94 -20.09
CA ALA I 151 69.19 30.56 -20.95
C ALA I 151 69.70 30.23 -22.34
N LEU I 152 69.03 29.29 -22.99
CA LEU I 152 69.36 28.91 -24.35
C LEU I 152 68.11 28.34 -25.01
N GLY I 153 68.19 28.09 -26.31
CA GLY I 153 67.00 27.57 -26.97
C GLY I 153 67.15 27.40 -28.46
N CYS I 154 66.00 27.34 -29.11
CA CYS I 154 65.87 26.99 -30.52
C CYS I 154 64.85 27.90 -31.17
N LEU I 155 65.14 28.35 -32.38
CA LEU I 155 64.18 29.10 -33.19
C LEU I 155 63.80 28.25 -34.39
N VAL I 156 62.54 27.84 -34.45
CA VAL I 156 62.02 27.07 -35.57
C VAL I 156 61.28 28.05 -36.47
N LYS I 157 61.68 28.10 -37.73
CA LYS I 157 61.22 29.09 -38.68
C LYS I 157 60.70 28.43 -39.93
N ASP I 158 59.73 29.08 -40.59
CA ASP I 158 59.42 28.76 -41.97
C ASP I 158 58.95 27.33 -42.13
N TYR I 159 57.81 26.99 -41.53
CA TYR I 159 57.19 25.69 -41.71
C TYR I 159 55.69 25.86 -41.83
N PHE I 160 55.03 24.80 -42.31
CA PHE I 160 53.61 24.82 -42.59
C PHE I 160 53.11 23.41 -42.81
N PRO I 161 52.01 23.00 -42.19
CA PRO I 161 51.23 23.76 -41.21
C PRO I 161 51.55 23.39 -39.76
N GLU I 162 50.72 23.87 -38.83
CA GLU I 162 50.79 23.43 -37.44
C GLU I 162 50.39 21.95 -37.36
N PRO I 163 50.83 21.24 -36.31
CA PRO I 163 51.71 21.63 -35.22
C PRO I 163 53.14 21.13 -35.42
N VAL I 164 54.01 21.42 -34.47
CA VAL I 164 55.38 20.92 -34.48
C VAL I 164 55.74 20.47 -33.07
N THR I 165 56.44 19.35 -32.97
CA THR I 165 56.84 18.80 -31.68
C THR I 165 58.31 19.07 -31.45
N VAL I 166 58.64 19.53 -30.24
CA VAL I 166 59.99 19.89 -29.86
C VAL I 166 60.32 19.29 -28.52
N SER I 167 61.56 18.81 -28.37
CA SER I 167 62.06 18.20 -27.15
C SER I 167 63.54 18.53 -26.98
N TRP I 168 64.06 18.12 -25.82
CA TRP I 168 65.46 18.36 -25.45
C TRP I 168 66.07 17.07 -24.95
N ASN I 169 67.17 16.65 -25.58
CA ASN I 169 67.87 15.42 -25.23
C ASN I 169 66.92 14.22 -25.24
N SER I 170 66.18 14.08 -26.34
CA SER I 170 65.21 13.00 -26.54
C SER I 170 64.19 12.93 -25.42
N GLY I 171 63.85 14.07 -24.81
CA GLY I 171 62.89 14.11 -23.73
C GLY I 171 63.48 14.01 -22.34
N ALA I 172 64.81 13.93 -22.22
CA ALA I 172 65.42 13.81 -20.90
C ALA I 172 65.26 15.08 -20.09
N LEU I 173 65.23 16.25 -20.74
CA LEU I 173 65.14 17.53 -20.07
C LEU I 173 63.68 17.98 -20.10
N THR I 174 63.10 18.19 -18.91
CA THR I 174 61.70 18.59 -18.81
C THR I 174 61.56 19.88 -18.02
N SER I 175 62.38 20.06 -16.99
CA SER I 175 62.26 21.21 -16.12
C SER I 175 62.72 22.48 -16.83
N GLY I 176 61.99 23.58 -16.60
CA GLY I 176 62.37 24.87 -17.13
C GLY I 176 62.16 25.05 -18.61
N VAL I 177 61.56 24.08 -19.30
CA VAL I 177 61.33 24.21 -20.73
C VAL I 177 60.08 25.03 -20.97
N HIS I 178 60.14 25.89 -21.99
CA HIS I 178 59.01 26.72 -22.38
C HIS I 178 58.88 26.62 -23.90
N THR I 179 57.76 26.08 -24.36
CA THR I 179 57.47 25.89 -25.77
C THR I 179 56.38 26.87 -26.18
N PHE I 180 56.69 27.71 -27.15
CA PHE I 180 55.94 28.92 -27.41
C PHE I 180 54.87 28.70 -28.48
N PRO I 181 53.70 29.28 -28.29
CA PRO I 181 52.66 29.22 -29.34
C PRO I 181 53.16 29.94 -30.59
N ALA I 182 53.05 29.26 -31.73
CA ALA I 182 53.61 29.80 -32.95
C ALA I 182 52.86 31.04 -33.39
N VAL I 183 53.47 31.79 -34.30
CA VAL I 183 52.89 33.00 -34.86
C VAL I 183 52.94 32.90 -36.38
N LEU I 184 51.86 33.32 -37.03
CA LEU I 184 51.79 33.32 -38.48
C LEU I 184 52.54 34.53 -39.02
N GLN I 185 53.55 34.27 -39.84
CA GLN I 185 54.33 35.34 -40.44
C GLN I 185 53.59 35.92 -41.64
N SER I 186 53.94 37.16 -41.99
CA SER I 186 53.31 37.83 -43.12
C SER I 186 53.51 37.06 -44.42
N SER I 187 54.58 36.27 -44.54
CA SER I 187 54.79 35.45 -45.71
C SER I 187 53.88 34.23 -45.76
N GLY I 188 52.99 34.07 -44.79
CA GLY I 188 52.15 32.89 -44.72
C GLY I 188 52.82 31.68 -44.12
N LEU I 189 53.87 31.87 -43.34
CA LEU I 189 54.64 30.78 -42.77
C LEU I 189 54.61 30.83 -41.25
N TYR I 190 54.86 29.68 -40.63
CA TYR I 190 54.79 29.57 -39.18
C TYR I 190 56.18 29.57 -38.57
N SER I 191 56.24 29.97 -37.30
CA SER I 191 57.51 30.11 -36.59
C SER I 191 57.26 30.21 -35.10
N LEU I 192 58.16 29.61 -34.32
CA LEU I 192 58.11 29.74 -32.87
C LEU I 192 59.50 29.49 -32.31
N SER I 193 59.59 29.48 -30.98
CA SER I 193 60.85 29.25 -30.29
C SER I 193 60.62 28.39 -29.06
N SER I 194 61.67 27.68 -28.67
CA SER I 194 61.65 26.84 -27.47
C SER I 194 62.85 27.20 -26.61
N VAL I 195 62.60 27.57 -25.36
CA VAL I 195 63.67 28.06 -24.50
C VAL I 195 63.78 27.16 -23.28
N VAL I 196 64.97 27.11 -22.69
CA VAL I 196 65.19 26.42 -21.43
C VAL I 196 66.32 27.14 -20.68
N THR I 197 66.17 27.20 -19.36
CA THR I 197 67.16 27.80 -18.49
C THR I 197 67.84 26.73 -17.66
N VAL I 198 69.16 26.89 -17.49
CA VAL I 198 69.98 25.93 -16.75
C VAL I 198 71.00 26.68 -15.92
N PRO I 199 71.53 26.05 -14.88
CA PRO I 199 72.67 26.65 -14.16
C PRO I 199 73.85 26.87 -15.10
N SER I 200 74.46 28.05 -14.99
CA SER I 200 75.55 28.40 -15.89
C SER I 200 76.74 27.48 -15.70
N SER I 201 76.88 26.90 -14.51
CA SER I 201 77.98 25.98 -14.23
C SER I 201 78.02 24.81 -15.20
N SER I 202 76.86 24.36 -15.68
CA SER I 202 76.82 23.26 -16.64
C SER I 202 76.91 23.74 -18.09
N LEU I 203 77.37 24.98 -18.32
CA LEU I 203 77.41 25.51 -19.68
C LEU I 203 78.41 24.78 -20.55
N GLY I 204 79.46 24.22 -19.96
CA GLY I 204 80.50 23.58 -20.73
C GLY I 204 80.47 22.07 -20.72
N THR I 205 79.86 21.48 -19.69
CA THR I 205 79.88 20.03 -19.51
C THR I 205 78.62 19.33 -19.97
N GLN I 206 77.49 20.03 -20.04
CA GLN I 206 76.22 19.42 -20.43
C GLN I 206 75.90 19.77 -21.87
N THR I 207 75.72 18.75 -22.70
CA THR I 207 75.36 18.95 -24.09
C THR I 207 73.84 18.98 -24.26
N TYR I 208 73.36 20.01 -24.95
CA TYR I 208 71.93 20.26 -25.09
C TYR I 208 71.54 20.07 -26.55
N ILE I 209 70.76 19.02 -26.83
CA ILE I 209 70.36 18.66 -28.19
C ILE I 209 68.88 18.98 -28.36
N CYS I 210 68.58 19.78 -29.37
CA CYS I 210 67.23 20.21 -29.69
C CYS I 210 66.64 19.27 -30.74
N ASN I 211 65.50 18.67 -30.44
CA ASN I 211 64.91 17.64 -31.28
C ASN I 211 63.55 18.12 -31.77
N VAL I 212 63.43 18.33 -33.08
CA VAL I 212 62.22 18.87 -33.69
C VAL I 212 61.65 17.83 -34.66
N ASN I 213 60.33 17.73 -34.69
CA ASN I 213 59.61 16.83 -35.57
C ASN I 213 58.42 17.57 -36.14
N HIS I 214 58.30 17.54 -37.47
CA HIS I 214 57.21 18.14 -38.24
C HIS I 214 56.72 17.03 -39.17
N LYS I 215 55.68 16.32 -38.74
CA LYS I 215 55.27 15.11 -39.44
C LYS I 215 54.60 15.35 -40.79
N PRO I 216 53.83 16.43 -41.03
CA PRO I 216 53.37 16.67 -42.41
C PRO I 216 54.50 16.79 -43.40
N SER I 217 55.64 17.35 -42.98
CA SER I 217 56.83 17.38 -43.81
C SER I 217 57.76 16.21 -43.54
N ASN I 218 57.44 15.37 -42.56
CA ASN I 218 58.25 14.20 -42.20
C ASN I 218 59.69 14.61 -41.91
N THR I 219 59.85 15.75 -41.24
CA THR I 219 61.16 16.29 -40.94
C THR I 219 61.49 16.06 -39.47
N LYS I 220 62.67 15.51 -39.21
CA LYS I 220 63.14 15.23 -37.85
C LYS I 220 64.59 15.68 -37.75
N VAL I 221 64.84 16.69 -36.93
CA VAL I 221 66.15 17.33 -36.89
C VAL I 221 66.64 17.43 -35.45
N ASP I 222 67.94 17.19 -35.25
CA ASP I 222 68.59 17.31 -33.95
C ASP I 222 69.76 18.28 -34.07
N LYS I 223 69.72 19.35 -33.28
CA LYS I 223 70.70 20.44 -33.36
C LYS I 223 71.33 20.64 -31.99
N LYS I 224 72.65 20.51 -31.92
CA LYS I 224 73.40 20.83 -30.70
C LYS I 224 73.65 22.34 -30.66
N VAL I 225 73.30 22.96 -29.53
CA VAL I 225 73.49 24.39 -29.32
C VAL I 225 74.62 24.59 -28.30
N GLU I 226 75.68 25.25 -28.73
CA GLU I 226 76.80 25.59 -27.85
C GLU I 226 76.95 27.09 -27.87
N PRO I 227 77.58 27.66 -26.84
CA PRO I 227 77.88 29.11 -26.87
C PRO I 227 78.79 29.46 -28.04
N LYS I 228 78.67 30.70 -28.50
CA LYS I 228 79.44 31.18 -29.64
C LYS I 228 80.87 31.45 -29.22
N SER I 229 81.82 30.79 -29.88
CA SER I 229 83.23 30.90 -29.52
C SER I 229 83.85 32.19 -30.03
N CYS I 230 83.90 32.36 -31.35
CA CYS I 230 84.57 33.51 -31.96
C CYS I 230 83.89 33.91 -33.26
N GLN J 1 -19.26 39.57 15.55
CA GLN J 1 -18.77 38.95 14.31
C GLN J 1 -18.93 39.89 13.13
N VAL J 2 -19.43 39.34 12.01
CA VAL J 2 -19.57 40.13 10.79
C VAL J 2 -20.91 40.86 10.81
N GLN J 3 -20.95 42.01 10.16
CA GLN J 3 -22.17 42.79 10.01
C GLN J 3 -22.19 43.45 8.64
N LEU J 4 -23.34 43.40 7.98
CA LEU J 4 -23.55 44.06 6.69
C LEU J 4 -24.69 45.06 6.85
N GLN J 5 -24.41 46.32 6.61
CA GLN J 5 -25.39 47.40 6.82
C GLN J 5 -25.69 48.07 5.49
N GLN J 6 -26.94 48.04 5.08
CA GLN J 6 -27.33 48.50 3.75
C GLN J 6 -27.75 49.96 3.77
N SER J 7 -27.65 50.59 2.60
CA SER J 7 -28.18 51.93 2.42
C SER J 7 -28.47 52.14 0.95
N GLY J 8 -29.24 53.18 0.65
CA GLY J 8 -29.68 53.45 -0.68
C GLY J 8 -31.12 53.90 -0.72
N PRO J 9 -31.46 54.80 -1.64
CA PRO J 9 -32.81 55.35 -1.68
C PRO J 9 -33.84 54.30 -2.07
N GLY J 10 -34.94 54.26 -1.32
CA GLY J 10 -35.97 53.27 -1.52
C GLY J 10 -36.86 53.54 -2.70
N LEU J 11 -36.81 54.76 -3.24
CA LEU J 11 -37.60 55.12 -4.41
C LEU J 11 -36.67 55.53 -5.54
N VAL J 12 -36.92 54.95 -6.72
CA VAL J 12 -36.07 55.18 -7.88
C VAL J 12 -36.98 55.31 -9.10
N LYS J 13 -36.77 56.35 -9.90
CA LYS J 13 -37.65 56.62 -11.02
C LYS J 13 -37.51 55.55 -12.09
N PRO J 14 -38.59 55.24 -12.81
CA PRO J 14 -38.52 54.21 -13.84
C PRO J 14 -37.46 54.55 -14.88
N SER J 15 -36.83 53.52 -15.42
CA SER J 15 -35.76 53.57 -16.42
C SER J 15 -34.52 54.30 -15.91
N GLN J 16 -34.47 54.70 -14.65
CA GLN J 16 -33.36 55.49 -14.13
C GLN J 16 -32.30 54.54 -13.58
N THR J 17 -31.43 55.05 -12.72
CA THR J 17 -30.35 54.26 -12.15
C THR J 17 -30.61 53.94 -10.68
N LEU J 18 -30.72 52.66 -10.36
CA LEU J 18 -30.82 52.20 -8.99
C LEU J 18 -29.40 51.98 -8.45
N SER J 19 -29.19 52.37 -7.19
CA SER J 19 -27.86 52.29 -6.57
C SER J 19 -28.00 52.00 -5.09
N LEU J 20 -27.58 50.83 -4.66
CA LEU J 20 -27.51 50.48 -3.25
C LEU J 20 -26.06 50.29 -2.84
N THR J 21 -25.80 50.41 -1.55
CA THR J 21 -24.44 50.28 -1.03
C THR J 21 -24.45 49.56 0.30
N CYS J 22 -23.73 48.46 0.36
CA CYS J 22 -23.66 47.60 1.53
C CYS J 22 -22.30 47.81 2.18
N GLY J 23 -22.31 48.41 3.37
CA GLY J 23 -21.09 48.62 4.12
C GLY J 23 -20.82 47.43 5.02
N ILE J 24 -19.55 47.03 5.09
CA ILE J 24 -19.14 45.81 5.77
C ILE J 24 -18.44 46.20 7.06
N SER J 25 -18.60 45.38 8.10
CA SER J 25 -17.84 45.50 9.33
C SER J 25 -17.53 44.10 9.82
N GLY J 26 -16.32 43.88 10.31
CA GLY J 26 -15.96 42.60 10.85
C GLY J 26 -15.08 41.75 9.96
N ASP J 27 -14.98 42.08 8.67
CA ASP J 27 -14.10 41.36 7.76
C ASP J 27 -13.56 42.37 6.76
N SER J 28 -13.03 41.85 5.66
CA SER J 28 -12.49 42.69 4.60
C SER J 28 -13.18 42.34 3.29
N VAL J 29 -13.66 43.37 2.58
CA VAL J 29 -14.24 43.13 1.28
C VAL J 29 -13.22 42.54 0.33
N SER J 30 -11.94 42.70 0.64
CA SER J 30 -10.88 42.04 -0.10
C SER J 30 -10.52 40.67 0.46
N SER J 31 -11.46 40.00 1.14
CA SER J 31 -11.17 38.69 1.70
C SER J 31 -10.99 37.66 0.59
N ASP J 32 -10.04 36.76 0.79
CA ASP J 32 -9.80 35.69 -0.16
C ASP J 32 -10.65 34.46 0.11
N ALA J 33 -11.42 34.46 1.18
CA ALA J 33 -12.20 33.30 1.59
C ALA J 33 -13.69 33.53 1.53
N ALA J 34 -14.15 34.52 0.79
CA ALA J 34 -15.57 34.81 0.69
C ALA J 34 -15.88 35.50 -0.63
N ALA J 35 -17.17 35.60 -0.92
CA ALA J 35 -17.66 36.36 -2.05
C ALA J 35 -18.83 37.18 -1.58
N TRP J 36 -19.16 38.24 -2.31
CA TRP J 36 -20.19 39.16 -1.86
C TRP J 36 -21.30 39.18 -2.89
N ASP J 37 -22.47 38.69 -2.51
CA ASP J 37 -23.59 38.53 -3.43
C ASP J 37 -24.66 39.57 -3.16
N TRP J 38 -25.47 39.82 -4.17
CA TRP J 38 -26.67 40.63 -4.08
C TRP J 38 -27.85 39.79 -4.53
N ILE J 39 -28.86 39.71 -3.65
CA ILE J 39 -30.05 38.89 -3.80
C ILE J 39 -31.25 39.81 -3.82
N ARG J 40 -32.34 39.40 -4.46
CA ARG J 40 -33.59 40.12 -4.36
C ARG J 40 -34.74 39.15 -4.14
N GLN J 41 -35.66 39.54 -3.26
CA GLN J 41 -36.83 38.73 -2.95
C GLN J 41 -38.09 39.54 -3.19
N SER J 42 -39.05 38.95 -3.89
CA SER J 42 -40.34 39.55 -4.15
C SER J 42 -41.42 38.49 -3.98
N PRO J 43 -42.60 38.89 -3.51
CA PRO J 43 -43.68 37.91 -3.36
C PRO J 43 -44.03 37.20 -4.65
N SER J 44 -43.66 37.77 -5.79
CA SER J 44 -43.99 37.15 -7.07
C SER J 44 -42.92 36.15 -7.50
N ARG J 45 -41.66 36.52 -7.34
CA ARG J 45 -40.54 35.73 -7.86
C ARG J 45 -39.78 34.97 -6.78
N GLY J 46 -40.05 35.24 -5.51
CA GLY J 46 -39.26 34.60 -4.49
C GLY J 46 -37.85 35.18 -4.44
N LEU J 47 -36.92 34.41 -3.90
CA LEU J 47 -35.53 34.85 -3.81
C LEU J 47 -34.81 34.57 -5.12
N GLU J 48 -34.15 35.59 -5.66
CA GLU J 48 -33.40 35.47 -6.90
C GLU J 48 -32.00 35.99 -6.68
N TRP J 49 -31.02 35.25 -7.15
CA TRP J 49 -29.64 35.70 -7.05
C TRP J 49 -29.36 36.71 -8.15
N LEU J 50 -28.95 37.91 -7.76
CA LEU J 50 -28.67 38.95 -8.74
C LEU J 50 -27.23 38.98 -9.18
N GLY J 51 -26.29 39.18 -8.26
CA GLY J 51 -24.92 39.34 -8.69
C GLY J 51 -23.94 38.93 -7.62
N ARG J 52 -22.66 39.01 -7.96
CA ARG J 52 -21.61 38.65 -7.03
C ARG J 52 -20.31 39.33 -7.43
N THR J 53 -19.50 39.67 -6.44
CA THR J 53 -18.12 40.09 -6.66
C THR J 53 -17.20 39.32 -5.73
N PHE J 54 -15.91 39.33 -6.06
CA PHE J 54 -14.90 38.82 -5.15
C PHE J 54 -13.53 39.21 -5.67
N TYR J 55 -12.50 38.85 -4.92
CA TYR J 55 -11.13 39.25 -5.21
C TYR J 55 -10.18 38.09 -5.00
N ARG J 56 -9.58 37.61 -6.07
CA ARG J 56 -8.50 36.64 -5.96
C ARG J 56 -7.19 37.21 -6.47
N SER J 57 -7.18 37.65 -7.72
CA SER J 57 -6.04 38.37 -8.28
C SER J 57 -6.44 39.68 -8.94
N ARG J 58 -7.57 39.71 -9.63
CA ARG J 58 -8.21 40.95 -10.06
C ARG J 58 -9.55 41.02 -9.34
N TRP J 59 -10.37 41.99 -9.71
CA TRP J 59 -11.72 42.04 -9.19
C TRP J 59 -12.65 41.28 -10.13
N HIS J 60 -13.34 40.28 -9.58
CA HIS J 60 -14.15 39.40 -10.38
C HIS J 60 -15.62 39.69 -10.15
N HIS J 61 -16.36 39.83 -11.24
CA HIS J 61 -17.79 40.10 -11.21
C HIS J 61 -18.53 38.95 -11.89
N ASP J 62 -19.46 38.35 -11.16
CA ASP J 62 -20.26 37.24 -11.66
C ASP J 62 -21.72 37.63 -11.60
N TYR J 63 -22.30 37.95 -12.75
CA TYR J 63 -23.67 38.43 -12.81
C TYR J 63 -24.59 37.31 -13.25
N SER J 64 -25.89 37.55 -13.07
CA SER J 64 -26.88 36.54 -13.41
C SER J 64 -27.28 36.62 -14.88
N GLU J 65 -28.33 35.88 -15.23
CA GLU J 65 -28.85 35.95 -16.58
C GLU J 65 -30.03 36.90 -16.67
N SER J 66 -30.86 36.96 -15.63
CA SER J 66 -31.99 37.88 -15.65
C SER J 66 -31.53 39.34 -15.57
N VAL J 67 -30.26 39.59 -15.33
CA VAL J 67 -29.73 40.94 -15.29
C VAL J 67 -28.48 41.05 -16.16
N LYS J 68 -28.45 40.31 -17.26
CA LYS J 68 -27.40 40.48 -18.25
C LYS J 68 -27.27 41.94 -18.67
N ASN J 69 -26.06 42.48 -18.57
CA ASN J 69 -25.72 43.82 -19.04
C ASN J 69 -26.50 44.90 -18.31
N ARG J 70 -27.37 44.51 -17.37
CA ARG J 70 -28.21 45.44 -16.66
C ARG J 70 -27.73 45.74 -15.25
N ILE J 71 -26.65 45.09 -14.80
CA ILE J 71 -26.19 45.17 -13.42
C ILE J 71 -24.69 45.41 -13.41
N THR J 72 -24.22 46.09 -12.37
CA THR J 72 -22.79 46.22 -12.13
C THR J 72 -22.57 46.30 -10.62
N ILE J 73 -21.59 45.53 -10.14
CA ILE J 73 -21.27 45.47 -8.72
C ILE J 73 -19.83 45.90 -8.55
N ASN J 74 -19.58 46.75 -7.56
CA ASN J 74 -18.27 47.31 -7.34
C ASN J 74 -17.83 47.06 -5.89
N ALA J 75 -16.53 46.95 -5.69
CA ALA J 75 -15.98 46.84 -4.35
C ALA J 75 -14.99 47.98 -4.10
N ASP J 76 -15.23 48.73 -3.03
CA ASP J 76 -14.37 49.84 -2.65
C ASP J 76 -13.71 49.49 -1.32
N THR J 77 -12.42 49.18 -1.39
CA THR J 77 -11.63 48.91 -0.20
C THR J 77 -11.35 50.18 0.60
N SER J 78 -11.48 51.35 0.00
CA SER J 78 -11.25 52.60 0.72
C SER J 78 -12.29 52.82 1.80
N LYS J 79 -13.50 52.31 1.60
CA LYS J 79 -14.54 52.37 2.61
C LYS J 79 -14.96 50.99 3.11
N ASN J 80 -14.35 49.93 2.58
CA ASN J 80 -14.76 48.56 2.86
C ASN J 80 -16.26 48.39 2.63
N GLN J 81 -16.66 48.59 1.39
CA GLN J 81 -18.06 48.47 1.02
C GLN J 81 -18.16 47.86 -0.35
N PHE J 82 -19.36 47.38 -0.69
CA PHE J 82 -19.59 46.98 -2.07
C PHE J 82 -20.99 47.41 -2.48
N SER J 83 -21.13 47.72 -3.77
CA SER J 83 -22.20 48.53 -4.28
C SER J 83 -22.88 47.83 -5.44
N LEU J 84 -24.22 47.93 -5.45
CA LEU J 84 -25.07 47.41 -6.51
C LEU J 84 -25.56 48.57 -7.34
N GLN J 85 -25.49 48.42 -8.67
CA GLN J 85 -25.80 49.50 -9.59
C GLN J 85 -26.57 48.92 -10.76
N LEU J 86 -27.88 49.17 -10.79
CA LEU J 86 -28.79 48.49 -11.71
C LEU J 86 -29.41 49.54 -12.62
N THR J 87 -29.20 49.40 -13.92
CA THR J 87 -29.62 50.39 -14.89
C THR J 87 -30.98 50.03 -15.49
N SER J 88 -31.67 51.05 -16.01
CA SER J 88 -32.94 50.88 -16.72
C SER J 88 -33.95 50.11 -15.89
N VAL J 89 -34.23 50.61 -14.69
CA VAL J 89 -35.14 49.92 -13.80
C VAL J 89 -36.56 50.03 -14.34
N THR J 90 -37.31 48.94 -14.23
CA THR J 90 -38.69 48.84 -14.67
C THR J 90 -39.54 48.42 -13.49
N PRO J 91 -40.86 48.39 -13.66
CA PRO J 91 -41.74 47.94 -12.56
C PRO J 91 -41.44 46.55 -12.02
N GLU J 92 -40.73 45.68 -12.77
CA GLU J 92 -40.52 44.32 -12.31
C GLU J 92 -39.46 44.20 -11.21
N ASP J 93 -38.80 45.30 -10.84
CA ASP J 93 -37.73 45.24 -9.86
C ASP J 93 -38.18 45.53 -8.44
N THR J 94 -39.44 45.91 -8.22
CA THR J 94 -39.93 46.19 -6.88
C THR J 94 -39.73 44.97 -6.00
N ALA J 95 -38.86 45.07 -5.00
CA ALA J 95 -38.52 43.92 -4.19
C ALA J 95 -37.68 44.37 -2.99
N THR J 96 -37.36 43.41 -2.13
CA THR J 96 -36.44 43.62 -1.02
C THR J 96 -35.07 43.10 -1.42
N TYR J 97 -34.06 43.97 -1.39
CA TYR J 97 -32.73 43.62 -1.85
C TYR J 97 -31.85 43.35 -0.64
N TYR J 98 -31.13 42.23 -0.67
CA TYR J 98 -30.24 41.82 0.41
C TYR J 98 -28.81 41.72 -0.10
N CYS J 99 -27.86 42.26 0.66
CA CYS J 99 -26.46 42.02 0.41
C CYS J 99 -25.97 40.91 1.33
N ALA J 100 -25.32 39.91 0.76
CA ALA J 100 -24.99 38.72 1.51
C ALA J 100 -23.51 38.39 1.34
N ARG J 101 -22.98 37.63 2.28
CA ARG J 101 -21.60 37.17 2.25
C ARG J 101 -21.58 35.67 2.04
N ALA J 102 -21.30 35.25 0.81
CA ALA J 102 -21.25 33.84 0.46
C ALA J 102 -19.92 33.25 0.90
N GLY J 103 -19.95 32.52 2.01
CA GLY J 103 -18.65 32.18 2.61
C GLY J 103 -18.64 31.16 3.66
N VAL J 104 -19.20 30.01 3.30
CA VAL J 104 -19.13 28.77 4.11
C VAL J 104 -18.64 27.83 3.04
N ARG J 105 -17.48 27.25 3.25
CA ARG J 105 -16.92 26.47 2.15
C ARG J 105 -16.92 24.98 2.45
N VAL J 106 -16.67 24.13 1.48
CA VAL J 106 -16.60 22.70 1.84
C VAL J 106 -15.47 22.06 1.07
N PHE J 107 -14.30 22.02 1.69
CA PHE J 107 -12.97 21.58 1.25
C PHE J 107 -12.33 22.74 0.58
N GLY J 108 -12.62 23.94 1.03
CA GLY J 108 -11.98 25.10 0.41
C GLY J 108 -12.83 25.70 -0.66
N ILE J 109 -13.65 24.96 -1.36
CA ILE J 109 -14.42 25.66 -2.42
C ILE J 109 -15.63 26.28 -1.76
N ILE J 110 -16.05 27.44 -2.24
CA ILE J 110 -17.23 28.16 -1.76
C ILE J 110 -18.30 27.43 -2.48
N VAL J 111 -19.17 26.70 -1.80
CA VAL J 111 -20.60 26.59 -2.17
C VAL J 111 -21.17 27.98 -2.05
N ASN J 112 -22.14 28.37 -2.86
CA ASN J 112 -22.66 29.75 -2.67
C ASN J 112 -23.68 29.84 -1.52
N SER J 113 -23.75 28.97 -0.54
CA SER J 113 -24.83 29.16 0.43
C SER J 113 -24.53 30.43 1.21
N LEU J 114 -25.34 31.47 1.09
CA LEU J 114 -25.13 32.76 1.78
C LEU J 114 -24.96 32.49 3.25
N ASP J 115 -24.04 33.18 3.89
CA ASP J 115 -23.65 33.01 5.30
C ASP J 115 -24.12 34.12 6.21
N TYR J 116 -24.01 35.38 5.76
CA TYR J 116 -24.46 36.54 6.52
C TYR J 116 -25.24 37.44 5.57
N TRP J 117 -26.19 38.19 6.11
CA TRP J 117 -27.08 39.00 5.29
C TRP J 117 -27.17 40.42 5.84
N GLY J 118 -27.51 41.34 4.96
CA GLY J 118 -27.87 42.67 5.39
C GLY J 118 -29.34 42.75 5.72
N GLN J 119 -29.70 43.74 6.52
CA GLN J 119 -31.08 43.86 6.98
C GLN J 119 -32.06 44.16 5.86
N GLY J 120 -31.59 44.23 4.62
CA GLY J 120 -32.49 44.34 3.49
C GLY J 120 -33.01 45.74 3.26
N THR J 121 -33.12 46.13 2.00
CA THR J 121 -33.65 47.43 1.62
C THR J 121 -34.81 47.20 0.68
N LEU J 122 -36.00 47.61 1.10
CA LEU J 122 -37.15 47.58 0.21
C LEU J 122 -36.98 48.67 -0.84
N VAL J 123 -37.28 48.34 -2.09
CA VAL J 123 -37.11 49.24 -3.21
C VAL J 123 -38.30 49.09 -4.13
N THR J 124 -38.99 50.20 -4.39
CA THR J 124 -40.09 50.24 -5.33
C THR J 124 -39.78 51.25 -6.42
N VAL J 125 -40.30 51.00 -7.61
CA VAL J 125 -40.19 51.92 -8.73
C VAL J 125 -41.60 52.31 -9.13
N SER J 126 -41.81 53.58 -9.41
CA SER J 126 -43.15 54.08 -9.70
C SER J 126 -43.05 55.46 -10.32
N SER J 127 -44.17 55.92 -10.88
CA SER J 127 -44.29 57.28 -11.36
C SER J 127 -44.82 58.22 -10.29
N ALA J 128 -45.11 57.72 -9.10
CA ALA J 128 -45.65 58.55 -8.04
C ALA J 128 -44.54 59.33 -7.33
N SER J 129 -44.94 60.37 -6.62
CA SER J 129 -44.00 61.18 -5.86
C SER J 129 -44.12 60.89 -4.37
N THR J 130 -43.12 61.31 -3.62
CA THR J 130 -43.09 61.06 -2.18
C THR J 130 -44.18 61.89 -1.48
N LYS J 131 -44.74 61.30 -0.42
CA LYS J 131 -45.78 61.95 0.37
C LYS J 131 -45.58 61.61 1.83
N GLY J 132 -45.54 62.66 2.66
CA GLY J 132 -45.39 62.50 4.09
C GLY J 132 -46.63 61.92 4.74
N PRO J 133 -46.43 61.09 5.76
CA PRO J 133 -47.56 60.44 6.42
C PRO J 133 -48.22 61.36 7.43
N SER J 134 -49.54 61.17 7.56
CA SER J 134 -50.30 61.82 8.61
C SER J 134 -50.62 60.80 9.70
N VAL J 135 -50.38 61.17 10.95
CA VAL J 135 -50.53 60.26 12.07
C VAL J 135 -51.69 60.73 12.93
N PHE J 136 -52.61 59.81 13.22
CA PHE J 136 -53.84 60.15 13.90
C PHE J 136 -54.02 59.26 15.13
N PRO J 137 -54.49 59.83 16.24
CA PRO J 137 -54.57 59.05 17.48
C PRO J 137 -55.74 58.09 17.47
N LEU J 138 -55.60 57.01 18.22
CA LEU J 138 -56.64 56.02 18.44
C LEU J 138 -56.74 55.83 19.95
N ALA J 139 -57.65 56.58 20.56
CA ALA J 139 -57.75 56.70 22.00
C ALA J 139 -58.46 55.49 22.60
N PRO J 140 -58.10 55.10 23.82
CA PRO J 140 -58.78 53.96 24.46
C PRO J 140 -60.20 54.32 24.85
N SER J 141 -61.07 53.30 24.87
CA SER J 141 -62.47 53.50 25.21
C SER J 141 -62.63 53.81 26.68
N SER J 142 -63.73 54.48 27.02
CA SER J 142 -64.03 54.82 28.41
C SER J 142 -64.61 53.62 29.15
N THR J 149 -56.06 45.34 29.27
CA THR J 149 -57.52 45.40 29.33
C THR J 149 -58.05 46.49 28.40
N ALA J 150 -57.24 47.53 28.18
CA ALA J 150 -57.58 48.60 27.27
C ALA J 150 -56.63 48.59 26.08
N ALA J 151 -57.08 49.16 24.97
CA ALA J 151 -56.30 49.19 23.74
C ALA J 151 -56.25 50.60 23.19
N LEU J 152 -55.13 50.95 22.56
CA LEU J 152 -54.97 52.25 21.94
C LEU J 152 -53.96 52.12 20.81
N GLY J 153 -53.81 53.17 20.03
CA GLY J 153 -52.88 53.07 18.92
C GLY J 153 -52.82 54.29 18.03
N CYS J 154 -52.32 54.06 16.82
CA CYS J 154 -51.99 55.10 15.86
C CYS J 154 -52.44 54.66 14.48
N LEU J 155 -53.00 55.59 13.71
CA LEU J 155 -53.32 55.35 12.32
C LEU J 155 -52.43 56.23 11.47
N VAL J 156 -51.55 55.60 10.69
CA VAL J 156 -50.66 56.32 9.78
C VAL J 156 -51.29 56.21 8.39
N LYS J 157 -51.53 57.36 7.77
CA LYS J 157 -52.29 57.46 6.54
C LYS J 157 -51.51 58.25 5.50
N ASP J 158 -51.73 57.92 4.22
CA ASP J 158 -51.36 58.81 3.14
C ASP J 158 -49.86 59.06 3.11
N TYR J 159 -49.08 58.02 2.86
CA TYR J 159 -47.65 58.16 2.67
C TYR J 159 -47.20 57.26 1.53
N PHE J 160 -45.97 57.51 1.06
CA PHE J 160 -45.44 56.81 -0.10
C PHE J 160 -43.96 57.10 -0.19
N PRO J 161 -43.11 56.08 -0.39
CA PRO J 161 -43.45 54.65 -0.44
C PRO J 161 -43.21 53.91 0.87
N GLU J 162 -43.28 52.59 0.83
CA GLU J 162 -42.86 51.77 1.96
C GLU J 162 -41.35 51.91 2.15
N PRO J 163 -40.84 51.63 3.36
CA PRO J 163 -41.53 51.27 4.61
C PRO J 163 -41.65 52.46 5.54
N VAL J 164 -42.23 52.23 6.72
CA VAL J 164 -42.33 53.24 7.76
C VAL J 164 -42.01 52.58 9.10
N THR J 165 -41.27 53.29 9.94
CA THR J 165 -40.89 52.77 11.24
C THR J 165 -41.73 53.44 12.33
N VAL J 166 -42.24 52.63 13.26
CA VAL J 166 -43.12 53.09 14.32
C VAL J 166 -42.64 52.51 15.64
N SER J 167 -42.70 53.32 16.69
CA SER J 167 -42.32 52.94 18.03
C SER J 167 -43.20 53.64 19.06
N TRP J 168 -43.01 53.26 20.32
CA TRP J 168 -43.78 53.77 21.44
C TRP J 168 -42.83 54.19 22.56
N ASN J 169 -42.90 55.46 22.96
CA ASN J 169 -42.06 56.01 24.02
C ASN J 169 -40.58 55.78 23.70
N SER J 170 -40.19 56.16 22.48
CA SER J 170 -38.82 56.03 21.98
C SER J 170 -38.30 54.60 22.10
N GLY J 171 -39.18 53.61 21.98
CA GLY J 171 -38.81 52.21 22.07
C GLY J 171 -38.90 51.61 23.45
N ALA J 172 -39.36 52.37 24.45
CA ALA J 172 -39.46 51.84 25.80
C ALA J 172 -40.54 50.77 25.91
N LEU J 173 -41.61 50.88 25.13
CA LEU J 173 -42.73 49.95 25.18
C LEU J 173 -42.55 48.92 24.06
N THR J 174 -42.45 47.65 24.43
CA THR J 174 -42.26 46.58 23.46
C THR J 174 -43.36 45.53 23.56
N SER J 175 -43.81 45.24 24.78
CA SER J 175 -44.80 44.19 24.99
C SER J 175 -46.16 44.61 24.44
N GLY J 176 -46.87 43.67 23.83
CA GLY J 176 -48.21 43.89 23.36
C GLY J 176 -48.35 44.78 22.15
N VAL J 177 -47.24 45.19 21.53
CA VAL J 177 -47.31 46.04 20.36
C VAL J 177 -47.57 45.18 19.12
N HIS J 178 -48.40 45.70 18.23
CA HIS J 178 -48.71 45.02 16.97
C HIS J 178 -48.62 46.07 15.86
N THR J 179 -47.69 45.87 14.94
CA THR J 179 -47.44 46.77 13.83
C THR J 179 -47.92 46.09 12.55
N PHE J 180 -48.83 46.73 11.86
CA PHE J 180 -49.65 46.08 10.85
C PHE J 180 -49.05 46.26 9.45
N PRO J 181 -49.10 45.21 8.63
CA PRO J 181 -48.66 45.35 7.24
C PRO J 181 -49.55 46.33 6.51
N ALA J 182 -48.92 47.30 5.84
CA ALA J 182 -49.68 48.37 5.22
C ALA J 182 -50.53 47.84 4.07
N VAL J 183 -51.48 48.66 3.64
CA VAL J 183 -52.37 48.34 2.54
C VAL J 183 -52.35 49.49 1.55
N LEU J 184 -52.32 49.16 0.26
CA LEU J 184 -52.34 50.17 -0.79
C LEU J 184 -53.76 50.66 -0.98
N GLN J 185 -53.96 51.96 -0.81
CA GLN J 185 -55.28 52.56 -0.99
C GLN J 185 -55.54 52.79 -2.48
N SER J 186 -56.83 52.88 -2.82
CA SER J 186 -57.23 53.11 -4.20
C SER J 186 -56.64 54.40 -4.76
N SER J 187 -56.35 55.38 -3.91
CA SER J 187 -55.73 56.62 -4.36
C SER J 187 -54.25 56.45 -4.66
N GLY J 188 -53.71 55.23 -4.54
CA GLY J 188 -52.29 55.02 -4.74
C GLY J 188 -51.43 55.37 -3.55
N LEU J 189 -52.01 55.39 -2.36
CA LEU J 189 -51.31 55.81 -1.15
C LEU J 189 -51.29 54.68 -0.14
N TYR J 190 -50.32 54.72 0.77
CA TYR J 190 -50.14 53.67 1.76
C TYR J 190 -50.68 54.10 3.12
N SER J 191 -51.04 53.09 3.94
CA SER J 191 -51.66 53.34 5.22
C SER J 191 -51.60 52.08 6.06
N LEU J 192 -51.39 52.26 7.36
CA LEU J 192 -51.44 51.14 8.31
C LEU J 192 -51.76 51.67 9.69
N SER J 193 -51.75 50.77 10.67
CA SER J 193 -52.03 51.12 12.04
C SER J 193 -51.10 50.36 12.98
N SER J 194 -50.86 50.94 14.15
CA SER J 194 -50.06 50.32 15.19
C SER J 194 -50.83 50.34 16.49
N VAL J 195 -51.04 49.17 17.09
CA VAL J 195 -51.89 49.06 18.27
C VAL J 195 -51.07 48.51 19.42
N VAL J 196 -51.49 48.85 20.64
CA VAL J 196 -50.92 48.29 21.86
C VAL J 196 -52.00 48.23 22.92
N THR J 197 -51.96 47.17 23.72
CA THR J 197 -52.88 46.97 24.82
C THR J 197 -52.15 47.12 26.15
N VAL J 198 -52.81 47.77 27.11
CA VAL J 198 -52.25 48.05 28.43
C VAL J 198 -53.33 47.85 29.47
N PRO J 199 -52.93 47.63 30.74
CA PRO J 199 -53.91 47.63 31.83
C PRO J 199 -54.62 48.98 31.90
N SER J 200 -55.94 48.93 32.06
CA SER J 200 -56.73 50.15 32.07
C SER J 200 -56.37 51.03 33.25
N SER J 201 -55.86 50.43 34.33
CA SER J 201 -55.46 51.20 35.51
C SER J 201 -54.43 52.28 35.19
N SER J 202 -53.56 52.04 34.19
CA SER J 202 -52.58 53.04 33.80
C SER J 202 -53.10 53.99 32.73
N LEU J 203 -54.42 54.07 32.54
CA LEU J 203 -54.97 54.91 31.48
C LEU J 203 -54.73 56.39 31.76
N GLY J 204 -54.62 56.78 33.02
CA GLY J 204 -54.48 58.20 33.35
C GLY J 204 -53.08 58.61 33.75
N THR J 205 -52.28 57.67 34.22
CA THR J 205 -50.95 57.98 34.75
C THR J 205 -49.82 57.74 33.77
N GLN J 206 -50.00 56.88 32.78
CA GLN J 206 -48.94 56.54 31.83
C GLN J 206 -49.18 57.28 30.52
N THR J 207 -48.20 58.08 30.10
CA THR J 207 -48.28 58.80 28.84
C THR J 207 -47.71 57.96 27.71
N TYR J 208 -48.46 57.84 26.62
CA TYR J 208 -48.12 56.98 25.50
C TYR J 208 -47.84 57.85 24.29
N ILE J 209 -46.58 57.89 23.86
CA ILE J 209 -46.13 58.72 22.75
C ILE J 209 -45.82 57.83 21.56
N CYS J 210 -46.46 58.13 20.43
CA CYS J 210 -46.32 57.39 19.19
C CYS J 210 -45.25 58.07 18.33
N ASN J 211 -44.23 57.31 17.94
CA ASN J 211 -43.07 57.86 17.24
C ASN J 211 -42.99 57.23 15.86
N VAL J 212 -43.18 58.03 14.82
CA VAL J 212 -43.19 57.55 13.44
C VAL J 212 -42.05 58.21 12.68
N ASN J 213 -41.43 57.44 11.79
CA ASN J 213 -40.33 57.90 10.95
C ASN J 213 -40.54 57.34 9.54
N HIS J 214 -40.51 58.23 8.56
CA HIS J 214 -40.65 57.93 7.14
C HIS J 214 -39.47 58.63 6.47
N LYS J 215 -38.38 57.89 6.27
CA LYS J 215 -37.13 58.51 5.84
C LYS J 215 -37.12 58.99 4.38
N PRO J 216 -37.80 58.35 3.42
CA PRO J 216 -37.87 58.98 2.09
C PRO J 216 -38.48 60.36 2.13
N SER J 217 -39.43 60.62 3.03
CA SER J 217 -39.97 61.95 3.24
C SER J 217 -39.27 62.69 4.37
N ASN J 218 -38.33 62.03 5.05
CA ASN J 218 -37.59 62.62 6.17
C ASN J 218 -38.53 63.19 7.22
N THR J 219 -39.62 62.46 7.48
CA THR J 219 -40.64 62.90 8.42
C THR J 219 -40.52 62.11 9.72
N LYS J 220 -40.47 62.82 10.84
CA LYS J 220 -40.37 62.23 12.17
C LYS J 220 -41.36 62.93 13.09
N VAL J 221 -42.36 62.18 13.56
CA VAL J 221 -43.48 62.77 14.28
C VAL J 221 -43.72 62.01 15.57
N ASP J 222 -44.01 62.75 16.64
CA ASP J 222 -44.35 62.18 17.94
C ASP J 222 -45.71 62.71 18.39
N LYS J 223 -46.65 61.79 18.61
CA LYS J 223 -48.05 62.13 18.92
C LYS J 223 -48.44 61.48 20.23
N LYS J 224 -48.85 62.29 21.20
CA LYS J 224 -49.41 61.78 22.44
C LYS J 224 -50.89 61.45 22.24
N VAL J 225 -51.28 60.23 22.61
CA VAL J 225 -52.66 59.77 22.50
C VAL J 225 -53.26 59.67 23.90
N GLU J 226 -54.31 60.45 24.14
CA GLU J 226 -55.04 60.42 25.40
C GLU J 226 -56.48 60.07 25.09
N PRO J 227 -57.23 59.55 26.06
CA PRO J 227 -58.66 59.32 25.85
C PRO J 227 -59.39 60.62 25.55
N LYS J 228 -60.49 60.50 24.81
CA LYS J 228 -61.27 61.67 24.41
C LYS J 228 -62.09 62.18 25.59
N SER J 229 -61.89 63.44 25.94
CA SER J 229 -62.55 64.03 27.11
C SER J 229 -64.00 64.39 26.82
N CYS J 230 -64.21 65.33 25.90
CA CYS J 230 -65.55 65.83 25.61
C CYS J 230 -65.69 66.25 24.15
N ALA K 1 20.96 24.35 -31.64
CA ALA K 1 19.61 24.70 -31.26
C ALA K 1 19.58 25.48 -29.95
N ILE K 2 19.59 24.77 -28.82
CA ILE K 2 19.54 25.41 -27.53
C ILE K 2 20.74 26.33 -27.35
N GLN K 3 20.50 27.49 -26.73
CA GLN K 3 21.52 28.49 -26.53
C GLN K 3 21.88 28.60 -25.06
N LEU K 4 23.18 28.52 -24.77
CA LEU K 4 23.69 28.59 -23.42
C LEU K 4 24.43 29.91 -23.21
N THR K 5 24.24 30.53 -22.05
CA THR K 5 25.11 31.63 -21.68
C THR K 5 25.90 31.25 -20.45
N GLN K 6 27.07 31.86 -20.29
CA GLN K 6 28.01 31.46 -19.26
C GLN K 6 28.62 32.71 -18.65
N SER K 7 28.63 32.78 -17.32
CA SER K 7 29.04 33.99 -16.63
C SER K 7 29.85 33.69 -15.38
N PRO K 8 30.93 34.45 -15.14
CA PRO K 8 31.40 35.51 -16.03
C PRO K 8 32.11 34.98 -17.26
N SER K 9 32.43 35.87 -18.21
CA SER K 9 33.18 35.44 -19.37
C SER K 9 34.65 35.28 -19.04
N SER K 10 35.07 35.73 -17.86
CA SER K 10 36.44 35.60 -17.39
C SER K 10 36.48 36.04 -15.94
N LEU K 11 37.53 35.61 -15.22
CA LEU K 11 37.65 35.95 -13.82
C LEU K 11 39.11 35.82 -13.42
N SER K 12 39.38 36.16 -12.15
CA SER K 12 40.72 36.06 -11.58
C SER K 12 40.60 35.98 -10.07
N ALA K 13 41.20 34.94 -9.48
CA ALA K 13 41.22 34.78 -8.04
C ALA K 13 42.56 34.19 -7.63
N SER K 14 42.83 34.21 -6.33
CA SER K 14 44.07 33.65 -5.82
C SER K 14 43.85 32.22 -5.37
N VAL K 15 44.95 31.55 -5.03
CA VAL K 15 44.87 30.19 -4.53
C VAL K 15 44.08 30.20 -3.23
N GLY K 16 43.36 29.12 -2.98
CA GLY K 16 42.53 28.99 -1.80
C GLY K 16 41.17 29.65 -1.90
N ASP K 17 41.03 30.73 -2.66
CA ASP K 17 39.75 31.42 -2.74
C ASP K 17 38.71 30.58 -3.47
N ARG K 18 37.48 30.66 -2.99
CA ARG K 18 36.36 29.92 -3.55
C ARG K 18 35.78 30.69 -4.75
N VAL K 19 35.68 30.02 -5.89
CA VAL K 19 35.18 30.63 -7.12
C VAL K 19 33.90 29.89 -7.52
N THR K 20 33.02 30.58 -8.24
CA THR K 20 31.80 29.98 -8.75
C THR K 20 31.55 30.48 -10.17
N ILE K 21 31.08 29.57 -11.02
CA ILE K 21 30.73 29.86 -12.41
C ILE K 21 29.25 29.55 -12.58
N THR K 22 28.59 30.25 -13.49
CA THR K 22 27.17 30.02 -13.74
C THR K 22 26.93 29.73 -15.22
N CYS K 23 26.19 28.66 -15.48
CA CYS K 23 25.75 28.29 -16.81
C CYS K 23 24.23 28.39 -16.84
N ARG K 24 23.72 29.33 -17.63
CA ARG K 24 22.30 29.54 -17.75
C ARG K 24 21.82 28.95 -19.06
N ALA K 25 20.93 27.96 -18.95
CA ALA K 25 20.34 27.27 -20.07
C ALA K 25 18.90 27.73 -20.25
N SER K 26 18.47 27.83 -21.51
CA SER K 26 17.12 28.32 -21.77
C SER K 26 16.06 27.30 -21.37
N GLN K 27 16.56 26.08 -21.22
CA GLN K 27 15.81 24.84 -20.91
C GLN K 27 16.17 24.42 -19.51
N ALA K 28 15.35 23.60 -18.87
CA ALA K 28 15.60 23.22 -17.46
C ALA K 28 16.16 21.83 -17.29
N THR K 29 16.45 21.12 -18.35
CA THR K 29 16.91 19.72 -18.20
C THR K 29 18.14 19.63 -17.29
N SER K 30 17.86 19.39 -15.99
CA SER K 30 18.75 19.31 -14.80
C SER K 30 19.97 18.46 -15.09
N SER K 31 19.73 17.18 -15.24
CA SER K 31 20.78 16.32 -15.84
C SER K 31 20.56 16.49 -17.32
N TYR K 32 21.64 16.22 -18.04
CA TYR K 32 22.02 16.40 -19.44
C TYR K 32 23.11 17.44 -19.43
N LEU K 33 23.24 18.25 -18.38
CA LEU K 33 24.25 19.33 -18.24
C LEU K 33 25.56 18.76 -17.77
N ALA K 34 26.68 19.27 -18.23
CA ALA K 34 27.94 18.67 -17.83
C ALA K 34 29.04 19.71 -17.99
N TRP K 35 29.94 19.80 -17.04
CA TRP K 35 31.05 20.73 -16.92
C TRP K 35 32.34 20.00 -17.25
N TYR K 36 33.08 20.55 -18.22
CA TYR K 36 34.39 20.09 -18.62
C TYR K 36 35.44 21.14 -18.30
N GLN K 37 36.66 20.67 -18.08
CA GLN K 37 37.83 21.52 -17.92
C GLN K 37 38.70 21.36 -19.14
N GLN K 38 39.32 22.46 -19.59
CA GLN K 38 40.23 22.42 -20.72
C GLN K 38 41.48 23.21 -20.38
N LYS K 39 42.59 22.53 -20.28
CA LYS K 39 43.87 23.21 -20.19
C LYS K 39 44.36 23.53 -21.59
N PRO K 40 45.25 24.49 -21.74
CA PRO K 40 45.69 24.89 -23.09
C PRO K 40 46.38 23.73 -23.82
N GLY K 41 45.85 23.40 -24.99
CA GLY K 41 46.46 22.39 -25.84
C GLY K 41 45.99 20.98 -25.61
N LYS K 42 45.17 20.73 -24.61
CA LYS K 42 44.65 19.40 -24.32
C LYS K 42 43.15 19.37 -24.53
N ALA K 43 42.62 18.20 -24.81
CA ALA K 43 41.19 18.03 -24.95
C ALA K 43 40.51 18.33 -23.63
N PRO K 44 39.20 18.62 -23.66
CA PRO K 44 38.46 18.77 -22.41
C PRO K 44 38.56 17.51 -21.56
N LYS K 45 38.13 17.62 -20.32
CA LYS K 45 38.16 16.53 -19.36
C LYS K 45 36.93 16.62 -18.48
N LEU K 46 36.01 15.68 -18.65
CA LEU K 46 34.73 15.74 -17.98
C LEU K 46 34.92 15.80 -16.47
N LEU K 47 34.46 16.90 -15.87
CA LEU K 47 34.46 17.05 -14.42
C LEU K 47 33.13 16.64 -13.81
N ILE K 48 32.03 17.24 -14.24
CA ILE K 48 30.73 16.99 -13.63
C ILE K 48 29.73 16.64 -14.70
N TYR K 49 28.88 15.64 -14.43
CA TYR K 49 27.78 15.33 -15.31
C TYR K 49 26.52 15.14 -14.47
N ALA K 50 25.38 15.38 -15.11
CA ALA K 50 24.09 15.46 -14.42
C ALA K 50 24.08 16.62 -13.44
N ALA K 51 25.05 17.50 -13.58
CA ALA K 51 25.09 18.81 -12.93
C ALA K 51 25.32 18.72 -11.43
N SER K 52 25.29 17.52 -10.86
CA SER K 52 25.60 17.34 -9.45
C SER K 52 26.37 16.07 -9.15
N THR K 53 26.73 15.28 -10.16
CA THR K 53 27.42 14.02 -9.94
C THR K 53 28.86 14.17 -10.44
N LEU K 54 29.80 13.54 -9.76
CA LEU K 54 31.20 13.74 -10.06
C LEU K 54 31.77 12.53 -10.78
N GLN K 55 32.57 12.79 -11.82
CA GLN K 55 33.21 11.70 -12.55
C GLN K 55 34.36 11.13 -11.72
N SER K 56 34.57 9.82 -11.86
CA SER K 56 35.57 9.14 -11.07
C SER K 56 36.97 9.64 -11.41
N GLY K 57 37.72 10.02 -10.38
CA GLY K 57 39.07 10.50 -10.55
C GLY K 57 39.24 11.99 -10.41
N VAL K 58 38.17 12.75 -10.18
CA VAL K 58 38.27 14.20 -10.06
C VAL K 58 38.38 14.56 -8.58
N PRO K 59 39.29 15.44 -8.21
CA PRO K 59 39.35 15.89 -6.81
C PRO K 59 38.01 16.48 -6.37
N SER K 60 37.73 16.33 -5.08
CA SER K 60 36.43 16.71 -4.56
C SER K 60 36.22 18.22 -4.48
N ARG K 61 37.20 19.01 -4.89
CA ARG K 61 37.08 20.46 -4.72
C ARG K 61 36.10 21.09 -5.72
N PHE K 62 35.60 20.33 -6.69
CA PHE K 62 34.58 20.82 -7.62
C PHE K 62 33.22 20.34 -7.15
N SER K 63 32.19 21.15 -7.36
CA SER K 63 30.85 20.74 -6.97
C SER K 63 29.82 21.48 -7.81
N GLY K 64 28.93 20.72 -8.43
CA GLY K 64 27.89 21.28 -9.27
C GLY K 64 26.57 21.34 -8.53
N SER K 65 25.83 22.40 -8.77
CA SER K 65 24.53 22.58 -8.14
C SER K 65 23.62 23.34 -9.11
N GLY K 66 22.39 23.56 -8.68
CA GLY K 66 21.48 24.43 -9.40
C GLY K 66 20.36 23.65 -10.06
N SER K 67 19.41 24.42 -10.60
CA SER K 67 18.26 23.85 -11.27
C SER K 67 17.52 24.95 -12.02
N GLY K 68 16.34 24.59 -12.51
CA GLY K 68 15.57 25.50 -13.34
C GLY K 68 16.32 25.85 -14.60
N THR K 69 16.80 27.09 -14.68
CA THR K 69 17.61 27.52 -15.79
C THR K 69 19.04 27.83 -15.38
N ASP K 70 19.35 27.82 -14.08
CA ASP K 70 20.62 28.30 -13.58
C ASP K 70 21.36 27.13 -12.93
N PHE K 71 22.52 26.79 -13.48
CA PHE K 71 23.40 25.81 -12.88
C PHE K 71 24.69 26.49 -12.47
N THR K 72 25.34 25.97 -11.43
CA THR K 72 26.53 26.58 -10.89
C THR K 72 27.60 25.53 -10.69
N LEU K 73 28.86 25.94 -10.90
CA LEU K 73 30.03 25.12 -10.63
C LEU K 73 30.92 25.83 -9.62
N THR K 74 31.12 25.22 -8.47
CA THR K 74 31.84 25.85 -7.37
C THR K 74 33.14 25.12 -7.10
N ILE K 75 34.23 25.88 -7.00
CA ILE K 75 35.54 25.39 -6.61
C ILE K 75 35.84 26.00 -5.25
N THR K 76 36.20 25.16 -4.28
CA THR K 76 36.32 25.68 -2.92
C THR K 76 37.70 26.28 -2.64
N SER K 77 38.77 25.70 -3.18
CA SER K 77 40.11 26.22 -2.94
C SER K 77 40.92 25.98 -4.21
N LEU K 78 41.21 27.05 -4.93
CA LEU K 78 41.87 26.96 -6.22
C LEU K 78 43.23 26.27 -6.09
N GLN K 79 43.76 25.86 -7.23
CA GLN K 79 45.06 25.25 -7.33
C GLN K 79 45.82 25.80 -8.52
N PRO K 80 47.15 25.79 -8.49
CA PRO K 80 47.91 26.21 -9.68
C PRO K 80 47.60 25.38 -10.90
N GLU K 81 47.01 24.20 -10.72
CA GLU K 81 46.65 23.36 -11.85
C GLU K 81 45.21 23.57 -12.31
N ASP K 82 44.40 24.31 -11.55
CA ASP K 82 43.00 24.55 -11.91
C ASP K 82 42.84 25.71 -12.90
N PHE K 83 43.85 26.53 -13.08
CA PHE K 83 43.88 27.47 -14.19
C PHE K 83 43.44 26.80 -15.47
N ALA K 84 42.33 27.26 -16.06
CA ALA K 84 41.84 26.55 -17.24
C ALA K 84 40.62 27.24 -17.81
N THR K 85 40.20 26.77 -18.98
CA THR K 85 38.96 27.22 -19.60
C THR K 85 37.88 26.20 -19.30
N TYR K 86 36.84 26.62 -18.59
CA TYR K 86 35.78 25.74 -18.13
C TYR K 86 34.59 25.87 -19.07
N TYR K 87 34.06 24.73 -19.51
CA TYR K 87 32.96 24.69 -20.46
C TYR K 87 31.76 24.00 -19.84
N CYS K 88 30.56 24.48 -20.17
CA CYS K 88 29.35 23.76 -19.83
C CYS K 88 28.63 23.35 -21.10
N GLN K 89 28.10 22.12 -21.08
CA GLN K 89 27.45 21.54 -22.24
C GLN K 89 26.04 21.16 -21.88
N LEU K 90 25.11 21.34 -22.82
CA LEU K 90 23.75 20.89 -22.62
C LEU K 90 23.40 19.88 -23.71
N SER K 91 23.84 18.65 -23.50
CA SER K 91 23.43 17.43 -24.19
C SER K 91 23.97 17.35 -25.62
N LYS K 92 24.24 18.46 -26.31
CA LYS K 92 25.01 18.43 -27.55
C LYS K 92 25.72 19.75 -27.83
N THR K 93 25.54 20.75 -26.99
CA THR K 93 25.99 22.10 -27.28
C THR K 93 26.78 22.65 -26.12
N PHE K 94 27.96 23.20 -26.42
CA PHE K 94 28.85 23.71 -25.40
C PHE K 94 28.67 25.21 -25.23
N GLY K 95 28.72 25.66 -23.97
CA GLY K 95 28.74 27.06 -23.69
C GLY K 95 30.08 27.65 -24.06
N PRO K 96 30.12 28.98 -24.27
CA PRO K 96 31.34 29.60 -24.79
C PRO K 96 32.58 29.39 -23.94
N GLY K 97 32.42 29.12 -22.66
CA GLY K 97 33.54 28.82 -21.79
C GLY K 97 34.09 30.05 -21.08
N THR K 98 34.45 29.87 -19.82
CA THR K 98 35.04 30.94 -19.01
C THR K 98 36.50 30.61 -18.77
N LYS K 99 37.31 31.63 -18.50
CA LYS K 99 38.74 31.46 -18.30
C LYS K 99 39.09 31.72 -16.85
N VAL K 100 39.37 30.66 -16.09
CA VAL K 100 39.79 30.77 -14.71
C VAL K 100 41.29 31.05 -14.69
N GLU K 101 41.62 32.26 -14.24
CA GLU K 101 42.95 32.86 -14.22
C GLU K 101 43.45 32.85 -12.77
N ILE K 102 44.74 32.56 -12.60
CA ILE K 102 45.33 32.53 -11.27
C ILE K 102 45.88 33.90 -10.92
N LYS K 103 45.36 34.48 -9.84
CA LYS K 103 45.89 35.73 -9.30
C LYS K 103 46.89 35.43 -8.20
N ARG K 104 48.08 36.00 -8.30
CA ARG K 104 49.12 35.77 -7.31
C ARG K 104 49.82 37.10 -7.04
N THR K 105 50.94 37.03 -6.33
CA THR K 105 51.77 38.21 -6.12
C THR K 105 52.57 38.51 -7.38
N VAL K 106 52.99 39.77 -7.51
CA VAL K 106 53.72 40.19 -8.69
C VAL K 106 55.11 39.55 -8.68
N ALA K 107 55.65 39.31 -9.87
CA ALA K 107 56.95 38.66 -10.02
C ALA K 107 57.78 39.41 -11.06
N ALA K 108 59.05 39.64 -10.75
CA ALA K 108 59.93 40.30 -11.69
C ALA K 108 60.50 39.28 -12.68
N PRO K 109 60.41 39.57 -13.98
CA PRO K 109 60.89 38.62 -14.97
C PRO K 109 62.40 38.60 -15.09
N SER K 110 62.91 37.54 -15.71
CA SER K 110 64.27 37.49 -16.18
C SER K 110 64.28 37.83 -17.67
N VAL K 111 65.08 38.82 -18.05
CA VAL K 111 65.10 39.31 -19.42
C VAL K 111 66.38 38.84 -20.10
N PHE K 112 66.22 38.22 -21.27
CA PHE K 112 67.35 37.83 -22.09
C PHE K 112 67.11 38.30 -23.51
N ILE K 113 68.20 38.52 -24.25
CA ILE K 113 68.13 38.96 -25.64
C ILE K 113 69.11 38.13 -26.46
N PHE K 114 68.64 37.61 -27.58
CA PHE K 114 69.42 36.71 -28.41
C PHE K 114 69.49 37.29 -29.81
N PRO K 115 70.70 37.54 -30.33
CA PRO K 115 70.85 38.22 -31.62
C PRO K 115 70.67 37.26 -32.77
N PRO K 116 70.59 37.76 -34.01
CA PRO K 116 70.48 36.88 -35.16
C PRO K 116 71.74 36.05 -35.33
N SER K 117 71.55 34.79 -35.70
CA SER K 117 72.67 33.88 -35.92
C SER K 117 73.23 34.09 -37.33
N ASP K 118 74.51 33.77 -37.48
CA ASP K 118 75.17 33.94 -38.77
C ASP K 118 74.49 33.09 -39.85
N GLU K 119 73.93 31.95 -39.47
CA GLU K 119 73.17 31.15 -40.43
C GLU K 119 72.02 31.96 -41.01
N GLN K 120 71.39 32.80 -40.19
CA GLN K 120 70.35 33.68 -40.71
C GLN K 120 70.95 34.84 -41.48
N LEU K 121 72.18 35.23 -41.14
CA LEU K 121 72.88 36.27 -41.90
C LEU K 121 73.11 35.82 -43.33
N LYS K 122 73.38 34.54 -43.54
CA LYS K 122 73.43 34.00 -44.89
C LYS K 122 72.09 34.18 -45.60
N SER K 123 70.98 33.96 -44.88
CA SER K 123 69.66 33.98 -45.47
C SER K 123 69.25 35.36 -46.00
N GLY K 124 69.88 36.43 -45.53
CA GLY K 124 69.51 37.77 -45.93
C GLY K 124 68.61 38.51 -44.98
N THR K 125 68.18 37.87 -43.90
CA THR K 125 67.32 38.48 -42.91
C THR K 125 67.99 38.37 -41.54
N ALA K 126 67.61 39.24 -40.62
CA ALA K 126 68.17 39.26 -39.28
C ALA K 126 67.03 39.33 -38.27
N SER K 127 66.99 38.36 -37.36
CA SER K 127 65.95 38.26 -36.36
C SER K 127 66.57 38.25 -34.97
N VAL K 128 66.22 39.24 -34.15
CA VAL K 128 66.62 39.29 -32.76
C VAL K 128 65.40 39.01 -31.90
N VAL K 129 65.60 38.35 -30.76
CA VAL K 129 64.49 37.96 -29.90
C VAL K 129 64.77 38.43 -28.49
N CYS K 130 63.72 38.91 -27.83
CA CYS K 130 63.75 39.26 -26.40
C CYS K 130 62.82 38.32 -25.65
N LEU K 131 63.39 37.54 -24.74
CA LEU K 131 62.67 36.53 -23.98
C LEU K 131 62.51 36.99 -22.54
N LEU K 132 61.27 36.92 -22.04
CA LEU K 132 60.91 37.39 -20.71
C LEU K 132 60.37 36.20 -19.94
N ASN K 133 61.06 35.82 -18.87
CA ASN K 133 60.83 34.53 -18.22
C ASN K 133 60.30 34.72 -16.81
N ASN K 134 59.28 33.94 -16.46
CA ASN K 134 58.76 33.80 -15.10
C ASN K 134 58.34 35.14 -14.50
N PHE K 135 57.29 35.72 -15.10
CA PHE K 135 56.75 36.98 -14.62
C PHE K 135 55.24 36.92 -14.54
N TYR K 136 54.68 37.93 -13.88
CA TYR K 136 53.25 38.06 -13.63
C TYR K 136 53.03 39.48 -13.15
N PRO K 137 51.94 40.17 -13.56
CA PRO K 137 50.86 39.67 -14.41
C PRO K 137 51.16 39.75 -15.89
N ARG K 138 50.13 39.55 -16.71
CA ARG K 138 50.27 39.65 -18.16
C ARG K 138 50.85 41.00 -18.57
N GLU K 139 50.53 42.06 -17.83
CA GLU K 139 50.99 43.39 -18.18
C GLU K 139 52.50 43.46 -18.25
N ALA K 140 53.02 43.80 -19.42
CA ALA K 140 54.45 44.01 -19.65
C ALA K 140 54.60 44.77 -20.95
N LYS K 141 55.52 45.74 -20.97
CA LYS K 141 55.71 46.60 -22.12
C LYS K 141 57.18 46.57 -22.53
N VAL K 142 57.43 46.37 -23.82
CA VAL K 142 58.77 46.15 -24.35
C VAL K 142 59.09 47.22 -25.39
N GLN K 143 60.31 47.74 -25.33
CA GLN K 143 60.85 48.70 -26.29
C GLN K 143 62.03 48.07 -26.99
N TRP K 144 62.08 48.23 -28.31
CA TRP K 144 63.23 47.86 -29.13
C TRP K 144 64.00 49.12 -29.47
N LYS K 145 65.32 49.10 -29.22
CA LYS K 145 66.14 50.29 -29.33
C LYS K 145 67.39 49.99 -30.14
N VAL K 146 67.51 50.57 -31.32
CA VAL K 146 68.71 50.43 -32.13
C VAL K 146 69.32 51.81 -32.32
N ASP K 147 70.57 51.97 -31.87
CA ASP K 147 71.30 53.24 -31.94
C ASP K 147 70.47 54.37 -31.34
N ASN K 148 69.82 54.08 -30.21
CA ASN K 148 68.98 55.01 -29.47
C ASN K 148 67.81 55.55 -30.30
N ALA K 149 67.39 54.82 -31.33
CA ALA K 149 66.21 55.19 -32.12
C ALA K 149 65.09 54.19 -31.82
N LEU K 150 63.87 54.69 -31.66
CA LEU K 150 62.74 53.84 -31.31
C LEU K 150 62.20 53.15 -32.56
N GLN K 151 61.74 51.91 -32.39
CA GLN K 151 61.18 51.13 -33.48
C GLN K 151 59.69 50.95 -33.29
N SER K 152 58.99 50.68 -34.40
CA SER K 152 57.56 50.43 -34.37
C SER K 152 57.16 49.71 -35.66
N GLY K 153 56.11 48.89 -35.57
CA GLY K 153 55.55 48.21 -36.72
C GLY K 153 56.43 47.15 -37.34
N ASN K 154 57.59 46.86 -36.76
CA ASN K 154 58.54 45.91 -37.34
C ASN K 154 58.82 44.75 -36.39
N SER K 155 58.02 44.62 -35.33
CA SER K 155 58.21 43.56 -34.35
C SER K 155 56.87 42.93 -34.02
N GLN K 156 56.92 41.73 -33.46
CA GLN K 156 55.71 41.09 -32.96
C GLN K 156 56.06 40.10 -31.86
N GLU K 157 55.15 39.92 -30.92
CA GLU K 157 55.40 39.19 -29.69
C GLU K 157 54.30 38.18 -29.38
N SER K 158 54.67 37.17 -28.60
CA SER K 158 53.78 36.08 -28.21
C SER K 158 54.09 35.63 -26.80
N VAL K 159 53.05 35.52 -25.98
CA VAL K 159 53.16 35.20 -24.56
C VAL K 159 52.63 33.80 -24.35
N THR K 160 53.20 33.09 -23.37
CA THR K 160 52.70 31.77 -23.06
C THR K 160 51.52 31.85 -22.09
N GLU K 161 50.88 30.69 -21.91
CA GLU K 161 49.81 30.55 -20.92
C GLU K 161 50.38 30.61 -19.50
N GLN K 162 49.52 30.98 -18.56
CA GLN K 162 49.93 31.10 -17.16
C GLN K 162 50.37 29.75 -16.62
N ASP K 163 51.61 29.71 -16.13
CA ASP K 163 52.25 28.45 -15.76
C ASP K 163 51.43 27.67 -14.75
N SER K 164 51.57 26.35 -14.78
CA SER K 164 50.75 25.44 -13.97
C SER K 164 51.32 25.18 -12.58
N LYS K 165 52.53 25.64 -12.29
CA LYS K 165 53.16 25.39 -11.00
C LYS K 165 53.23 26.64 -10.14
N ASP K 166 53.84 27.70 -10.66
CA ASP K 166 54.00 28.95 -9.94
C ASP K 166 53.14 30.07 -10.51
N SER K 167 52.39 29.81 -11.57
CA SER K 167 51.46 30.77 -12.14
C SER K 167 52.16 32.06 -12.54
N THR K 168 53.13 31.97 -13.44
CA THR K 168 53.73 33.12 -14.06
C THR K 168 53.62 33.02 -15.58
N TYR K 169 53.91 34.13 -16.24
CA TYR K 169 53.88 34.21 -17.69
C TYR K 169 55.29 34.16 -18.24
N SER K 170 55.37 34.16 -19.57
CA SER K 170 56.64 34.27 -20.29
C SER K 170 56.32 34.72 -21.70
N LEU K 171 57.32 35.35 -22.35
CA LEU K 171 57.08 36.10 -23.56
C LEU K 171 58.28 35.99 -24.48
N SER K 172 58.03 36.05 -25.79
CA SER K 172 59.05 36.29 -26.78
C SER K 172 58.62 37.44 -27.67
N SER K 173 59.56 38.35 -27.95
CA SER K 173 59.32 39.43 -28.90
C SER K 173 60.37 39.36 -30.00
N THR K 174 59.91 39.28 -31.24
CA THR K 174 60.76 39.07 -32.40
C THR K 174 60.82 40.35 -33.21
N LEU K 175 62.04 40.84 -33.42
CA LEU K 175 62.32 41.95 -34.31
C LEU K 175 63.07 41.42 -35.53
N THR K 176 62.41 41.48 -36.70
CA THR K 176 62.93 40.90 -37.93
C THR K 176 63.11 42.02 -38.96
N LEU K 177 64.32 42.12 -39.51
CA LEU K 177 64.66 43.19 -40.43
C LEU K 177 65.60 42.68 -41.51
N SER K 178 65.82 43.50 -42.53
CA SER K 178 66.76 43.14 -43.58
C SER K 178 68.20 43.20 -43.07
N LYS K 179 69.03 42.29 -43.59
CA LYS K 179 70.37 42.12 -43.03
C LYS K 179 71.26 43.34 -43.31
N ALA K 180 71.04 44.02 -44.44
CA ALA K 180 71.78 45.25 -44.71
C ALA K 180 71.36 46.35 -43.75
N ASP K 181 70.05 46.48 -43.51
CA ASP K 181 69.56 47.44 -42.53
C ASP K 181 70.11 47.11 -41.15
N TYR K 182 70.30 45.83 -40.86
CA TYR K 182 70.92 45.42 -39.61
C TYR K 182 72.38 45.86 -39.55
N GLU K 183 73.13 45.60 -40.63
CA GLU K 183 74.52 46.03 -40.72
C GLU K 183 74.69 47.54 -40.65
N LYS K 184 73.66 48.32 -40.98
CA LYS K 184 73.74 49.77 -40.87
C LYS K 184 73.66 50.24 -39.42
N HIS K 185 73.36 49.33 -38.49
CA HIS K 185 73.18 49.68 -37.09
C HIS K 185 74.20 48.96 -36.23
N LYS K 186 74.45 49.53 -35.06
CA LYS K 186 75.46 49.01 -34.14
C LYS K 186 74.85 48.52 -32.84
N VAL K 187 74.06 49.35 -32.16
CA VAL K 187 73.53 49.06 -30.84
C VAL K 187 72.16 48.41 -31.00
N TYR K 188 71.89 47.33 -30.26
CA TYR K 188 70.55 46.77 -30.18
C TYR K 188 70.24 46.46 -28.72
N ALA K 189 69.06 46.89 -28.27
CA ALA K 189 68.68 46.85 -26.87
C ALA K 189 67.21 46.52 -26.72
N CYS K 190 66.89 45.75 -25.69
CA CYS K 190 65.53 45.45 -25.30
C CYS K 190 65.29 46.08 -23.93
N GLU K 191 64.20 46.83 -23.81
CA GLU K 191 63.91 47.62 -22.63
C GLU K 191 62.54 47.19 -22.11
N VAL K 192 62.49 46.70 -20.87
CA VAL K 192 61.26 46.14 -20.31
C VAL K 192 60.77 47.04 -19.18
N THR K 193 59.49 47.39 -19.22
CA THR K 193 58.81 48.06 -18.11
C THR K 193 57.63 47.22 -17.65
N HIS K 194 57.50 47.09 -16.34
CA HIS K 194 56.58 46.15 -15.71
C HIS K 194 56.41 46.54 -14.25
N GLN K 195 55.22 46.28 -13.72
CA GLN K 195 54.98 46.47 -12.29
C GLN K 195 55.95 45.65 -11.45
N GLY K 196 56.41 44.52 -11.99
CA GLY K 196 57.40 43.71 -11.29
C GLY K 196 58.76 44.35 -11.15
N LEU K 197 59.00 45.50 -11.79
CA LEU K 197 60.26 46.21 -11.71
C LEU K 197 60.04 47.59 -11.15
N SER K 198 60.95 48.02 -10.27
CA SER K 198 60.89 49.38 -9.75
C SER K 198 61.42 50.40 -10.76
N SER K 199 62.18 49.95 -11.75
CA SER K 199 62.74 50.81 -12.77
C SER K 199 62.76 50.04 -14.08
N PRO K 200 62.64 50.73 -15.21
CA PRO K 200 62.74 50.05 -16.50
C PRO K 200 64.11 49.44 -16.69
N VAL K 201 64.14 48.18 -17.12
CA VAL K 201 65.39 47.42 -17.23
C VAL K 201 65.79 47.32 -18.70
N THR K 202 67.00 47.78 -19.01
CA THR K 202 67.52 47.72 -20.37
C THR K 202 68.65 46.72 -20.42
N LYS K 203 68.59 45.81 -21.40
CA LYS K 203 69.73 44.97 -21.72
C LYS K 203 70.08 45.17 -23.19
N SER K 204 71.38 45.37 -23.44
CA SER K 204 71.83 45.86 -24.72
C SER K 204 73.13 45.17 -25.10
N PHE K 205 73.34 45.04 -26.41
CA PHE K 205 74.60 44.54 -26.97
C PHE K 205 74.85 45.24 -28.29
N ASN K 206 76.09 45.11 -28.77
CA ASN K 206 76.53 45.78 -29.98
C ASN K 206 76.76 44.73 -31.07
N ARG K 207 76.56 45.15 -32.32
CA ARG K 207 76.74 44.23 -33.44
C ARG K 207 78.21 43.88 -33.63
N GLY K 208 78.56 42.62 -33.33
CA GLY K 208 79.84 42.07 -33.73
C GLY K 208 80.73 41.54 -32.63
N GLU K 209 80.63 42.06 -31.40
CA GLU K 209 81.52 41.57 -30.35
C GLU K 209 80.98 40.30 -29.73
N ALA L 1 -31.54 28.62 -14.17
CA ALA L 1 -31.30 27.38 -14.90
C ALA L 1 -31.97 26.20 -14.22
N ILE L 2 -31.27 25.61 -13.23
CA ILE L 2 -31.80 24.44 -12.54
C ILE L 2 -33.12 24.80 -11.86
N GLN L 3 -34.05 23.86 -11.90
CA GLN L 3 -35.39 24.05 -11.34
C GLN L 3 -35.57 23.18 -10.11
N LEU L 4 -36.01 23.81 -9.02
CA LEU L 4 -36.24 23.13 -7.75
C LEU L 4 -37.73 23.06 -7.47
N THR L 5 -38.19 21.93 -6.96
CA THR L 5 -39.53 21.86 -6.42
C THR L 5 -39.46 21.59 -4.92
N GLN L 6 -40.48 22.03 -4.20
CA GLN L 6 -40.46 22.00 -2.75
C GLN L 6 -41.83 21.56 -2.24
N SER L 7 -41.84 20.59 -1.33
CA SER L 7 -43.09 20.00 -0.91
C SER L 7 -43.10 19.69 0.58
N PRO L 8 -44.21 19.97 1.26
CA PRO L 8 -45.42 20.58 0.68
C PRO L 8 -45.26 22.07 0.44
N SER L 9 -46.23 22.67 -0.24
CA SER L 9 -46.19 24.12 -0.44
C SER L 9 -46.61 24.85 0.83
N SER L 10 -47.15 24.13 1.81
CA SER L 10 -47.57 24.69 3.07
C SER L 10 -47.95 23.54 4.00
N LEU L 11 -47.94 23.81 5.30
CA LEU L 11 -48.24 22.78 6.28
C LEU L 11 -48.70 23.45 7.57
N SER L 12 -49.08 22.61 8.53
CA SER L 12 -49.51 23.07 9.85
C SER L 12 -49.33 21.93 10.84
N ALA L 13 -48.60 22.20 11.92
CA ALA L 13 -48.42 21.23 12.98
C ALA L 13 -48.39 21.96 14.32
N SER L 14 -48.49 21.18 15.40
CA SER L 14 -48.45 21.77 16.73
C SER L 14 -47.03 21.74 17.27
N VAL L 15 -46.86 22.38 18.43
CA VAL L 15 -45.56 22.39 19.08
C VAL L 15 -45.20 20.96 19.46
N GLY L 16 -43.92 20.65 19.45
CA GLY L 16 -43.43 19.32 19.75
C GLY L 16 -43.48 18.34 18.59
N ASP L 17 -44.45 18.47 17.69
CA ASP L 17 -44.56 17.51 16.59
C ASP L 17 -43.40 17.65 15.62
N ARG L 18 -42.96 16.51 15.09
CA ARG L 18 -41.86 16.43 14.15
C ARG L 18 -42.38 16.70 12.74
N VAL L 19 -41.76 17.64 12.05
CA VAL L 19 -42.15 18.03 10.70
C VAL L 19 -40.98 17.74 9.76
N THR L 20 -41.28 17.50 8.50
CA THR L 20 -40.26 17.29 7.48
C THR L 20 -40.67 18.00 6.19
N ILE L 21 -39.67 18.58 5.53
CA ILE L 21 -39.85 19.27 4.26
C ILE L 21 -38.98 18.55 3.24
N THR L 22 -39.38 18.59 1.97
CA THR L 22 -38.61 17.95 0.92
C THR L 22 -38.30 18.94 -0.19
N CYS L 23 -37.03 18.99 -0.58
CA CYS L 23 -36.56 19.78 -1.71
C CYS L 23 -36.05 18.82 -2.76
N ARG L 24 -36.73 18.78 -3.90
CA ARG L 24 -36.35 17.91 -4.99
C ARG L 24 -35.66 18.73 -6.07
N ALA L 25 -34.40 18.40 -6.31
CA ALA L 25 -33.57 19.04 -7.32
C ALA L 25 -33.42 18.13 -8.53
N SER L 26 -33.39 18.73 -9.71
CA SER L 26 -33.29 17.92 -10.92
C SER L 26 -31.93 17.28 -11.08
N GLN L 27 -31.00 17.86 -10.32
CA GLN L 27 -29.56 17.53 -10.27
C GLN L 27 -29.27 16.89 -8.94
N ALA L 28 -28.17 16.16 -8.83
CA ALA L 28 -27.88 15.41 -7.58
C ALA L 28 -26.82 16.06 -6.72
N THR L 29 -26.32 17.23 -7.07
CA THR L 29 -25.22 17.83 -6.29
C THR L 29 -25.59 17.97 -4.80
N SER L 30 -25.22 16.94 -4.03
CA SER L 30 -25.46 16.67 -2.59
C SER L 30 -25.18 17.90 -1.75
N SER L 31 -23.92 18.24 -1.67
CA SER L 31 -23.58 19.58 -1.16
C SER L 31 -23.69 20.47 -2.38
N TYR L 32 -23.90 21.74 -2.08
CA TYR L 32 -24.27 22.92 -2.86
C TYR L 32 -25.66 23.29 -2.39
N LEU L 33 -26.41 22.37 -1.79
CA LEU L 33 -27.80 22.58 -1.31
C LEU L 33 -27.80 23.24 0.03
N ALA L 34 -28.73 24.11 0.33
CA ALA L 34 -28.68 24.81 1.61
C ALA L 34 -30.08 25.29 1.95
N TRP L 35 -30.48 25.14 3.19
CA TRP L 35 -31.77 25.48 3.77
C TRP L 35 -31.64 26.74 4.60
N TYR L 36 -32.48 27.73 4.27
CA TYR L 36 -32.59 28.99 4.98
C TYR L 36 -33.96 29.10 5.63
N GLN L 37 -34.02 29.84 6.73
CA GLN L 37 -35.26 30.20 7.38
C GLN L 37 -35.51 31.69 7.16
N GLN L 38 -36.78 32.06 6.97
CA GLN L 38 -37.15 33.45 6.80
C GLN L 38 -38.36 33.75 7.66
N LYS L 39 -38.17 34.57 8.66
CA LYS L 39 -39.30 35.11 9.38
C LYS L 39 -39.85 36.33 8.66
N PRO L 40 -41.09 36.71 8.88
CA PRO L 40 -41.67 37.83 8.14
C PRO L 40 -40.93 39.13 8.40
N GLY L 41 -40.44 39.74 7.32
CA GLY L 41 -39.80 41.03 7.40
C GLY L 41 -38.30 41.02 7.62
N LYS L 42 -37.72 39.84 7.85
CA LYS L 42 -36.27 39.72 8.05
C LYS L 42 -35.67 38.93 6.91
N ALA L 43 -34.38 39.17 6.68
CA ALA L 43 -33.66 38.41 5.68
C ALA L 43 -33.61 36.94 6.05
N PRO L 44 -33.36 36.07 5.09
CA PRO L 44 -33.14 34.66 5.41
C PRO L 44 -32.00 34.49 6.41
N LYS L 45 -31.90 33.29 6.96
CA LYS L 45 -30.87 32.96 7.94
C LYS L 45 -30.43 31.53 7.71
N LEU L 46 -29.21 31.35 7.22
CA LEU L 46 -28.73 30.04 6.81
C LEU L 46 -28.80 29.07 7.98
N LEU L 47 -29.59 28.02 7.80
CA LEU L 47 -29.69 26.93 8.76
C LEU L 47 -28.76 25.78 8.42
N ILE L 48 -28.88 25.23 7.21
CA ILE L 48 -28.11 24.05 6.84
C ILE L 48 -27.42 24.29 5.51
N TYR L 49 -26.17 23.86 5.41
CA TYR L 49 -25.45 23.90 4.15
C TYR L 49 -24.75 22.57 3.94
N ALA L 50 -24.54 22.24 2.67
CA ALA L 50 -24.06 20.91 2.27
C ALA L 50 -25.09 19.84 2.62
N ALA L 51 -26.30 20.29 2.96
CA ALA L 51 -27.49 19.46 3.09
C ALA L 51 -27.44 18.54 4.30
N SER L 52 -26.31 18.49 5.00
CA SER L 52 -26.23 17.72 6.23
C SER L 52 -25.36 18.38 7.30
N THR L 53 -24.82 19.55 7.04
CA THR L 53 -23.94 20.22 7.99
C THR L 53 -24.66 21.43 8.56
N LEU L 54 -24.44 21.72 9.84
CA LEU L 54 -25.20 22.75 10.50
C LEU L 54 -24.35 24.00 10.70
N GLN L 55 -24.94 25.17 10.44
CA GLN L 55 -24.24 26.42 10.65
C GLN L 55 -24.14 26.72 12.15
N SER L 56 -23.04 27.34 12.54
CA SER L 56 -22.78 27.62 13.95
C SER L 56 -23.80 28.59 14.51
N GLY L 57 -24.43 28.20 15.61
CA GLY L 57 -25.42 29.03 16.28
C GLY L 57 -26.86 28.58 16.09
N VAL L 58 -27.10 27.52 15.33
CA VAL L 58 -28.46 27.06 15.10
C VAL L 58 -28.79 25.95 16.10
N PRO L 59 -29.95 25.99 16.75
CA PRO L 59 -30.34 24.89 17.62
C PRO L 59 -30.31 23.56 16.88
N SER L 60 -30.02 22.49 17.63
CA SER L 60 -29.83 21.19 17.02
C SER L 60 -31.13 20.55 16.54
N ARG L 61 -32.27 21.21 16.70
CA ARG L 61 -33.53 20.58 16.34
C ARG L 61 -33.75 20.49 14.83
N PHE L 62 -32.89 21.11 14.03
CA PHE L 62 -32.96 20.98 12.58
C PHE L 62 -31.95 19.94 12.11
N SER L 63 -32.28 19.20 11.06
CA SER L 63 -31.37 18.21 10.55
C SER L 63 -31.65 17.94 9.09
N GLY L 64 -30.63 18.05 8.27
CA GLY L 64 -30.75 17.84 6.83
C GLY L 64 -30.25 16.47 6.46
N SER L 65 -30.93 15.85 5.51
CA SER L 65 -30.54 14.52 5.02
C SER L 65 -30.91 14.42 3.55
N GLY L 66 -30.60 13.27 2.96
CA GLY L 66 -31.06 12.95 1.63
C GLY L 66 -29.91 12.96 0.62
N SER L 67 -30.26 12.51 -0.58
CA SER L 67 -29.30 12.45 -1.67
C SER L 67 -30.03 12.20 -2.98
N GLY L 68 -29.25 11.92 -4.01
CA GLY L 68 -29.80 11.75 -5.34
C GLY L 68 -30.47 13.02 -5.81
N THR L 69 -31.79 13.00 -5.87
CA THR L 69 -32.55 14.18 -6.22
C THR L 69 -33.39 14.69 -5.07
N ASP L 70 -33.47 13.95 -3.96
CA ASP L 70 -34.40 14.25 -2.88
C ASP L 70 -33.61 14.61 -1.64
N PHE L 71 -33.78 15.82 -1.14
CA PHE L 71 -33.21 16.23 0.12
C PHE L 71 -34.34 16.56 1.09
N THR L 72 -34.08 16.37 2.37
CA THR L 72 -35.11 16.54 3.39
C THR L 72 -34.57 17.39 4.52
N LEU L 73 -35.45 18.19 5.11
CA LEU L 73 -35.16 18.99 6.29
C LEU L 73 -36.14 18.61 7.39
N THR L 74 -35.62 18.10 8.51
CA THR L 74 -36.45 17.56 9.58
C THR L 74 -36.29 18.41 10.82
N ILE L 75 -37.42 18.79 11.41
CA ILE L 75 -37.49 19.48 12.69
C ILE L 75 -38.12 18.50 13.68
N THR L 76 -37.46 18.28 14.81
CA THR L 76 -37.93 17.23 15.71
C THR L 76 -39.03 17.72 16.65
N SER L 77 -38.95 18.95 17.14
CA SER L 77 -39.95 19.46 18.08
C SER L 77 -40.10 20.96 17.80
N LEU L 78 -41.23 21.33 17.20
CA LEU L 78 -41.45 22.70 16.78
C LEU L 78 -41.37 23.66 17.95
N GLN L 79 -41.24 24.94 17.62
CA GLN L 79 -41.21 26.01 18.59
C GLN L 79 -42.06 27.17 18.11
N PRO L 80 -42.58 27.98 19.03
CA PRO L 80 -43.32 29.19 18.59
C PRO L 80 -42.48 30.12 17.75
N GLU L 81 -41.15 29.98 17.81
CA GLU L 81 -40.27 30.82 17.00
C GLU L 81 -39.90 30.19 15.67
N ASP L 82 -40.23 28.92 15.45
CA ASP L 82 -39.90 28.22 14.21
C ASP L 82 -40.93 28.47 13.10
N PHE L 83 -42.10 29.00 13.44
CA PHE L 83 -43.01 29.53 12.43
C PHE L 83 -42.25 30.37 11.43
N ALA L 84 -42.26 29.95 10.15
CA ALA L 84 -41.45 30.71 9.20
C ALA L 84 -41.61 30.15 7.80
N THR L 85 -41.05 30.87 6.83
CA THR L 85 -40.98 30.40 5.45
C THR L 85 -39.60 29.81 5.22
N TYR L 86 -39.55 28.52 4.91
CA TYR L 86 -38.30 27.80 4.75
C TYR L 86 -37.97 27.68 3.26
N TYR L 87 -36.73 28.00 2.90
CA TYR L 87 -36.28 28.02 1.52
C TYR L 87 -35.16 27.02 1.33
N CYS L 88 -35.13 26.37 0.18
CA CYS L 88 -33.97 25.58 -0.19
C CYS L 88 -33.34 26.16 -1.45
N GLN L 89 -32.01 26.18 -1.46
CA GLN L 89 -31.26 26.79 -2.56
C GLN L 89 -30.32 25.76 -3.14
N LEU L 90 -30.15 25.80 -4.46
CA LEU L 90 -29.18 24.94 -5.10
C LEU L 90 -28.16 25.80 -5.83
N SER L 91 -27.21 26.31 -5.06
CA SER L 91 -25.95 26.92 -5.50
C SER L 91 -26.14 28.29 -6.10
N LYS L 92 -27.29 28.63 -6.70
CA LYS L 92 -27.62 30.01 -7.03
C LYS L 92 -29.10 30.26 -7.12
N THR L 93 -29.92 29.24 -6.91
CA THR L 93 -31.36 29.33 -7.18
C THR L 93 -32.15 28.82 -5.99
N PHE L 94 -33.11 29.61 -5.55
CA PHE L 94 -33.91 29.28 -4.39
C PHE L 94 -35.20 28.58 -4.80
N GLY L 95 -35.59 27.58 -4.01
CA GLY L 95 -36.87 26.96 -4.17
C GLY L 95 -37.97 27.89 -3.69
N PRO L 96 -39.21 27.67 -4.15
CA PRO L 96 -40.29 28.62 -3.88
C PRO L 96 -40.57 28.85 -2.40
N GLY L 97 -40.21 27.92 -1.53
CA GLY L 97 -40.34 28.09 -0.11
C GLY L 97 -41.67 27.55 0.42
N THR L 98 -41.61 26.92 1.59
CA THR L 98 -42.79 26.39 2.25
C THR L 98 -43.08 27.23 3.48
N LYS L 99 -44.33 27.23 3.94
CA LYS L 99 -44.73 28.04 5.08
C LYS L 99 -45.06 27.14 6.27
N VAL L 100 -44.18 27.09 7.26
CA VAL L 100 -44.40 26.33 8.46
C VAL L 100 -45.25 27.17 9.40
N GLU L 101 -46.48 26.69 9.61
CA GLU L 101 -47.55 27.33 10.36
C GLU L 101 -47.72 26.62 11.70
N ILE L 102 -47.96 27.38 12.76
CA ILE L 102 -48.11 26.80 14.08
C ILE L 102 -49.57 26.47 14.33
N LYS L 103 -49.87 25.20 14.58
CA LYS L 103 -51.19 24.77 14.96
C LYS L 103 -51.29 24.70 16.48
N ARG L 104 -52.30 25.35 17.05
CA ARG L 104 -52.46 25.36 18.50
C ARG L 104 -53.95 25.20 18.80
N THR L 105 -54.31 25.41 20.07
CA THR L 105 -55.72 25.43 20.44
C THR L 105 -56.36 26.75 20.03
N VAL L 106 -57.69 26.72 19.88
CA VAL L 106 -58.41 27.89 19.44
C VAL L 106 -58.38 28.96 20.53
N ALA L 107 -58.42 30.23 20.13
CA ALA L 107 -58.34 31.34 21.07
C ALA L 107 -59.40 32.37 20.71
N ALA L 108 -60.11 32.88 21.70
CA ALA L 108 -61.10 33.91 21.47
C ALA L 108 -60.43 35.28 21.42
N PRO L 109 -60.71 36.07 20.38
CA PRO L 109 -60.06 37.38 20.26
C PRO L 109 -60.67 38.42 21.20
N SER L 110 -59.91 39.49 21.39
CA SER L 110 -60.44 40.71 22.00
C SER L 110 -60.80 41.68 20.86
N VAL L 111 -62.04 42.15 20.87
CA VAL L 111 -62.54 43.00 19.80
C VAL L 111 -62.65 44.43 20.30
N PHE L 112 -62.07 45.36 19.55
CA PHE L 112 -62.19 46.78 19.84
C PHE L 112 -62.58 47.51 18.56
N ILE L 113 -63.24 48.65 18.71
CA ILE L 113 -63.65 49.47 17.59
C ILE L 113 -63.32 50.93 17.90
N PHE L 114 -62.69 51.59 16.95
CA PHE L 114 -62.22 52.95 17.12
C PHE L 114 -62.83 53.83 16.04
N PRO L 115 -63.55 54.89 16.42
CA PRO L 115 -64.28 55.69 15.45
C PRO L 115 -63.37 56.70 14.78
N PRO L 116 -63.85 57.37 13.73
CA PRO L 116 -63.03 58.41 13.10
C PRO L 116 -62.79 59.58 14.04
N SER L 117 -61.56 60.09 13.99
CA SER L 117 -61.20 61.24 14.82
C SER L 117 -61.65 62.53 14.16
N ASP L 118 -61.88 63.55 15.00
CA ASP L 118 -62.35 64.83 14.48
C ASP L 118 -61.34 65.44 13.52
N GLU L 119 -60.05 65.16 13.71
CA GLU L 119 -59.05 65.61 12.75
C GLU L 119 -59.34 65.06 11.36
N GLN L 120 -59.84 63.83 11.29
CA GLN L 120 -60.25 63.27 10.00
C GLN L 120 -61.58 63.85 9.55
N LEU L 121 -62.42 64.26 10.51
CA LEU L 121 -63.67 64.93 10.17
C LEU L 121 -63.40 66.24 9.44
N LYS L 122 -62.35 66.95 9.83
CA LYS L 122 -61.90 68.11 9.06
C LYS L 122 -61.56 67.72 7.63
N SER L 123 -60.90 66.58 7.45
CA SER L 123 -60.41 66.17 6.13
C SER L 123 -61.52 65.87 5.14
N GLY L 124 -62.73 65.60 5.60
CA GLY L 124 -63.83 65.27 4.71
C GLY L 124 -64.11 63.79 4.58
N THR L 125 -63.31 62.93 5.20
CA THR L 125 -63.49 61.49 5.16
C THR L 125 -63.61 60.98 6.59
N ALA L 126 -64.22 59.81 6.74
CA ALA L 126 -64.42 59.19 8.05
C ALA L 126 -63.99 57.74 7.97
N SER L 127 -63.05 57.35 8.83
CA SER L 127 -62.51 56.00 8.85
C SER L 127 -62.70 55.40 10.24
N VAL L 128 -63.43 54.29 10.31
CA VAL L 128 -63.61 53.53 11.54
C VAL L 128 -62.83 52.24 11.40
N VAL L 129 -62.27 51.75 12.50
CA VAL L 129 -61.43 50.55 12.47
C VAL L 129 -61.92 49.56 13.50
N CYS L 130 -61.92 48.28 13.14
CA CYS L 130 -62.20 47.18 14.05
C CYS L 130 -60.94 46.35 14.21
N LEU L 131 -60.42 46.29 15.43
CA LEU L 131 -59.19 45.59 15.75
C LEU L 131 -59.49 44.32 16.51
N LEU L 132 -58.91 43.21 16.07
CA LEU L 132 -59.16 41.89 16.61
C LEU L 132 -57.82 41.35 17.11
N ASN L 133 -57.71 41.13 18.41
CA ASN L 133 -56.41 40.91 19.05
C ASN L 133 -56.33 39.50 19.63
N ASN L 134 -55.19 38.84 19.39
CA ASN L 134 -54.81 37.59 20.05
C ASN L 134 -55.86 36.50 19.82
N PHE L 135 -55.97 36.10 18.55
CA PHE L 135 -56.89 35.03 18.19
C PHE L 135 -56.22 34.04 17.24
N TYR L 136 -56.90 32.90 17.07
CA TYR L 136 -56.45 31.79 16.25
C TYR L 136 -57.64 30.87 16.06
N PRO L 137 -57.84 30.28 14.87
CA PRO L 137 -56.99 30.36 13.68
C PRO L 137 -57.23 31.59 12.83
N ARG L 138 -56.66 31.59 11.63
CA ARG L 138 -56.86 32.70 10.69
C ARG L 138 -58.34 32.95 10.43
N GLU L 139 -59.16 31.89 10.45
CA GLU L 139 -60.58 32.03 10.15
C GLU L 139 -61.24 33.01 11.11
N ALA L 140 -61.81 34.08 10.54
CA ALA L 140 -62.57 35.06 11.28
C ALA L 140 -63.39 35.86 10.27
N LYS L 141 -64.63 36.16 10.63
CA LYS L 141 -65.54 36.85 9.71
C LYS L 141 -66.12 38.07 10.41
N VAL L 142 -66.08 39.22 9.73
CA VAL L 142 -66.43 40.50 10.32
C VAL L 142 -67.58 41.12 9.52
N GLN L 143 -68.55 41.68 10.25
CA GLN L 143 -69.67 42.42 9.68
C GLN L 143 -69.59 43.87 10.15
N TRP L 144 -69.80 44.79 9.21
CA TRP L 144 -69.95 46.20 9.52
C TRP L 144 -71.43 46.56 9.47
N LYS L 145 -71.93 47.21 10.52
CA LYS L 145 -73.36 47.44 10.68
C LYS L 145 -73.60 48.90 11.03
N VAL L 146 -74.23 49.65 10.12
CA VAL L 146 -74.61 51.03 10.40
C VAL L 146 -76.13 51.13 10.31
N ASP L 147 -76.76 51.54 11.42
CA ASP L 147 -78.21 51.66 11.51
C ASP L 147 -78.91 50.37 11.08
N ASN L 148 -78.33 49.23 11.50
CA ASN L 148 -78.81 47.89 11.21
C ASN L 148 -78.86 47.59 9.71
N ALA L 149 -78.07 48.29 8.90
CA ALA L 149 -77.96 48.01 7.48
C ALA L 149 -76.59 47.40 7.19
N LEU L 150 -76.55 46.36 6.37
CA LEU L 150 -75.31 45.66 6.08
C LEU L 150 -74.50 46.42 5.03
N GLN L 151 -73.17 46.39 5.17
CA GLN L 151 -72.28 47.06 4.25
C GLN L 151 -71.50 46.04 3.43
N SER L 152 -71.02 46.48 2.27
CA SER L 152 -70.21 45.64 1.40
C SER L 152 -69.44 46.53 0.44
N GLY L 153 -68.26 46.05 0.02
CA GLY L 153 -67.46 46.74 -0.97
C GLY L 153 -66.86 48.06 -0.54
N ASN L 154 -67.04 48.45 0.72
CA ASN L 154 -66.57 49.75 1.20
C ASN L 154 -65.59 49.59 2.36
N SER L 155 -65.11 48.38 2.60
CA SER L 155 -64.19 48.11 3.69
C SER L 155 -63.06 47.22 3.19
N GLN L 156 -61.96 47.22 3.93
CA GLN L 156 -60.87 46.29 3.65
C GLN L 156 -60.06 46.02 4.91
N GLU L 157 -59.49 44.82 5.00
CA GLU L 157 -58.90 44.33 6.22
C GLU L 157 -57.53 43.71 5.97
N SER L 158 -56.71 43.69 7.03
CA SER L 158 -55.35 43.19 6.99
C SER L 158 -55.01 42.51 8.31
N VAL L 159 -54.46 41.30 8.20
CA VAL L 159 -54.17 40.44 9.34
C VAL L 159 -52.66 40.39 9.52
N THR L 160 -52.22 40.26 10.76
CA THR L 160 -50.78 40.11 11.01
C THR L 160 -50.36 38.66 10.87
N GLU L 161 -49.04 38.47 10.88
CA GLU L 161 -48.44 37.15 10.89
C GLU L 161 -48.68 36.46 12.25
N GLN L 162 -48.64 35.13 12.22
CA GLN L 162 -48.86 34.36 13.44
C GLN L 162 -47.79 34.65 14.46
N ASP L 163 -48.22 35.08 15.65
CA ASP L 163 -47.32 35.60 16.66
C ASP L 163 -46.24 34.59 17.03
N SER L 164 -45.09 35.09 17.45
CA SER L 164 -43.90 34.29 17.71
C SER L 164 -43.84 33.73 19.12
N LYS L 165 -44.74 34.15 20.01
CA LYS L 165 -44.72 33.69 21.40
C LYS L 165 -45.87 32.74 21.71
N ASP L 166 -47.10 33.16 21.48
CA ASP L 166 -48.28 32.37 21.75
C ASP L 166 -48.98 31.90 20.48
N SER L 167 -48.48 32.27 19.32
CA SER L 167 -49.00 31.81 18.03
C SER L 167 -50.48 32.14 17.88
N THR L 168 -50.80 33.42 17.93
CA THR L 168 -52.13 33.90 17.59
C THR L 168 -52.04 34.95 16.48
N TYR L 169 -53.20 35.27 15.92
CA TYR L 169 -53.31 36.26 14.87
C TYR L 169 -53.85 37.56 15.45
N SER L 170 -53.94 38.57 14.58
CA SER L 170 -54.56 39.84 14.89
C SER L 170 -54.90 40.52 13.58
N LEU L 171 -55.89 41.41 13.63
CA LEU L 171 -56.53 41.91 12.42
C LEU L 171 -56.94 43.36 12.62
N SER L 172 -56.94 44.12 11.53
CA SER L 172 -57.61 45.41 11.45
C SER L 172 -58.52 45.43 10.24
N SER L 173 -59.74 45.94 10.42
CA SER L 173 -60.67 46.14 9.32
C SER L 173 -61.05 47.61 9.28
N THR L 174 -60.84 48.24 8.12
CA THR L 174 -61.04 49.67 7.94
C THR L 174 -62.26 49.90 7.08
N LEU L 175 -63.21 50.67 7.61
CA LEU L 175 -64.37 51.15 6.88
C LEU L 175 -64.22 52.66 6.67
N THR L 176 -64.05 53.06 5.42
CA THR L 176 -63.77 54.44 5.05
C THR L 176 -64.89 54.96 4.17
N LEU L 177 -65.50 56.08 4.55
CA LEU L 177 -66.65 56.63 3.85
C LEU L 177 -66.60 58.15 3.87
N SER L 178 -67.48 58.77 3.09
CA SER L 178 -67.55 60.23 3.08
C SER L 178 -68.16 60.74 4.38
N LYS L 179 -67.70 61.92 4.81
CA LYS L 179 -68.06 62.41 6.15
C LYS L 179 -69.54 62.78 6.21
N ALA L 180 -70.11 63.26 5.11
CA ALA L 180 -71.54 63.55 5.08
C ALA L 180 -72.35 62.26 5.18
N ASP L 181 -71.93 61.24 4.44
CA ASP L 181 -72.58 59.93 4.54
C ASP L 181 -72.45 59.38 5.95
N TYR L 182 -71.34 59.68 6.61
CA TYR L 182 -71.17 59.29 8.01
C TYR L 182 -72.17 60.04 8.91
N GLU L 183 -72.27 61.36 8.72
CA GLU L 183 -73.22 62.16 9.47
C GLU L 183 -74.67 61.77 9.24
N LYS L 184 -74.98 61.12 8.11
CA LYS L 184 -76.33 60.65 7.86
C LYS L 184 -76.68 59.42 8.70
N HIS L 185 -75.69 58.84 9.38
CA HIS L 185 -75.90 57.61 10.13
C HIS L 185 -75.62 57.85 11.61
N LYS L 186 -76.20 57.00 12.44
CA LYS L 186 -76.09 57.13 13.88
C LYS L 186 -75.36 55.96 14.53
N VAL L 187 -75.77 54.73 14.24
CA VAL L 187 -75.25 53.53 14.88
C VAL L 187 -74.11 52.98 14.02
N TYR L 188 -73.00 52.62 14.65
CA TYR L 188 -71.94 51.89 13.97
C TYR L 188 -71.48 50.73 14.85
N ALA L 189 -71.38 49.54 14.26
CA ALA L 189 -71.14 48.31 15.00
C ALA L 189 -70.25 47.38 14.20
N CYS L 190 -69.38 46.68 14.92
CA CYS L 190 -68.54 45.63 14.35
C CYS L 190 -68.97 44.31 14.99
N GLU L 191 -69.22 43.31 14.14
CA GLU L 191 -69.78 42.04 14.55
C GLU L 191 -68.82 40.94 14.12
N VAL L 192 -68.31 40.17 15.07
CA VAL L 192 -67.28 39.16 14.80
C VAL L 192 -67.87 37.77 15.02
N THR L 193 -67.69 36.89 14.04
CA THR L 193 -67.98 35.48 14.18
C THR L 193 -66.72 34.66 13.94
N HIS L 194 -66.50 33.67 14.80
CA HIS L 194 -65.25 32.94 14.87
C HIS L 194 -65.49 31.65 15.67
N GLN L 195 -64.75 30.60 15.31
CA GLN L 195 -64.79 29.37 16.10
C GLN L 195 -64.39 29.62 17.54
N GLY L 196 -63.56 30.64 17.79
CA GLY L 196 -63.20 31.01 19.13
C GLY L 196 -64.33 31.57 19.98
N LEU L 197 -65.48 31.83 19.38
CA LEU L 197 -66.64 32.35 20.09
C LEU L 197 -67.80 31.37 19.97
N SER L 198 -68.54 31.19 21.07
CA SER L 198 -69.74 30.37 21.03
C SER L 198 -70.91 31.12 20.40
N SER L 199 -70.85 32.45 20.35
CA SER L 199 -71.90 33.26 19.78
C SER L 199 -71.24 34.45 19.09
N PRO L 200 -71.86 34.98 18.04
CA PRO L 200 -71.32 36.17 17.39
C PRO L 200 -71.33 37.36 18.34
N VAL L 201 -70.19 38.07 18.39
CA VAL L 201 -70.00 39.16 19.35
C VAL L 201 -70.13 40.49 18.62
N THR L 202 -71.04 41.33 19.08
CA THR L 202 -71.25 42.64 18.51
C THR L 202 -70.79 43.71 19.49
N LYS L 203 -69.96 44.64 19.02
CA LYS L 203 -69.66 45.85 19.77
C LYS L 203 -70.05 47.06 18.94
N SER L 204 -70.75 47.99 19.57
CA SER L 204 -71.43 49.06 18.86
C SER L 204 -71.34 50.34 19.64
N PHE L 205 -71.34 51.46 18.91
CA PHE L 205 -71.41 52.79 19.49
C PHE L 205 -72.20 53.69 18.56
N ASN L 206 -72.59 54.85 19.08
CA ASN L 206 -73.43 55.79 18.35
C ASN L 206 -72.60 57.03 18.03
N ARG L 207 -72.94 57.68 16.92
CA ARG L 207 -72.21 58.87 16.51
C ARG L 207 -72.48 60.04 17.44
N GLY L 208 -71.47 60.42 18.22
CA GLY L 208 -71.49 61.68 18.94
C GLY L 208 -71.33 61.60 20.45
N GLU L 209 -71.71 60.51 21.10
CA GLU L 209 -71.60 60.46 22.56
C GLU L 209 -70.18 60.06 22.96
C1 NAG M . -14.66 -16.16 57.46
C2 NAG M . -14.34 -17.66 57.32
C3 NAG M . -15.52 -18.39 56.66
C4 NAG M . -16.81 -18.11 57.42
C5 NAG M . -17.03 -16.60 57.52
C6 NAG M . -18.24 -16.25 58.35
C7 NAG M . -12.42 -19.00 56.58
C8 NAG M . -11.20 -19.04 55.70
N2 NAG M . -13.12 -17.86 56.55
O3 NAG M . -15.26 -19.79 56.66
O4 NAG M . -17.90 -18.70 56.74
O5 NAG M . -15.90 -16.00 58.16
O6 NAG M . -18.92 -15.11 57.82
O7 NAG M . -12.77 -19.96 57.26
C1 NAG N . 22.66 -45.79 33.84
C2 NAG N . 23.90 -45.05 34.35
C3 NAG N . 25.01 -45.08 33.30
C4 NAG N . 25.29 -46.51 32.86
C5 NAG N . 24.01 -47.17 32.38
C6 NAG N . 24.19 -48.63 32.03
C7 NAG N . 24.34 -42.92 35.49
C8 NAG N . 23.85 -41.52 35.73
N2 NAG N . 23.57 -43.68 34.69
O3 NAG N . 26.19 -44.51 33.83
O4 NAG N . 26.25 -46.52 31.81
O5 NAG N . 23.02 -47.12 33.42
O6 NAG N . 23.40 -49.01 30.92
O7 NAG N . 25.38 -43.34 35.98
C1 NAG O . 34.12 3.07 50.89
C2 NAG O . 32.97 3.24 51.88
C3 NAG O . 32.52 4.70 51.92
C4 NAG O . 33.69 5.62 52.19
C5 NAG O . 34.80 5.37 51.17
C6 NAG O . 36.05 6.17 51.45
C7 NAG O . 30.88 2.05 52.38
C8 NAG O . 29.81 1.15 51.86
N2 NAG O . 31.85 2.38 51.52
O3 NAG O . 31.53 4.87 52.93
O4 NAG O . 33.28 6.98 52.12
O5 NAG O . 35.18 3.99 51.21
O6 NAG O . 36.67 6.61 50.24
O7 NAG O . 30.88 2.46 53.54
#